data_7LY2
#
_entry.id   7LY2
#
loop_
_entity.id
_entity.type
_entity.pdbx_description
1 polymer 'Spike glycoprotein'
2 polymer 'S2M11 Fab Light Chain variable region'
3 polymer 'S2M11 Fab Heavy Chain variable region'
4 polymer 'S2M28 Fab Heavy Chain variable region'
5 polymer 'S2M28 Fab Light Chain variable region'
6 branched beta-D-mannopyranose-(1-4)-2-acetamido-2-deoxy-beta-D-glucopyranose-(1-4)-[alpha-L-fucopyranose-(1-6)]2-acetamido-2-deoxy-beta-D-glucopyranose
7 branched 2-acetamido-2-deoxy-beta-D-glucopyranose-(1-4)-2-acetamido-2-deoxy-beta-D-glucopyranose
8 non-polymer 2-acetamido-2-deoxy-beta-D-glucopyranose
#
loop_
_entity_poly.entity_id
_entity_poly.type
_entity_poly.pdbx_seq_one_letter_code
_entity_poly.pdbx_strand_id
1 'polypeptide(L)'
;MFVFLVLLPLVSSQCVNLTTRTQLPPAYTNSFTRGVYYPDKVFRSSVLHSTQDLFLPFFSNVTWFHAIHVSGTNGTKRFD
NPVLPFNDGVYFASTEKSNIIRGWIFGTTLDSKTQSLLIVNNATNVVIKVCEFQFCNDPFLGVYYHKNNKSWMESEFRVY
SSANNCTFEYVSQPFLMDLEGKQGNFKNLREFVFKNIDGYFKIYSKHTPINLVRDLPQGFSALEPLVDLPIGINITRFQT
LLALHRSYLTPGDSSSGWTAGAAAYYVGYLQPRTFLLKYNENGTITDAVDCALDPLSETKCTLKSFTVEKGIYQTSNFRV
QPTESIVRFPNITNLCPFGEVFNATRFASVYAWNRKRISNCVADYSVLYNSASFSTFKCYGVSPTKLNDLCFTNVYADSF
VIRGDEVRQIAPGQTGKIADYNYKLPDDFTGCVIAWNSNNLDSKVGGNYNYLYRLFRKSNLKPFERDISTEIYQAGSTPC
NGVEGFNCYFPLQSYGFQPTNGVGYQPYRVVVLSFELLHAPATVCGPKKSTNLVKNKCVNFNFNGLTGTGVLTESNKKFL
PFQQFGRDIADTTDAVRDPQTLEILDITPCSFGGVSVITPGTNTSNQVAVLYQDVNCTEVPVAIHADQLTPTWRVYSTGS
NVFQTRAGCLIGAEHVNNSYECDIPIGAGICASYQTQTNSPGSASSVASQSIIAYTMSLGAENSVAYSNNSIAIPTNFTI
SVTTEILPVSMTKTSVDCTMYICGDSTECSNLLLQYGSFCTQLNRALTGIAVEQDKNTQEVFAQVKQIYKTPPIKDFGGF
NFSQILPDPSKPSKRSPIEDLLFNKVTLADAGFIKQYGDCLGDIAARDLICAQKFNGLTVLPPLLTDEMIAQYTSALLAG
TITSGWTFGAGPALQIPFPMQMAYRFNGIGVTQNVLYENQKLIANQFNSAIGKIQDSLSSTPSALGKLQDVVNQNAQALN
TLVKQLSSNFGAISSVLNDILSRLDPPEAEVQIDRLITGRLQSLQTYVTQQLIRAAEIRASANLAATKMSECVLGQSKRV
DFCGKGYHLMSFPQSAPHGVVFLHVTYVPAQEKNFTTAPAICHDGKAHFPREGVFVSNGTHWFVTQRNFYEPQIITTDNT
FVSGNCDVVIGIVNNTVYDPLQPELDSFKEELDKYFKNHTSPDVDLGDISGINASVVNIQKEIDRLNEVAKNLNESLIDL
QELGKYEQGSGYIPEAPRDGQAYVRKDGEWVLLSTFLGRSLEVLFQGPGHHHHHHHHSAWSHPQFEKGGGSGGGGSGGSA
WSHPQFEK
;
A,B,J
2 'polypeptide(L)'
;IVMMQSPGTLSLSPGERATLSCRASQSVSSSYLAWYQQKPGQAPRLLIYGASSRATGIPDRFSGSGSGTDFTLTISRLEP
EDFAVYYCQQYGSSAWTFGQGTKV
;
D,C,K
3 'polypeptide(L)'
;VQLVQSGAEVKKPGASVKVSCKASGYTFTGYYMHWVRQAPGQGLEWMGWINPISSGTSYAQTFQGRVTMTSDTSITTAYM
ELSRLRSDDTAVYYCARAAPFYDFWSGYSYFDYWGQGTLVTV
;
E,F,M
4 'polypeptide(L)'
;VQLVESGGGVVQPGRSLRLSCAASGFTFSSYGMHWVRQAPGKGLEWVTVIWYDGSNRYYADSVKGRFTISRDNSKNTLYL
QMDSLRAEDTAVYYCARAVAGEWYFDYWGQGTLVTVS
;
H,G,N
5 'polypeptide(L)'
;YELTQPPSVSVSPGQTARITCSGDALAKHYAYWYRQKPGQAPVLVIYKDSERPSGIPERFSGSSSGTTVTLTISGVQAED
EADYYCQSADSIGSSWVFGGGTKLTV
;
L,I,O
#
# COMPACT_ATOMS: atom_id res chain seq x y z
N GLN A 14 30.11 -0.83 -57.84
CA GLN A 14 31.34 -1.60 -57.74
C GLN A 14 32.01 -1.44 -56.39
N CYS A 15 32.87 -2.40 -56.03
CA CYS A 15 33.66 -2.37 -54.80
C CYS A 15 35.14 -2.52 -55.13
N VAL A 16 36.00 -1.97 -54.28
CA VAL A 16 37.44 -2.11 -54.46
C VAL A 16 38.06 -2.79 -53.24
N ASN A 17 38.91 -3.79 -53.48
CA ASN A 17 39.59 -4.51 -52.41
C ASN A 17 40.86 -3.78 -52.00
N LEU A 18 40.81 -3.08 -50.86
CA LEU A 18 41.90 -2.21 -50.41
C LEU A 18 42.69 -2.82 -49.27
N THR A 19 42.07 -3.64 -48.44
CA THR A 19 42.77 -4.19 -47.29
C THR A 19 44.02 -4.93 -47.72
N THR A 20 45.14 -4.58 -47.09
CA THR A 20 46.45 -5.18 -47.39
C THR A 20 46.81 -6.25 -46.36
N ALA A 27 47.91 0.46 -31.51
CA ALA A 27 48.21 1.79 -31.00
C ALA A 27 47.06 2.31 -30.14
N TYR A 28 47.40 2.92 -29.00
CA TYR A 28 46.42 3.46 -28.06
C TYR A 28 46.79 4.84 -27.59
N THR A 29 45.80 5.63 -27.23
CA THR A 29 46.03 6.93 -26.60
C THR A 29 45.22 7.03 -25.32
N ASN A 30 45.43 8.10 -24.57
CA ASN A 30 44.73 8.33 -23.32
C ASN A 30 43.51 9.23 -23.53
N SER A 31 42.34 8.74 -23.13
CA SER A 31 41.09 9.50 -23.28
C SER A 31 41.06 10.72 -22.37
N PHE A 32 41.93 10.72 -21.37
CA PHE A 32 41.98 11.77 -20.37
C PHE A 32 40.61 12.02 -19.76
N THR A 33 40.11 13.24 -19.90
CA THR A 33 38.84 13.60 -19.30
C THR A 33 37.82 14.00 -20.36
N ARG A 34 38.01 13.49 -21.57
CA ARG A 34 37.15 13.84 -22.70
C ARG A 34 36.15 12.72 -22.98
N GLY A 35 35.14 13.03 -23.80
CA GLY A 35 34.12 12.06 -24.18
C GLY A 35 32.83 12.25 -23.39
N VAL A 36 32.75 13.35 -22.65
CA VAL A 36 31.57 13.70 -21.87
C VAL A 36 30.63 14.56 -22.69
N TYR A 37 29.35 14.28 -22.60
CA TYR A 37 28.32 14.99 -23.34
C TYR A 37 27.15 15.36 -22.43
N TYR A 38 26.34 16.31 -22.86
CA TYR A 38 25.16 16.69 -22.10
C TYR A 38 24.17 15.53 -22.07
N PRO A 39 23.89 14.96 -20.90
CA PRO A 39 23.11 13.76 -20.68
C PRO A 39 21.65 13.92 -21.08
N ASP A 40 21.18 15.16 -21.10
CA ASP A 40 19.80 15.45 -21.47
C ASP A 40 19.65 16.85 -22.04
N LYS A 41 18.41 17.31 -22.16
CA LYS A 41 18.11 18.59 -22.78
C LYS A 41 17.57 19.58 -21.75
N VAL A 42 17.97 19.41 -20.50
CA VAL A 42 17.52 20.28 -19.44
C VAL A 42 18.58 21.33 -19.11
N PHE A 43 18.16 22.59 -19.08
CA PHE A 43 19.07 23.65 -18.72
C PHE A 43 19.30 23.68 -17.22
N ARG A 44 20.56 23.68 -16.84
CA ARG A 44 20.96 23.78 -15.45
C ARG A 44 22.05 24.82 -15.36
N SER A 45 22.16 25.49 -14.22
CA SER A 45 23.23 26.47 -14.07
C SER A 45 23.73 26.55 -12.64
N SER A 46 25.01 26.84 -12.50
CA SER A 46 25.64 27.00 -11.19
C SER A 46 25.26 25.86 -10.25
N VAL A 47 25.38 24.63 -10.75
CA VAL A 47 24.97 23.47 -9.98
C VAL A 47 25.78 22.23 -10.31
N LEU A 48 25.98 21.38 -9.32
CA LEU A 48 26.64 20.09 -9.52
C LEU A 48 25.60 18.99 -9.60
N HIS A 49 25.49 18.37 -10.77
CA HIS A 49 24.45 17.38 -11.01
C HIS A 49 25.02 15.99 -11.20
N SER A 50 24.49 15.03 -10.45
CA SER A 50 24.93 13.64 -10.57
C SER A 50 24.02 12.87 -11.51
N THR A 51 24.63 12.26 -12.53
CA THR A 51 23.86 11.54 -13.54
C THR A 51 24.47 10.17 -13.83
N GLN A 52 23.62 9.20 -14.12
CA GLN A 52 24.08 7.88 -14.53
C GLN A 52 23.72 7.63 -15.98
N ASP A 53 24.75 7.44 -16.80
CA ASP A 53 24.56 7.27 -18.24
C ASP A 53 25.78 6.59 -18.85
N LEU A 54 25.75 6.38 -20.16
CA LEU A 54 26.88 5.76 -20.83
C LEU A 54 27.89 6.82 -21.26
N PHE A 55 29.05 6.80 -20.60
CA PHE A 55 30.09 7.78 -20.84
C PHE A 55 31.40 7.09 -21.15
N LEU A 56 32.30 7.78 -21.81
CA LEU A 56 33.64 7.26 -21.99
C LEU A 56 34.39 7.40 -20.66
N PRO A 57 34.83 6.31 -20.03
CA PRO A 57 35.52 6.29 -18.77
C PRO A 57 36.77 7.15 -18.84
N PHE A 58 37.06 7.86 -17.76
CA PHE A 58 38.23 8.72 -17.75
C PHE A 58 39.52 7.93 -17.77
N PHE A 59 40.49 8.43 -18.52
CA PHE A 59 41.80 7.82 -18.63
C PHE A 59 41.73 6.39 -19.12
N SER A 60 40.81 6.12 -20.05
CA SER A 60 40.67 4.80 -20.62
C SER A 60 41.50 4.63 -21.89
N ASN A 61 41.64 3.37 -22.33
CA ASN A 61 42.43 3.02 -23.52
C ASN A 61 41.61 3.21 -24.80
N VAL A 62 41.96 4.25 -25.55
CA VAL A 62 41.29 4.59 -26.81
C VAL A 62 42.14 4.13 -27.98
N THR A 63 41.55 3.31 -28.85
CA THR A 63 42.31 2.72 -29.93
C THR A 63 42.55 3.73 -31.04
N TRP A 64 43.80 3.84 -31.46
CA TRP A 64 44.20 4.80 -32.47
C TRP A 64 44.45 4.13 -33.83
N PHE A 65 43.66 4.49 -34.82
CA PHE A 65 43.73 3.85 -36.13
C PHE A 65 44.38 4.75 -37.17
N HIS A 66 45.10 4.12 -38.10
CA HIS A 66 45.70 4.83 -39.24
C HIS A 66 45.38 4.11 -40.54
N ALA A 67 44.36 4.59 -41.26
CA ALA A 67 43.89 3.95 -42.49
C ALA A 67 44.68 4.48 -43.69
N THR A 76 55.03 2.46 -50.39
CA THR A 76 54.32 1.20 -50.22
C THR A 76 52.91 1.46 -49.68
N LYS A 77 51.90 0.91 -50.36
CA LYS A 77 50.51 1.04 -49.94
C LYS A 77 50.18 0.16 -48.74
N ARG A 78 49.51 0.74 -47.76
CA ARG A 78 49.01 0.00 -46.61
C ARG A 78 47.63 0.52 -46.27
N PHE A 79 46.65 -0.37 -46.17
CA PHE A 79 45.30 0.06 -45.86
C PHE A 79 44.67 -0.83 -44.81
N ASP A 80 44.19 -0.21 -43.74
CA ASP A 80 43.53 -0.90 -42.66
C ASP A 80 42.44 -0.03 -42.07
N ASN A 81 41.21 -0.30 -42.46
CA ASN A 81 40.07 0.49 -42.01
C ASN A 81 38.95 -0.44 -41.57
N PRO A 82 39.15 -1.16 -40.47
CA PRO A 82 38.47 -2.36 -40.06
C PRO A 82 37.07 -2.08 -39.57
N VAL A 83 36.25 -3.12 -39.52
CA VAL A 83 34.95 -3.02 -38.89
C VAL A 83 35.13 -3.23 -37.39
N LEU A 84 34.61 -2.30 -36.62
CA LEU A 84 34.77 -2.31 -35.17
C LEU A 84 33.44 -2.61 -34.50
N PRO A 85 33.46 -3.18 -33.30
CA PRO A 85 32.30 -3.43 -32.47
C PRO A 85 31.70 -2.12 -32.01
N PHE A 86 30.38 -2.10 -31.85
CA PHE A 86 29.68 -0.92 -31.36
C PHE A 86 29.50 -1.00 -29.85
N ASN A 87 29.40 -2.21 -29.33
CA ASN A 87 29.18 -2.45 -27.91
C ASN A 87 27.96 -1.67 -27.41
N ASP A 88 28.16 -0.86 -26.38
CA ASP A 88 27.06 -0.10 -25.77
C ASP A 88 27.02 1.33 -26.26
N GLY A 89 27.88 1.64 -27.21
CA GLY A 89 27.99 3.01 -27.70
C GLY A 89 29.44 3.33 -28.01
N VAL A 90 29.65 4.28 -28.90
CA VAL A 90 30.99 4.57 -29.39
C VAL A 90 31.41 6.02 -29.26
N TYR A 91 32.63 6.22 -28.76
CA TYR A 91 33.26 7.52 -28.80
C TYR A 91 34.20 7.58 -29.99
N PHE A 92 33.99 8.56 -30.85
CA PHE A 92 34.80 8.69 -32.05
C PHE A 92 35.43 10.07 -32.12
N ALA A 93 36.69 10.13 -32.49
CA ALA A 93 37.35 11.41 -32.62
C ALA A 93 38.34 11.40 -33.76
N SER A 94 38.58 12.57 -34.35
CA SER A 94 39.58 12.69 -35.39
C SER A 94 40.26 14.04 -35.37
N THR A 95 41.51 14.06 -35.82
CA THR A 95 42.30 15.28 -35.86
C THR A 95 42.89 15.51 -37.23
N GLU A 96 42.19 16.28 -38.06
CA GLU A 96 42.61 16.47 -39.44
C GLU A 96 42.04 17.75 -40.04
N LYS A 97 42.77 18.32 -41.00
CA LYS A 97 42.28 19.48 -41.74
C LYS A 97 41.96 19.11 -43.18
N SER A 98 42.09 17.82 -43.50
CA SER A 98 41.95 17.35 -44.88
C SER A 98 40.55 16.83 -45.19
N ASN A 99 39.66 16.84 -44.19
CA ASN A 99 38.30 16.35 -44.39
C ASN A 99 38.29 14.97 -45.02
N ILE A 100 39.02 14.04 -44.42
CA ILE A 100 39.12 12.68 -44.93
C ILE A 100 37.96 11.83 -44.43
N ILE A 101 37.63 12.00 -43.16
CA ILE A 101 36.52 11.25 -42.61
C ILE A 101 35.21 11.89 -43.03
N ARG A 102 34.38 11.11 -43.70
CA ARG A 102 33.15 11.63 -44.26
C ARG A 102 31.92 11.05 -43.59
N GLY A 103 32.04 9.87 -43.01
CA GLY A 103 30.85 9.27 -42.44
C GLY A 103 31.12 7.94 -41.77
N TRP A 104 30.05 7.23 -41.46
CA TRP A 104 30.12 5.96 -40.78
C TRP A 104 29.02 5.02 -41.25
N ILE A 105 29.28 3.73 -41.11
CA ILE A 105 28.26 2.71 -41.29
C ILE A 105 27.96 2.06 -39.96
N PHE A 106 26.69 2.00 -39.59
CA PHE A 106 26.29 1.33 -38.37
C PHE A 106 25.28 0.22 -38.68
N GLY A 107 25.58 -1.00 -38.23
CA GLY A 107 24.69 -2.12 -38.49
C GLY A 107 25.16 -3.38 -37.79
N THR A 108 24.77 -4.52 -38.34
CA THR A 108 25.13 -5.81 -37.74
C THR A 108 25.95 -6.64 -38.72
N THR A 109 25.26 -7.23 -39.69
CA THR A 109 25.92 -8.05 -40.70
C THR A 109 26.47 -7.17 -41.81
N LEU A 110 26.01 -5.93 -41.85
CA LEU A 110 26.50 -4.93 -42.80
C LEU A 110 26.39 -5.41 -44.24
N ASP A 111 25.28 -6.07 -44.54
CA ASP A 111 25.00 -6.53 -45.90
C ASP A 111 23.50 -6.43 -46.16
N SER A 112 23.06 -6.92 -47.30
CA SER A 112 21.67 -6.76 -47.72
C SER A 112 20.70 -7.63 -46.93
N LYS A 113 21.19 -8.41 -45.98
CA LYS A 113 20.32 -9.26 -45.19
C LYS A 113 19.57 -8.48 -44.10
N THR A 114 20.17 -7.38 -43.62
CA THR A 114 19.58 -6.63 -42.53
C THR A 114 19.61 -5.13 -42.80
N GLN A 115 18.85 -4.37 -42.03
CA GLN A 115 18.87 -2.92 -42.16
C GLN A 115 20.12 -2.34 -41.55
N SER A 116 20.69 -1.34 -42.21
CA SER A 116 21.85 -0.63 -41.70
C SER A 116 21.70 0.87 -41.83
N LEU A 117 22.36 1.60 -40.95
CA LEU A 117 22.33 3.06 -40.94
C LEU A 117 23.58 3.65 -41.58
N LEU A 118 23.38 4.43 -42.62
CA LEU A 118 24.47 5.04 -43.35
C LEU A 118 24.48 6.56 -43.18
N ILE A 119 25.55 7.08 -42.60
CA ILE A 119 25.69 8.52 -42.39
C ILE A 119 26.84 9.07 -43.20
N VAL A 120 26.55 9.94 -44.17
CA VAL A 120 27.59 10.52 -45.00
C VAL A 120 27.52 12.03 -45.12
N ASN A 121 28.66 12.68 -44.88
CA ASN A 121 28.80 14.12 -45.08
C ASN A 121 29.42 14.42 -46.44
N ASN A 122 29.00 15.52 -47.05
CA ASN A 122 29.64 16.03 -48.26
C ASN A 122 29.65 17.55 -48.28
N ALA A 123 29.94 18.15 -49.43
CA ALA A 123 30.13 19.59 -49.58
C ALA A 123 28.92 20.42 -49.15
N THR A 124 27.71 19.91 -49.35
CA THR A 124 26.53 20.74 -49.14
C THR A 124 25.65 20.27 -47.98
N ASN A 125 25.67 18.98 -47.68
CA ASN A 125 24.77 18.46 -46.65
C ASN A 125 25.19 17.11 -46.08
N VAL A 126 24.37 16.61 -45.17
CA VAL A 126 24.55 15.28 -44.60
C VAL A 126 23.37 14.41 -44.96
N VAL A 127 23.65 13.25 -45.53
CA VAL A 127 22.59 12.32 -45.89
C VAL A 127 22.62 11.10 -44.99
N ILE A 128 21.53 10.90 -44.26
CA ILE A 128 21.40 9.76 -43.37
C ILE A 128 20.29 8.84 -43.83
N LYS A 129 20.64 7.60 -44.13
CA LYS A 129 19.66 6.66 -44.66
C LYS A 129 19.67 5.33 -43.94
N VAL A 130 18.51 4.70 -43.86
CA VAL A 130 18.40 3.34 -43.36
C VAL A 130 17.85 2.43 -44.43
N CYS A 131 18.67 1.49 -44.89
CA CYS A 131 18.32 0.58 -45.99
C CYS A 131 19.02 -0.75 -45.80
N GLU A 132 18.63 -1.74 -46.59
CA GLU A 132 19.34 -3.00 -46.61
C GLU A 132 20.51 -2.90 -47.57
N PHE A 133 21.56 -2.22 -47.12
CA PHE A 133 22.71 -1.90 -47.96
C PHE A 133 23.61 -3.11 -48.11
N GLN A 134 24.05 -3.36 -49.33
CA GLN A 134 25.08 -4.37 -49.55
C GLN A 134 26.44 -3.69 -49.59
N PHE A 135 27.04 -3.55 -48.41
CA PHE A 135 28.25 -2.76 -48.27
C PHE A 135 29.47 -3.47 -48.82
N CYS A 136 30.44 -2.69 -49.29
CA CYS A 136 31.75 -3.17 -49.71
C CYS A 136 32.58 -3.54 -48.49
N ASN A 137 33.58 -4.39 -48.68
CA ASN A 137 34.47 -4.75 -47.58
C ASN A 137 35.34 -3.56 -47.16
N ASP A 138 35.67 -2.72 -48.14
CA ASP A 138 36.47 -1.54 -47.90
C ASP A 138 35.78 -0.29 -48.44
N PRO A 139 34.65 0.10 -47.87
CA PRO A 139 33.78 1.14 -48.35
C PRO A 139 34.46 2.49 -48.26
N PHE A 140 34.34 3.30 -49.30
CA PHE A 140 34.97 4.61 -49.29
C PHE A 140 34.33 5.57 -50.28
N LEU A 141 34.70 6.84 -50.16
CA LEU A 141 34.33 7.86 -51.13
C LEU A 141 35.56 8.29 -51.90
N GLY A 142 35.46 8.36 -53.21
CA GLY A 142 36.61 8.77 -54.00
C GLY A 142 36.71 10.30 -54.04
N VAL A 143 37.93 10.81 -53.97
CA VAL A 143 38.17 12.24 -54.14
C VAL A 143 39.39 12.48 -55.03
N TYR A 144 39.33 13.49 -55.87
CA TYR A 144 40.45 13.78 -56.78
C TYR A 144 40.79 15.26 -56.76
N TYR A 145 42.02 15.57 -57.14
CA TYR A 145 42.45 16.95 -57.23
C TYR A 145 42.20 17.48 -58.64
N HIS A 146 41.31 18.47 -58.74
CA HIS A 146 40.94 19.05 -60.03
C HIS A 146 42.06 19.97 -60.48
N LYS A 147 42.68 19.65 -61.61
CA LYS A 147 43.90 20.34 -62.02
C LYS A 147 43.67 21.78 -62.45
N ASN A 148 42.48 22.09 -62.96
CA ASN A 148 42.22 23.46 -63.38
C ASN A 148 41.73 24.31 -62.20
N ASN A 149 40.78 23.77 -61.44
CA ASN A 149 40.24 24.45 -60.25
C ASN A 149 41.24 24.46 -59.10
N LYS A 150 42.20 23.52 -59.14
CA LYS A 150 43.26 23.40 -58.13
C LYS A 150 42.68 23.17 -56.75
N SER A 151 41.74 22.24 -56.68
CA SER A 151 41.07 21.89 -55.43
C SER A 151 40.57 20.47 -55.46
N TRP A 152 40.28 19.91 -54.29
CA TRP A 152 39.78 18.55 -54.20
C TRP A 152 38.28 18.50 -54.45
N MET A 153 37.85 17.52 -55.23
CA MET A 153 36.44 17.37 -55.59
C MET A 153 35.99 15.92 -55.52
N GLU A 154 34.70 15.72 -55.34
CA GLU A 154 34.13 14.39 -55.21
C GLU A 154 34.09 13.68 -56.56
N SER A 155 34.26 12.37 -56.53
CA SER A 155 34.13 11.56 -57.73
C SER A 155 32.94 10.62 -57.65
N GLU A 156 33.18 9.40 -57.15
CA GLU A 156 32.13 8.40 -57.05
C GLU A 156 32.13 7.71 -55.70
N PHE A 157 30.96 7.19 -55.33
CA PHE A 157 30.83 6.40 -54.12
C PHE A 157 31.18 4.94 -54.37
N ARG A 158 31.96 4.37 -53.48
CA ARG A 158 32.25 2.95 -53.48
C ARG A 158 32.02 2.41 -52.09
N VAL A 159 30.84 2.69 -51.56
CA VAL A 159 30.48 2.33 -50.20
C VAL A 159 29.66 1.04 -50.21
N TYR A 160 28.72 0.96 -51.14
CA TYR A 160 27.85 -0.20 -51.28
C TYR A 160 27.57 -0.48 -52.73
N SER A 161 27.26 -1.74 -53.05
CA SER A 161 26.97 -2.13 -54.42
C SER A 161 25.50 -1.95 -54.75
N SER A 162 24.65 -2.03 -53.73
CA SER A 162 23.21 -1.88 -53.91
C SER A 162 22.53 -1.49 -52.61
N ALA A 163 21.33 -0.95 -52.72
CA ALA A 163 20.52 -0.64 -51.55
C ALA A 163 19.04 -0.75 -51.89
N ASN A 164 18.26 -1.26 -50.95
CA ASN A 164 16.81 -1.37 -51.14
C ASN A 164 16.11 -1.41 -49.78
N ASN A 165 14.78 -1.52 -49.79
CA ASN A 165 13.97 -1.60 -48.57
C ASN A 165 14.31 -0.47 -47.59
N CYS A 166 14.39 0.76 -48.11
CA CYS A 166 14.73 1.93 -47.31
C CYS A 166 13.55 2.36 -46.44
N THR A 167 13.82 2.57 -45.16
CA THR A 167 12.77 2.90 -44.20
C THR A 167 12.90 4.30 -43.65
N PHE A 168 14.10 4.88 -43.76
CA PHE A 168 14.36 6.20 -43.18
C PHE A 168 15.32 7.01 -44.01
N GLU A 169 15.02 8.30 -44.15
CA GLU A 169 15.93 9.23 -44.80
C GLU A 169 15.86 10.60 -44.15
N TYR A 170 17.02 11.18 -43.89
CA TYR A 170 17.12 12.49 -43.25
C TYR A 170 18.27 13.30 -43.84
N VAL A 171 18.02 14.57 -44.11
CA VAL A 171 19.08 15.43 -44.64
C VAL A 171 19.20 16.72 -43.84
N SER A 172 20.43 17.04 -43.46
CA SER A 172 20.69 18.27 -42.68
C SER A 172 22.02 18.91 -43.02
N GLN A 173 22.48 19.78 -42.14
CA GLN A 173 23.71 20.55 -42.36
C GLN A 173 24.95 19.69 -42.14
N PRO A 174 26.05 19.99 -42.85
CA PRO A 174 27.34 19.32 -42.79
C PRO A 174 28.03 19.54 -41.46
N PHE A 175 28.81 18.55 -41.02
CA PHE A 175 29.57 18.67 -39.78
C PHE A 175 30.96 17.98 -39.81
N LEU A 176 31.30 17.33 -40.94
CA LEU A 176 32.64 16.78 -41.15
C LEU A 176 33.33 17.51 -42.31
N LYS A 187 45.14 19.93 -37.08
CA LYS A 187 44.94 20.83 -35.95
C LYS A 187 43.46 21.19 -35.75
N ASN A 188 42.57 20.28 -36.15
CA ASN A 188 41.12 20.44 -35.98
C ASN A 188 40.51 19.16 -35.45
N LEU A 189 40.09 19.20 -34.19
CA LEU A 189 39.56 18.03 -33.52
C LEU A 189 38.06 17.95 -33.59
N ARG A 190 37.57 16.86 -34.16
CA ARG A 190 36.14 16.61 -34.26
C ARG A 190 35.77 15.40 -33.43
N GLU A 191 34.86 15.58 -32.49
CA GLU A 191 34.50 14.51 -31.57
C GLU A 191 33.03 14.17 -31.67
N PHE A 192 32.72 12.88 -31.63
CA PHE A 192 31.36 12.41 -31.72
C PHE A 192 31.08 11.30 -30.71
N VAL A 193 29.84 11.25 -30.22
CA VAL A 193 29.39 10.13 -29.43
C VAL A 193 28.14 9.51 -30.03
N PHE A 194 28.20 8.20 -30.24
CA PHE A 194 27.11 7.47 -30.85
C PHE A 194 26.43 6.52 -29.87
N LYS A 195 25.15 6.76 -29.64
CA LYS A 195 24.35 5.91 -28.75
C LYS A 195 23.17 5.35 -29.50
N ASN A 196 22.67 4.19 -29.07
CA ASN A 196 21.51 3.59 -29.71
C ASN A 196 20.54 3.07 -28.65
N ILE A 197 19.72 3.98 -28.11
CA ILE A 197 18.88 3.66 -26.96
C ILE A 197 17.41 3.91 -27.20
N ASP A 198 16.60 2.89 -26.93
CA ASP A 198 15.15 2.98 -27.05
C ASP A 198 14.72 3.43 -28.44
N GLY A 199 15.43 2.95 -29.44
CA GLY A 199 15.07 3.22 -30.83
C GLY A 199 15.72 4.49 -31.36
N TYR A 200 16.30 5.30 -30.48
CA TYR A 200 16.92 6.54 -30.93
C TYR A 200 18.42 6.40 -31.11
N PHE A 201 18.88 6.75 -32.30
CA PHE A 201 20.31 6.80 -32.55
C PHE A 201 20.76 8.23 -32.30
N LYS A 202 21.40 8.42 -31.16
CA LYS A 202 21.71 9.77 -30.69
C LYS A 202 23.15 10.13 -31.00
N ILE A 203 23.32 11.26 -31.65
CA ILE A 203 24.65 11.73 -31.98
C ILE A 203 24.95 13.03 -31.25
N TYR A 204 26.09 13.05 -30.57
CA TYR A 204 26.58 14.25 -29.91
C TYR A 204 27.87 14.66 -30.59
N SER A 205 28.18 15.95 -30.60
CA SER A 205 29.40 16.37 -31.27
C SER A 205 30.02 17.65 -30.72
N LYS A 206 31.31 17.83 -31.01
CA LYS A 206 32.03 19.04 -30.68
C LYS A 206 33.14 19.31 -31.69
N HIS A 207 33.35 20.60 -32.00
CA HIS A 207 34.43 21.01 -32.89
C HIS A 207 35.39 21.95 -32.16
N THR A 208 36.61 21.48 -31.94
CA THR A 208 37.61 22.23 -31.19
C THR A 208 38.95 22.27 -31.94
N PRO A 209 39.57 23.46 -32.07
CA PRO A 209 40.91 23.66 -32.61
C PRO A 209 41.95 23.16 -31.60
N ILE A 210 42.98 22.49 -32.10
CA ILE A 210 43.99 21.94 -31.21
C ILE A 210 45.41 22.22 -31.69
N ASN A 211 46.38 22.03 -30.79
CA ASN A 211 47.79 22.15 -31.13
C ASN A 211 48.54 20.84 -30.87
N LEU A 212 47.85 19.72 -31.02
CA LEU A 212 48.45 18.41 -30.78
C LEU A 212 48.52 17.60 -32.06
N VAL A 213 49.49 16.69 -32.12
CA VAL A 213 49.67 15.84 -33.30
C VAL A 213 49.35 14.38 -33.01
N ARG A 214 49.88 13.84 -31.92
CA ARG A 214 49.77 12.42 -31.64
C ARG A 214 48.57 12.09 -30.74
N ASP A 215 48.48 12.79 -29.61
CA ASP A 215 47.48 12.48 -28.59
C ASP A 215 46.30 13.42 -28.63
N LEU A 216 45.20 12.98 -28.03
CA LEU A 216 44.05 13.85 -27.78
C LEU A 216 44.44 14.87 -26.72
N PRO A 217 43.87 16.06 -26.75
CA PRO A 217 44.11 17.17 -25.83
C PRO A 217 43.66 16.86 -24.43
N GLN A 218 44.27 17.52 -23.46
CA GLN A 218 43.84 17.43 -22.07
C GLN A 218 42.92 18.59 -21.74
N GLY A 219 42.06 18.40 -20.75
CA GLY A 219 41.11 19.42 -20.36
C GLY A 219 39.69 18.93 -20.59
N PHE A 220 38.71 19.75 -20.25
CA PHE A 220 37.33 19.31 -20.36
C PHE A 220 36.50 20.14 -21.32
N SER A 221 35.80 19.45 -22.20
CA SER A 221 34.84 20.08 -23.11
C SER A 221 33.70 19.13 -23.41
N ALA A 222 32.48 19.52 -23.07
CA ALA A 222 31.33 18.64 -23.26
C ALA A 222 30.82 18.71 -24.69
N LEU A 223 30.35 17.56 -25.17
CA LEU A 223 29.74 17.46 -26.50
C LEU A 223 28.25 17.75 -26.42
N GLU A 224 27.74 18.47 -27.41
CA GLU A 224 26.32 18.81 -27.44
C GLU A 224 25.57 17.86 -28.37
N PRO A 225 24.29 17.62 -28.11
CA PRO A 225 23.37 16.91 -28.97
C PRO A 225 23.39 17.49 -30.38
N LEU A 226 23.53 16.63 -31.36
CA LEU A 226 23.56 17.03 -32.76
C LEU A 226 22.23 16.67 -33.41
N VAL A 227 21.82 15.43 -33.24
CA VAL A 227 20.55 14.97 -33.77
C VAL A 227 20.07 13.69 -33.06
N ASP A 228 18.76 13.62 -32.82
CA ASP A 228 18.15 12.39 -32.30
C ASP A 228 17.36 11.72 -33.40
N LEU A 229 17.90 10.63 -33.92
CA LEU A 229 17.30 9.98 -35.07
C LEU A 229 16.41 8.80 -34.66
N PRO A 230 15.15 8.78 -35.10
CA PRO A 230 14.17 7.74 -34.86
C PRO A 230 14.42 6.55 -35.79
N ILE A 231 15.55 5.91 -35.60
CA ILE A 231 16.03 4.86 -36.50
C ILE A 231 15.41 3.49 -36.19
N GLY A 232 15.48 3.08 -34.94
CA GLY A 232 14.86 1.82 -34.53
C GLY A 232 15.51 0.55 -35.09
N ILE A 233 16.84 0.51 -35.18
CA ILE A 233 17.49 -0.70 -35.72
C ILE A 233 18.53 -1.25 -34.74
N ASN A 234 18.90 -2.51 -34.98
CA ASN A 234 19.92 -3.24 -34.24
C ASN A 234 21.32 -2.93 -34.78
N ILE A 235 22.21 -2.43 -33.91
CA ILE A 235 23.59 -2.08 -34.28
C ILE A 235 24.57 -2.79 -33.36
N THR A 236 25.50 -3.54 -33.95
CA THR A 236 26.51 -4.25 -33.18
C THR A 236 27.92 -3.95 -33.68
N ARG A 237 28.01 -3.46 -34.92
CA ARG A 237 29.29 -3.16 -35.53
C ARG A 237 29.21 -1.87 -36.33
N PHE A 238 30.35 -1.22 -36.54
CA PHE A 238 30.37 -0.03 -37.37
C PHE A 238 31.70 0.12 -38.11
N GLN A 239 31.70 0.94 -39.15
CA GLN A 239 32.90 1.18 -39.94
C GLN A 239 32.99 2.64 -40.33
N THR A 240 34.22 3.17 -40.39
CA THR A 240 34.42 4.57 -40.73
C THR A 240 34.57 4.76 -42.24
N LEU A 241 33.86 5.74 -42.79
CA LEU A 241 33.95 6.04 -44.21
C LEU A 241 34.94 7.15 -44.48
N LEU A 242 35.96 6.83 -45.26
CA LEU A 242 37.04 7.75 -45.56
C LEU A 242 37.02 8.18 -47.01
N ALA A 243 37.51 9.39 -47.26
CA ALA A 243 37.72 9.87 -48.62
C ALA A 243 39.14 9.53 -49.05
N LEU A 244 39.27 8.71 -50.09
CA LEU A 244 40.58 8.28 -50.53
C LEU A 244 41.01 9.04 -51.76
N HIS A 245 42.24 9.51 -51.75
CA HIS A 245 42.77 10.26 -52.88
C HIS A 245 42.86 9.35 -54.09
N ARG A 246 42.51 9.88 -55.24
CA ARG A 246 42.54 9.14 -56.49
C ARG A 246 43.87 8.43 -56.70
N SER A 247 44.97 9.08 -56.34
CA SER A 247 46.30 8.53 -56.56
C SER A 247 46.54 7.22 -55.82
N TYR A 248 45.69 6.89 -54.87
CA TYR A 248 45.84 5.66 -54.10
C TYR A 248 45.20 4.49 -54.84
N LEU A 249 44.47 4.80 -55.90
CA LEU A 249 43.72 3.78 -56.62
C LEU A 249 44.45 3.32 -57.86
N THR A 250 45.73 3.67 -57.97
CA THR A 250 46.57 3.16 -59.05
C THR A 250 46.79 1.67 -58.79
N PRO A 251 47.02 0.88 -59.84
CA PRO A 251 47.22 -0.57 -59.82
C PRO A 251 48.58 -1.00 -59.25
N GLY A 252 49.48 -0.05 -59.06
CA GLY A 252 50.81 -0.38 -58.52
C GLY A 252 50.77 -0.51 -57.01
N ASP A 253 51.89 -0.90 -56.41
CA ASP A 253 51.95 -1.14 -54.97
C ASP A 253 52.34 0.10 -54.16
N SER A 254 52.44 1.25 -54.81
CA SER A 254 52.88 2.46 -54.14
C SER A 254 52.19 3.70 -54.68
N SER A 255 52.21 4.78 -53.89
CA SER A 255 51.62 6.06 -54.24
C SER A 255 52.50 7.20 -53.72
N ALA A 263 44.69 9.88 -42.51
CA ALA A 263 43.41 9.21 -42.24
C ALA A 263 43.45 8.54 -40.86
N ALA A 264 43.70 9.33 -39.81
CA ALA A 264 43.81 8.82 -38.45
C ALA A 264 42.60 9.20 -37.62
N TYR A 265 42.17 8.29 -36.75
CA TYR A 265 41.05 8.53 -35.86
C TYR A 265 41.13 7.68 -34.60
N TYR A 266 40.37 8.06 -33.59
CA TYR A 266 40.40 7.40 -32.30
C TYR A 266 39.04 6.81 -31.97
N VAL A 267 39.02 5.59 -31.44
CA VAL A 267 37.77 4.96 -31.06
C VAL A 267 37.78 4.44 -29.62
N GLY A 268 36.80 4.88 -28.84
CA GLY A 268 36.64 4.41 -27.48
C GLY A 268 35.24 3.86 -27.30
N TYR A 269 34.94 3.30 -26.14
CA TYR A 269 33.62 2.73 -25.93
C TYR A 269 33.01 3.24 -24.64
N LEU A 270 31.69 3.39 -24.64
CA LEU A 270 30.99 3.93 -23.49
C LEU A 270 30.66 2.84 -22.47
N GLN A 271 30.61 3.23 -21.21
CA GLN A 271 30.23 2.33 -20.13
C GLN A 271 29.22 3.00 -19.22
N PRO A 272 28.38 2.23 -18.54
CA PRO A 272 27.44 2.66 -17.53
C PRO A 272 28.18 3.14 -16.28
N ARG A 273 28.36 4.45 -16.21
CA ARG A 273 29.14 5.07 -15.14
C ARG A 273 28.36 6.22 -14.52
N THR A 274 28.68 6.54 -13.28
CA THR A 274 28.10 7.70 -12.64
C THR A 274 29.06 8.87 -12.74
N PHE A 275 28.57 9.98 -13.24
CA PHE A 275 29.36 11.19 -13.39
C PHE A 275 28.78 12.36 -12.63
N LEU A 276 29.65 13.13 -12.01
CA LEU A 276 29.26 14.38 -11.40
C LEU A 276 29.62 15.52 -12.34
N LEU A 277 28.61 16.21 -12.84
CA LEU A 277 28.83 17.24 -13.84
C LEU A 277 28.65 18.63 -13.26
N LYS A 278 29.62 19.51 -13.50
CA LYS A 278 29.54 20.86 -13.00
C LYS A 278 29.08 21.83 -14.07
N TYR A 279 27.91 22.43 -13.85
CA TYR A 279 27.37 23.43 -14.76
C TYR A 279 27.73 24.83 -14.27
N ASN A 280 28.32 25.64 -15.15
CA ASN A 280 28.69 27.00 -14.77
C ASN A 280 27.50 27.93 -14.86
N GLU A 281 27.74 29.22 -14.69
CA GLU A 281 26.65 30.21 -14.67
C GLU A 281 25.87 30.30 -15.98
N ASN A 282 26.47 29.87 -17.10
CA ASN A 282 25.84 29.91 -18.42
C ASN A 282 25.27 28.54 -18.83
N GLY A 283 25.28 27.58 -17.88
CA GLY A 283 24.74 26.25 -18.09
C GLY A 283 25.66 25.36 -18.92
N THR A 284 26.94 25.70 -18.94
CA THR A 284 27.90 24.92 -19.69
C THR A 284 28.61 23.97 -18.74
N ILE A 285 28.77 22.72 -19.16
CA ILE A 285 29.50 21.78 -18.33
C ILE A 285 30.98 22.08 -18.52
N THR A 286 31.66 22.41 -17.44
CA THR A 286 33.06 22.83 -17.53
C THR A 286 33.99 21.83 -16.89
N ASP A 287 33.44 20.92 -16.12
CA ASP A 287 34.22 19.90 -15.45
C ASP A 287 33.35 18.70 -15.10
N ALA A 288 33.99 17.57 -14.85
CA ALA A 288 33.26 16.37 -14.48
C ALA A 288 34.11 15.41 -13.67
N VAL A 289 33.46 14.60 -12.85
CA VAL A 289 34.14 13.56 -12.10
C VAL A 289 33.61 12.19 -12.45
N ASP A 290 34.51 11.30 -12.84
CA ASP A 290 34.17 9.90 -13.07
C ASP A 290 34.23 9.18 -11.73
N CYS A 291 33.05 8.87 -11.17
CA CYS A 291 32.91 8.41 -9.79
C CYS A 291 33.56 7.05 -9.57
N ALA A 292 33.95 6.37 -10.65
CA ALA A 292 34.54 5.05 -10.52
C ALA A 292 36.01 5.04 -10.97
N LEU A 293 36.58 6.22 -11.16
CA LEU A 293 37.98 6.32 -11.59
C LEU A 293 38.95 5.92 -10.49
N ASP A 294 38.79 6.51 -9.32
CA ASP A 294 39.68 6.24 -8.19
C ASP A 294 38.97 6.65 -6.89
N PRO A 295 39.53 6.35 -5.71
CA PRO A 295 38.95 6.61 -4.40
C PRO A 295 38.72 8.09 -4.11
N LEU A 296 39.43 8.98 -4.80
CA LEU A 296 39.25 10.39 -4.55
C LEU A 296 38.06 10.91 -5.33
N SER A 297 37.93 10.44 -6.57
CA SER A 297 36.80 10.79 -7.39
C SER A 297 35.53 10.27 -6.76
N GLU A 298 35.62 9.09 -6.15
CA GLU A 298 34.49 8.49 -5.46
C GLU A 298 34.08 9.36 -4.27
N THR A 299 35.09 9.86 -3.54
CA THR A 299 34.84 10.76 -2.42
C THR A 299 34.19 12.05 -2.89
N LYS A 300 34.70 12.61 -3.98
CA LYS A 300 34.14 13.84 -4.54
C LYS A 300 32.67 13.69 -4.92
N CYS A 301 32.31 12.56 -5.53
CA CYS A 301 30.93 12.26 -5.90
C CYS A 301 30.06 12.08 -4.67
N THR A 302 30.60 11.39 -3.67
CA THR A 302 29.87 11.14 -2.42
C THR A 302 29.50 12.45 -1.74
N LEU A 303 30.44 13.39 -1.73
CA LEU A 303 30.25 14.67 -1.07
C LEU A 303 29.62 15.71 -1.99
N LYS A 304 29.34 15.32 -3.23
CA LYS A 304 28.78 16.23 -4.23
C LYS A 304 29.61 17.51 -4.31
N SER A 305 30.92 17.36 -4.43
CA SER A 305 31.79 18.51 -4.54
C SER A 305 33.06 18.16 -5.32
N PHE A 306 33.62 19.16 -5.99
CA PHE A 306 34.86 18.94 -6.74
C PHE A 306 36.07 19.18 -5.87
N THR A 307 35.83 19.53 -4.61
CA THR A 307 36.89 19.69 -3.64
C THR A 307 36.60 18.86 -2.41
N VAL A 308 37.64 18.38 -1.75
CA VAL A 308 37.48 17.61 -0.52
C VAL A 308 38.34 18.18 0.59
N GLU A 309 37.75 18.32 1.77
CA GLU A 309 38.47 18.83 2.92
C GLU A 309 39.25 17.71 3.60
N LYS A 310 40.26 18.07 4.36
CA LYS A 310 41.02 17.09 5.10
C LYS A 310 40.11 16.26 6.01
N GLY A 311 40.24 14.95 5.95
CA GLY A 311 39.44 14.09 6.80
C GLY A 311 39.29 12.68 6.25
N ILE A 312 38.46 11.90 6.94
CA ILE A 312 38.17 10.52 6.55
C ILE A 312 36.69 10.39 6.21
N TYR A 313 36.40 9.85 5.05
CA TYR A 313 35.02 9.77 4.59
C TYR A 313 34.58 8.36 4.26
N GLN A 314 33.34 8.03 4.60
CA GLN A 314 32.76 6.76 4.22
C GLN A 314 32.10 6.91 2.86
N THR A 315 32.66 6.27 1.85
CA THR A 315 32.24 6.53 0.48
C THR A 315 31.61 5.33 -0.20
N SER A 316 31.96 4.14 0.24
CA SER A 316 31.47 2.94 -0.44
C SER A 316 31.56 1.72 0.46
N ASN A 317 31.10 0.59 -0.06
CA ASN A 317 31.18 -0.66 0.67
C ASN A 317 31.98 -1.69 -0.12
N PHE A 318 32.67 -2.54 0.60
CA PHE A 318 33.46 -3.62 0.03
C PHE A 318 32.75 -4.95 0.24
N ARG A 319 32.77 -5.79 -0.78
CA ARG A 319 32.20 -7.13 -0.65
C ARG A 319 32.83 -8.09 -1.65
N VAL A 320 33.22 -9.26 -1.15
CA VAL A 320 33.75 -10.31 -2.00
C VAL A 320 32.63 -10.96 -2.79
N GLN A 321 32.81 -11.05 -4.10
CA GLN A 321 31.80 -11.62 -4.96
C GLN A 321 32.01 -13.11 -5.12
N PRO A 322 30.94 -13.89 -5.25
CA PRO A 322 30.93 -15.31 -5.47
C PRO A 322 31.50 -15.65 -6.83
N THR A 323 32.25 -16.73 -6.91
CA THR A 323 32.89 -17.14 -8.16
C THR A 323 32.26 -18.41 -8.75
N GLU A 324 31.46 -19.10 -7.96
CA GLU A 324 30.84 -20.35 -8.39
C GLU A 324 29.39 -20.43 -7.93
N SER A 325 28.60 -21.28 -8.58
CA SER A 325 27.23 -21.54 -8.16
C SER A 325 27.05 -23.01 -7.81
N ILE A 326 26.76 -23.27 -6.54
CA ILE A 326 26.69 -24.63 -6.02
C ILE A 326 25.25 -25.08 -5.80
N VAL A 327 24.82 -26.08 -6.56
CA VAL A 327 23.46 -26.57 -6.44
C VAL A 327 23.45 -27.99 -5.90
N ARG A 328 22.73 -28.20 -4.80
CA ARG A 328 22.67 -29.50 -4.18
C ARG A 328 21.22 -29.93 -3.96
N PHE A 329 20.70 -30.74 -4.87
CA PHE A 329 19.34 -31.27 -4.74
C PHE A 329 19.43 -32.75 -4.35
N PRO A 330 18.39 -33.30 -3.73
CA PRO A 330 18.27 -34.71 -3.39
C PRO A 330 18.53 -35.57 -4.62
N ASN A 331 19.33 -36.63 -4.46
CA ASN A 331 19.74 -37.47 -5.58
C ASN A 331 18.68 -38.53 -5.89
N ILE A 332 17.57 -38.08 -6.47
CA ILE A 332 16.46 -38.94 -6.87
C ILE A 332 16.19 -38.77 -8.37
N THR A 333 15.75 -39.84 -9.02
CA THR A 333 15.54 -39.80 -10.46
C THR A 333 14.10 -40.07 -10.86
N ASN A 334 13.29 -40.59 -9.95
CA ASN A 334 11.92 -40.93 -10.29
C ASN A 334 11.11 -39.66 -10.56
N LEU A 335 10.34 -39.68 -11.63
CA LEU A 335 9.52 -38.53 -11.99
C LEU A 335 8.18 -38.56 -11.26
N CYS A 336 7.65 -37.36 -10.98
CA CYS A 336 6.34 -37.20 -10.36
C CYS A 336 5.22 -37.60 -11.31
N PRO A 337 4.24 -38.36 -10.84
CA PRO A 337 3.11 -38.89 -11.57
C PRO A 337 2.06 -37.81 -11.85
N PHE A 338 2.46 -36.77 -12.58
CA PHE A 338 1.52 -35.73 -12.95
C PHE A 338 0.67 -36.17 -14.13
N GLY A 339 1.28 -36.86 -15.08
CA GLY A 339 0.56 -37.30 -16.27
C GLY A 339 -0.62 -38.17 -15.89
N GLU A 340 -0.44 -38.97 -14.85
CA GLU A 340 -1.48 -39.87 -14.36
C GLU A 340 -2.71 -39.10 -13.88
N VAL A 341 -2.54 -37.83 -13.57
CA VAL A 341 -3.63 -36.99 -13.14
C VAL A 341 -4.31 -36.37 -14.34
N PHE A 342 -3.49 -35.90 -15.28
CA PHE A 342 -3.98 -35.22 -16.48
C PHE A 342 -4.63 -36.13 -17.50
N ASN A 343 -4.15 -37.38 -17.62
CA ASN A 343 -4.66 -38.33 -18.61
C ASN A 343 -5.50 -39.44 -17.98
N ALA A 344 -6.09 -39.16 -16.80
CA ALA A 344 -7.00 -40.09 -16.15
C ALA A 344 -8.23 -40.30 -17.02
N THR A 345 -8.73 -41.54 -17.08
CA THR A 345 -9.88 -41.83 -17.91
C THR A 345 -11.09 -41.04 -17.45
N ARG A 346 -11.28 -40.98 -16.13
CA ARG A 346 -12.42 -40.29 -15.57
C ARG A 346 -11.98 -39.24 -14.56
N PHE A 347 -12.64 -38.10 -14.60
CA PHE A 347 -12.45 -37.06 -13.60
C PHE A 347 -13.61 -37.04 -12.63
N ALA A 348 -13.34 -36.56 -11.42
CA ALA A 348 -14.36 -36.46 -10.40
C ALA A 348 -15.29 -35.29 -10.68
N SER A 349 -16.49 -35.37 -10.12
CA SER A 349 -17.40 -34.25 -10.11
C SER A 349 -16.82 -33.17 -9.21
N VAL A 350 -17.12 -31.91 -9.50
CA VAL A 350 -16.54 -30.83 -8.73
C VAL A 350 -17.00 -30.82 -7.27
N TYR A 351 -18.20 -31.30 -7.01
CA TYR A 351 -18.69 -31.35 -5.64
C TYR A 351 -17.93 -32.40 -4.83
N ALA A 352 -17.32 -33.33 -5.54
CA ALA A 352 -16.61 -34.44 -4.90
C ALA A 352 -15.24 -34.58 -5.54
N TRP A 353 -14.51 -33.47 -5.59
CA TRP A 353 -13.24 -33.39 -6.31
C TRP A 353 -12.22 -34.38 -5.78
N ASN A 354 -11.34 -34.84 -6.66
CA ASN A 354 -10.36 -35.87 -6.32
C ASN A 354 -8.98 -35.31 -6.02
N ARG A 355 -8.47 -35.59 -4.81
CA ARG A 355 -7.15 -35.12 -4.40
C ARG A 355 -6.08 -36.20 -4.49
N LYS A 356 -5.04 -35.91 -5.28
CA LYS A 356 -3.88 -36.78 -5.41
C LYS A 356 -2.65 -36.18 -4.72
N ARG A 357 -2.06 -36.93 -3.80
CA ARG A 357 -0.86 -36.45 -3.10
C ARG A 357 0.41 -36.86 -3.83
N ILE A 358 1.27 -35.89 -4.10
CA ILE A 358 2.53 -36.12 -4.80
C ILE A 358 3.72 -35.79 -3.89
N SER A 359 4.65 -36.73 -3.77
CA SER A 359 5.83 -36.54 -2.93
C SER A 359 7.00 -37.41 -3.36
N ASN A 360 8.19 -37.07 -2.86
CA ASN A 360 9.40 -37.87 -3.07
C ASN A 360 9.67 -38.18 -4.54
N CYS A 361 9.75 -37.12 -5.37
CA CYS A 361 9.90 -37.28 -6.81
C CYS A 361 10.43 -36.01 -7.47
N VAL A 362 10.74 -36.11 -8.76
CA VAL A 362 11.20 -34.98 -9.56
C VAL A 362 10.07 -34.41 -10.39
N ALA A 363 9.78 -33.14 -10.19
CA ALA A 363 8.64 -32.51 -10.82
C ALA A 363 9.04 -31.58 -11.95
N ASP A 364 8.83 -32.02 -13.19
CA ASP A 364 9.12 -31.19 -14.34
C ASP A 364 7.85 -30.47 -14.76
N TYR A 365 7.79 -29.18 -14.51
CA TYR A 365 6.58 -28.41 -14.74
C TYR A 365 6.60 -27.75 -16.10
N SER A 366 7.70 -27.93 -16.84
CA SER A 366 7.83 -27.34 -18.16
C SER A 366 7.07 -28.18 -19.17
N VAL A 367 6.94 -29.46 -18.86
CA VAL A 367 6.17 -30.37 -19.71
C VAL A 367 4.73 -29.91 -19.77
N LEU A 368 4.21 -29.46 -18.64
CA LEU A 368 2.84 -29.00 -18.57
C LEU A 368 2.70 -27.58 -19.09
N TYR A 369 3.59 -26.69 -18.66
CA TYR A 369 3.48 -25.28 -19.01
C TYR A 369 3.69 -25.03 -20.50
N ASN A 370 4.63 -25.74 -21.10
CA ASN A 370 4.96 -25.49 -22.49
C ASN A 370 4.06 -26.30 -23.43
N SER A 371 3.08 -26.99 -22.86
CA SER A 371 2.13 -27.74 -23.66
C SER A 371 1.18 -26.81 -24.41
N ALA A 372 0.79 -27.23 -25.59
CA ALA A 372 -0.16 -26.50 -26.40
C ALA A 372 -1.59 -26.93 -26.12
N SER A 373 -1.73 -27.94 -25.26
CA SER A 373 -3.02 -28.60 -25.08
C SER A 373 -3.88 -28.03 -23.96
N PHE A 374 -3.37 -27.04 -23.24
CA PHE A 374 -4.12 -26.46 -22.14
C PHE A 374 -4.60 -25.06 -22.49
N SER A 375 -5.84 -24.74 -22.12
CA SER A 375 -6.39 -23.41 -22.42
C SER A 375 -6.14 -22.45 -21.29
N THR A 376 -6.02 -22.98 -20.08
CA THR A 376 -5.76 -22.17 -18.89
C THR A 376 -4.56 -22.72 -18.15
N PHE A 377 -3.65 -21.84 -17.78
CA PHE A 377 -2.53 -22.20 -16.94
C PHE A 377 -2.13 -21.00 -16.09
N LYS A 378 -2.83 -20.81 -15.00
CA LYS A 378 -2.64 -19.62 -14.18
C LYS A 378 -1.99 -19.98 -12.85
N CYS A 379 -0.85 -19.37 -12.56
CA CYS A 379 -0.12 -19.63 -11.32
C CYS A 379 -0.25 -18.48 -10.35
N TYR A 380 -0.38 -18.82 -9.08
CA TYR A 380 -0.52 -17.85 -8.01
C TYR A 380 0.54 -18.09 -6.96
N GLY A 381 1.18 -17.02 -6.51
CA GLY A 381 2.19 -17.14 -5.45
C GLY A 381 3.51 -17.67 -6.01
N VAL A 382 3.53 -17.92 -7.31
CA VAL A 382 4.70 -18.47 -7.96
C VAL A 382 4.66 -18.21 -9.46
N SER A 383 5.82 -17.99 -10.06
CA SER A 383 5.90 -17.82 -11.50
C SER A 383 6.10 -19.18 -12.18
N PRO A 384 5.34 -19.45 -13.26
CA PRO A 384 5.30 -20.71 -13.99
C PRO A 384 6.66 -21.05 -14.61
N THR A 385 7.50 -20.04 -14.80
CA THR A 385 8.80 -20.24 -15.42
C THR A 385 9.90 -20.45 -14.40
N LYS A 386 9.56 -20.38 -13.12
CA LYS A 386 10.52 -20.60 -12.05
C LYS A 386 10.24 -21.87 -11.28
N LEU A 387 9.21 -22.60 -11.68
CA LEU A 387 8.78 -23.78 -10.95
C LEU A 387 9.85 -24.85 -10.88
N ASN A 388 10.62 -25.01 -11.96
CA ASN A 388 11.64 -26.05 -12.00
C ASN A 388 12.86 -25.72 -11.15
N ASP A 389 12.91 -24.50 -10.61
CA ASP A 389 14.01 -24.10 -9.75
C ASP A 389 13.64 -24.25 -8.28
N LEU A 390 12.40 -24.64 -8.01
CA LEU A 390 11.89 -24.70 -6.66
C LEU A 390 11.79 -26.14 -6.15
N CYS A 391 11.78 -26.27 -4.82
CA CYS A 391 11.51 -27.53 -4.14
C CYS A 391 10.37 -27.35 -3.14
N PHE A 392 9.46 -28.30 -3.12
CA PHE A 392 8.28 -28.23 -2.25
C PHE A 392 8.25 -29.41 -1.29
N THR A 393 7.54 -29.24 -0.18
CA THR A 393 7.42 -30.30 0.81
C THR A 393 6.27 -31.22 0.47
N ASN A 394 5.42 -30.79 -0.45
CA ASN A 394 4.31 -31.58 -0.92
C ASN A 394 3.60 -30.90 -2.07
N VAL A 395 3.06 -31.69 -3.00
CA VAL A 395 2.23 -31.16 -4.05
C VAL A 395 0.91 -31.90 -4.12
N TYR A 396 -0.19 -31.16 -4.16
CA TYR A 396 -1.49 -31.79 -4.30
C TYR A 396 -2.09 -31.48 -5.65
N ALA A 397 -2.50 -32.52 -6.35
CA ALA A 397 -3.15 -32.35 -7.64
C ALA A 397 -4.64 -32.64 -7.52
N ASP A 398 -5.44 -31.59 -7.49
CA ASP A 398 -6.88 -31.72 -7.33
C ASP A 398 -7.58 -31.69 -8.68
N SER A 399 -8.27 -32.77 -9.04
CA SER A 399 -8.89 -32.87 -10.34
C SER A 399 -10.42 -32.89 -10.27
N PHE A 400 -11.05 -32.22 -11.23
CA PHE A 400 -12.50 -32.19 -11.32
C PHE A 400 -13.01 -31.62 -12.66
N VAL A 401 -14.30 -31.78 -12.92
CA VAL A 401 -14.93 -31.20 -14.10
C VAL A 401 -15.97 -30.14 -13.78
N ILE A 402 -15.83 -28.99 -14.43
CA ILE A 402 -16.78 -27.86 -14.35
C ILE A 402 -17.09 -27.37 -15.76
N ARG A 403 -18.05 -26.46 -15.90
CA ARG A 403 -18.32 -25.92 -17.23
C ARG A 403 -17.45 -24.69 -17.50
N GLY A 404 -17.21 -24.42 -18.77
CA GLY A 404 -16.33 -23.35 -19.22
C GLY A 404 -16.45 -22.04 -18.44
N ASP A 405 -17.66 -21.53 -18.28
CA ASP A 405 -17.84 -20.23 -17.62
C ASP A 405 -17.38 -20.22 -16.17
N GLU A 406 -17.28 -21.40 -15.57
CA GLU A 406 -16.94 -21.52 -14.16
C GLU A 406 -15.44 -21.65 -13.93
N VAL A 407 -14.67 -21.71 -15.01
CA VAL A 407 -13.22 -21.87 -14.87
C VAL A 407 -12.62 -20.69 -14.14
N ARG A 408 -13.20 -19.50 -14.33
CA ARG A 408 -12.71 -18.30 -13.67
C ARG A 408 -12.88 -18.37 -12.16
N GLN A 409 -13.79 -19.23 -11.70
CA GLN A 409 -14.05 -19.34 -10.27
C GLN A 409 -12.98 -20.14 -9.56
N ILE A 410 -12.16 -20.86 -10.32
CA ILE A 410 -11.10 -21.64 -9.70
C ILE A 410 -9.88 -20.75 -9.55
N ALA A 411 -9.95 -19.88 -8.55
CA ALA A 411 -8.92 -18.91 -8.27
C ALA A 411 -9.16 -18.36 -6.86
N PRO A 412 -8.15 -17.77 -6.24
CA PRO A 412 -8.23 -16.98 -5.03
C PRO A 412 -9.16 -15.79 -5.21
N GLY A 413 -9.92 -15.48 -4.16
CA GLY A 413 -10.76 -14.28 -4.13
C GLY A 413 -11.99 -14.36 -5.02
N GLN A 414 -12.45 -15.57 -5.31
CA GLN A 414 -13.61 -15.71 -6.17
C GLN A 414 -14.85 -16.13 -5.40
N THR A 415 -16.00 -15.80 -5.95
CA THR A 415 -17.28 -16.24 -5.41
C THR A 415 -18.11 -16.89 -6.51
N GLY A 416 -19.14 -17.62 -6.12
CA GLY A 416 -20.00 -18.30 -7.08
C GLY A 416 -20.33 -19.69 -6.58
N LYS A 417 -21.12 -20.42 -7.33
CA LYS A 417 -21.58 -21.72 -6.87
C LYS A 417 -20.41 -22.69 -6.72
N ILE A 418 -19.40 -22.54 -7.55
CA ILE A 418 -18.28 -23.47 -7.47
C ILE A 418 -17.30 -23.01 -6.41
N ALA A 419 -16.96 -21.73 -6.44
CA ALA A 419 -16.02 -21.18 -5.48
C ALA A 419 -16.53 -21.35 -4.05
N ASP A 420 -17.84 -21.23 -3.85
CA ASP A 420 -18.41 -21.24 -2.51
C ASP A 420 -18.89 -22.62 -2.03
N TYR A 421 -19.43 -23.44 -2.92
CA TYR A 421 -20.05 -24.69 -2.46
C TYR A 421 -19.34 -25.96 -2.91
N ASN A 422 -18.38 -25.84 -3.81
CA ASN A 422 -17.76 -27.04 -4.37
C ASN A 422 -16.26 -27.11 -4.14
N TYR A 423 -15.54 -26.13 -4.65
CA TYR A 423 -14.09 -26.13 -4.55
C TYR A 423 -13.56 -24.75 -4.23
N LYS A 424 -13.10 -24.57 -3.01
CA LYS A 424 -12.64 -23.27 -2.54
C LYS A 424 -11.12 -23.20 -2.47
N LEU A 425 -10.55 -22.16 -3.06
CA LEU A 425 -9.12 -21.89 -2.92
C LEU A 425 -8.91 -20.72 -1.96
N PRO A 426 -7.90 -20.80 -1.10
CA PRO A 426 -7.52 -19.81 -0.11
C PRO A 426 -6.95 -18.55 -0.73
N ASP A 427 -7.05 -17.44 0.00
CA ASP A 427 -6.57 -16.14 -0.55
C ASP A 427 -5.04 -16.16 -0.67
N ASP A 428 -4.37 -16.99 0.14
CA ASP A 428 -2.91 -17.10 0.07
C ASP A 428 -2.45 -18.32 -0.70
N PHE A 429 -3.30 -18.82 -1.58
CA PHE A 429 -3.01 -20.00 -2.37
C PHE A 429 -1.72 -19.88 -3.16
N THR A 430 -0.90 -20.92 -3.08
CA THR A 430 0.28 -21.03 -3.91
C THR A 430 0.15 -22.28 -4.74
N GLY A 431 0.20 -22.12 -6.05
CA GLY A 431 -0.04 -23.24 -6.94
C GLY A 431 -0.48 -22.78 -8.32
N CYS A 432 -0.82 -23.73 -9.18
CA CYS A 432 -1.24 -23.44 -10.55
C CYS A 432 -2.56 -24.11 -10.88
N VAL A 433 -3.44 -23.35 -11.53
CA VAL A 433 -4.72 -23.87 -11.99
C VAL A 433 -4.69 -24.13 -13.48
N ILE A 434 -4.78 -25.39 -13.85
CA ILE A 434 -4.64 -25.81 -15.22
C ILE A 434 -5.95 -26.39 -15.73
N ALA A 435 -6.43 -25.91 -16.86
CA ALA A 435 -7.70 -26.41 -17.37
C ALA A 435 -7.67 -26.54 -18.89
N TRP A 436 -8.47 -27.46 -19.39
CA TRP A 436 -8.62 -27.63 -20.83
C TRP A 436 -10.01 -28.08 -21.19
N ASN A 437 -10.40 -27.77 -22.43
CA ASN A 437 -11.68 -28.18 -22.96
C ASN A 437 -11.72 -29.68 -23.14
N SER A 438 -12.76 -30.31 -22.61
CA SER A 438 -12.92 -31.75 -22.72
C SER A 438 -14.27 -32.11 -23.31
N ASN A 439 -14.72 -31.30 -24.27
CA ASN A 439 -15.99 -31.50 -24.93
C ASN A 439 -16.05 -32.82 -25.69
N ASN A 440 -14.89 -33.31 -26.09
CA ASN A 440 -14.79 -34.54 -26.85
C ASN A 440 -14.65 -35.77 -25.95
N LEU A 441 -14.67 -35.55 -24.63
CA LEU A 441 -14.52 -36.64 -23.70
C LEU A 441 -15.71 -36.76 -22.75
N ASP A 442 -16.14 -35.62 -22.23
CA ASP A 442 -17.11 -35.59 -21.15
C ASP A 442 -18.50 -35.15 -21.59
N SER A 443 -18.75 -35.15 -22.89
CA SER A 443 -20.08 -34.80 -23.40
C SER A 443 -20.64 -35.95 -24.21
N LYS A 444 -21.96 -36.08 -24.21
CA LYS A 444 -22.60 -37.07 -25.06
C LYS A 444 -23.91 -36.56 -25.61
N VAL A 445 -24.39 -37.19 -26.67
CA VAL A 445 -25.69 -36.83 -27.22
C VAL A 445 -26.78 -37.26 -26.26
N GLY A 446 -27.64 -36.31 -25.93
CA GLY A 446 -28.69 -36.53 -24.94
C GLY A 446 -28.31 -35.91 -23.60
N GLY A 447 -27.03 -35.63 -23.42
CA GLY A 447 -26.55 -34.99 -22.20
C GLY A 447 -25.84 -35.96 -21.26
N ASN A 448 -24.67 -35.55 -20.78
CA ASN A 448 -23.92 -36.31 -19.80
C ASN A 448 -24.26 -35.83 -18.39
N TYR A 449 -24.95 -36.68 -17.64
CA TYR A 449 -25.45 -36.29 -16.33
C TYR A 449 -24.64 -36.92 -15.20
N ASN A 450 -23.42 -37.33 -15.50
CA ASN A 450 -22.56 -37.94 -14.49
C ASN A 450 -21.69 -36.91 -13.78
N TYR A 451 -21.81 -35.65 -14.17
CA TYR A 451 -21.03 -34.60 -13.54
C TYR A 451 -21.91 -33.66 -12.74
N LEU A 452 -21.73 -33.70 -11.42
CA LEU A 452 -22.58 -32.95 -10.52
C LEU A 452 -21.84 -31.81 -9.84
N TYR A 453 -22.58 -30.79 -9.47
CA TYR A 453 -22.06 -29.71 -8.67
C TYR A 453 -23.06 -29.36 -7.59
N ARG A 454 -22.57 -28.79 -6.50
CA ARG A 454 -23.43 -28.37 -5.41
C ARG A 454 -24.01 -27.01 -5.69
N LEU A 455 -25.33 -26.93 -5.63
CA LEU A 455 -26.06 -25.73 -5.95
C LEU A 455 -26.49 -24.99 -4.69
N PHE A 456 -26.79 -25.75 -3.64
CA PHE A 456 -27.22 -25.16 -2.38
C PHE A 456 -26.40 -25.66 -1.21
N ARG A 457 -26.10 -24.77 -0.28
CA ARG A 457 -25.42 -25.15 0.95
C ARG A 457 -25.72 -24.13 2.05
N LYS A 458 -25.71 -24.59 3.30
CA LYS A 458 -25.97 -23.71 4.43
C LYS A 458 -24.97 -22.57 4.53
N SER A 459 -23.72 -22.85 4.19
CA SER A 459 -22.66 -21.86 4.27
C SER A 459 -21.56 -22.16 3.26
N ASN A 460 -20.64 -21.21 3.11
CA ASN A 460 -19.53 -21.38 2.19
C ASN A 460 -18.53 -22.39 2.72
N LEU A 461 -17.81 -23.02 1.82
CA LEU A 461 -16.75 -23.96 2.17
C LEU A 461 -15.51 -23.25 2.64
N LYS A 462 -14.75 -23.92 3.50
CA LYS A 462 -13.41 -23.51 3.82
C LYS A 462 -12.49 -23.97 2.71
N PRO A 463 -11.32 -23.36 2.53
CA PRO A 463 -10.32 -23.74 1.56
C PRO A 463 -10.03 -25.23 1.62
N PHE A 464 -10.10 -25.88 0.47
CA PHE A 464 -9.85 -27.31 0.31
C PHE A 464 -10.77 -28.20 1.12
N GLU A 465 -11.96 -27.69 1.45
CA GLU A 465 -12.99 -28.52 2.07
C GLU A 465 -13.76 -29.30 1.01
N ARG A 466 -14.09 -30.55 1.32
CA ARG A 466 -14.79 -31.41 0.38
C ARG A 466 -16.09 -31.94 0.97
N ASP A 467 -17.20 -31.32 0.58
CA ASP A 467 -18.52 -31.70 1.08
C ASP A 467 -19.27 -32.55 0.07
N ILE A 468 -19.48 -33.83 0.41
CA ILE A 468 -20.11 -34.75 -0.52
C ILE A 468 -21.44 -35.28 0.00
N SER A 469 -22.04 -34.56 0.96
CA SER A 469 -23.33 -34.96 1.49
C SER A 469 -24.45 -34.68 0.50
N THR A 470 -25.57 -35.38 0.65
CA THR A 470 -26.72 -35.18 -0.21
C THR A 470 -27.97 -34.84 0.57
N GLU A 471 -27.79 -34.31 1.77
CA GLU A 471 -28.92 -33.97 2.63
C GLU A 471 -29.72 -32.83 2.06
N ILE A 472 -31.04 -32.91 2.21
CA ILE A 472 -31.94 -31.91 1.67
C ILE A 472 -31.71 -30.55 2.29
N TYR A 473 -31.61 -29.54 1.44
CA TYR A 473 -31.33 -28.17 1.84
C TYR A 473 -32.60 -27.43 2.22
N GLN A 474 -32.60 -26.85 3.41
CA GLN A 474 -33.76 -26.11 3.89
C GLN A 474 -33.66 -24.65 3.50
N ALA A 475 -34.53 -24.21 2.62
CA ALA A 475 -34.52 -22.84 2.15
C ALA A 475 -35.46 -21.98 2.99
N GLY A 476 -36.49 -22.62 3.52
CA GLY A 476 -37.50 -21.91 4.32
C GLY A 476 -37.23 -22.07 5.80
N SER A 477 -38.28 -21.86 6.61
CA SER A 477 -38.16 -21.95 8.06
C SER A 477 -38.62 -23.31 8.57
N THR A 478 -39.35 -24.04 7.73
CA THR A 478 -39.91 -25.33 8.10
C THR A 478 -38.93 -26.45 7.79
N PRO A 479 -38.63 -27.33 8.75
CA PRO A 479 -37.79 -28.52 8.61
C PRO A 479 -38.27 -29.40 7.47
N CYS A 480 -37.32 -29.92 6.69
CA CYS A 480 -37.61 -30.75 5.53
C CYS A 480 -37.82 -32.20 5.92
N ASN A 481 -37.14 -32.63 6.98
CA ASN A 481 -37.22 -34.00 7.46
C ASN A 481 -36.84 -35.00 6.39
N GLY A 482 -35.87 -34.62 5.55
CA GLY A 482 -35.34 -35.51 4.53
C GLY A 482 -36.19 -35.55 3.26
N VAL A 483 -37.29 -34.81 3.25
CA VAL A 483 -38.19 -34.82 2.10
C VAL A 483 -38.11 -33.52 1.31
N GLU A 484 -37.78 -33.64 0.02
CA GLU A 484 -37.71 -32.46 -0.83
C GLU A 484 -39.10 -32.02 -1.27
N GLY A 485 -39.22 -30.75 -1.62
CA GLY A 485 -40.49 -30.15 -1.98
C GLY A 485 -40.40 -28.64 -1.89
N PHE A 486 -41.49 -28.00 -1.50
CA PHE A 486 -41.48 -26.55 -1.42
C PHE A 486 -40.51 -26.10 -0.33
N ASN A 487 -39.59 -25.21 -0.70
CA ASN A 487 -38.54 -24.72 0.20
C ASN A 487 -37.60 -25.82 0.75
N CYS A 488 -37.55 -26.97 0.05
CA CYS A 488 -36.69 -28.09 0.40
C CYS A 488 -36.05 -28.66 -0.86
N TYR A 489 -34.75 -28.42 -1.04
CA TYR A 489 -34.13 -28.70 -2.32
C TYR A 489 -33.11 -29.81 -2.24
N PHE A 490 -32.98 -30.57 -3.32
CA PHE A 490 -31.86 -31.49 -3.44
C PHE A 490 -30.62 -30.66 -3.82
N PRO A 491 -29.57 -30.70 -3.00
CA PRO A 491 -28.42 -29.81 -3.02
C PRO A 491 -27.56 -29.89 -4.28
N LEU A 492 -27.65 -31.01 -5.00
CA LEU A 492 -26.82 -31.19 -6.18
C LEU A 492 -27.59 -30.99 -7.47
N GLN A 493 -26.86 -30.67 -8.53
CA GLN A 493 -27.43 -30.57 -9.87
C GLN A 493 -26.42 -31.02 -10.91
N SER A 494 -26.89 -31.48 -12.06
CA SER A 494 -26.01 -31.95 -13.11
C SER A 494 -25.75 -30.86 -14.13
N TYR A 495 -24.61 -30.95 -14.79
CA TYR A 495 -24.32 -30.04 -15.89
C TYR A 495 -25.07 -30.47 -17.15
N GLY A 496 -25.20 -31.77 -17.34
CA GLY A 496 -25.89 -32.30 -18.52
C GLY A 496 -25.12 -31.94 -19.79
N PHE A 497 -23.82 -32.18 -19.77
CA PHE A 497 -22.97 -31.72 -20.86
C PHE A 497 -23.33 -32.32 -22.20
N GLN A 498 -23.46 -31.47 -23.20
CA GLN A 498 -23.79 -31.88 -24.56
C GLN A 498 -22.75 -31.32 -25.53
N PRO A 499 -22.42 -32.05 -26.60
CA PRO A 499 -21.42 -31.73 -27.59
C PRO A 499 -21.79 -30.49 -28.39
N THR A 500 -23.06 -30.10 -28.33
CA THR A 500 -23.57 -28.96 -29.09
C THR A 500 -23.66 -27.69 -28.26
N ASN A 501 -23.23 -27.76 -27.00
CA ASN A 501 -23.28 -26.60 -26.12
C ASN A 501 -22.29 -25.54 -26.55
N GLY A 502 -22.57 -24.29 -26.20
CA GLY A 502 -21.61 -23.21 -26.41
C GLY A 502 -20.43 -23.39 -25.46
N VAL A 503 -19.34 -22.70 -25.71
CA VAL A 503 -18.10 -22.93 -24.97
C VAL A 503 -18.30 -22.81 -23.47
N GLY A 504 -19.06 -21.82 -23.04
CA GLY A 504 -19.29 -21.59 -21.62
C GLY A 504 -20.00 -22.75 -20.94
N TYR A 505 -20.66 -23.58 -21.73
CA TYR A 505 -21.41 -24.72 -21.21
C TYR A 505 -20.78 -26.05 -21.58
N GLN A 506 -19.58 -26.00 -22.14
CA GLN A 506 -18.83 -27.22 -22.43
C GLN A 506 -18.04 -27.59 -21.19
N PRO A 507 -17.77 -28.88 -20.98
CA PRO A 507 -17.00 -29.39 -19.88
C PRO A 507 -15.54 -29.02 -19.99
N TYR A 508 -14.96 -28.66 -18.87
CA TYR A 508 -13.54 -28.43 -18.76
C TYR A 508 -12.96 -29.27 -17.66
N ARG A 509 -11.85 -29.93 -17.95
CA ARG A 509 -11.15 -30.70 -16.95
C ARG A 509 -10.13 -29.83 -16.29
N VAL A 510 -10.22 -29.73 -14.97
CA VAL A 510 -9.38 -28.84 -14.21
C VAL A 510 -8.49 -29.61 -13.27
N VAL A 511 -7.21 -29.29 -13.30
CA VAL A 511 -6.26 -29.82 -12.34
C VAL A 511 -5.59 -28.67 -11.61
N VAL A 512 -5.73 -28.68 -10.29
CA VAL A 512 -5.11 -27.63 -9.50
C VAL A 512 -3.93 -28.19 -8.73
N LEU A 513 -2.75 -27.63 -8.99
CA LEU A 513 -1.55 -28.08 -8.32
C LEU A 513 -1.19 -27.13 -7.21
N SER A 514 -1.44 -27.54 -5.97
CA SER A 514 -1.10 -26.70 -4.84
C SER A 514 0.30 -27.04 -4.37
N PHE A 515 1.09 -26.00 -4.12
CA PHE A 515 2.48 -26.20 -3.71
C PHE A 515 2.66 -25.87 -2.25
N GLU A 516 3.00 -26.87 -1.45
CA GLU A 516 3.18 -26.69 -0.03
C GLU A 516 4.62 -26.37 0.31
N LEU A 517 4.82 -25.35 1.14
CA LEU A 517 6.16 -24.95 1.53
C LEU A 517 6.32 -24.89 3.06
N LEU A 518 6.38 -26.06 3.70
CA LEU A 518 6.56 -26.15 5.16
C LEU A 518 8.02 -25.91 5.53
N ALA A 520 10.35 -29.15 7.85
CA ALA A 520 9.99 -30.15 6.85
C ALA A 520 10.98 -30.11 5.67
N PRO A 521 11.65 -31.23 5.32
CA PRO A 521 12.46 -31.40 4.13
C PRO A 521 11.61 -31.27 2.89
N ALA A 522 12.15 -30.65 1.85
CA ALA A 522 11.45 -30.61 0.58
C ALA A 522 11.62 -31.94 -0.13
N THR A 523 10.52 -32.47 -0.68
CA THR A 523 10.55 -33.79 -1.28
C THR A 523 10.23 -33.78 -2.78
N VAL A 524 9.67 -32.67 -3.26
CA VAL A 524 9.36 -32.55 -4.68
C VAL A 524 10.14 -31.42 -5.32
N CYS A 525 11.19 -31.76 -6.07
CA CYS A 525 12.10 -30.78 -6.67
C CYS A 525 12.05 -30.84 -8.18
N GLY A 526 12.28 -29.70 -8.81
CA GLY A 526 12.40 -29.66 -10.25
C GLY A 526 13.65 -30.43 -10.70
N PRO A 527 13.75 -30.71 -12.00
CA PRO A 527 14.79 -31.47 -12.65
C PRO A 527 16.05 -30.66 -12.85
N LYS A 528 16.62 -30.19 -11.75
CA LYS A 528 17.84 -29.42 -11.82
C LYS A 528 19.05 -30.29 -11.52
N LYS A 529 20.10 -30.13 -12.29
CA LYS A 529 21.30 -30.93 -12.12
C LYS A 529 22.18 -30.36 -11.02
N SER A 530 22.57 -31.22 -10.08
CA SER A 530 23.40 -30.79 -8.97
C SER A 530 24.85 -30.65 -9.39
N THR A 531 25.59 -29.83 -8.64
CA THR A 531 26.99 -29.60 -8.89
C THR A 531 27.83 -30.14 -7.75
N ASN A 532 29.15 -30.09 -7.91
CA ASN A 532 30.05 -30.51 -6.85
C ASN A 532 29.99 -29.54 -5.70
N LEU A 533 30.12 -30.05 -4.49
CA LEU A 533 30.11 -29.20 -3.30
C LEU A 533 31.45 -28.51 -3.14
N VAL A 534 31.42 -27.19 -2.98
CA VAL A 534 32.65 -26.40 -2.84
C VAL A 534 32.71 -25.70 -1.49
N LYS A 535 33.82 -25.90 -0.80
CA LYS A 535 34.00 -25.31 0.52
C LYS A 535 35.18 -24.35 0.57
N ASN A 536 35.15 -23.45 1.56
CA ASN A 536 36.19 -22.46 1.81
C ASN A 536 36.32 -21.44 0.69
N LYS A 537 35.25 -21.24 -0.06
CA LYS A 537 35.20 -20.24 -1.10
C LYS A 537 33.90 -19.45 -1.02
N CYS A 538 33.90 -18.23 -1.56
CA CYS A 538 32.68 -17.45 -1.69
C CYS A 538 31.88 -17.91 -2.90
N VAL A 539 30.72 -18.50 -2.64
CA VAL A 539 29.91 -19.06 -3.70
C VAL A 539 28.44 -18.69 -3.57
N ASN A 540 27.70 -18.84 -4.65
CA ASN A 540 26.26 -18.84 -4.59
C ASN A 540 25.86 -20.27 -4.28
N PHE A 541 24.73 -20.48 -3.62
CA PHE A 541 24.32 -21.83 -3.34
C PHE A 541 22.81 -22.04 -3.35
N ASN A 542 22.42 -23.29 -3.55
CA ASN A 542 21.03 -23.71 -3.47
C ASN A 542 20.95 -25.11 -2.87
N PHE A 543 20.57 -25.19 -1.60
CA PHE A 543 20.47 -26.47 -0.91
C PHE A 543 19.03 -26.92 -0.80
N ASN A 544 18.62 -27.83 -1.68
CA ASN A 544 17.26 -28.34 -1.70
C ASN A 544 16.25 -27.20 -1.68
N GLY A 545 16.50 -26.15 -2.47
CA GLY A 545 15.58 -25.02 -2.58
C GLY A 545 15.99 -23.83 -1.70
N LEU A 546 16.92 -24.04 -0.78
CA LEU A 546 17.37 -22.97 0.10
C LEU A 546 18.52 -22.22 -0.53
N THR A 547 18.24 -21.01 -1.03
CA THR A 547 19.23 -20.24 -1.77
C THR A 547 19.88 -19.18 -0.92
N GLY A 548 21.05 -18.73 -1.36
CA GLY A 548 21.76 -17.63 -0.71
C GLY A 548 23.20 -17.53 -1.23
N THR A 549 23.96 -16.61 -0.66
CA THR A 549 25.35 -16.41 -1.03
C THR A 549 26.21 -16.41 0.23
N GLY A 550 27.35 -17.09 0.16
CA GLY A 550 28.25 -17.13 1.32
C GLY A 550 29.35 -18.18 1.17
N VAL A 551 30.04 -18.41 2.28
CA VAL A 551 31.14 -19.36 2.32
C VAL A 551 30.73 -20.59 3.11
N LEU A 552 30.93 -21.75 2.51
CA LEU A 552 30.56 -23.01 3.12
C LEU A 552 31.75 -23.68 3.79
N THR A 553 31.61 -24.01 5.06
CA THR A 553 32.66 -24.71 5.80
C THR A 553 32.07 -25.88 6.57
N GLU A 554 32.92 -26.80 6.99
CA GLU A 554 32.45 -27.93 7.80
C GLU A 554 31.94 -27.42 9.14
N SER A 555 30.80 -27.94 9.56
CA SER A 555 30.20 -27.52 10.82
C SER A 555 30.60 -28.45 11.96
N ASN A 556 30.69 -27.88 13.15
CA ASN A 556 30.91 -28.66 14.36
C ASN A 556 29.66 -28.66 15.23
N LYS A 557 28.53 -28.27 14.63
CA LYS A 557 27.27 -28.20 15.35
C LYS A 557 26.64 -29.57 15.47
N LYS A 558 26.12 -29.86 16.65
CA LYS A 558 25.54 -31.17 16.92
C LYS A 558 24.11 -31.26 16.43
N PHE A 559 23.95 -31.35 15.12
CA PHE A 559 22.61 -31.49 14.54
C PHE A 559 22.00 -32.82 14.92
N LEU A 560 20.71 -32.80 15.22
CA LEU A 560 19.98 -34.02 15.48
C LEU A 560 19.58 -34.64 14.14
N PRO A 561 19.35 -35.95 14.08
CA PRO A 561 19.05 -36.72 12.88
C PRO A 561 17.90 -36.16 12.05
N PHE A 562 17.00 -35.41 12.68
CA PHE A 562 15.82 -34.89 11.99
C PHE A 562 15.98 -33.44 11.53
N GLN A 563 17.04 -32.78 11.99
CA GLN A 563 17.21 -31.35 11.69
C GLN A 563 17.90 -31.14 10.36
N GLN A 564 17.36 -30.23 9.55
CA GLN A 564 17.84 -30.05 8.18
C GLN A 564 18.71 -28.82 8.02
N PHE A 565 18.51 -27.83 8.88
CA PHE A 565 19.26 -26.59 8.85
C PHE A 565 19.18 -25.93 10.20
N GLY A 566 20.04 -24.96 10.45
CA GLY A 566 20.01 -24.24 11.71
C GLY A 566 19.89 -22.75 11.50
N ARG A 567 19.64 -22.03 12.59
CA ARG A 567 19.53 -20.59 12.57
C ARG A 567 20.20 -19.97 13.78
N ASP A 568 20.71 -18.75 13.61
CA ASP A 568 21.30 -18.00 14.72
C ASP A 568 20.24 -17.16 15.41
N ILE A 569 20.67 -16.26 16.29
CA ILE A 569 19.74 -15.44 17.07
C ILE A 569 18.98 -14.43 16.20
N ALA A 570 19.43 -14.26 14.95
CA ALA A 570 18.78 -13.35 14.01
C ALA A 570 17.64 -14.06 13.29
N ASP A 571 17.49 -15.35 13.57
CA ASP A 571 16.51 -16.21 12.92
C ASP A 571 16.75 -16.28 11.41
N THR A 572 18.01 -16.40 11.02
CA THR A 572 18.37 -16.61 9.62
C THR A 572 19.23 -17.85 9.51
N THR A 573 19.21 -18.50 8.35
CA THR A 573 19.94 -19.74 8.17
C THR A 573 21.44 -19.52 8.34
N ASP A 574 22.08 -20.33 9.17
CA ASP A 574 23.51 -20.23 9.38
C ASP A 574 24.18 -21.59 9.26
N ALA A 575 23.40 -22.59 8.87
CA ALA A 575 23.90 -23.94 8.68
C ALA A 575 22.89 -24.76 7.92
N VAL A 576 23.37 -25.67 7.08
CA VAL A 576 22.49 -26.57 6.34
C VAL A 576 23.01 -28.00 6.35
N ARG A 577 22.09 -28.93 6.15
CA ARG A 577 22.46 -30.32 5.93
C ARG A 577 22.47 -30.62 4.44
N ASP A 578 23.62 -31.01 3.93
CA ASP A 578 23.72 -31.33 2.51
C ASP A 578 22.84 -32.52 2.18
N PRO A 579 21.89 -32.37 1.26
CA PRO A 579 20.83 -33.31 0.93
C PRO A 579 21.34 -34.61 0.30
N GLN A 580 22.61 -34.65 -0.09
CA GLN A 580 23.16 -35.85 -0.69
C GLN A 580 24.14 -36.57 0.23
N THR A 581 24.96 -35.80 0.95
CA THR A 581 26.00 -36.40 1.79
C THR A 581 25.61 -36.38 3.27
N LEU A 582 24.61 -35.58 3.60
CA LEU A 582 24.16 -35.39 4.97
C LEU A 582 25.25 -34.71 5.82
N GLU A 583 26.22 -34.12 5.16
CA GLU A 583 27.25 -33.32 5.81
C GLU A 583 26.65 -32.01 6.31
N ILE A 584 27.03 -31.61 7.52
CA ILE A 584 26.54 -30.35 8.04
C ILE A 584 27.53 -29.25 7.73
N LEU A 585 27.04 -28.21 7.08
CA LEU A 585 27.86 -27.08 6.67
C LEU A 585 27.44 -25.79 7.35
N ASP A 586 28.41 -25.03 7.80
CA ASP A 586 28.14 -23.71 8.35
C ASP A 586 28.14 -22.67 7.24
N ILE A 587 27.27 -21.69 7.34
CA ILE A 587 27.22 -20.63 6.35
C ILE A 587 27.57 -19.28 6.94
N THR A 588 28.58 -18.65 6.39
CA THR A 588 28.94 -17.29 6.78
C THR A 588 28.93 -16.44 5.52
N PRO A 589 28.65 -15.15 5.63
CA PRO A 589 28.66 -14.20 4.53
C PRO A 589 30.07 -14.01 4.01
N CYS A 590 30.18 -13.68 2.73
CA CYS A 590 31.46 -13.40 2.09
C CYS A 590 32.02 -12.09 2.63
N SER A 591 33.33 -12.04 2.82
CA SER A 591 33.94 -10.89 3.47
C SER A 591 33.39 -9.57 2.94
N PHE A 592 33.01 -8.70 3.86
CA PHE A 592 32.45 -7.40 3.52
C PHE A 592 32.75 -6.40 4.61
N GLY A 593 32.58 -5.12 4.29
CA GLY A 593 32.77 -4.06 5.27
C GLY A 593 32.75 -2.69 4.62
N GLY A 594 32.72 -1.64 5.43
CA GLY A 594 32.70 -0.29 4.90
C GLY A 594 34.06 0.10 4.33
N VAL A 595 34.05 1.02 3.37
CA VAL A 595 35.29 1.54 2.82
C VAL A 595 35.35 3.04 2.97
N SER A 596 36.39 3.51 3.64
CA SER A 596 36.54 4.94 3.86
C SER A 596 37.82 5.46 3.25
N VAL A 597 37.78 6.71 2.80
CA VAL A 597 38.92 7.31 2.13
C VAL A 597 39.54 8.39 3.00
N ILE A 598 40.84 8.23 3.25
CA ILE A 598 41.61 9.14 4.06
C ILE A 598 42.39 10.07 3.17
N THR A 599 42.18 11.36 3.33
CA THR A 599 42.87 12.31 2.47
C THR A 599 43.07 13.65 3.16
N PRO A 600 44.14 14.36 2.83
CA PRO A 600 44.36 15.75 3.10
C PRO A 600 43.46 16.53 2.17
N GLY A 601 43.32 17.83 2.40
CA GLY A 601 42.46 18.57 1.51
C GLY A 601 43.02 18.54 0.10
N THR A 602 42.15 18.59 -0.90
CA THR A 602 42.57 18.60 -2.30
C THR A 602 43.31 19.89 -2.68
N ASN A 603 43.28 20.87 -1.76
CA ASN A 603 44.08 22.09 -1.86
C ASN A 603 45.57 21.80 -1.65
N THR A 604 45.88 20.67 -1.00
CA THR A 604 47.24 20.27 -0.67
C THR A 604 47.72 19.11 -1.52
N SER A 605 46.90 18.06 -1.63
CA SER A 605 47.32 16.86 -2.34
C SER A 605 46.15 16.00 -2.79
N ASN A 606 46.35 15.27 -3.89
CA ASN A 606 45.35 14.33 -4.37
C ASN A 606 45.68 12.90 -3.95
N GLN A 607 46.64 12.74 -3.05
CA GLN A 607 46.97 11.42 -2.53
C GLN A 607 45.90 10.94 -1.57
N VAL A 608 45.60 9.66 -1.60
CA VAL A 608 44.63 9.08 -0.70
C VAL A 608 45.13 7.79 -0.08
N ALA A 609 44.52 7.41 1.03
CA ALA A 609 44.70 6.10 1.61
C ALA A 609 43.32 5.50 1.84
N VAL A 610 43.18 4.20 1.66
CA VAL A 610 41.86 3.59 1.79
C VAL A 610 41.81 2.60 2.93
N LEU A 611 40.82 2.78 3.79
CA LEU A 611 40.61 1.88 4.91
C LEU A 611 39.47 0.92 4.64
N TYR A 612 39.78 -0.37 4.63
CA TYR A 612 38.77 -1.40 4.47
C TYR A 612 38.36 -1.92 5.84
N GLN A 613 37.21 -1.45 6.30
CA GLN A 613 36.80 -1.66 7.68
C GLN A 613 36.41 -3.11 7.91
N ASP A 614 36.90 -3.67 9.00
CA ASP A 614 36.63 -5.06 9.38
C ASP A 614 37.20 -6.07 8.38
N VAL A 615 38.09 -5.57 7.51
CA VAL A 615 38.60 -6.45 6.43
C VAL A 615 40.01 -6.91 6.77
N ASN A 616 40.31 -8.18 6.50
CA ASN A 616 41.69 -8.67 6.64
C ASN A 616 42.42 -8.19 5.39
N CYS A 617 43.67 -7.78 5.54
CA CYS A 617 44.44 -7.15 4.45
C CYS A 617 44.49 -8.25 3.37
N THR A 618 44.41 -9.51 3.76
CA THR A 618 44.37 -10.66 2.81
C THR A 618 43.04 -10.83 2.04
N GLU A 619 41.95 -10.09 2.32
CA GLU A 619 40.65 -10.35 1.63
C GLU A 619 40.31 -9.27 0.62
N VAL A 620 41.07 -8.18 0.60
CA VAL A 620 40.81 -7.01 -0.23
C VAL A 620 40.90 -7.25 -1.75
N PRO A 621 41.96 -7.91 -2.29
CA PRO A 621 42.15 -8.16 -3.71
C PRO A 621 41.38 -9.40 -4.16
N ASN A 641 52.33 -0.47 0.81
CA ASN A 641 51.88 0.21 2.03
C ASN A 641 50.57 -0.39 2.54
N VAL A 642 50.64 -1.63 3.03
CA VAL A 642 49.48 -2.31 3.61
C VAL A 642 49.64 -2.50 5.10
N PHE A 643 48.83 -1.77 5.86
CA PHE A 643 48.93 -1.76 7.32
C PHE A 643 47.66 -2.26 7.99
N GLN A 644 47.78 -3.36 8.73
CA GLN A 644 46.59 -3.95 9.40
C GLN A 644 46.37 -3.32 10.77
N THR A 645 45.19 -2.73 10.97
CA THR A 645 44.80 -2.13 12.23
C THR A 645 43.54 -2.81 12.76
N ARG A 646 43.10 -2.40 13.94
CA ARG A 646 41.85 -2.93 14.48
C ARG A 646 40.66 -2.40 13.71
N ALA A 647 40.77 -1.17 13.23
CA ALA A 647 39.71 -0.54 12.45
C ALA A 647 39.48 -1.30 11.14
N GLY A 648 40.55 -1.79 10.56
CA GLY A 648 40.49 -2.47 9.27
C GLY A 648 41.86 -2.44 8.60
N CYS A 649 41.87 -2.68 7.29
CA CYS A 649 43.13 -2.71 6.52
C CYS A 649 43.32 -1.34 5.88
N LEU A 650 44.41 -0.67 6.23
CA LEU A 650 44.70 0.66 5.71
C LEU A 650 45.75 0.57 4.62
N ILE A 651 45.36 0.92 3.40
CA ILE A 651 46.24 0.79 2.26
C ILE A 651 46.58 2.13 1.63
N GLY A 652 47.86 2.41 1.46
CA GLY A 652 48.32 3.64 0.84
C GLY A 652 49.03 4.54 1.84
N ALA A 653 48.79 4.30 3.12
CA ALA A 653 49.47 5.06 4.16
C ALA A 653 50.69 4.31 4.65
N GLU A 654 51.78 5.02 4.86
CA GLU A 654 52.99 4.40 5.38
C GLU A 654 53.02 4.46 6.90
N HIS A 655 53.01 3.30 7.53
CA HIS A 655 53.05 3.24 8.99
C HIS A 655 54.44 3.55 9.50
N VAL A 656 54.52 4.42 10.50
CA VAL A 656 55.79 4.80 11.10
C VAL A 656 55.75 4.61 12.62
N ASN A 657 56.93 4.52 13.24
CA ASN A 657 57.04 4.37 14.69
C ASN A 657 56.85 5.69 15.42
N ASN A 658 57.19 6.81 14.78
CA ASN A 658 57.09 8.14 15.38
C ASN A 658 55.65 8.50 15.70
N SER A 659 55.41 8.93 16.93
CA SER A 659 54.08 9.31 17.37
C SER A 659 53.88 10.81 17.25
N TYR A 660 52.73 11.20 16.72
CA TYR A 660 52.42 12.61 16.52
C TYR A 660 51.04 12.92 17.05
N GLU A 661 50.72 14.20 17.13
CA GLU A 661 49.35 14.60 17.47
C GLU A 661 48.42 14.08 16.37
N CYS A 662 47.25 13.59 16.76
CA CYS A 662 46.29 13.02 15.82
C CYS A 662 45.77 14.08 14.85
N ASP A 663 45.77 13.74 13.57
CA ASP A 663 45.28 14.62 12.52
C ASP A 663 43.97 14.06 11.97
N ILE A 664 44.07 13.03 11.14
CA ILE A 664 42.89 12.32 10.68
C ILE A 664 42.77 11.00 11.42
N PRO A 665 41.74 10.82 12.24
CA PRO A 665 41.54 9.64 13.07
C PRO A 665 41.20 8.43 12.21
N ILE A 666 41.83 7.31 12.52
CA ILE A 666 41.52 6.05 11.85
C ILE A 666 40.71 5.18 12.80
N GLY A 667 41.19 5.09 14.04
CA GLY A 667 40.52 4.32 15.07
C GLY A 667 41.51 3.46 15.83
N ALA A 668 41.15 3.09 17.05
CA ALA A 668 41.98 2.22 17.88
C ALA A 668 43.38 2.78 18.09
N GLY A 669 43.47 4.09 18.30
CA GLY A 669 44.73 4.74 18.62
C GLY A 669 45.52 5.13 17.39
N ILE A 670 45.04 4.74 16.22
CA ILE A 670 45.74 5.03 14.98
C ILE A 670 45.18 6.27 14.29
N CYS A 671 46.08 7.15 13.86
CA CYS A 671 45.75 8.36 13.10
C CYS A 671 46.62 8.44 11.86
N ALA A 672 46.18 9.24 10.90
CA ALA A 672 46.95 9.44 9.68
C ALA A 672 47.14 10.92 9.41
N SER A 673 48.22 11.25 8.71
CA SER A 673 48.50 12.63 8.36
C SER A 673 49.30 12.72 7.07
N TYR A 674 49.32 13.91 6.48
CA TYR A 674 50.12 14.14 5.28
C TYR A 674 51.43 14.82 5.65
N GLN A 675 52.54 14.13 5.43
CA GLN A 675 53.88 14.59 5.82
C GLN A 675 54.88 14.34 4.69
N GLN A 690 56.18 14.61 -0.06
CA GLN A 690 55.29 14.30 1.06
C GLN A 690 54.36 13.16 0.70
N SER A 691 53.93 12.39 1.71
CA SER A 691 53.00 11.28 1.55
C SER A 691 52.16 11.07 2.80
N ILE A 692 51.12 10.25 2.69
CA ILE A 692 50.27 9.94 3.83
C ILE A 692 50.92 8.88 4.71
N ILE A 693 50.95 9.14 6.00
CA ILE A 693 51.53 8.21 6.96
C ILE A 693 50.51 7.82 8.01
N ALA A 694 50.75 6.68 8.65
CA ALA A 694 49.93 6.22 9.76
C ALA A 694 50.79 6.10 11.00
N TYR A 695 50.20 6.41 12.16
CA TYR A 695 50.95 6.36 13.40
C TYR A 695 50.03 6.17 14.58
N THR A 696 50.62 5.75 15.71
CA THR A 696 49.89 5.76 16.96
C THR A 696 49.93 7.14 17.55
N MET A 697 48.75 7.70 17.85
CA MET A 697 48.67 9.09 18.26
C MET A 697 49.31 9.34 19.62
N SER A 698 49.91 10.52 19.74
CA SER A 698 50.47 10.97 21.00
C SER A 698 49.38 11.56 21.87
N LEU A 699 49.48 11.35 23.18
CA LEU A 699 48.50 11.92 24.09
C LEU A 699 49.07 13.19 24.72
N GLY A 700 50.25 13.59 24.26
CA GLY A 700 50.93 14.76 24.79
C GLY A 700 52.34 14.40 25.24
N ALA A 701 53.17 15.41 25.43
CA ALA A 701 54.53 15.20 25.89
C ALA A 701 54.54 14.78 27.35
N GLU A 702 55.48 13.94 27.73
CA GLU A 702 55.61 13.57 29.13
C GLU A 702 56.24 14.70 29.93
N ASN A 703 55.78 14.85 31.16
CA ASN A 703 56.29 15.90 32.03
C ASN A 703 56.41 15.41 33.47
N SER A 704 57.63 15.13 33.91
CA SER A 704 57.85 14.67 35.27
C SER A 704 57.90 15.86 36.22
N VAL A 705 57.05 15.83 37.23
CA VAL A 705 57.03 16.87 38.24
C VAL A 705 58.09 16.59 39.29
N ALA A 706 58.89 17.60 39.62
CA ALA A 706 59.96 17.42 40.58
C ALA A 706 59.43 17.38 42.00
N TYR A 707 58.68 16.34 42.30
CA TYR A 707 58.03 16.19 43.58
C TYR A 707 59.00 15.76 44.68
N SER A 708 58.83 16.36 45.84
CA SER A 708 59.49 15.93 47.06
C SER A 708 58.63 16.38 48.23
N ASN A 709 58.96 15.92 49.43
CA ASN A 709 58.17 16.23 50.62
C ASN A 709 58.45 17.63 51.17
N ASN A 710 59.40 18.36 50.58
CA ASN A 710 59.77 19.70 51.05
C ASN A 710 60.16 20.65 49.92
N SER A 711 59.55 20.50 48.76
CA SER A 711 59.88 21.40 47.64
C SER A 711 58.63 21.95 47.00
N ILE A 712 58.60 23.26 46.82
CA ILE A 712 57.46 23.91 46.20
C ILE A 712 57.90 24.79 45.05
N ALA A 713 57.12 24.83 43.98
CA ALA A 713 57.40 25.73 42.89
C ALA A 713 56.47 26.92 42.94
N ILE A 714 57.02 28.11 42.87
CA ILE A 714 56.20 29.32 42.94
C ILE A 714 56.52 30.28 41.80
N PRO A 715 55.52 30.67 41.01
CA PRO A 715 55.57 31.62 39.92
C PRO A 715 56.16 32.94 40.37
N THR A 716 57.20 33.39 39.68
CA THR A 716 57.74 34.72 39.96
C THR A 716 57.19 35.76 38.98
N ASN A 717 56.44 35.30 37.98
CA ASN A 717 55.83 36.14 36.96
C ASN A 717 54.49 35.54 36.54
N PHE A 718 53.79 36.21 35.64
CA PHE A 718 52.53 35.76 35.10
C PHE A 718 52.28 36.42 33.76
N THR A 719 51.35 35.86 33.00
CA THR A 719 50.90 36.49 31.76
C THR A 719 49.39 36.65 31.77
N ILE A 720 48.91 37.58 30.96
CA ILE A 720 47.48 37.73 30.76
C ILE A 720 47.09 37.09 29.45
N SER A 721 46.29 36.05 29.54
CA SER A 721 45.90 35.29 28.37
C SER A 721 44.46 35.59 28.01
N VAL A 722 44.20 35.73 26.73
CA VAL A 722 42.83 35.87 26.28
C VAL A 722 42.49 34.73 25.34
N THR A 723 41.46 33.98 25.67
CA THR A 723 41.07 32.85 24.87
C THR A 723 39.67 33.04 24.33
N THR A 724 39.35 32.36 23.25
CA THR A 724 38.05 32.52 22.62
C THR A 724 37.20 31.27 22.77
N GLU A 725 35.98 31.46 23.27
CA GLU A 725 35.02 30.36 23.33
C GLU A 725 33.81 30.69 22.48
N ILE A 726 33.50 29.81 21.55
CA ILE A 726 32.42 30.06 20.61
C ILE A 726 31.28 29.08 20.83
N LEU A 727 30.08 29.62 21.07
CA LEU A 727 28.91 28.79 21.30
C LEU A 727 27.76 29.19 20.39
N PRO A 728 27.07 28.22 19.80
CA PRO A 728 25.78 28.36 19.16
C PRO A 728 24.74 28.83 20.16
N VAL A 729 23.90 29.76 19.74
CA VAL A 729 22.82 30.23 20.58
C VAL A 729 21.48 29.95 19.93
N SER A 730 21.41 30.16 18.62
CA SER A 730 20.15 30.03 17.93
C SER A 730 20.30 29.26 16.63
N MET A 731 19.16 28.87 16.09
CA MET A 731 19.08 28.10 14.86
C MET A 731 18.16 28.82 13.89
N THR A 732 18.39 28.67 12.60
CA THR A 732 17.53 29.32 11.62
C THR A 732 16.08 28.91 11.85
N LYS A 733 15.20 29.90 11.93
CA LYS A 733 13.79 29.65 12.19
C LYS A 733 13.06 29.25 10.94
N THR A 734 13.21 27.99 10.56
CA THR A 734 12.56 27.52 9.35
C THR A 734 11.09 27.25 9.62
N SER A 735 10.29 27.30 8.57
CA SER A 735 8.88 26.99 8.67
C SER A 735 8.42 26.29 7.40
N VAL A 736 7.81 25.12 7.56
CA VAL A 736 7.36 24.37 6.40
C VAL A 736 5.86 24.22 6.38
N ASP A 737 5.26 24.65 5.28
CA ASP A 737 3.83 24.48 5.08
C ASP A 737 3.56 23.05 4.65
N CYS A 738 3.09 22.21 5.58
CA CYS A 738 2.93 20.78 5.34
C CYS A 738 2.08 20.52 4.10
N THR A 739 0.92 21.15 4.02
CA THR A 739 0.04 20.89 2.90
C THR A 739 0.66 21.30 1.59
N MET A 740 1.29 22.47 1.55
CA MET A 740 1.91 22.93 0.32
C MET A 740 3.08 22.03 -0.09
N TYR A 741 3.89 21.65 0.87
CA TYR A 741 5.03 20.79 0.60
C TYR A 741 4.59 19.48 -0.04
N ILE A 742 3.57 18.86 0.55
CA ILE A 742 3.10 17.56 0.09
C ILE A 742 2.27 17.64 -1.20
N CYS A 743 1.30 18.57 -1.23
CA CYS A 743 0.27 18.60 -2.25
C CYS A 743 0.37 19.82 -3.17
N GLY A 744 1.25 20.75 -2.87
CA GLY A 744 1.29 21.98 -3.65
C GLY A 744 -0.05 22.68 -3.54
N ASP A 745 -0.63 23.03 -4.68
CA ASP A 745 -1.93 23.68 -4.71
C ASP A 745 -3.02 22.75 -5.26
N SER A 746 -2.77 21.45 -5.21
CA SER A 746 -3.74 20.48 -5.70
C SER A 746 -4.82 20.19 -4.67
N THR A 747 -6.07 20.42 -5.07
CA THR A 747 -7.21 20.15 -4.22
C THR A 747 -7.42 18.65 -4.04
N GLU A 748 -7.17 17.90 -5.10
CA GLU A 748 -7.37 16.45 -5.06
C GLU A 748 -6.44 15.80 -4.05
N CYS A 749 -5.17 16.21 -4.03
CA CYS A 749 -4.19 15.72 -3.08
C CYS A 749 -4.54 16.19 -1.67
N SER A 750 -4.93 17.46 -1.54
CA SER A 750 -5.26 18.01 -0.24
C SER A 750 -6.39 17.22 0.41
N ASN A 751 -7.39 16.85 -0.38
CA ASN A 751 -8.51 16.08 0.14
C ASN A 751 -8.08 14.69 0.62
N LEU A 752 -7.11 14.10 -0.07
CA LEU A 752 -6.57 12.82 0.35
C LEU A 752 -5.73 12.97 1.60
N LEU A 753 -5.03 14.08 1.69
CA LEU A 753 -4.17 14.37 2.83
C LEU A 753 -4.99 14.43 4.11
N LEU A 754 -6.23 14.90 4.01
CA LEU A 754 -7.12 15.00 5.16
C LEU A 754 -7.45 13.63 5.76
N GLN A 755 -7.28 12.57 4.99
CA GLN A 755 -7.61 11.23 5.46
C GLN A 755 -6.60 10.75 6.47
N TYR A 756 -5.49 11.47 6.59
CA TYR A 756 -4.41 11.12 7.49
C TYR A 756 -4.58 11.80 8.84
N GLY A 757 -5.67 12.54 9.01
CA GLY A 757 -5.93 13.20 10.27
C GLY A 757 -5.15 14.50 10.41
N SER A 758 -4.54 14.69 11.57
CA SER A 758 -3.92 15.95 11.94
C SER A 758 -2.39 15.92 11.89
N PHE A 759 -1.82 14.99 11.13
CA PHE A 759 -0.37 14.91 11.03
C PHE A 759 0.27 16.25 10.65
N CYS A 760 -0.33 16.96 9.68
CA CYS A 760 0.19 18.25 9.25
C CYS A 760 0.07 19.32 10.33
N THR A 761 -0.94 19.21 11.17
CA THR A 761 -1.08 20.15 12.28
C THR A 761 0.06 19.95 13.26
N GLN A 762 0.39 18.69 13.53
CA GLN A 762 1.48 18.36 14.43
C GLN A 762 2.81 18.84 13.89
N LEU A 763 3.01 18.69 12.59
CA LEU A 763 4.26 19.07 11.96
C LEU A 763 4.42 20.58 11.92
N ASN A 764 3.33 21.29 11.62
CA ASN A 764 3.37 22.75 11.59
C ASN A 764 3.60 23.28 13.00
N ARG A 765 2.99 22.62 13.97
CA ARG A 765 3.09 23.02 15.37
C ARG A 765 4.50 22.79 15.92
N ALA A 766 5.09 21.64 15.59
CA ALA A 766 6.42 21.32 16.07
C ALA A 766 7.45 22.32 15.57
N LEU A 767 7.35 22.69 14.30
CA LEU A 767 8.29 23.65 13.73
C LEU A 767 8.07 25.04 14.30
N THR A 768 6.82 25.38 14.57
CA THR A 768 6.51 26.65 15.19
C THR A 768 7.12 26.71 16.59
N GLY A 769 6.99 25.62 17.32
CA GLY A 769 7.55 25.54 18.67
C GLY A 769 9.06 25.78 18.65
N ILE A 770 9.74 25.21 17.66
CA ILE A 770 11.17 25.43 17.52
C ILE A 770 11.45 26.90 17.23
N ALA A 771 10.71 27.47 16.30
CA ALA A 771 10.93 28.86 15.92
C ALA A 771 10.81 29.78 17.12
N VAL A 772 9.85 29.52 17.99
CA VAL A 772 9.70 30.32 19.20
C VAL A 772 10.89 30.15 20.13
N GLU A 773 11.32 28.91 20.31
CA GLU A 773 12.47 28.61 21.15
C GLU A 773 13.70 29.40 20.75
N GLN A 774 13.89 29.58 19.44
CA GLN A 774 15.09 30.23 18.95
C GLN A 774 15.19 31.68 19.41
N ASP A 775 14.05 32.34 19.60
CA ASP A 775 14.08 33.70 20.09
C ASP A 775 14.28 33.70 21.60
N LYS A 776 13.72 32.70 22.26
CA LYS A 776 13.92 32.52 23.68
C LYS A 776 15.40 32.28 23.98
N ASN A 777 16.05 31.49 23.14
CA ASN A 777 17.46 31.17 23.32
C ASN A 777 18.30 32.44 23.24
N THR A 778 18.02 33.26 22.24
CA THR A 778 18.77 34.50 22.06
C THR A 778 18.54 35.44 23.23
N GLN A 779 17.30 35.56 23.66
CA GLN A 779 16.97 36.45 24.75
C GLN A 779 17.66 36.03 26.04
N GLU A 780 17.66 34.74 26.32
CA GLU A 780 18.27 34.23 27.55
C GLU A 780 19.77 34.51 27.61
N VAL A 781 20.43 34.49 26.46
CA VAL A 781 21.86 34.74 26.43
C VAL A 781 22.21 36.21 26.45
N PHE A 782 21.54 37.02 25.63
CA PHE A 782 21.97 38.40 25.46
C PHE A 782 21.19 39.41 26.31
N ALA A 783 19.91 39.18 26.52
CA ALA A 783 19.08 40.15 27.23
C ALA A 783 19.15 39.92 28.73
N GLN A 784 20.35 40.01 29.29
CA GLN A 784 20.54 39.81 30.73
C GLN A 784 20.75 41.11 31.47
N VAL A 785 20.65 42.21 30.74
CA VAL A 785 20.81 43.52 31.34
C VAL A 785 19.57 44.36 31.09
N LYS A 786 19.05 44.98 32.14
CA LYS A 786 17.82 45.76 32.04
C LYS A 786 18.07 47.15 31.46
N GLN A 787 19.28 47.66 31.64
CA GLN A 787 19.63 48.96 31.11
C GLN A 787 20.67 48.85 30.01
N ILE A 788 20.65 49.82 29.11
CA ILE A 788 21.67 49.87 28.07
C ILE A 788 22.77 50.82 28.49
N TYR A 789 23.88 50.23 28.92
CA TYR A 789 24.99 51.00 29.46
C TYR A 789 25.87 51.51 28.34
N LYS A 790 26.45 52.69 28.54
CA LYS A 790 27.33 53.29 27.56
C LYS A 790 28.68 53.58 28.17
N THR A 791 29.74 53.42 27.39
CA THR A 791 31.07 53.80 27.83
C THR A 791 31.20 55.32 27.75
N PRO A 792 32.11 55.92 28.51
CA PRO A 792 32.42 57.33 28.50
C PRO A 792 33.07 57.73 27.17
N PRO A 793 32.93 58.99 26.78
CA PRO A 793 33.62 59.66 25.67
C PRO A 793 35.13 59.49 25.76
N ILE A 794 35.66 59.48 26.97
CA ILE A 794 37.09 59.33 27.17
C ILE A 794 37.43 57.94 27.67
N LYS A 795 38.08 57.16 26.82
CA LYS A 795 38.38 55.77 27.14
C LYS A 795 39.67 55.66 27.96
N ASP A 796 39.63 56.20 29.17
CA ASP A 796 40.79 56.11 30.06
C ASP A 796 40.58 55.04 31.12
N PHE A 797 41.15 53.89 30.89
CA PHE A 797 40.96 52.75 31.78
C PHE A 797 42.29 52.33 32.40
N GLY A 798 43.21 53.28 32.48
CA GLY A 798 44.50 53.04 33.10
C GLY A 798 45.48 52.30 32.19
N GLY A 799 45.31 52.45 30.89
CA GLY A 799 46.20 51.80 29.92
C GLY A 799 45.54 50.60 29.26
N PHE A 800 44.38 50.20 29.76
CA PHE A 800 43.66 49.07 29.18
C PHE A 800 42.84 49.52 27.98
N ASN A 801 43.15 48.95 26.81
CA ASN A 801 42.59 49.33 25.53
C ASN A 801 41.51 48.34 25.09
N PHE A 802 40.25 48.80 25.02
CA PHE A 802 39.11 47.96 24.67
C PHE A 802 38.55 48.29 23.29
N SER A 803 39.34 48.99 22.47
CA SER A 803 38.85 49.47 21.19
C SER A 803 38.47 48.36 20.22
N GLN A 804 38.95 47.15 20.46
CA GLN A 804 38.67 46.05 19.55
C GLN A 804 37.41 45.28 19.94
N ILE A 805 36.92 45.51 21.16
CA ILE A 805 35.72 44.81 21.62
C ILE A 805 34.54 45.77 21.72
N LEU A 806 34.81 47.07 21.80
CA LEU A 806 33.76 48.08 21.82
C LEU A 806 33.34 48.43 20.40
N PRO A 807 32.09 48.85 20.19
CA PRO A 807 31.53 49.25 18.91
C PRO A 807 32.37 50.32 18.23
N ASP A 808 32.57 50.16 16.93
CA ASP A 808 33.29 51.14 16.14
C ASP A 808 32.31 52.15 15.54
N PRO A 809 32.32 53.39 16.01
CA PRO A 809 31.35 54.44 15.72
C PRO A 809 31.39 54.89 14.26
N SER A 810 32.45 54.50 13.56
CA SER A 810 32.59 54.90 12.16
C SER A 810 31.82 53.95 11.24
N LYS A 811 31.31 52.87 11.84
CA LYS A 811 30.62 51.79 11.07
C LYS A 811 29.11 51.85 11.21
N PRO A 812 28.38 51.90 10.09
CA PRO A 812 26.92 51.86 10.05
C PRO A 812 26.33 50.71 10.85
N SER A 813 27.09 49.63 10.97
CA SER A 813 26.62 48.44 11.67
C SER A 813 26.81 48.53 13.18
N LYS A 814 27.59 49.51 13.63
CA LYS A 814 27.86 49.71 15.04
C LYS A 814 28.39 48.45 15.71
N ARG A 815 29.28 47.74 15.04
CA ARG A 815 29.90 46.54 15.59
C ARG A 815 31.33 46.84 16.00
N SER A 816 31.86 46.05 16.92
CA SER A 816 33.27 46.16 17.26
C SER A 816 34.09 45.61 16.10
N PRO A 817 35.36 45.96 15.99
CA PRO A 817 36.32 45.42 15.05
C PRO A 817 36.35 43.89 15.06
N ILE A 818 36.24 43.30 16.24
CA ILE A 818 36.19 41.83 16.33
C ILE A 818 34.83 41.29 15.90
N GLU A 819 33.76 41.92 16.34
CA GLU A 819 32.43 41.48 15.92
C GLU A 819 32.28 41.55 14.41
N ASP A 820 32.82 42.61 13.82
CA ASP A 820 32.77 42.78 12.38
C ASP A 820 33.45 41.60 11.69
N LEU A 821 34.60 41.22 12.22
CA LEU A 821 35.34 40.08 11.70
C LEU A 821 34.54 38.78 11.84
N LEU A 822 33.90 38.59 12.99
CA LEU A 822 33.14 37.37 13.23
C LEU A 822 31.99 37.22 12.25
N PHE A 823 31.31 38.33 11.99
CA PHE A 823 30.18 38.32 11.06
C PHE A 823 30.62 38.12 9.62
N ASN A 824 31.80 38.60 9.27
CA ASN A 824 32.33 38.40 7.93
C ASN A 824 32.73 36.95 7.70
N LYS A 825 33.19 36.27 8.76
CA LYS A 825 33.59 34.87 8.63
C LYS A 825 32.40 33.92 8.46
N VAL A 826 31.31 34.17 9.20
CA VAL A 826 30.09 33.36 9.12
C VAL A 826 28.89 34.27 8.91
N GLN A 853 14.04 26.54 -2.21
CA GLN A 853 13.39 26.03 -1.02
C GLN A 853 12.07 26.77 -0.78
N LYS A 854 12.11 28.09 -0.88
CA LYS A 854 10.94 28.92 -0.65
C LYS A 854 9.77 28.49 -1.52
N PHE A 855 10.05 28.17 -2.77
CA PHE A 855 9.04 27.84 -3.74
C PHE A 855 8.34 26.52 -3.44
N ASN A 856 8.91 25.75 -2.51
CA ASN A 856 8.34 24.46 -2.13
C ASN A 856 7.65 24.51 -0.77
N GLY A 857 7.40 25.73 -0.29
CA GLY A 857 6.70 25.92 0.97
C GLY A 857 7.63 26.02 2.16
N LEU A 858 8.94 26.10 1.91
CA LEU A 858 9.93 26.18 2.97
C LEU A 858 10.40 27.62 3.15
N THR A 859 9.86 28.30 4.16
CA THR A 859 10.18 29.70 4.36
C THR A 859 11.03 29.88 5.61
N VAL A 860 11.65 31.05 5.73
CA VAL A 860 12.45 31.37 6.90
C VAL A 860 11.95 32.62 7.59
N LEU A 861 11.69 32.51 8.88
CA LEU A 861 11.22 33.64 9.66
C LEU A 861 12.42 34.38 10.24
N PRO A 862 12.39 35.71 10.30
CA PRO A 862 13.40 36.56 10.88
C PRO A 862 13.36 36.43 12.40
N PRO A 863 14.53 36.53 13.05
CA PRO A 863 14.71 36.65 14.48
C PRO A 863 14.02 37.89 15.01
N LEU A 864 13.52 37.82 16.23
CA LEU A 864 12.92 38.97 16.86
C LEU A 864 13.96 40.05 17.11
N LEU A 865 15.12 39.62 17.58
CA LEU A 865 16.22 40.55 17.80
C LEU A 865 17.17 40.52 16.61
N THR A 866 17.29 41.66 15.96
CA THR A 866 18.16 41.78 14.79
C THR A 866 19.61 41.85 15.23
N ASP A 867 20.52 41.68 14.28
CA ASP A 867 21.93 41.70 14.61
C ASP A 867 22.31 43.00 15.30
N GLU A 868 21.66 44.10 14.88
CA GLU A 868 21.90 45.39 15.49
C GLU A 868 21.51 45.39 16.97
N MET A 869 20.37 44.78 17.28
CA MET A 869 19.88 44.75 18.65
C MET A 869 20.73 43.85 19.53
N ILE A 870 21.21 42.76 18.96
CA ILE A 870 22.08 41.86 19.69
C ILE A 870 23.40 42.57 19.98
N ALA A 871 23.90 43.31 19.01
CA ALA A 871 25.11 44.10 19.20
C ALA A 871 24.91 45.13 20.29
N GLN A 872 23.72 45.72 20.37
CA GLN A 872 23.44 46.71 21.40
C GLN A 872 23.44 46.06 22.79
N TYR A 873 22.86 44.87 22.91
CA TYR A 873 22.90 44.17 24.19
C TYR A 873 24.33 43.88 24.58
N THR A 874 25.13 43.46 23.60
CA THR A 874 26.51 43.11 23.85
C THR A 874 27.30 44.32 24.31
N SER A 875 27.11 45.45 23.63
CA SER A 875 27.82 46.67 23.99
C SER A 875 27.41 47.16 25.37
N ALA A 876 26.15 46.93 25.74
CA ALA A 876 25.67 47.30 27.06
C ALA A 876 26.37 46.47 28.12
N LEU A 877 26.52 45.18 27.85
CA LEU A 877 27.20 44.28 28.77
C LEU A 877 28.67 44.66 28.90
N LEU A 878 29.29 45.05 27.79
CA LEU A 878 30.68 45.45 27.80
C LEU A 878 30.86 46.76 28.58
N ALA A 879 29.98 47.71 28.34
CA ALA A 879 30.07 48.99 29.02
C ALA A 879 29.90 48.81 30.52
N GLY A 880 28.97 47.94 30.89
CA GLY A 880 28.74 47.64 32.29
C GLY A 880 29.97 47.00 32.91
N THR A 881 30.50 45.97 32.24
CA THR A 881 31.64 45.24 32.75
C THR A 881 32.85 46.14 32.95
N ILE A 882 33.07 47.05 32.00
CA ILE A 882 34.24 47.91 32.05
C ILE A 882 34.12 49.02 33.10
N THR A 883 32.95 49.65 33.20
CA THR A 883 32.83 50.80 34.08
C THR A 883 32.30 50.49 35.49
N SER A 884 31.63 49.36 35.66
CA SER A 884 31.06 49.05 36.97
C SER A 884 31.34 47.62 37.42
N GLY A 885 32.20 46.93 36.69
CA GLY A 885 32.55 45.56 37.05
C GLY A 885 31.34 44.64 37.06
N TRP A 886 31.18 43.89 38.14
CA TRP A 886 30.07 42.96 38.24
C TRP A 886 28.89 43.52 39.01
N THR A 887 28.99 44.76 39.46
CA THR A 887 27.96 45.30 40.34
C THR A 887 26.64 45.45 39.61
N PHE A 888 26.70 45.78 38.34
CA PHE A 888 25.50 46.00 37.54
C PHE A 888 24.75 44.70 37.29
N GLY A 889 25.42 43.57 37.52
CA GLY A 889 24.83 42.27 37.32
C GLY A 889 24.14 41.79 38.59
N ALA A 890 24.24 42.56 39.67
CA ALA A 890 23.64 42.20 40.95
C ALA A 890 22.58 43.21 41.34
N GLY A 891 22.91 44.50 41.23
CA GLY A 891 21.99 45.55 41.59
C GLY A 891 22.16 46.72 40.62
N PRO A 892 22.37 47.94 41.13
CA PRO A 892 22.65 49.14 40.38
C PRO A 892 24.08 49.10 39.87
N ALA A 893 24.37 49.82 38.80
CA ALA A 893 25.73 49.89 38.30
C ALA A 893 26.54 50.88 39.10
N LEU A 894 27.54 50.37 39.82
CA LEU A 894 28.38 51.17 40.68
C LEU A 894 29.72 51.43 40.00
N GLN A 895 30.00 52.68 39.67
CA GLN A 895 31.23 52.96 38.94
C GLN A 895 32.45 52.63 39.77
N ILE A 896 33.50 52.19 39.09
CA ILE A 896 34.78 51.89 39.71
C ILE A 896 35.87 52.07 38.64
N PRO A 897 37.02 52.67 38.98
CA PRO A 897 38.17 52.80 38.11
C PRO A 897 38.56 51.43 37.61
N PHE A 898 38.85 51.31 36.32
CA PHE A 898 39.12 49.97 35.79
C PHE A 898 40.28 49.27 36.49
N PRO A 899 41.44 49.92 36.73
CA PRO A 899 42.58 49.36 37.42
C PRO A 899 42.19 48.83 38.79
N MET A 900 41.26 49.50 39.45
CA MET A 900 40.80 49.08 40.76
C MET A 900 39.92 47.85 40.64
N GLN A 901 39.12 47.82 39.59
CA GLN A 901 38.29 46.66 39.29
C GLN A 901 39.16 45.44 39.05
N MET A 902 40.24 45.64 38.30
CA MET A 902 41.14 44.55 38.01
C MET A 902 41.84 44.07 39.27
N ALA A 903 42.14 45.01 40.16
CA ALA A 903 42.75 44.68 41.44
C ALA A 903 41.85 43.75 42.24
N TYR A 904 40.54 43.98 42.18
CA TYR A 904 39.60 43.14 42.89
C TYR A 904 39.59 41.75 42.28
N ARG A 905 39.73 41.70 40.96
CA ARG A 905 39.75 40.44 40.25
C ARG A 905 41.03 39.66 40.51
N PHE A 906 42.11 40.38 40.78
CA PHE A 906 43.35 39.72 41.20
C PHE A 906 43.17 39.11 42.58
N ASN A 907 42.52 39.83 43.48
CA ASN A 907 42.24 39.30 44.80
C ASN A 907 41.40 38.04 44.70
N GLY A 908 40.50 38.02 43.73
CA GLY A 908 39.59 36.91 43.50
C GLY A 908 40.29 35.63 43.03
N ILE A 909 41.56 35.74 42.65
CA ILE A 909 42.31 34.57 42.22
C ILE A 909 43.46 34.26 43.16
N GLY A 910 43.45 34.88 44.34
CA GLY A 910 44.47 34.62 45.33
C GLY A 910 45.77 35.39 45.07
N VAL A 911 45.66 36.54 44.41
CA VAL A 911 46.81 37.39 44.14
C VAL A 911 46.57 38.75 44.74
N THR A 912 47.51 39.22 45.56
CA THR A 912 47.28 40.48 46.28
C THR A 912 47.20 41.66 45.32
N GLN A 913 46.42 42.66 45.72
CA GLN A 913 46.09 43.80 44.86
C GLN A 913 47.29 44.63 44.48
N ASN A 914 48.34 44.60 45.28
CA ASN A 914 49.52 45.40 44.99
C ASN A 914 50.24 44.86 43.76
N VAL A 915 49.99 43.60 43.43
CA VAL A 915 50.60 43.00 42.25
C VAL A 915 50.04 43.66 41.01
N LEU A 916 48.74 43.92 41.02
CA LEU A 916 48.07 44.59 39.91
C LEU A 916 48.60 46.00 39.75
N TYR A 917 48.69 46.72 40.86
CA TYR A 917 49.07 48.13 40.78
C TYR A 917 50.55 48.30 40.45
N GLU A 918 51.40 47.49 41.05
CA GLU A 918 52.84 47.58 40.82
C GLU A 918 53.17 47.23 39.38
N ASN A 919 52.42 46.30 38.81
CA ASN A 919 52.66 45.87 37.44
C ASN A 919 51.56 46.36 36.50
N GLN A 920 50.85 47.41 36.90
CA GLN A 920 49.71 47.87 36.11
C GLN A 920 50.05 48.11 34.64
N LYS A 921 51.20 48.73 34.39
CA LYS A 921 51.58 49.02 33.01
C LYS A 921 51.82 47.72 32.23
N LEU A 922 52.53 46.79 32.85
CA LEU A 922 52.81 45.50 32.23
C LEU A 922 51.52 44.74 31.94
N ILE A 923 50.62 44.73 32.90
CA ILE A 923 49.38 43.99 32.79
C ILE A 923 48.51 44.56 31.68
N ALA A 924 48.42 45.89 31.62
CA ALA A 924 47.67 46.53 30.56
C ALA A 924 48.26 46.19 29.19
N ASN A 925 49.59 46.14 29.12
CA ASN A 925 50.26 45.82 27.86
C ASN A 925 50.04 44.37 27.45
N GLN A 926 50.09 43.47 28.43
CA GLN A 926 49.85 42.06 28.15
C GLN A 926 48.42 41.84 27.68
N PHE A 927 47.50 42.56 28.31
CA PHE A 927 46.10 42.50 27.93
C PHE A 927 45.89 43.02 26.51
N ASN A 928 46.42 44.20 26.24
CA ASN A 928 46.23 44.83 24.94
C ASN A 928 46.80 43.98 23.82
N SER A 929 47.94 43.34 24.09
CA SER A 929 48.56 42.47 23.12
C SER A 929 47.70 41.24 22.87
N ALA A 930 47.20 40.64 23.94
CA ALA A 930 46.38 39.44 23.84
C ALA A 930 45.12 39.70 23.01
N ILE A 931 44.51 40.87 23.18
CA ILE A 931 43.32 41.20 22.41
C ILE A 931 43.67 41.33 20.93
N GLY A 932 44.78 41.97 20.64
CA GLY A 932 45.23 42.10 19.26
C GLY A 932 45.44 40.73 18.63
N LYS A 933 45.96 39.79 19.41
CA LYS A 933 46.18 38.44 18.94
C LYS A 933 44.88 37.75 18.59
N ILE A 934 43.81 38.04 19.33
CA ILE A 934 42.52 37.44 19.07
C ILE A 934 42.02 37.79 17.68
N GLN A 935 42.11 39.07 17.33
CA GLN A 935 41.64 39.50 16.03
C GLN A 935 42.44 38.86 14.91
N ASP A 936 43.75 38.75 15.08
CA ASP A 936 44.61 38.14 14.08
C ASP A 936 44.39 36.64 13.98
N SER A 937 44.19 36.00 15.12
CA SER A 937 43.98 34.56 15.16
C SER A 937 42.71 34.18 14.43
N LEU A 938 41.64 34.94 14.67
CA LEU A 938 40.37 34.68 14.02
C LEU A 938 40.47 34.93 12.52
N SER A 939 41.12 36.03 12.14
CA SER A 939 41.25 36.41 10.74
C SER A 939 41.98 35.35 9.94
N SER A 940 43.03 34.79 10.54
CA SER A 940 43.90 33.83 9.86
C SER A 940 43.45 32.38 10.06
N THR A 941 42.34 32.17 10.75
CA THR A 941 41.87 30.81 11.04
C THR A 941 40.40 30.63 10.66
N PRO A 942 40.10 30.32 9.39
CA PRO A 942 38.77 30.16 8.83
C PRO A 942 37.93 29.13 9.58
N SER A 943 38.60 28.18 10.23
CA SER A 943 37.93 27.11 10.95
C SER A 943 37.54 27.52 12.37
N ALA A 944 37.94 28.72 12.78
CA ALA A 944 37.74 29.18 14.14
C ALA A 944 36.28 29.18 14.52
N LEU A 945 35.42 29.51 13.57
CA LEU A 945 33.99 29.58 13.84
C LEU A 945 33.25 28.37 13.30
N GLY A 946 33.97 27.25 13.18
CA GLY A 946 33.38 26.02 12.69
C GLY A 946 32.15 25.61 13.49
N LYS A 947 32.16 25.90 14.79
CA LYS A 947 31.02 25.55 15.63
C LYS A 947 29.73 26.25 15.20
N LEU A 948 29.85 27.46 14.66
CA LEU A 948 28.66 28.16 14.22
C LEU A 948 28.31 27.78 12.79
N GLN A 949 29.35 27.54 11.99
CA GLN A 949 29.15 27.16 10.60
C GLN A 949 28.53 25.77 10.49
N ASP A 950 28.88 24.88 11.42
CA ASP A 950 28.33 23.55 11.44
C ASP A 950 26.82 23.57 11.63
N VAL A 951 26.34 24.50 12.44
CA VAL A 951 24.91 24.60 12.68
C VAL A 951 24.21 25.04 11.41
N VAL A 952 24.79 26.02 10.73
CA VAL A 952 24.24 26.51 9.48
C VAL A 952 24.24 25.41 8.42
N ASN A 953 25.33 24.65 8.35
CA ASN A 953 25.46 23.60 7.36
C ASN A 953 24.48 22.46 7.59
N GLN A 954 24.27 22.10 8.85
CA GLN A 954 23.35 21.01 9.18
C GLN A 954 21.93 21.34 8.82
N ASN A 955 21.53 22.58 9.04
CA ASN A 955 20.16 22.99 8.75
C ASN A 955 19.96 23.19 7.26
N ALA A 956 20.97 23.76 6.59
CA ALA A 956 20.88 23.94 5.15
C ALA A 956 20.82 22.59 4.46
N GLN A 957 21.58 21.64 4.97
CA GLN A 957 21.59 20.29 4.42
C GLN A 957 20.26 19.62 4.61
N ALA A 958 19.66 19.79 5.79
CA ALA A 958 18.37 19.19 6.08
C ALA A 958 17.28 19.73 5.15
N LEU A 959 17.32 21.03 4.89
CA LEU A 959 16.35 21.63 4.00
C LEU A 959 16.55 21.17 2.57
N ASN A 960 17.80 21.05 2.14
CA ASN A 960 18.09 20.62 0.79
C ASN A 960 17.63 19.19 0.59
N THR A 961 17.80 18.37 1.61
CA THR A 961 17.36 16.99 1.56
C THR A 961 15.84 16.92 1.47
N LEU A 962 15.17 17.75 2.26
CA LEU A 962 13.72 17.78 2.27
C LEU A 962 13.18 18.16 0.89
N VAL A 963 13.81 19.14 0.26
CA VAL A 963 13.39 19.57 -1.07
C VAL A 963 13.64 18.48 -2.11
N LYS A 964 14.80 17.85 -2.05
CA LYS A 964 15.14 16.79 -3.00
C LYS A 964 14.16 15.64 -2.96
N GLN A 965 13.60 15.36 -1.78
CA GLN A 965 12.66 14.26 -1.64
C GLN A 965 11.40 14.45 -2.48
N LEU A 966 11.14 15.68 -2.90
CA LEU A 966 9.96 15.95 -3.72
C LEU A 966 10.14 15.41 -5.14
N SER A 967 11.37 15.03 -5.47
CA SER A 967 11.67 14.48 -6.79
C SER A 967 11.58 12.97 -6.80
N SER A 968 11.28 12.37 -5.65
CA SER A 968 11.16 10.92 -5.55
C SER A 968 9.76 10.46 -5.91
N ASN A 969 9.69 9.31 -6.57
CA ASN A 969 8.41 8.75 -6.99
C ASN A 969 7.72 8.02 -5.86
N PHE A 970 8.49 7.37 -4.99
CA PHE A 970 7.94 6.58 -3.91
C PHE A 970 7.00 5.49 -4.43
N GLY A 971 7.26 5.02 -5.65
CA GLY A 971 6.46 3.96 -6.26
C GLY A 971 5.44 4.52 -7.24
N ALA A 972 5.25 5.83 -7.24
CA ALA A 972 4.31 6.46 -8.16
C ALA A 972 4.88 6.51 -9.57
N ILE A 973 4.00 6.68 -10.55
CA ILE A 973 4.42 6.81 -11.93
C ILE A 973 5.24 8.08 -12.17
N SER A 974 5.06 9.06 -11.30
CA SER A 974 5.77 10.32 -11.42
C SER A 974 5.86 11.04 -10.08
N SER A 975 6.98 11.71 -9.85
CA SER A 975 7.16 12.54 -8.67
C SER A 975 6.41 13.85 -8.81
N VAL A 976 5.97 14.14 -10.03
CA VAL A 976 5.27 15.38 -10.31
C VAL A 976 3.77 15.19 -10.19
N LEU A 977 3.18 15.89 -9.24
CA LEU A 977 1.78 15.74 -8.91
C LEU A 977 0.90 16.16 -10.09
N ASN A 978 1.34 17.20 -10.80
CA ASN A 978 0.57 17.72 -11.92
C ASN A 978 0.55 16.74 -13.09
N ASP A 979 1.60 15.94 -13.23
CA ASP A 979 1.65 14.97 -14.33
C ASP A 979 0.66 13.85 -14.08
N ILE A 980 0.55 13.44 -12.82
CA ILE A 980 -0.40 12.41 -12.46
C ILE A 980 -1.82 12.88 -12.71
N LEU A 981 -2.11 14.11 -12.31
CA LEU A 981 -3.44 14.66 -12.45
C LEU A 981 -3.83 14.92 -13.91
N SER A 982 -2.84 15.27 -14.74
CA SER A 982 -3.13 15.54 -16.14
C SER A 982 -3.36 14.25 -16.94
N ARG A 983 -2.80 13.14 -16.47
CA ARG A 983 -2.93 11.88 -17.18
C ARG A 983 -4.09 11.01 -16.70
N LEU A 984 -4.25 10.91 -15.38
CA LEU A 984 -5.20 9.96 -14.82
C LEU A 984 -6.48 10.60 -14.28
N ASP A 985 -7.55 9.82 -14.28
CA ASP A 985 -8.79 10.19 -13.60
C ASP A 985 -8.67 9.77 -12.13
N PRO A 986 -9.43 10.38 -11.22
CA PRO A 986 -9.40 10.17 -9.78
C PRO A 986 -9.28 8.69 -9.34
N PRO A 987 -10.04 7.74 -9.88
CA PRO A 987 -10.03 6.34 -9.49
C PRO A 987 -8.62 5.75 -9.54
N GLU A 988 -7.79 6.27 -10.44
CA GLU A 988 -6.41 5.79 -10.58
C GLU A 988 -5.41 6.84 -10.08
N ALA A 989 -5.77 8.11 -10.22
CA ALA A 989 -4.90 9.20 -9.83
C ALA A 989 -4.68 9.17 -8.34
N GLU A 990 -5.73 8.84 -7.60
CA GLU A 990 -5.67 8.82 -6.15
C GLU A 990 -4.68 7.78 -5.65
N VAL A 991 -4.54 6.68 -6.38
CA VAL A 991 -3.60 5.64 -6.00
C VAL A 991 -2.17 6.16 -6.13
N GLN A 992 -1.90 6.83 -7.24
CA GLN A 992 -0.57 7.38 -7.50
C GLN A 992 -0.26 8.52 -6.54
N ILE A 993 -1.28 9.32 -6.22
CA ILE A 993 -1.11 10.44 -5.32
C ILE A 993 -0.89 9.94 -3.91
N ASP A 994 -1.63 8.91 -3.51
CA ASP A 994 -1.49 8.33 -2.18
C ASP A 994 -0.05 7.90 -1.93
N ARG A 995 0.59 7.38 -2.98
CA ARG A 995 1.99 6.96 -2.85
C ARG A 995 2.90 8.17 -2.62
N LEU A 996 2.61 9.28 -3.29
CA LEU A 996 3.41 10.49 -3.09
C LEU A 996 3.16 11.10 -1.73
N ILE A 997 1.91 11.06 -1.27
CA ILE A 997 1.59 11.61 0.04
C ILE A 997 2.30 10.84 1.13
N THR A 998 2.27 9.52 1.05
CA THR A 998 2.92 8.71 2.06
C THR A 998 4.40 9.03 2.13
N GLY A 999 5.04 9.08 0.96
CA GLY A 999 6.47 9.34 0.89
C GLY A 999 6.84 10.74 1.34
N ARG A 1000 6.06 11.73 0.91
CA ARG A 1000 6.36 13.11 1.24
C ARG A 1000 6.03 13.43 2.68
N LEU A 1001 4.98 12.81 3.20
CA LEU A 1001 4.62 12.98 4.59
C LEU A 1001 5.70 12.38 5.46
N GLN A 1002 6.18 11.19 5.08
CA GLN A 1002 7.25 10.53 5.80
C GLN A 1002 8.54 11.35 5.76
N SER A 1003 8.82 11.96 4.61
CA SER A 1003 10.02 12.79 4.46
C SER A 1003 9.94 14.00 5.35
N LEU A 1004 8.76 14.60 5.45
CA LEU A 1004 8.57 15.77 6.28
C LEU A 1004 8.63 15.41 7.77
N GLN A 1005 8.09 14.25 8.14
CA GLN A 1005 8.18 13.80 9.52
C GLN A 1005 9.62 13.57 9.91
N THR A 1006 10.41 13.03 9.00
CA THR A 1006 11.82 12.80 9.26
C THR A 1006 12.52 14.12 9.52
N TYR A 1007 12.24 15.09 8.67
CA TYR A 1007 12.83 16.42 8.81
C TYR A 1007 12.49 17.05 10.16
N VAL A 1008 11.21 17.05 10.51
CA VAL A 1008 10.78 17.68 11.74
C VAL A 1008 11.39 17.01 12.97
N THR A 1009 11.43 15.68 12.96
CA THR A 1009 12.01 14.96 14.09
C THR A 1009 13.47 15.34 14.28
N GLN A 1010 14.21 15.42 13.19
CA GLN A 1010 15.62 15.78 13.25
C GLN A 1010 15.81 17.21 13.74
N GLN A 1011 14.89 18.09 13.35
CA GLN A 1011 14.96 19.49 13.78
C GLN A 1011 14.68 19.62 15.26
N LEU A 1012 13.79 18.79 15.78
CA LEU A 1012 13.47 18.82 17.21
C LEU A 1012 14.65 18.33 18.03
N ILE A 1013 15.31 17.28 17.57
CA ILE A 1013 16.48 16.75 18.24
C ILE A 1013 17.61 17.75 18.18
N ARG A 1014 17.82 18.34 17.00
CA ARG A 1014 18.85 19.34 16.80
C ARG A 1014 18.55 20.59 17.60
N ALA A 1015 17.27 20.96 17.69
CA ALA A 1015 16.87 22.13 18.45
C ALA A 1015 17.23 21.94 19.92
N ALA A 1016 17.07 20.73 20.42
CA ALA A 1016 17.39 20.44 21.81
C ALA A 1016 18.87 20.67 22.07
N GLU A 1017 19.71 20.30 21.10
CA GLU A 1017 21.15 20.52 21.24
C GLU A 1017 21.48 22.00 21.27
N ILE A 1018 20.82 22.76 20.40
CA ILE A 1018 21.02 24.20 20.35
C ILE A 1018 20.55 24.84 21.64
N ARG A 1019 19.42 24.37 22.17
CA ARG A 1019 18.90 24.89 23.42
C ARG A 1019 19.89 24.68 24.55
N ALA A 1020 20.47 23.49 24.61
CA ALA A 1020 21.46 23.18 25.64
C ALA A 1020 22.67 24.10 25.52
N SER A 1021 23.09 24.36 24.29
CA SER A 1021 24.22 25.26 24.04
C SER A 1021 23.87 26.67 24.46
N ALA A 1022 22.66 27.11 24.13
CA ALA A 1022 22.19 28.43 24.50
C ALA A 1022 22.12 28.58 26.02
N ASN A 1023 21.72 27.52 26.70
CA ASN A 1023 21.66 27.55 28.16
C ASN A 1023 23.04 27.67 28.75
N LEU A 1024 24.00 27.00 28.13
CA LEU A 1024 25.39 27.08 28.56
C LEU A 1024 25.92 28.48 28.30
N ALA A 1025 25.58 29.02 27.14
CA ALA A 1025 25.99 30.37 26.77
C ALA A 1025 25.40 31.40 27.71
N ALA A 1026 24.17 31.16 28.14
CA ALA A 1026 23.51 32.06 29.09
C ALA A 1026 24.18 31.98 30.44
N THR A 1027 24.55 30.78 30.85
CA THR A 1027 25.23 30.58 32.12
C THR A 1027 26.57 31.29 32.11
N LYS A 1028 27.25 31.23 30.97
CA LYS A 1028 28.56 31.87 30.79
C LYS A 1028 28.43 33.36 30.56
N MET A 1029 27.21 33.88 30.54
CA MET A 1029 27.00 35.30 30.47
C MET A 1029 26.83 35.83 31.89
N SER A 1030 26.01 35.13 32.67
CA SER A 1030 25.81 35.49 34.06
C SER A 1030 27.10 35.29 34.84
N GLU A 1031 27.66 34.11 34.69
CA GLU A 1031 28.99 33.83 35.19
C GLU A 1031 29.95 34.26 34.09
N CYS A 1032 31.23 34.42 34.42
CA CYS A 1032 32.27 34.83 33.47
C CYS A 1032 32.17 36.31 33.13
N VAL A 1033 31.04 36.73 32.57
CA VAL A 1033 30.89 38.13 32.15
C VAL A 1033 30.32 39.03 33.24
N LEU A 1034 29.21 38.62 33.84
CA LEU A 1034 28.57 39.44 34.88
C LEU A 1034 29.10 39.10 36.26
N GLY A 1035 30.21 38.38 36.31
CA GLY A 1035 30.87 38.06 37.57
C GLY A 1035 32.13 37.26 37.34
N GLN A 1036 32.93 37.13 38.38
CA GLN A 1036 34.15 36.34 38.31
C GLN A 1036 33.88 34.92 38.73
N SER A 1037 34.37 33.96 37.97
CA SER A 1037 34.08 32.56 38.27
C SER A 1037 35.21 31.87 39.00
N LYS A 1038 34.85 30.96 39.90
CA LYS A 1038 35.81 30.13 40.61
C LYS A 1038 35.90 28.75 39.96
N ARG A 1039 35.07 28.53 38.95
CA ARG A 1039 34.96 27.22 38.32
C ARG A 1039 36.07 27.00 37.29
N VAL A 1040 36.78 25.91 37.44
CA VAL A 1040 37.92 25.60 36.59
C VAL A 1040 37.50 25.29 35.16
N ASP A 1041 38.19 25.93 34.22
CA ASP A 1041 37.96 25.74 32.79
C ASP A 1041 36.56 26.15 32.37
N PHE A 1042 35.80 26.79 33.25
CA PHE A 1042 34.48 27.24 32.88
C PHE A 1042 34.54 28.52 32.07
N CYS A 1043 35.43 29.44 32.47
CA CYS A 1043 35.60 30.73 31.83
C CYS A 1043 37.00 30.83 31.25
N GLY A 1044 37.42 29.79 30.54
CA GLY A 1044 38.74 29.77 29.93
C GLY A 1044 39.74 28.99 30.78
N LYS A 1045 40.90 28.72 30.18
CA LYS A 1045 41.98 27.96 30.86
C LYS A 1045 42.86 28.94 31.61
N GLY A 1046 43.07 28.69 32.90
CA GLY A 1046 43.82 29.60 33.75
C GLY A 1046 42.91 30.14 34.84
N TYR A 1047 43.38 31.13 35.58
CA TYR A 1047 42.58 31.69 36.65
C TYR A 1047 41.73 32.83 36.12
N HIS A 1048 40.43 32.63 36.08
CA HIS A 1048 39.55 33.61 35.45
C HIS A 1048 39.61 34.96 36.13
N LEU A 1049 39.77 36.01 35.33
CA LEU A 1049 39.70 37.37 35.81
C LEU A 1049 38.39 38.00 35.38
N MET A 1050 38.13 37.96 34.07
CA MET A 1050 36.92 38.55 33.51
C MET A 1050 36.69 38.05 32.10
N SER A 1051 35.50 38.32 31.56
CA SER A 1051 35.16 37.92 30.21
C SER A 1051 34.42 39.02 29.48
N PHE A 1052 34.62 39.06 28.16
CA PHE A 1052 33.91 40.01 27.32
C PHE A 1052 33.16 39.28 26.20
N PRO A 1053 31.84 39.42 26.14
CA PRO A 1053 30.98 38.84 25.13
C PRO A 1053 31.14 39.58 23.81
N GLN A 1054 30.96 38.87 22.71
CA GLN A 1054 30.92 39.45 21.38
C GLN A 1054 29.76 38.83 20.60
N SER A 1055 29.07 39.65 19.82
CA SER A 1055 27.99 39.14 18.98
C SER A 1055 28.53 38.34 17.81
N ALA A 1056 27.80 37.31 17.43
CA ALA A 1056 28.17 36.48 16.29
C ALA A 1056 26.92 35.93 15.63
N PRO A 1057 26.99 35.54 14.34
CA PRO A 1057 25.92 34.90 13.59
C PRO A 1057 25.37 33.68 14.31
N HIS A 1058 24.12 33.79 14.76
CA HIS A 1058 23.43 32.71 15.44
C HIS A 1058 24.20 32.17 16.64
N GLY A 1059 24.97 33.02 17.29
CA GLY A 1059 25.75 32.55 18.43
C GLY A 1059 26.48 33.66 19.15
N VAL A 1060 27.25 33.28 20.15
CA VAL A 1060 27.98 34.25 20.97
C VAL A 1060 29.43 33.83 21.08
N VAL A 1061 30.31 34.81 21.11
CA VAL A 1061 31.71 34.55 21.31
C VAL A 1061 32.20 35.21 22.59
N PHE A 1062 32.83 34.44 23.44
CA PHE A 1062 33.34 34.97 24.69
C PHE A 1062 34.86 35.08 24.67
N LEU A 1063 35.36 36.26 24.98
CA LEU A 1063 36.79 36.44 25.16
C LEU A 1063 37.12 36.38 26.63
N HIS A 1064 37.75 35.29 27.03
CA HIS A 1064 38.02 35.06 28.44
C HIS A 1064 39.39 35.53 28.82
N VAL A 1065 39.47 36.39 29.80
CA VAL A 1065 40.75 36.92 30.26
C VAL A 1065 41.16 36.18 31.50
N THR A 1066 42.28 35.47 31.42
CA THR A 1066 42.74 34.66 32.53
C THR A 1066 44.14 35.02 32.97
N TYR A 1067 44.39 34.79 34.24
CA TYR A 1067 45.71 34.95 34.82
C TYR A 1067 46.45 33.62 34.74
N VAL A 1068 47.59 33.63 34.07
CA VAL A 1068 48.36 32.41 33.91
C VAL A 1068 49.74 32.56 34.52
N PRO A 1069 50.03 31.79 35.57
CA PRO A 1069 51.31 31.77 36.26
C PRO A 1069 52.44 31.49 35.30
N ALA A 1070 53.57 32.14 35.51
CA ALA A 1070 54.72 31.97 34.62
C ALA A 1070 56.03 32.09 35.36
N GLN A 1071 57.08 31.51 34.79
CA GLN A 1071 58.43 31.65 35.32
C GLN A 1071 58.53 31.25 36.78
N GLU A 1072 58.08 30.05 37.11
CA GLU A 1072 58.19 29.55 38.47
C GLU A 1072 59.61 29.12 38.78
N LYS A 1073 59.95 29.13 40.06
CA LYS A 1073 61.26 28.61 40.47
C LYS A 1073 61.12 27.73 41.72
N ASN A 1074 62.13 26.89 41.95
CA ASN A 1074 62.16 25.95 43.07
C ASN A 1074 62.46 26.64 44.38
N PHE A 1075 61.69 26.31 45.43
CA PHE A 1075 61.97 26.73 46.80
C PHE A 1075 61.86 25.54 47.75
N THR A 1076 62.58 25.61 48.86
CA THR A 1076 62.39 24.64 49.92
C THR A 1076 61.25 25.13 50.81
N THR A 1077 60.36 24.24 51.19
CA THR A 1077 59.21 24.68 51.98
C THR A 1077 59.08 23.94 53.29
N ALA A 1078 58.21 24.45 54.15
CA ALA A 1078 57.92 23.83 55.43
C ALA A 1078 56.48 24.13 55.83
N PRO A 1079 55.79 23.18 56.47
CA PRO A 1079 54.43 23.27 56.95
C PRO A 1079 54.28 24.25 58.10
N ALA A 1080 55.38 24.49 58.82
CA ALA A 1080 55.35 25.37 59.98
C ALA A 1080 56.74 25.81 60.36
N ILE A 1081 56.81 26.90 61.11
CA ILE A 1081 58.06 27.38 61.70
C ILE A 1081 58.03 27.18 63.21
N CYS A 1082 59.10 26.64 63.75
CA CYS A 1082 59.25 26.46 65.20
C CYS A 1082 59.99 27.64 65.81
N HIS A 1083 59.35 28.31 66.75
CA HIS A 1083 59.93 29.47 67.40
C HIS A 1083 59.38 29.62 68.81
N ASP A 1084 60.28 29.78 69.77
CA ASP A 1084 59.92 29.86 71.19
C ASP A 1084 59.15 28.63 71.64
N GLY A 1085 59.43 27.50 70.99
CA GLY A 1085 58.81 26.22 71.35
C GLY A 1085 57.39 26.08 70.82
N LYS A 1086 56.95 27.05 70.02
CA LYS A 1086 55.59 27.03 69.50
C LYS A 1086 55.58 26.85 67.98
N ALA A 1087 54.50 26.26 67.45
CA ALA A 1087 54.38 26.05 66.01
C ALA A 1087 53.64 27.20 65.34
N HIS A 1088 54.32 27.87 64.42
CA HIS A 1088 53.77 28.99 63.69
C HIS A 1088 53.38 28.59 62.27
N PHE A 1089 52.16 28.93 61.89
CA PHE A 1089 51.64 28.64 60.56
C PHE A 1089 51.38 29.96 59.84
N PRO A 1090 51.51 30.01 58.52
CA PRO A 1090 51.28 31.17 57.70
C PRO A 1090 49.80 31.48 57.66
N ARG A 1091 49.44 32.76 57.75
CA ARG A 1091 48.04 33.15 57.72
C ARG A 1091 47.43 33.09 56.33
N GLU A 1092 48.23 33.44 55.32
CA GLU A 1092 47.72 33.49 53.96
C GLU A 1092 48.58 32.71 52.98
N GLY A 1093 49.89 32.76 53.17
CA GLY A 1093 50.81 32.23 52.18
C GLY A 1093 51.47 30.92 52.61
N VAL A 1094 52.68 30.71 52.13
CA VAL A 1094 53.45 29.51 52.39
C VAL A 1094 54.88 29.86 52.79
N PHE A 1095 55.44 29.09 53.72
CA PHE A 1095 56.82 29.31 54.13
C PHE A 1095 57.78 28.73 53.13
N VAL A 1096 58.70 29.56 52.65
CA VAL A 1096 59.68 29.13 51.66
C VAL A 1096 61.10 29.57 52.01
N SER A 1097 62.06 28.81 51.57
CA SER A 1097 63.47 29.12 51.78
C SER A 1097 64.20 29.28 50.45
N ASN A 1098 64.99 30.36 50.34
CA ASN A 1098 65.78 30.63 49.16
C ASN A 1098 67.18 30.00 49.23
N GLY A 1099 67.40 29.19 50.28
CA GLY A 1099 68.65 28.47 50.50
C GLY A 1099 69.34 28.92 51.78
N THR A 1100 69.06 30.14 52.23
CA THR A 1100 69.66 30.63 53.46
C THR A 1100 68.64 31.22 54.42
N HIS A 1101 67.59 31.84 53.87
CA HIS A 1101 66.60 32.51 54.70
C HIS A 1101 65.18 32.06 54.41
N TRP A 1102 64.38 32.01 55.47
CA TRP A 1102 62.97 31.66 55.36
C TRP A 1102 62.09 32.90 55.25
N PHE A 1103 61.15 32.83 54.32
CA PHE A 1103 60.20 33.91 54.06
C PHE A 1103 58.80 33.34 53.97
N VAL A 1104 57.81 34.20 54.10
CA VAL A 1104 56.44 33.79 53.83
C VAL A 1104 55.94 34.53 52.59
N THR A 1105 55.36 33.80 51.67
CA THR A 1105 54.93 34.39 50.41
C THR A 1105 53.56 33.93 49.99
N GLN A 1106 52.84 34.76 49.25
CA GLN A 1106 51.58 34.36 48.68
C GLN A 1106 51.80 33.24 47.67
N ARG A 1107 50.87 32.30 47.66
CA ARG A 1107 51.04 31.04 46.95
C ARG A 1107 51.06 31.17 45.42
N ASN A 1108 50.41 32.20 44.90
CA ASN A 1108 50.26 32.34 43.45
C ASN A 1108 51.23 33.33 42.84
N PHE A 1109 52.12 33.88 43.65
CA PHE A 1109 53.05 34.90 43.15
C PHE A 1109 54.17 35.14 44.13
N TYR A 1110 55.40 34.87 43.70
CA TYR A 1110 56.53 34.96 44.62
C TYR A 1110 56.75 36.37 45.09
N GLU A 1111 56.67 36.55 46.40
CA GLU A 1111 56.82 37.83 47.04
C GLU A 1111 57.25 37.63 48.48
N PRO A 1112 58.53 37.36 48.71
CA PRO A 1112 59.13 36.86 49.93
C PRO A 1112 59.15 37.90 51.04
N GLN A 1113 58.21 37.78 51.97
CA GLN A 1113 58.14 38.70 53.09
C GLN A 1113 58.83 38.12 54.31
N ILE A 1114 59.27 38.99 55.20
CA ILE A 1114 59.84 38.55 56.46
C ILE A 1114 58.77 37.87 57.29
N ILE A 1115 59.11 36.74 57.91
CA ILE A 1115 58.16 36.03 58.73
C ILE A 1115 58.01 36.74 60.06
N THR A 1116 56.78 37.17 60.35
CA THR A 1116 56.51 37.95 61.55
C THR A 1116 55.27 37.41 62.24
N THR A 1117 55.01 37.89 63.44
CA THR A 1117 53.83 37.47 64.18
C THR A 1117 52.55 38.04 63.55
N ASP A 1118 52.71 38.99 62.64
CA ASP A 1118 51.56 39.62 62.00
C ASP A 1118 51.13 38.90 60.72
N ASN A 1119 51.88 37.89 60.30
CA ASN A 1119 51.53 37.15 59.10
C ASN A 1119 51.54 35.65 59.35
N THR A 1120 51.61 35.29 60.63
CA THR A 1120 51.52 33.90 61.06
C THR A 1120 50.55 33.78 62.22
N PHE A 1121 50.20 32.56 62.57
CA PHE A 1121 49.41 32.30 63.75
C PHE A 1121 49.95 31.07 64.46
N VAL A 1122 49.66 30.95 65.75
CA VAL A 1122 50.23 29.87 66.53
C VAL A 1122 49.21 28.86 66.97
N SER A 1123 49.56 27.59 66.81
CA SER A 1123 48.71 26.51 67.30
C SER A 1123 49.52 25.27 67.63
N GLY A 1124 49.58 24.95 68.92
CA GLY A 1124 50.31 23.76 69.38
C GLY A 1124 51.79 24.04 69.50
N ASN A 1125 52.54 23.03 69.96
CA ASN A 1125 53.97 23.12 70.12
C ASN A 1125 54.70 22.51 68.90
N CYS A 1126 56.04 22.51 68.94
CA CYS A 1126 56.87 22.10 67.82
C CYS A 1126 57.03 20.58 67.69
N ASP A 1127 56.42 19.83 68.61
CA ASP A 1127 56.61 18.39 68.63
C ASP A 1127 55.47 17.64 67.94
N VAL A 1128 54.61 18.37 67.25
CA VAL A 1128 53.46 17.77 66.60
C VAL A 1128 53.58 17.77 65.07
N VAL A 1129 54.01 18.89 64.50
CA VAL A 1129 54.02 19.04 63.04
C VAL A 1129 55.20 18.34 62.40
N ILE A 1130 54.89 17.49 61.41
CA ILE A 1130 55.92 16.75 60.70
C ILE A 1130 56.59 17.64 59.66
N GLY A 1131 57.90 17.78 59.76
CA GLY A 1131 58.65 18.59 58.81
C GLY A 1131 58.80 20.04 59.26
N ILE A 1132 58.42 20.32 60.51
CA ILE A 1132 58.56 21.67 61.05
C ILE A 1132 60.04 22.06 61.12
N VAL A 1133 60.35 23.31 60.76
CA VAL A 1133 61.74 23.76 60.76
C VAL A 1133 61.94 24.90 61.76
N ASN A 1134 63.17 25.00 62.28
CA ASN A 1134 63.54 26.04 63.24
C ASN A 1134 63.91 27.34 62.53
N ASN A 1135 63.23 28.43 62.88
CA ASN A 1135 63.52 29.76 62.35
C ASN A 1135 63.11 30.82 63.36
N THR A 1136 63.32 32.08 63.01
CA THR A 1136 62.96 33.17 63.90
C THR A 1136 61.72 33.90 63.38
N VAL A 1137 60.74 34.07 64.26
CA VAL A 1137 59.56 34.83 63.90
C VAL A 1137 59.64 36.22 64.51
N TYR A 1138 59.71 37.22 63.65
CA TYR A 1138 59.94 38.60 64.08
C TYR A 1138 58.71 39.23 64.71
N ASP A 1139 58.93 39.91 65.83
CA ASP A 1139 57.88 40.63 66.52
C ASP A 1139 58.11 42.13 66.40
N PRO A 1140 57.31 42.84 65.60
CA PRO A 1140 57.38 44.27 65.30
C PRO A 1140 57.38 45.16 66.55
N LEU A 1141 56.93 44.62 67.68
CA LEU A 1141 56.88 45.38 68.92
C LEU A 1141 58.21 45.36 69.67
N GLN A 1142 59.00 44.30 69.45
CA GLN A 1142 60.21 44.10 70.22
C GLN A 1142 61.23 45.25 70.13
N PRO A 1143 61.42 45.88 68.95
CA PRO A 1143 62.33 47.00 68.72
C PRO A 1143 61.98 48.21 69.57
N GLU A 1144 60.74 48.27 70.05
CA GLU A 1144 60.31 49.38 70.90
C GLU A 1144 60.32 49.00 72.37
N LEU A 1145 59.93 47.75 72.67
CA LEU A 1145 59.90 47.22 74.03
C LEU A 1145 60.82 46.01 74.15
N ILE B 1 -58.55 -27.07 -2.59
CA ILE B 1 -59.03 -25.90 -3.32
C ILE B 1 -59.91 -26.34 -4.50
N VAL B 2 -60.85 -25.47 -4.88
CA VAL B 2 -61.69 -25.67 -6.06
C VAL B 2 -61.51 -24.53 -7.05
N MET B 3 -61.17 -24.89 -8.29
CA MET B 3 -61.04 -23.92 -9.36
C MET B 3 -62.23 -24.07 -10.31
N MET B 4 -63.06 -23.03 -10.37
CA MET B 4 -64.30 -23.11 -11.13
C MET B 4 -64.32 -22.14 -12.30
N GLN B 5 -64.44 -22.67 -13.51
CA GLN B 5 -64.45 -21.83 -14.69
C GLN B 5 -65.88 -21.54 -15.17
N SER B 6 -66.05 -20.41 -15.84
CA SER B 6 -67.35 -20.00 -16.34
C SER B 6 -67.23 -19.11 -17.57
N PRO B 7 -68.14 -19.26 -18.53
CA PRO B 7 -69.21 -20.25 -18.64
C PRO B 7 -68.65 -21.60 -19.02
N GLY B 8 -69.40 -22.67 -18.73
CA GLY B 8 -68.98 -24.00 -19.13
C GLY B 8 -68.78 -24.07 -20.64
N THR B 9 -69.64 -23.37 -21.37
CA THR B 9 -69.52 -23.29 -22.82
C THR B 9 -69.62 -21.84 -23.28
N LEU B 10 -68.71 -21.45 -24.13
CA LEU B 10 -68.68 -20.10 -24.70
C LEU B 10 -68.78 -20.20 -26.22
N SER B 11 -69.63 -19.38 -26.81
CA SER B 11 -69.82 -19.44 -28.25
C SER B 11 -69.98 -18.06 -28.86
N LEU B 12 -69.10 -17.74 -29.80
CA LEU B 12 -69.18 -16.50 -30.55
C LEU B 12 -68.39 -16.61 -31.85
N SER B 13 -68.64 -15.68 -32.77
CA SER B 13 -68.02 -15.72 -34.08
C SER B 13 -66.52 -15.41 -34.03
N PRO B 14 -65.75 -15.97 -34.97
CA PRO B 14 -64.37 -15.63 -35.26
C PRO B 14 -64.26 -14.14 -35.55
N GLY B 15 -63.17 -13.54 -35.09
CA GLY B 15 -62.95 -12.11 -35.29
C GLY B 15 -63.42 -11.30 -34.10
N GLU B 16 -64.22 -11.93 -33.23
CA GLU B 16 -64.74 -11.26 -32.05
C GLU B 16 -63.89 -11.56 -30.82
N ARG B 17 -64.28 -10.96 -29.69
CA ARG B 17 -63.48 -11.10 -28.44
C ARG B 17 -64.19 -12.04 -27.47
N ALA B 18 -63.43 -12.90 -26.78
CA ALA B 18 -64.00 -13.81 -25.79
C ALA B 18 -63.34 -13.61 -24.43
N THR B 19 -64.17 -13.63 -23.38
CA THR B 19 -63.66 -13.55 -22.02
C THR B 19 -63.98 -14.83 -21.25
N LEU B 20 -62.93 -15.44 -20.72
CA LEU B 20 -63.06 -16.68 -19.95
C LEU B 20 -62.72 -16.41 -18.49
N SER B 21 -63.60 -16.80 -17.58
CA SER B 21 -63.38 -16.52 -16.17
C SER B 21 -63.05 -17.78 -15.38
N CYS B 22 -62.21 -17.62 -14.34
CA CYS B 22 -61.90 -18.68 -13.39
C CYS B 22 -61.92 -18.14 -11.96
N ARG B 23 -62.74 -18.75 -11.12
CA ARG B 23 -62.89 -18.32 -9.75
C ARG B 23 -62.34 -19.36 -8.79
N ALA B 24 -61.78 -18.88 -7.69
CA ALA B 24 -61.21 -19.78 -6.69
C ALA B 24 -62.01 -19.76 -5.40
N SER B 25 -62.09 -20.91 -4.74
CA SER B 25 -62.73 -21.02 -3.44
C SER B 25 -61.92 -20.31 -2.35
N GLN B 26 -60.68 -20.01 -2.65
CA GLN B 26 -59.79 -19.30 -1.75
C GLN B 26 -58.81 -18.48 -2.55
N SER B 27 -58.20 -17.47 -1.94
CA SER B 27 -57.29 -16.60 -2.66
C SER B 27 -56.14 -17.39 -3.28
N VAL B 28 -55.81 -17.03 -4.51
CA VAL B 28 -54.71 -17.65 -5.24
C VAL B 28 -53.71 -16.59 -5.65
N SER B 29 -52.44 -16.81 -5.36
CA SER B 29 -51.40 -15.88 -5.77
C SER B 29 -51.41 -15.76 -7.28
N SER B 30 -51.23 -14.54 -7.78
CA SER B 30 -51.25 -14.35 -9.23
C SER B 30 -50.11 -15.14 -9.87
N SER B 31 -49.04 -15.31 -9.12
CA SER B 31 -47.87 -16.04 -9.60
C SER B 31 -48.16 -17.52 -9.80
N TYR B 32 -49.24 -18.01 -9.19
CA TYR B 32 -49.57 -19.43 -9.22
C TYR B 32 -50.77 -19.74 -10.10
N LEU B 33 -51.21 -18.78 -10.90
CA LEU B 33 -52.36 -19.00 -11.77
C LEU B 33 -51.94 -19.09 -13.23
N ALA B 34 -52.34 -20.16 -13.91
CA ALA B 34 -51.98 -20.36 -15.31
C ALA B 34 -53.19 -20.75 -16.16
N TRP B 35 -53.10 -20.49 -17.45
CA TRP B 35 -54.13 -20.90 -18.40
C TRP B 35 -53.57 -21.82 -19.48
N TYR B 36 -54.34 -22.84 -19.82
CA TYR B 36 -53.97 -23.81 -20.84
C TYR B 36 -54.97 -23.89 -21.97
N GLN B 37 -54.49 -24.25 -23.15
CA GLN B 37 -55.34 -24.48 -24.31
C GLN B 37 -55.18 -25.91 -24.80
N GLN B 38 -56.29 -26.63 -24.93
CA GLN B 38 -56.24 -27.99 -25.44
C GLN B 38 -57.12 -28.16 -26.67
N LYS B 39 -56.48 -28.35 -27.81
CA LYS B 39 -57.20 -28.59 -29.05
C LYS B 39 -57.62 -30.05 -29.10
N PRO B 40 -58.68 -30.39 -29.82
CA PRO B 40 -59.15 -31.75 -30.03
C PRO B 40 -58.04 -32.65 -30.54
N GLY B 41 -57.82 -33.76 -29.85
CA GLY B 41 -56.82 -34.75 -30.26
C GLY B 41 -55.39 -34.34 -29.90
N GLN B 42 -55.24 -33.25 -29.17
CA GLN B 42 -53.92 -32.74 -28.83
C GLN B 42 -53.71 -32.58 -27.33
N ALA B 43 -52.45 -32.60 -26.90
CA ALA B 43 -52.11 -32.32 -25.51
C ALA B 43 -52.31 -30.84 -25.22
N PRO B 44 -52.58 -30.46 -23.96
CA PRO B 44 -52.66 -29.10 -23.48
C PRO B 44 -51.35 -28.36 -23.70
N ARG B 45 -51.45 -27.07 -24.00
CA ARG B 45 -50.27 -26.23 -24.08
C ARG B 45 -50.46 -25.00 -23.21
N LEU B 46 -49.36 -24.50 -22.68
CA LEU B 46 -49.41 -23.32 -21.81
C LEU B 46 -49.61 -22.05 -22.61
N LEU B 47 -50.56 -21.24 -22.19
CA LEU B 47 -50.77 -19.92 -22.80
C LEU B 47 -50.32 -18.82 -21.88
N ILE B 48 -50.86 -18.82 -20.67
CA ILE B 48 -50.59 -17.77 -19.70
C ILE B 48 -50.08 -18.36 -18.39
N TYR B 49 -49.05 -17.75 -17.84
CA TYR B 49 -48.58 -18.14 -16.51
C TYR B 49 -48.36 -16.89 -15.67
N GLY B 50 -48.43 -17.05 -14.36
CA GLY B 50 -48.25 -15.90 -13.49
C GLY B 50 -49.42 -14.93 -13.67
N ALA B 51 -50.58 -15.49 -13.96
CA ALA B 51 -51.82 -14.75 -14.22
C ALA B 51 -51.83 -14.03 -15.55
N SER B 52 -50.73 -13.34 -15.89
CA SER B 52 -50.74 -12.45 -17.05
C SER B 52 -49.64 -12.67 -18.09
N SER B 53 -48.63 -13.47 -17.78
CA SER B 53 -47.48 -13.58 -18.67
C SER B 53 -47.70 -14.61 -19.77
N ARG B 54 -47.43 -14.23 -21.01
CA ARG B 54 -47.55 -15.15 -22.12
C ARG B 54 -46.41 -16.15 -22.17
N ALA B 55 -46.73 -17.39 -22.51
CA ALA B 55 -45.74 -18.43 -22.73
C ALA B 55 -45.08 -18.22 -24.08
N THR B 56 -43.87 -18.74 -24.23
CA THR B 56 -43.15 -18.61 -25.48
C THR B 56 -43.92 -19.23 -26.63
N GLY B 57 -44.06 -18.49 -27.72
CA GLY B 57 -44.74 -18.98 -28.91
C GLY B 57 -46.21 -18.57 -28.95
N ILE B 58 -46.68 -17.94 -27.88
CA ILE B 58 -48.07 -17.52 -27.79
C ILE B 58 -48.27 -16.12 -28.35
N PRO B 59 -49.21 -15.93 -29.29
CA PRO B 59 -49.60 -14.69 -29.91
C PRO B 59 -50.03 -13.65 -28.88
N ASP B 60 -49.82 -12.38 -29.21
CA ASP B 60 -50.18 -11.28 -28.31
C ASP B 60 -51.67 -11.03 -28.32
N ARG B 61 -52.40 -11.87 -29.02
CA ARG B 61 -53.86 -11.85 -29.02
C ARG B 61 -54.38 -12.38 -27.69
N PHE B 62 -53.52 -13.13 -26.98
CA PHE B 62 -53.88 -13.71 -25.70
C PHE B 62 -53.32 -12.88 -24.56
N SER B 63 -54.14 -12.64 -23.55
CA SER B 63 -53.69 -11.94 -22.36
C SER B 63 -54.45 -12.44 -21.15
N GLY B 64 -53.88 -12.23 -19.97
CA GLY B 64 -54.54 -12.63 -18.74
C GLY B 64 -54.42 -11.55 -17.69
N SER B 65 -55.27 -11.63 -16.68
CA SER B 65 -55.23 -10.71 -15.56
C SER B 65 -56.02 -11.25 -14.39
N GLY B 66 -55.87 -10.64 -13.23
CA GLY B 66 -56.68 -11.01 -12.09
C GLY B 66 -55.86 -11.14 -10.82
N SER B 67 -56.56 -11.35 -9.72
CA SER B 67 -55.95 -11.48 -8.40
C SER B 67 -56.93 -12.11 -7.44
N GLY B 68 -56.46 -12.49 -6.26
CA GLY B 68 -57.37 -13.00 -5.25
C GLY B 68 -58.09 -14.24 -5.76
N THR B 69 -59.41 -14.14 -5.86
CA THR B 69 -60.24 -15.27 -6.27
C THR B 69 -60.88 -15.08 -7.63
N ASP B 70 -60.42 -14.09 -8.40
CA ASP B 70 -61.04 -13.81 -9.69
C ASP B 70 -60.01 -13.53 -10.79
N PHE B 71 -59.86 -14.50 -11.70
CA PHE B 71 -58.93 -14.39 -12.82
C PHE B 71 -59.63 -14.57 -14.15
N THR B 72 -59.11 -13.92 -15.18
CA THR B 72 -59.68 -14.06 -16.52
C THR B 72 -58.63 -14.27 -17.60
N LEU B 73 -59.08 -14.88 -18.69
CA LEU B 73 -58.31 -15.00 -19.92
C LEU B 73 -59.03 -14.29 -21.04
N THR B 74 -58.32 -13.43 -21.76
CA THR B 74 -58.94 -12.67 -22.84
C THR B 74 -58.33 -13.00 -24.18
N ILE B 75 -59.20 -13.27 -25.15
CA ILE B 75 -58.79 -13.46 -26.53
C ILE B 75 -59.33 -12.29 -27.34
N SER B 76 -58.46 -11.36 -27.72
CA SER B 76 -58.93 -10.10 -28.30
C SER B 76 -59.61 -10.31 -29.65
N ARG B 77 -59.09 -11.25 -30.42
CA ARG B 77 -59.68 -11.61 -31.71
C ARG B 77 -59.58 -13.11 -31.88
N LEU B 78 -60.71 -13.77 -32.07
CA LEU B 78 -60.69 -15.22 -32.20
C LEU B 78 -60.41 -15.68 -33.61
N GLU B 79 -59.47 -16.61 -33.72
CA GLU B 79 -59.15 -17.28 -34.97
C GLU B 79 -59.69 -18.70 -34.89
N PRO B 80 -59.87 -19.37 -36.03
CA PRO B 80 -60.36 -20.75 -36.12
C PRO B 80 -59.63 -21.69 -35.17
N GLU B 81 -58.36 -21.42 -34.91
CA GLU B 81 -57.55 -22.29 -34.07
C GLU B 81 -57.76 -22.04 -32.57
N ASP B 82 -58.56 -21.03 -32.25
CA ASP B 82 -58.80 -20.68 -30.86
C ASP B 82 -60.03 -21.37 -30.31
N PHE B 83 -60.75 -22.09 -31.16
CA PHE B 83 -61.99 -22.71 -30.73
C PHE B 83 -61.71 -24.07 -30.10
N ALA B 84 -61.13 -24.02 -28.91
CA ALA B 84 -60.68 -25.19 -28.17
C ALA B 84 -61.10 -25.12 -26.72
N VAL B 85 -60.67 -26.09 -25.93
CA VAL B 85 -60.99 -26.10 -24.51
C VAL B 85 -59.89 -25.42 -23.71
N TYR B 86 -60.29 -24.49 -22.85
CA TYR B 86 -59.33 -23.77 -22.03
C TYR B 86 -59.45 -24.17 -20.58
N TYR B 87 -58.32 -24.27 -19.91
CA TYR B 87 -58.29 -24.63 -18.50
C TYR B 87 -57.56 -23.58 -17.70
N CYS B 88 -58.00 -23.36 -16.45
CA CYS B 88 -57.21 -22.59 -15.50
C CYS B 88 -56.55 -23.56 -14.54
N GLN B 89 -55.34 -23.23 -14.11
CA GLN B 89 -54.58 -24.09 -13.23
C GLN B 89 -53.98 -23.30 -12.08
N GLN B 90 -54.02 -23.90 -10.90
CA GLN B 90 -53.52 -23.26 -9.70
C GLN B 90 -52.48 -24.12 -9.00
N TYR B 91 -51.49 -23.47 -8.41
CA TYR B 91 -50.57 -24.16 -7.53
C TYR B 91 -50.70 -23.69 -6.09
N GLY B 92 -50.63 -24.64 -5.16
CA GLY B 92 -50.57 -24.32 -3.75
C GLY B 92 -50.61 -25.59 -2.92
N SER B 93 -50.19 -25.48 -1.66
CA SER B 93 -50.15 -26.64 -0.76
C SER B 93 -49.44 -27.81 -1.41
N SER B 94 -48.37 -27.54 -2.13
CA SER B 94 -47.58 -28.54 -2.83
C SER B 94 -48.45 -29.43 -3.72
N ALA B 95 -49.43 -28.83 -4.39
CA ALA B 95 -50.28 -29.57 -5.30
C ALA B 95 -50.71 -28.69 -6.47
N TRP B 96 -51.03 -29.33 -7.59
CA TRP B 96 -51.47 -28.63 -8.78
C TRP B 96 -52.91 -29.00 -9.10
N THR B 97 -53.76 -27.99 -9.26
CA THR B 97 -55.19 -28.21 -9.48
C THR B 97 -55.67 -27.53 -10.76
N PHE B 98 -56.47 -28.25 -11.54
CA PHE B 98 -57.03 -27.69 -12.76
C PHE B 98 -58.52 -27.44 -12.60
N GLY B 99 -59.03 -26.48 -13.35
CA GLY B 99 -60.47 -26.26 -13.40
C GLY B 99 -61.11 -27.31 -14.29
N GLN B 100 -62.44 -27.29 -14.41
CA GLN B 100 -63.14 -28.31 -15.18
C GLN B 100 -62.95 -28.11 -16.67
N GLY B 101 -62.56 -26.89 -17.05
CA GLY B 101 -62.35 -26.55 -18.45
C GLY B 101 -63.59 -25.96 -19.08
N THR B 102 -63.40 -25.04 -20.02
CA THR B 102 -64.51 -24.47 -20.76
C THR B 102 -64.24 -24.56 -22.25
N LYS B 103 -65.29 -24.79 -23.03
CA LYS B 103 -65.13 -24.92 -24.47
C LYS B 103 -65.58 -23.67 -25.20
N VAL B 104 -64.70 -23.12 -26.04
CA VAL B 104 -64.99 -21.95 -26.86
C VAL B 104 -65.70 -22.36 -28.15
N VAL C 1 -37.49 -28.10 -27.06
CA VAL C 1 -37.94 -29.03 -26.02
C VAL C 1 -39.00 -29.97 -26.59
N GLN C 2 -38.74 -31.27 -26.48
CA GLN C 2 -39.65 -32.31 -26.93
C GLN C 2 -39.87 -33.34 -25.83
N LEU C 3 -41.10 -33.84 -25.74
CA LEU C 3 -41.43 -34.92 -24.82
C LEU C 3 -42.17 -36.01 -25.59
N VAL C 4 -41.58 -37.21 -25.62
CA VAL C 4 -42.16 -38.30 -26.40
C VAL C 4 -42.53 -39.48 -25.52
N GLN C 5 -43.82 -39.78 -25.48
CA GLN C 5 -44.34 -40.85 -24.64
C GLN C 5 -44.53 -42.15 -25.41
N SER C 6 -44.68 -43.23 -24.67
CA SER C 6 -44.92 -44.55 -25.25
C SER C 6 -46.29 -44.62 -25.91
N GLY C 7 -46.55 -45.74 -26.59
CA GLY C 7 -47.81 -45.92 -27.29
C GLY C 7 -48.93 -46.31 -26.33
N ALA C 8 -50.14 -46.47 -26.87
CA ALA C 8 -51.32 -46.78 -26.08
C ALA C 8 -51.25 -48.20 -25.53
N GLU C 9 -51.90 -48.42 -24.39
CA GLU C 9 -51.92 -49.72 -23.74
C GLU C 9 -53.33 -50.15 -23.40
N VAL C 10 -53.57 -51.46 -23.41
CA VAL C 10 -54.84 -52.01 -22.96
C VAL C 10 -54.60 -53.05 -21.88
N LYS C 11 -55.20 -52.83 -20.71
CA LYS C 11 -54.96 -53.66 -19.55
C LYS C 11 -56.25 -54.16 -18.92
N LYS C 12 -56.16 -55.29 -18.23
CA LYS C 12 -57.28 -55.78 -17.44
C LYS C 12 -57.21 -55.21 -16.03
N PRO C 13 -58.34 -55.01 -15.35
CA PRO C 13 -58.42 -54.57 -13.97
C PRO C 13 -57.54 -55.44 -13.08
N GLY C 14 -56.76 -54.78 -12.23
CA GLY C 14 -55.82 -55.45 -11.33
C GLY C 14 -54.41 -55.44 -11.90
N ALA C 15 -54.30 -55.12 -13.18
CA ALA C 15 -53.01 -55.08 -13.86
C ALA C 15 -52.27 -53.78 -13.59
N SER C 16 -51.00 -53.73 -13.95
CA SER C 16 -50.23 -52.51 -13.84
C SER C 16 -49.76 -52.03 -15.21
N VAL C 17 -49.66 -50.72 -15.37
CA VAL C 17 -49.16 -50.14 -16.61
C VAL C 17 -48.00 -49.19 -16.35
N LYS C 18 -46.97 -49.26 -17.19
CA LYS C 18 -45.86 -48.34 -17.07
C LYS C 18 -45.74 -47.48 -18.32
N VAL C 19 -45.93 -46.18 -18.16
CA VAL C 19 -45.87 -45.25 -19.28
C VAL C 19 -44.57 -44.46 -19.24
N SER C 20 -43.82 -44.52 -20.33
CA SER C 20 -42.54 -43.81 -20.40
C SER C 20 -42.70 -42.43 -21.03
N CYS C 21 -41.71 -41.56 -20.80
CA CYS C 21 -41.63 -40.25 -21.43
C CYS C 21 -40.18 -39.84 -21.66
N LYS C 22 -39.75 -39.87 -22.91
CA LYS C 22 -38.39 -39.52 -23.25
C LYS C 22 -38.29 -38.03 -23.53
N ALA C 23 -37.36 -37.37 -22.85
CA ALA C 23 -37.21 -35.94 -22.97
C ALA C 23 -35.96 -35.59 -23.78
N SER C 24 -36.03 -34.48 -24.51
CA SER C 24 -34.87 -33.99 -25.22
C SER C 24 -34.93 -32.49 -25.44
N GLY C 25 -33.78 -31.88 -25.71
CA GLY C 25 -33.71 -30.46 -26.02
C GLY C 25 -33.41 -29.60 -24.79
N TYR C 26 -33.23 -30.24 -23.65
CA TYR C 26 -32.96 -29.51 -22.41
C TYR C 26 -32.24 -30.38 -21.39
N THR C 27 -31.71 -29.74 -20.34
CA THR C 27 -31.08 -30.48 -19.26
C THR C 27 -32.15 -31.25 -18.49
N PHE C 28 -32.13 -32.57 -18.63
CA PHE C 28 -33.17 -33.42 -18.09
C PHE C 28 -33.35 -33.25 -16.59
N THR C 29 -32.24 -33.21 -15.87
CA THR C 29 -32.27 -33.17 -14.41
C THR C 29 -32.53 -31.76 -13.89
N GLY C 30 -32.68 -30.81 -14.79
CA GLY C 30 -32.90 -29.42 -14.41
C GLY C 30 -34.38 -29.14 -14.17
N TYR C 31 -35.22 -30.11 -14.49
CA TYR C 31 -36.67 -29.92 -14.38
C TYR C 31 -37.35 -31.08 -13.68
N TYR C 32 -38.52 -30.80 -13.12
CA TYR C 32 -39.36 -31.86 -12.57
C TYR C 32 -40.22 -32.44 -13.68
N MET C 33 -40.42 -33.74 -13.66
CA MET C 33 -41.32 -34.35 -14.60
C MET C 33 -42.63 -34.71 -13.93
N HIS C 34 -43.70 -34.07 -14.39
CA HIS C 34 -45.01 -34.25 -13.80
C HIS C 34 -45.85 -35.16 -14.66
N TRP C 35 -46.77 -35.86 -14.04
CA TRP C 35 -47.75 -36.63 -14.78
C TRP C 35 -49.15 -36.13 -14.51
N VAL C 36 -49.91 -35.97 -15.58
CA VAL C 36 -51.28 -35.47 -15.53
C VAL C 36 -52.21 -36.39 -16.30
N ARG C 37 -53.32 -36.76 -15.69
CA ARG C 37 -54.26 -37.68 -16.29
C ARG C 37 -55.51 -36.98 -16.82
N GLN C 38 -56.06 -37.47 -17.91
CA GLN C 38 -57.31 -36.94 -18.43
C GLN C 38 -58.28 -38.03 -18.87
N ALA C 39 -59.22 -38.37 -18.00
CA ALA C 39 -60.24 -39.36 -18.33
C ALA C 39 -61.14 -38.80 -19.43
N PRO C 40 -61.73 -39.64 -20.28
CA PRO C 40 -62.60 -39.26 -21.37
C PRO C 40 -63.73 -38.34 -20.88
N GLY C 41 -63.84 -37.18 -21.52
CA GLY C 41 -64.90 -36.22 -21.19
C GLY C 41 -64.59 -35.42 -19.93
N GLN C 42 -63.43 -35.64 -19.33
CA GLN C 42 -63.07 -34.98 -18.09
C GLN C 42 -61.95 -33.96 -18.29
N GLY C 43 -61.61 -33.26 -17.21
CA GLY C 43 -60.55 -32.27 -17.24
C GLY C 43 -59.21 -32.90 -16.88
N LEU C 44 -58.24 -32.06 -16.58
CA LEU C 44 -56.90 -32.52 -16.28
C LEU C 44 -56.70 -32.74 -14.79
N GLU C 45 -56.09 -33.86 -14.43
CA GLU C 45 -55.84 -34.19 -13.03
C GLU C 45 -54.35 -34.45 -12.78
N TRP C 46 -53.76 -33.70 -11.86
CA TRP C 46 -52.36 -33.89 -11.54
C TRP C 46 -52.16 -35.16 -10.70
N MET C 47 -51.17 -35.97 -11.09
CA MET C 47 -50.91 -37.23 -10.41
C MET C 47 -49.74 -37.15 -9.45
N GLY C 48 -48.68 -36.46 -9.87
CA GLY C 48 -47.45 -36.41 -9.10
C GLY C 48 -46.27 -35.96 -9.94
N TRP C 49 -45.09 -35.92 -9.33
CA TRP C 49 -43.87 -35.57 -10.03
C TRP C 49 -42.67 -36.35 -9.54
N ILE C 50 -41.65 -36.42 -10.40
CA ILE C 50 -40.36 -36.96 -10.05
C ILE C 50 -39.23 -35.99 -10.38
N ASN C 51 -38.23 -35.94 -9.52
CA ASN C 51 -37.05 -35.12 -9.71
C ASN C 51 -35.85 -36.02 -10.05
N PRO C 52 -35.52 -36.16 -11.35
CA PRO C 52 -34.55 -37.09 -11.93
C PRO C 52 -33.17 -37.04 -11.27
N ILE C 53 -32.80 -35.87 -10.74
CA ILE C 53 -31.49 -35.71 -10.13
C ILE C 53 -31.32 -36.59 -8.89
N SER C 54 -32.43 -36.82 -8.18
CA SER C 54 -32.38 -37.58 -6.94
C SER C 54 -33.42 -38.68 -6.94
N SER C 55 -34.23 -38.73 -7.99
CA SER C 55 -35.34 -39.65 -8.09
C SER C 55 -36.28 -39.46 -6.91
N GLY C 56 -36.49 -38.21 -6.53
CA GLY C 56 -37.41 -37.89 -5.45
C GLY C 56 -38.79 -37.69 -6.03
N THR C 57 -39.81 -38.07 -5.27
CA THR C 57 -41.17 -37.97 -5.80
C THR C 57 -42.16 -37.36 -4.84
N SER C 58 -43.28 -36.96 -5.38
CA SER C 58 -44.45 -36.55 -4.61
C SER C 58 -45.69 -36.93 -5.39
N TYR C 59 -46.71 -37.42 -4.69
CA TYR C 59 -47.91 -37.88 -5.36
C TYR C 59 -49.15 -37.20 -4.79
N ALA C 60 -50.17 -37.06 -5.64
CA ALA C 60 -51.47 -36.63 -5.17
C ALA C 60 -52.06 -37.72 -4.28
N GLN C 61 -52.79 -37.31 -3.25
CA GLN C 61 -53.40 -38.27 -2.32
C GLN C 61 -54.30 -39.27 -3.03
N THR C 62 -54.80 -38.88 -4.20
CA THR C 62 -55.65 -39.72 -5.01
C THR C 62 -54.93 -40.95 -5.52
N PHE C 63 -53.66 -40.80 -5.89
CA PHE C 63 -52.90 -41.88 -6.50
C PHE C 63 -51.86 -42.45 -5.56
N GLN C 64 -51.58 -41.75 -4.48
CA GLN C 64 -50.56 -42.19 -3.54
C GLN C 64 -50.87 -43.60 -3.06
N GLY C 65 -49.89 -44.48 -3.17
CA GLY C 65 -50.05 -45.88 -2.78
C GLY C 65 -50.31 -46.78 -3.98
N ARG C 66 -50.66 -46.18 -5.13
CA ARG C 66 -50.90 -46.93 -6.34
C ARG C 66 -49.87 -46.61 -7.41
N VAL C 67 -49.39 -45.36 -7.41
CA VAL C 67 -48.49 -44.93 -8.46
C VAL C 67 -47.05 -44.80 -7.96
N THR C 68 -46.13 -45.32 -8.75
CA THR C 68 -44.71 -45.17 -8.49
C THR C 68 -44.03 -44.53 -9.68
N MET C 69 -43.30 -43.45 -9.44
CA MET C 69 -42.59 -42.78 -10.52
C MET C 69 -41.11 -43.02 -10.42
N THR C 70 -40.49 -43.34 -11.55
CA THR C 70 -39.06 -43.58 -11.61
C THR C 70 -38.48 -42.86 -12.82
N SER C 71 -37.16 -42.82 -12.91
CA SER C 71 -36.51 -42.21 -14.05
C SER C 71 -35.13 -42.77 -14.28
N ASP C 72 -34.62 -42.58 -15.48
CA ASP C 72 -33.26 -42.98 -15.83
C ASP C 72 -32.59 -41.88 -16.63
N THR C 73 -31.65 -41.17 -16.00
CA THR C 73 -31.06 -39.99 -16.59
C THR C 73 -30.16 -40.34 -17.76
N SER C 74 -29.69 -41.58 -17.83
CA SER C 74 -28.75 -41.96 -18.89
C SER C 74 -29.44 -41.97 -20.25
N ILE C 75 -30.76 -42.10 -20.23
CA ILE C 75 -31.56 -42.08 -21.44
C ILE C 75 -32.62 -40.99 -21.36
N THR C 76 -32.39 -40.05 -20.44
CA THR C 76 -33.32 -38.96 -20.17
C THR C 76 -34.78 -39.37 -20.33
N THR C 77 -35.17 -40.42 -19.62
CA THR C 77 -36.54 -40.91 -19.70
C THR C 77 -37.18 -41.05 -18.32
N ALA C 78 -38.42 -40.56 -18.22
CA ALA C 78 -39.20 -40.70 -17.00
C ALA C 78 -40.26 -41.78 -17.16
N TYR C 79 -40.61 -42.44 -16.07
CA TYR C 79 -41.62 -43.48 -16.10
C TYR C 79 -42.68 -43.28 -15.03
N MET C 80 -43.91 -43.62 -15.36
CA MET C 80 -44.99 -43.63 -14.39
C MET C 80 -45.68 -44.98 -14.38
N GLU C 81 -45.59 -45.68 -13.25
CA GLU C 81 -46.21 -46.99 -13.12
C GLU C 81 -47.43 -46.95 -12.22
N LEU C 82 -48.59 -47.22 -12.79
CA LEU C 82 -49.83 -47.19 -12.02
C LEU C 82 -50.35 -48.60 -11.81
N SER C 83 -50.34 -49.04 -10.55
CA SER C 83 -50.71 -50.41 -10.21
C SER C 83 -52.17 -50.51 -9.81
N ARG C 84 -52.67 -51.75 -9.71
CA ARG C 84 -54.03 -52.00 -9.30
C ARG C 84 -55.02 -51.21 -10.14
N LEU C 85 -54.85 -51.28 -11.46
CA LEU C 85 -55.69 -50.53 -12.38
C LEU C 85 -57.16 -50.90 -12.24
N ARG C 86 -58.00 -49.88 -12.29
CA ARG C 86 -59.44 -50.06 -12.24
C ARG C 86 -60.06 -49.52 -13.51
N SER C 87 -61.32 -49.86 -13.76
CA SER C 87 -61.98 -49.43 -14.98
C SER C 87 -62.06 -47.90 -15.09
N ASP C 88 -62.04 -47.23 -13.94
CA ASP C 88 -62.15 -45.77 -13.93
C ASP C 88 -60.79 -45.11 -14.13
N ASP C 89 -59.77 -45.92 -14.39
CA ASP C 89 -58.45 -45.40 -14.70
C ASP C 89 -58.25 -45.28 -16.21
N THR C 90 -59.30 -45.56 -16.97
CA THR C 90 -59.22 -45.35 -18.40
C THR C 90 -59.06 -43.87 -18.66
N ALA C 91 -57.92 -43.50 -19.24
CA ALA C 91 -57.60 -42.09 -19.39
C ALA C 91 -56.42 -41.88 -20.31
N VAL C 92 -56.26 -40.65 -20.75
CA VAL C 92 -55.06 -40.25 -21.47
C VAL C 92 -54.06 -39.66 -20.49
N TYR C 93 -52.86 -40.23 -20.47
CA TYR C 93 -51.83 -39.80 -19.54
C TYR C 93 -50.81 -38.93 -20.23
N TYR C 94 -50.47 -37.81 -19.60
CA TYR C 94 -49.49 -36.90 -20.15
C TYR C 94 -48.30 -36.78 -19.22
N CYS C 95 -47.12 -36.60 -19.79
CA CYS C 95 -45.96 -36.14 -19.05
C CYS C 95 -45.80 -34.65 -19.33
N ALA C 96 -45.37 -33.90 -18.34
CA ALA C 96 -45.22 -32.47 -18.53
C ALA C 96 -44.03 -31.94 -17.74
N ARG C 97 -43.40 -30.92 -18.27
CA ARG C 97 -42.23 -30.35 -17.64
C ARG C 97 -42.57 -29.11 -16.84
N ALA C 98 -41.95 -28.98 -15.68
CA ALA C 98 -42.05 -27.78 -14.85
C ALA C 98 -40.74 -27.54 -14.13
N ALA C 99 -40.48 -26.29 -13.78
CA ALA C 99 -39.25 -25.96 -13.07
C ALA C 99 -39.28 -26.61 -11.69
N PRO C 100 -38.12 -26.84 -11.08
CA PRO C 100 -37.95 -27.32 -9.72
C PRO C 100 -38.39 -26.26 -8.73
N PHE C 101 -38.61 -26.68 -7.49
CA PHE C 101 -39.13 -25.79 -6.46
C PHE C 101 -38.18 -24.66 -6.10
N TYR C 102 -36.94 -24.71 -6.55
CA TYR C 102 -36.00 -23.67 -6.22
C TYR C 102 -35.97 -22.57 -7.26
N ASP C 103 -36.84 -22.66 -8.24
CA ASP C 103 -36.91 -21.64 -9.28
C ASP C 103 -37.43 -20.32 -8.71
N PHE C 104 -36.62 -19.27 -8.85
CA PHE C 104 -36.92 -17.98 -8.26
C PHE C 104 -38.25 -17.42 -8.73
N TRP C 105 -38.53 -17.56 -10.02
CA TRP C 105 -39.73 -16.95 -10.60
C TRP C 105 -40.89 -17.93 -10.69
N SER C 106 -40.94 -18.89 -9.77
CA SER C 106 -42.07 -19.79 -9.63
C SER C 106 -42.44 -20.55 -10.89
N GLY C 107 -41.43 -21.04 -11.61
CA GLY C 107 -41.67 -21.81 -12.83
C GLY C 107 -42.21 -23.20 -12.51
N TYR C 108 -42.25 -23.53 -11.22
CA TYR C 108 -42.73 -24.82 -10.76
C TYR C 108 -44.24 -24.82 -10.62
N SER C 109 -44.82 -23.64 -10.65
CA SER C 109 -46.25 -23.49 -10.40
C SER C 109 -47.08 -23.87 -11.61
N TYR C 110 -46.43 -24.11 -12.74
CA TYR C 110 -47.12 -24.43 -13.97
C TYR C 110 -46.30 -25.37 -14.84
N PHE C 111 -46.95 -25.95 -15.84
CA PHE C 111 -46.31 -26.90 -16.74
C PHE C 111 -46.15 -26.26 -18.11
N ASP C 112 -44.90 -26.06 -18.54
CA ASP C 112 -44.66 -25.33 -19.78
C ASP C 112 -44.56 -26.22 -21.01
N TYR C 113 -44.23 -27.50 -20.81
CA TYR C 113 -44.15 -28.41 -21.93
C TYR C 113 -44.89 -29.70 -21.66
N TRP C 114 -45.56 -30.21 -22.68
CA TRP C 114 -46.35 -31.43 -22.56
C TRP C 114 -45.98 -32.41 -23.65
N GLY C 115 -46.02 -33.70 -23.34
CA GLY C 115 -45.83 -34.74 -24.34
C GLY C 115 -47.16 -35.09 -24.98
N GLN C 116 -47.15 -36.01 -25.93
CA GLN C 116 -48.39 -36.43 -26.55
C GLN C 116 -49.10 -37.36 -25.59
N GLY C 117 -50.41 -37.25 -25.51
CA GLY C 117 -51.14 -38.07 -24.57
C GLY C 117 -51.04 -39.54 -24.91
N THR C 118 -50.92 -40.36 -23.87
CA THR C 118 -50.87 -41.80 -24.03
C THR C 118 -52.12 -42.44 -23.45
N LEU C 119 -52.91 -43.07 -24.31
CA LEU C 119 -54.17 -43.63 -23.85
C LEU C 119 -53.98 -45.00 -23.22
N VAL C 120 -54.51 -45.15 -22.03
CA VAL C 120 -54.53 -46.44 -21.35
C VAL C 120 -55.97 -46.85 -21.09
N THR C 121 -56.36 -48.01 -21.60
CA THR C 121 -57.71 -48.51 -21.43
C THR C 121 -57.74 -49.66 -20.44
N VAL C 122 -58.68 -49.62 -19.48
CA VAL C 122 -58.82 -50.66 -18.46
C VAL C 122 -60.26 -51.16 -18.40
N VAL D 1 64.04 -3.75 -68.07
CA VAL D 1 62.62 -4.10 -68.13
C VAL D 1 62.28 -4.64 -69.52
N GLN D 2 61.82 -5.89 -69.57
CA GLN D 2 61.39 -6.54 -70.82
C GLN D 2 60.07 -7.28 -70.63
N LEU D 3 59.16 -7.07 -71.56
CA LEU D 3 57.87 -7.75 -71.56
C LEU D 3 57.69 -8.54 -72.84
N VAL D 4 57.47 -9.85 -72.71
CA VAL D 4 57.36 -10.71 -73.88
C VAL D 4 56.01 -11.41 -73.99
N GLU D 5 55.23 -11.03 -74.99
CA GLU D 5 53.93 -11.64 -75.24
C GLU D 5 54.05 -12.97 -75.98
N SER D 6 53.12 -13.87 -75.73
CA SER D 6 53.00 -15.11 -76.48
C SER D 6 51.58 -15.65 -76.40
N GLY D 7 51.28 -16.67 -77.21
CA GLY D 7 49.98 -17.34 -77.16
C GLY D 7 49.01 -16.85 -78.24
N GLY D 8 49.45 -15.91 -79.05
CA GLY D 8 48.60 -15.38 -80.12
C GLY D 8 48.41 -16.44 -81.21
N GLY D 9 47.33 -16.32 -81.96
CA GLY D 9 47.04 -17.27 -83.02
C GLY D 9 45.71 -16.96 -83.70
N VAL D 10 45.22 -17.92 -84.50
CA VAL D 10 43.98 -17.75 -85.23
C VAL D 10 42.91 -18.72 -84.74
N VAL D 11 41.77 -18.18 -84.33
CA VAL D 11 40.67 -18.99 -83.83
C VAL D 11 39.35 -18.62 -84.47
N GLN D 12 38.37 -19.50 -84.35
CA GLN D 12 37.02 -19.21 -84.81
C GLN D 12 36.25 -18.47 -83.73
N PRO D 13 35.23 -17.69 -84.09
CA PRO D 13 34.30 -17.06 -83.19
C PRO D 13 33.67 -18.08 -82.26
N GLY D 14 33.64 -17.75 -80.97
CA GLY D 14 33.06 -18.62 -79.97
C GLY D 14 34.13 -19.44 -79.25
N ARG D 15 35.32 -19.50 -79.82
CA ARG D 15 36.41 -20.26 -79.21
C ARG D 15 37.22 -19.43 -78.23
N SER D 16 38.03 -20.11 -77.43
CA SER D 16 38.87 -19.48 -76.42
C SER D 16 40.33 -19.37 -76.88
N LEU D 17 41.01 -18.35 -76.39
CA LEU D 17 42.45 -18.20 -76.60
C LEU D 17 43.10 -17.56 -75.37
N ARG D 18 44.22 -18.12 -74.93
CA ARG D 18 44.91 -17.58 -73.77
C ARG D 18 46.24 -16.94 -74.14
N LEU D 19 46.43 -15.69 -73.73
CA LEU D 19 47.68 -14.99 -73.96
C LEU D 19 48.53 -15.00 -72.70
N SER D 20 49.83 -14.90 -72.88
CA SER D 20 50.77 -14.84 -71.77
C SER D 20 51.87 -13.82 -72.03
N CYS D 21 52.21 -13.03 -71.01
CA CYS D 21 53.27 -12.03 -71.08
C CYS D 21 54.29 -12.26 -69.96
N ALA D 22 55.49 -12.69 -70.35
CA ALA D 22 56.54 -12.95 -69.38
C ALA D 22 57.29 -11.67 -69.09
N ALA D 23 57.49 -11.38 -67.80
CA ALA D 23 58.15 -10.16 -67.40
C ALA D 23 59.51 -10.44 -66.79
N SER D 24 60.47 -9.58 -67.10
CA SER D 24 61.79 -9.67 -66.48
C SER D 24 62.44 -8.30 -66.36
N GLY D 25 63.43 -8.20 -65.49
CA GLY D 25 64.20 -6.96 -65.34
C GLY D 25 63.67 -6.08 -64.22
N PHE D 26 62.58 -6.49 -63.58
CA PHE D 26 62.00 -5.71 -62.50
C PHE D 26 61.20 -6.57 -61.54
N THR D 27 60.84 -5.98 -60.40
CA THR D 27 60.04 -6.69 -59.42
C THR D 27 58.59 -6.75 -59.86
N PHE D 28 58.27 -7.76 -60.65
CA PHE D 28 56.95 -7.93 -61.24
C PHE D 28 55.85 -7.77 -60.21
N SER D 29 56.05 -8.34 -59.02
CA SER D 29 55.03 -8.37 -57.99
C SER D 29 54.69 -6.98 -57.43
N SER D 30 55.47 -5.97 -57.79
CA SER D 30 55.25 -4.61 -57.30
C SER D 30 54.49 -3.74 -58.30
N TYR D 31 54.28 -4.24 -59.50
CA TYR D 31 53.67 -3.42 -60.54
C TYR D 31 52.35 -3.98 -61.02
N GLY D 32 51.42 -3.07 -61.31
CA GLY D 32 50.19 -3.43 -61.96
C GLY D 32 50.45 -3.65 -63.45
N MET D 33 49.58 -4.41 -64.09
CA MET D 33 49.78 -4.70 -65.51
C MET D 33 48.52 -4.46 -66.32
N HIS D 34 48.71 -4.06 -67.57
CA HIS D 34 47.60 -3.78 -68.47
C HIS D 34 47.68 -4.59 -69.75
N TRP D 35 46.52 -4.81 -70.36
CA TRP D 35 46.47 -5.25 -71.74
C TRP D 35 45.80 -4.17 -72.58
N VAL D 36 46.41 -3.88 -73.72
CA VAL D 36 45.89 -2.91 -74.68
C VAL D 36 45.88 -3.55 -76.04
N ARG D 37 44.81 -3.37 -76.80
CA ARG D 37 44.75 -3.99 -78.10
C ARG D 37 44.57 -2.97 -79.21
N GLN D 38 45.13 -3.29 -80.37
CA GLN D 38 45.01 -2.40 -81.51
C GLN D 38 44.66 -3.15 -82.78
N ALA D 39 43.42 -3.00 -83.24
CA ALA D 39 43.02 -3.59 -84.50
C ALA D 39 43.75 -2.89 -85.62
N PRO D 40 44.08 -3.59 -86.71
CA PRO D 40 44.71 -3.04 -87.90
C PRO D 40 43.93 -1.83 -88.41
N GLY D 41 44.64 -0.72 -88.58
CA GLY D 41 44.03 0.50 -89.10
C GLY D 41 43.30 1.30 -88.01
N LYS D 42 43.33 0.81 -86.77
CA LYS D 42 42.64 1.45 -85.68
C LYS D 42 43.60 1.98 -84.62
N GLY D 43 43.06 2.74 -83.67
CA GLY D 43 43.87 3.30 -82.60
C GLY D 43 43.99 2.33 -81.44
N LEU D 44 44.56 2.82 -80.33
CA LEU D 44 44.79 1.98 -79.17
C LEU D 44 43.53 1.88 -78.31
N GLU D 45 43.16 0.67 -77.94
CA GLU D 45 42.03 0.46 -77.06
C GLU D 45 42.43 -0.30 -75.80
N TRP D 46 42.19 0.30 -74.65
CA TRP D 46 42.51 -0.35 -73.39
C TRP D 46 41.56 -1.50 -73.14
N VAL D 47 42.10 -2.64 -72.70
CA VAL D 47 41.28 -3.83 -72.50
C VAL D 47 41.06 -4.13 -71.03
N THR D 48 42.14 -4.23 -70.27
CA THR D 48 42.03 -4.65 -68.87
C THR D 48 43.27 -4.34 -68.03
N VAL D 49 43.05 -4.20 -66.73
CA VAL D 49 44.13 -3.99 -65.77
C VAL D 49 44.02 -4.96 -64.61
N ILE D 50 45.16 -5.39 -64.11
CA ILE D 50 45.22 -6.16 -62.88
C ILE D 50 46.20 -5.52 -61.92
N TRP D 51 45.82 -5.44 -60.65
CA TRP D 51 46.67 -4.83 -59.63
C TRP D 51 47.86 -5.71 -59.28
N TYR D 52 48.89 -5.09 -58.75
CA TYR D 52 50.14 -5.76 -58.41
C TYR D 52 49.95 -7.07 -57.64
N ASP D 53 48.98 -7.11 -56.74
CA ASP D 53 48.76 -8.31 -55.93
C ASP D 53 47.56 -9.12 -56.41
N GLY D 54 46.96 -8.69 -57.51
CA GLY D 54 45.81 -9.37 -58.08
C GLY D 54 44.53 -9.08 -57.32
N SER D 55 44.59 -8.17 -56.34
CA SER D 55 43.43 -7.89 -55.49
C SER D 55 42.29 -7.26 -56.28
N ASN D 56 42.61 -6.50 -57.31
CA ASN D 56 41.60 -5.85 -58.12
C ASN D 56 41.88 -5.99 -59.60
N ARG D 57 40.83 -6.08 -60.38
CA ARG D 57 40.96 -6.10 -61.83
C ARG D 57 39.75 -5.45 -62.49
N TYR D 58 40.01 -4.69 -63.54
CA TYR D 58 38.94 -4.00 -64.25
C TYR D 58 39.00 -4.28 -65.75
N TYR D 59 37.86 -4.22 -66.39
CA TYR D 59 37.77 -4.51 -67.82
C TYR D 59 37.05 -3.41 -68.58
N ALA D 60 37.42 -3.24 -69.84
CA ALA D 60 36.66 -2.39 -70.73
C ALA D 60 35.29 -3.02 -70.95
N ASP D 61 34.28 -2.20 -71.13
CA ASP D 61 32.92 -2.71 -71.29
C ASP D 61 32.81 -3.69 -72.45
N SER D 62 33.56 -3.45 -73.52
CA SER D 62 33.47 -4.25 -74.72
C SER D 62 33.94 -5.71 -74.54
N VAL D 63 34.67 -5.97 -73.46
CA VAL D 63 35.18 -7.32 -73.20
C VAL D 63 34.71 -7.83 -71.84
N LYS D 64 33.84 -7.05 -71.20
CA LYS D 64 33.44 -7.35 -69.84
C LYS D 64 32.56 -8.59 -69.81
N GLY D 65 32.93 -9.54 -68.96
CA GLY D 65 32.17 -10.77 -68.82
C GLY D 65 32.71 -11.88 -69.73
N ARG D 66 33.65 -11.51 -70.61
CA ARG D 66 34.21 -12.50 -71.53
C ARG D 66 35.69 -12.73 -71.24
N PHE D 67 36.41 -11.66 -70.95
CA PHE D 67 37.84 -11.76 -70.69
C PHE D 67 38.12 -11.90 -69.20
N THR D 68 39.15 -12.69 -68.87
CA THR D 68 39.63 -12.80 -67.50
C THR D 68 41.12 -12.52 -67.42
N ILE D 69 41.51 -11.65 -66.52
CA ILE D 69 42.92 -11.33 -66.35
C ILE D 69 43.43 -11.91 -65.04
N SER D 70 44.60 -12.52 -65.10
CA SER D 70 45.21 -13.13 -63.92
C SER D 70 46.72 -13.04 -64.00
N ARG D 71 47.38 -13.27 -62.88
CA ARG D 71 48.83 -13.22 -62.86
C ARG D 71 49.41 -14.18 -61.83
N ASP D 72 50.59 -14.71 -62.13
CA ASP D 72 51.32 -15.53 -61.19
C ASP D 72 52.63 -14.87 -60.83
N ASN D 73 52.70 -14.30 -59.63
CA ASN D 73 53.84 -13.51 -59.22
C ASN D 73 55.05 -14.38 -58.91
N SER D 74 54.84 -15.70 -58.88
CA SER D 74 55.93 -16.63 -58.61
C SER D 74 56.59 -17.07 -59.92
N LYS D 75 55.97 -16.71 -61.03
CA LYS D 75 56.49 -17.05 -62.35
C LYS D 75 56.76 -15.80 -63.15
N ASN D 76 56.54 -14.65 -62.52
CA ASN D 76 56.68 -13.35 -63.17
C ASN D 76 55.91 -13.33 -64.48
N THR D 77 54.71 -13.91 -64.49
CA THR D 77 53.96 -14.03 -65.73
C THR D 77 52.54 -13.51 -65.62
N LEU D 78 52.16 -12.71 -66.61
CA LEU D 78 50.81 -12.16 -66.74
C LEU D 78 50.01 -12.98 -67.73
N TYR D 79 48.75 -13.26 -67.40
CA TYR D 79 47.90 -14.03 -68.30
C TYR D 79 46.63 -13.28 -68.68
N LEU D 80 46.15 -13.52 -69.89
CA LEU D 80 44.84 -13.05 -70.31
C LEU D 80 44.05 -14.16 -70.98
N GLN D 81 42.94 -14.55 -70.37
CA GLN D 81 42.10 -15.59 -70.90
C GLN D 81 40.92 -14.99 -71.62
N MET D 82 40.84 -15.19 -72.93
CA MET D 82 39.77 -14.60 -73.71
C MET D 82 38.80 -15.67 -74.17
N ASP D 83 37.59 -15.65 -73.60
CA ASP D 83 36.58 -16.64 -73.95
C ASP D 83 35.54 -16.02 -74.88
N SER D 84 34.84 -16.86 -75.62
CA SER D 84 33.78 -16.37 -76.50
C SER D 84 34.28 -15.22 -77.37
N LEU D 85 35.41 -15.44 -78.04
CA LEU D 85 35.97 -14.45 -78.94
C LEU D 85 35.08 -14.22 -80.15
N ARG D 86 35.05 -12.97 -80.61
CA ARG D 86 34.26 -12.60 -81.78
C ARG D 86 35.15 -11.95 -82.84
N ALA D 87 34.65 -11.84 -84.05
CA ALA D 87 35.44 -11.29 -85.15
C ALA D 87 35.95 -9.89 -84.81
N GLU D 88 35.17 -9.14 -84.06
CA GLU D 88 35.51 -7.78 -83.68
C GLU D 88 36.73 -7.71 -82.77
N ASP D 89 37.15 -8.85 -82.23
CA ASP D 89 38.27 -8.89 -81.30
C ASP D 89 39.61 -9.06 -81.99
N THR D 90 39.62 -9.07 -83.32
CA THR D 90 40.87 -9.17 -84.05
C THR D 90 41.71 -7.93 -83.79
N ALA D 91 42.89 -8.15 -83.21
CA ALA D 91 43.76 -7.03 -82.85
C ALA D 91 45.13 -7.52 -82.42
N VAL D 92 46.09 -6.61 -82.40
CA VAL D 92 47.36 -6.90 -81.78
C VAL D 92 47.30 -6.58 -80.29
N TYR D 93 47.54 -7.58 -79.47
CA TYR D 93 47.45 -7.43 -78.03
C TYR D 93 48.80 -7.17 -77.41
N TYR D 94 48.91 -6.04 -76.74
CA TYR D 94 50.13 -5.66 -76.04
C TYR D 94 49.93 -5.82 -74.54
N CYS D 95 50.99 -6.24 -73.85
CA CYS D 95 51.04 -6.14 -72.40
C CYS D 95 51.86 -4.91 -72.05
N ALA D 96 51.47 -4.22 -71.00
CA ALA D 96 52.18 -3.02 -70.60
C ALA D 96 52.23 -2.89 -69.10
N ARG D 97 53.30 -2.31 -68.60
CA ARG D 97 53.46 -2.13 -67.18
C ARG D 97 52.88 -0.80 -66.75
N ALA D 98 52.15 -0.81 -65.65
CA ALA D 98 51.67 0.44 -65.08
C ALA D 98 52.83 1.16 -64.44
N VAL D 99 52.90 2.47 -64.63
CA VAL D 99 53.92 3.25 -63.96
C VAL D 99 53.57 3.35 -62.48
N ALA D 100 54.55 3.20 -61.62
CA ALA D 100 54.27 3.30 -60.19
C ALA D 100 53.93 4.72 -59.81
N GLY D 101 52.79 4.89 -59.13
CA GLY D 101 52.40 6.19 -58.61
C GLY D 101 51.69 7.08 -59.63
N GLU D 102 51.43 6.56 -60.82
CA GLU D 102 50.78 7.37 -61.87
C GLU D 102 49.86 6.55 -62.76
N TRP D 103 49.21 7.24 -63.70
CA TRP D 103 48.15 6.63 -64.50
C TRP D 103 48.53 6.30 -65.93
N TYR D 104 49.80 6.39 -66.26
CA TYR D 104 50.21 6.07 -67.63
C TYR D 104 50.97 4.74 -67.71
N PHE D 105 51.28 4.33 -68.93
CA PHE D 105 51.96 3.07 -69.17
C PHE D 105 53.38 3.34 -69.67
N ASP D 106 54.37 3.01 -68.86
CA ASP D 106 55.75 3.35 -69.21
C ASP D 106 56.40 2.30 -70.11
N TYR D 107 56.35 1.04 -69.71
CA TYR D 107 56.96 -0.02 -70.51
C TYR D 107 55.93 -0.86 -71.25
N TRP D 108 56.22 -1.13 -72.51
CA TRP D 108 55.35 -1.92 -73.36
C TRP D 108 56.08 -3.13 -73.91
N GLY D 109 55.34 -4.18 -74.20
CA GLY D 109 55.91 -5.35 -74.89
C GLY D 109 55.90 -5.11 -76.39
N GLN D 110 56.00 -6.19 -77.16
CA GLN D 110 56.06 -6.06 -78.61
C GLN D 110 54.69 -6.30 -79.24
N GLY D 111 53.86 -7.06 -78.53
CA GLY D 111 52.51 -7.33 -78.97
C GLY D 111 52.41 -8.65 -79.73
N THR D 112 51.25 -9.28 -79.64
CA THR D 112 51.00 -10.52 -80.37
C THR D 112 49.64 -10.43 -81.05
N LEU D 113 49.59 -10.85 -82.31
CA LEU D 113 48.36 -10.74 -83.09
C LEU D 113 47.39 -11.88 -82.84
N VAL D 114 46.16 -11.51 -82.53
CA VAL D 114 45.08 -12.49 -82.37
C VAL D 114 44.02 -12.24 -83.42
N THR D 115 43.71 -13.28 -84.19
CA THR D 115 42.73 -13.17 -85.27
C THR D 115 41.56 -14.09 -85.02
N VAL D 116 40.36 -13.56 -85.16
CA VAL D 116 39.16 -14.36 -84.95
C VAL D 116 38.33 -14.42 -86.23
N SER D 117 38.16 -15.63 -86.78
CA SER D 117 37.49 -15.85 -88.06
C SER D 117 37.05 -17.30 -88.22
N TYR E 1 34.00 9.98 -70.20
CA TYR E 1 35.46 9.98 -70.18
C TYR E 1 36.05 9.70 -71.56
N GLU E 2 35.40 10.23 -72.61
CA GLU E 2 35.86 10.08 -73.99
C GLU E 2 36.92 11.12 -74.34
N LEU E 3 37.84 10.73 -75.21
CA LEU E 3 38.88 11.64 -75.68
C LEU E 3 38.79 11.85 -77.19
N THR E 4 38.67 13.11 -77.60
CA THR E 4 38.52 13.43 -79.01
C THR E 4 39.73 14.16 -79.56
N GLN E 5 40.29 13.65 -80.63
CA GLN E 5 41.41 14.27 -81.31
C GLN E 5 41.23 14.07 -82.82
N PRO E 6 41.72 15.00 -83.64
CA PRO E 6 41.60 15.00 -85.09
C PRO E 6 42.32 13.79 -85.68
N PRO E 7 41.84 13.26 -86.80
CA PRO E 7 42.36 12.10 -87.49
C PRO E 7 43.74 12.32 -88.06
N SER E 8 44.09 13.58 -88.34
CA SER E 8 45.40 13.86 -88.91
C SER E 8 45.80 15.32 -88.80
N VAL E 9 47.11 15.55 -88.84
CA VAL E 9 47.71 16.88 -88.93
C VAL E 9 48.75 16.91 -90.04
N SER E 10 48.72 17.94 -90.87
CA SER E 10 49.69 18.09 -91.95
C SER E 10 50.67 19.22 -91.66
N VAL E 11 51.94 18.87 -91.52
CA VAL E 11 52.98 19.83 -91.20
C VAL E 11 54.19 19.65 -92.11
N SER E 12 54.79 20.75 -92.53
CA SER E 12 56.01 20.68 -93.33
C SER E 12 57.20 20.57 -92.39
N PRO E 13 58.29 19.91 -92.81
CA PRO E 13 59.49 19.75 -92.04
C PRO E 13 60.05 21.11 -91.68
N GLY E 14 60.39 21.29 -90.42
CA GLY E 14 60.89 22.55 -89.92
C GLY E 14 59.80 23.38 -89.23
N GLN E 15 58.55 23.01 -89.45
CA GLN E 15 57.44 23.74 -88.84
C GLN E 15 57.05 23.12 -87.51
N THR E 16 56.12 23.78 -86.81
CA THR E 16 55.64 23.27 -85.53
C THR E 16 54.27 22.65 -85.66
N ALA E 17 54.16 21.41 -85.22
CA ALA E 17 52.89 20.69 -85.26
C ALA E 17 52.16 20.85 -83.94
N ARG E 18 50.85 21.03 -84.02
CA ARG E 18 50.03 21.14 -82.81
C ARG E 18 48.89 20.14 -82.84
N ILE E 19 49.05 19.07 -82.07
CA ILE E 19 48.08 18.00 -82.02
C ILE E 19 47.23 18.13 -80.77
N THR E 20 45.94 18.35 -80.94
CA THR E 20 45.07 18.60 -79.80
C THR E 20 44.24 17.39 -79.44
N CYS E 21 43.75 17.38 -78.20
CA CYS E 21 42.83 16.38 -77.69
C CYS E 21 41.89 17.02 -76.68
N SER E 22 40.60 16.69 -76.77
CA SER E 22 39.62 17.35 -75.92
C SER E 22 38.64 16.37 -75.27
N GLY E 23 38.10 16.80 -74.13
CA GLY E 23 37.08 16.05 -73.42
C GLY E 23 36.92 16.60 -72.01
N ASP E 24 35.75 16.39 -71.42
CA ASP E 24 35.47 16.95 -70.11
C ASP E 24 36.43 16.42 -69.06
N ALA E 25 36.84 15.17 -69.22
CA ALA E 25 37.74 14.52 -68.28
C ALA E 25 39.09 15.22 -68.24
N LEU E 26 39.45 15.87 -69.33
CA LEU E 26 40.77 16.48 -69.45
C LEU E 26 40.86 17.80 -68.70
N ALA E 27 39.73 18.29 -68.22
CA ALA E 27 39.73 19.49 -67.40
C ALA E 27 39.96 19.12 -65.94
N LYS E 28 39.89 17.82 -65.66
CA LYS E 28 40.00 17.33 -64.30
C LYS E 28 41.36 16.67 -64.09
N HIS E 29 41.68 15.73 -64.96
CA HIS E 29 42.86 14.90 -64.79
C HIS E 29 43.94 15.21 -65.82
N TYR E 30 45.13 14.67 -65.59
CA TYR E 30 46.25 14.87 -66.48
C TYR E 30 46.13 14.05 -67.76
N ALA E 31 46.65 14.60 -68.85
CA ALA E 31 46.74 13.87 -70.11
C ALA E 31 48.13 13.29 -70.31
N TYR E 32 48.20 12.20 -71.06
CA TYR E 32 49.47 11.60 -71.42
C TYR E 32 49.52 11.40 -72.93
N TRP E 33 50.68 11.64 -73.53
CA TRP E 33 50.78 11.49 -74.98
C TRP E 33 51.73 10.38 -75.37
N TYR E 34 51.31 9.59 -76.35
CA TYR E 34 52.14 8.52 -76.89
C TYR E 34 52.43 8.72 -78.36
N ARG E 35 53.59 8.23 -78.79
CA ARG E 35 53.96 8.22 -80.19
C ARG E 35 54.18 6.79 -80.66
N GLN E 36 53.42 6.39 -81.68
CA GLN E 36 53.55 5.05 -82.19
C GLN E 36 53.94 5.02 -83.66
N LYS E 37 55.03 4.32 -83.95
CA LYS E 37 55.45 4.12 -85.33
C LYS E 37 54.98 2.72 -85.75
N PRO E 38 54.70 2.50 -87.03
CA PRO E 38 54.27 1.23 -87.59
C PRO E 38 55.20 0.10 -87.17
N GLY E 39 54.62 -0.98 -86.68
CA GLY E 39 55.38 -2.16 -86.28
C GLY E 39 55.96 -2.04 -84.87
N GLN E 40 55.70 -0.93 -84.19
CA GLN E 40 56.27 -0.71 -82.86
C GLN E 40 55.19 -0.44 -81.82
N ALA E 41 55.52 -0.74 -80.57
CA ALA E 41 54.64 -0.41 -79.45
C ALA E 41 54.67 1.11 -79.23
N PRO E 42 53.59 1.69 -78.69
CA PRO E 42 53.49 3.08 -78.29
C PRO E 42 54.58 3.48 -77.30
N VAL E 43 55.14 4.67 -77.52
CA VAL E 43 56.19 5.20 -76.64
C VAL E 43 55.73 6.51 -76.01
N LEU E 44 55.82 6.58 -74.69
CA LEU E 44 55.40 7.79 -73.98
C LEU E 44 56.27 8.98 -74.37
N VAL E 45 55.61 10.08 -74.73
CA VAL E 45 56.32 11.29 -75.12
C VAL E 45 56.16 12.38 -74.06
N ILE E 46 54.92 12.56 -73.61
CA ILE E 46 54.60 13.57 -72.59
C ILE E 46 53.73 12.98 -71.50
N TYR E 47 53.99 13.36 -70.26
CA TYR E 47 53.13 12.97 -69.15
C TYR E 47 52.82 14.15 -68.26
N LYS E 48 51.71 14.07 -67.54
CA LYS E 48 51.26 15.19 -66.72
C LYS E 48 51.18 16.45 -67.56
N ASP E 49 50.62 16.32 -68.76
CA ASP E 49 50.40 17.42 -69.70
C ASP E 49 51.67 18.00 -70.32
N SER E 50 52.69 18.26 -69.51
CA SER E 50 53.84 19.03 -70.00
C SER E 50 55.22 18.40 -69.79
N GLU E 51 55.31 17.30 -69.04
CA GLU E 51 56.62 16.76 -68.68
C GLU E 51 57.12 15.72 -69.68
N ARG E 52 58.44 15.68 -69.88
CA ARG E 52 59.06 14.69 -70.75
C ARG E 52 59.76 13.61 -69.96
N PRO E 53 59.80 12.38 -70.49
CA PRO E 53 60.72 11.31 -70.18
C PRO E 53 62.13 11.69 -70.60
N SER E 54 63.13 11.06 -70.00
CA SER E 54 64.53 11.35 -70.31
C SER E 54 64.92 10.94 -71.74
N GLY E 55 64.10 10.11 -72.37
CA GLY E 55 64.37 9.64 -73.72
C GLY E 55 63.72 10.52 -74.79
N ILE E 56 63.08 11.61 -74.36
CA ILE E 56 62.37 12.48 -75.28
C ILE E 56 63.04 13.86 -75.33
N PRO E 57 63.39 14.35 -76.53
CA PRO E 57 64.09 15.59 -76.80
C PRO E 57 63.22 16.82 -76.54
N GLU E 58 63.89 17.95 -76.35
CA GLU E 58 63.26 19.22 -75.99
C GLU E 58 62.31 19.77 -77.07
N ARG E 59 62.31 19.14 -78.24
CA ARG E 59 61.42 19.56 -79.31
C ARG E 59 59.98 19.26 -78.96
N PHE E 60 59.77 18.38 -78.00
CA PHE E 60 58.43 18.02 -77.56
C PHE E 60 58.05 18.77 -76.30
N SER E 61 56.85 19.32 -76.30
CA SER E 61 56.32 20.01 -75.13
C SER E 61 54.81 19.90 -75.13
N GLY E 62 54.20 20.26 -74.01
CA GLY E 62 52.75 20.19 -73.94
C GLY E 62 52.17 21.28 -73.06
N SER E 63 50.89 21.52 -73.21
CA SER E 63 50.16 22.53 -72.44
C SER E 63 48.69 22.16 -72.38
N SER E 64 47.95 22.86 -71.52
CA SER E 64 46.52 22.61 -71.42
C SER E 64 45.74 23.87 -71.10
N SER E 65 44.47 23.88 -71.51
CA SER E 65 43.55 24.96 -71.21
C SER E 65 42.11 24.45 -71.25
N GLY E 66 41.43 24.55 -70.12
CA GLY E 66 40.05 24.07 -70.04
C GLY E 66 39.98 22.57 -70.28
N THR E 67 39.21 22.17 -71.28
CA THR E 67 38.99 20.76 -71.61
C THR E 67 39.92 20.28 -72.72
N THR E 68 40.82 21.16 -73.16
CA THR E 68 41.70 20.82 -74.28
C THR E 68 43.15 20.74 -73.85
N VAL E 69 43.83 19.70 -74.33
CA VAL E 69 45.26 19.55 -74.11
C VAL E 69 45.96 19.49 -75.47
N THR E 70 47.16 20.03 -75.55
CA THR E 70 47.87 20.08 -76.82
C THR E 70 49.29 19.55 -76.71
N LEU E 71 49.67 18.75 -77.70
CA LEU E 71 51.04 18.30 -77.86
C LEU E 71 51.72 19.15 -78.93
N THR E 72 52.78 19.84 -78.55
CA THR E 72 53.47 20.73 -79.48
C THR E 72 54.80 20.12 -79.88
N ILE E 73 55.03 20.02 -81.19
CA ILE E 73 56.27 19.47 -81.69
C ILE E 73 56.96 20.47 -82.60
N SER E 74 58.06 21.04 -82.13
CA SER E 74 58.76 22.04 -82.92
C SER E 74 59.84 21.40 -83.77
N GLY E 75 60.20 22.06 -84.87
CA GLY E 75 61.30 21.57 -85.69
C GLY E 75 60.99 20.18 -86.23
N VAL E 76 59.74 19.96 -86.64
CA VAL E 76 59.29 18.63 -87.05
C VAL E 76 60.16 18.05 -88.15
N GLN E 77 60.58 16.81 -87.96
CA GLN E 77 61.40 16.11 -88.94
C GLN E 77 60.69 14.88 -89.47
N ALA E 78 61.31 14.18 -90.41
CA ALA E 78 60.73 12.99 -91.01
C ALA E 78 60.50 11.91 -89.96
N GLU E 79 61.38 11.87 -88.96
CA GLU E 79 61.32 10.88 -87.90
C GLU E 79 60.09 11.03 -87.01
N ASP E 80 59.39 12.16 -87.13
CA ASP E 80 58.23 12.43 -86.30
C ASP E 80 56.94 12.00 -86.98
N GLU E 81 57.05 11.40 -88.16
CA GLU E 81 55.86 10.97 -88.88
C GLU E 81 55.30 9.70 -88.26
N ALA E 82 54.44 9.90 -87.27
CA ALA E 82 53.93 8.81 -86.45
C ALA E 82 52.51 9.10 -85.98
N ASP E 83 51.85 8.08 -85.45
CA ASP E 83 50.51 8.23 -84.90
C ASP E 83 50.58 8.62 -83.43
N TYR E 84 50.03 9.77 -83.10
CA TYR E 84 50.08 10.27 -81.74
C TYR E 84 48.75 10.08 -81.04
N TYR E 85 48.80 9.63 -79.80
CA TYR E 85 47.58 9.36 -79.05
C TYR E 85 47.55 10.15 -77.75
N CYS E 86 46.36 10.61 -77.36
CA CYS E 86 46.15 11.16 -76.02
C CYS E 86 45.55 10.08 -75.14
N GLN E 87 46.01 10.04 -73.90
CA GLN E 87 45.57 9.02 -72.96
C GLN E 87 45.18 9.64 -71.63
N SER E 88 44.19 9.05 -70.98
CA SER E 88 43.78 9.47 -69.66
C SER E 88 43.15 8.32 -68.91
N ALA E 89 42.56 8.63 -67.76
CA ALA E 89 41.91 7.61 -66.92
C ALA E 89 40.78 8.27 -66.15
N ASP E 90 39.85 7.45 -65.65
CA ASP E 90 38.69 8.00 -64.95
C ASP E 90 39.02 8.40 -63.52
N SER E 91 38.01 8.83 -62.78
CA SER E 91 38.22 9.44 -61.46
C SER E 91 38.36 8.41 -60.36
N ILE E 92 38.08 7.16 -60.67
CA ILE E 92 38.11 6.11 -59.68
C ILE E 92 39.20 5.08 -59.98
N GLY E 93 39.84 5.21 -61.14
CA GLY E 93 40.94 4.34 -61.52
C GLY E 93 40.47 2.96 -61.99
N SER E 94 39.27 2.92 -62.57
CA SER E 94 38.71 1.65 -63.02
C SER E 94 38.75 1.51 -64.52
N SER E 95 39.09 2.60 -65.21
CA SER E 95 39.07 2.60 -66.66
C SER E 95 40.10 3.55 -67.25
N TRP E 96 40.76 3.09 -68.29
CA TRP E 96 41.73 3.89 -69.04
C TRP E 96 41.19 4.15 -70.44
N VAL E 97 41.48 5.33 -70.97
CA VAL E 97 40.96 5.72 -72.26
C VAL E 97 42.01 6.34 -73.18
N PHE E 98 41.97 5.95 -74.45
CA PHE E 98 42.79 6.56 -75.48
C PHE E 98 41.91 7.31 -76.46
N GLY E 99 42.46 8.35 -77.08
CA GLY E 99 41.77 9.04 -78.15
C GLY E 99 41.88 8.23 -79.45
N GLY E 100 41.21 8.68 -80.49
CA GLY E 100 41.22 7.95 -81.76
C GLY E 100 42.62 7.82 -82.33
N GLY E 101 43.43 8.85 -82.16
CA GLY E 101 44.79 8.85 -82.67
C GLY E 101 44.93 9.81 -83.85
N THR E 102 45.99 10.60 -83.83
CA THR E 102 46.24 11.58 -84.87
C THR E 102 47.44 11.17 -85.71
N LYS E 103 47.23 11.05 -87.02
CA LYS E 103 48.36 10.75 -87.89
C LYS E 103 49.05 12.03 -88.32
N LEU E 104 50.30 12.19 -87.91
CA LEU E 104 51.03 13.40 -88.26
C LEU E 104 51.85 13.19 -89.52
N THR E 105 51.51 13.94 -90.56
CA THR E 105 52.18 13.83 -91.84
C THR E 105 53.18 14.96 -91.98
N VAL E 106 54.45 14.61 -92.27
CA VAL E 106 55.53 15.59 -92.33
C VAL E 106 55.63 16.20 -93.72
N GLN F 14 -58.33 26.98 -11.06
CA GLN F 14 -58.16 28.33 -11.59
C GLN F 14 -56.95 29.02 -10.99
N CYS F 15 -56.45 30.05 -11.68
CA CYS F 15 -55.34 30.89 -11.23
C CYS F 15 -55.75 32.35 -11.24
N VAL F 16 -55.13 33.14 -10.37
CA VAL F 16 -55.41 34.58 -10.34
C VAL F 16 -54.12 35.36 -10.58
N ASN F 17 -54.19 36.35 -11.47
CA ASN F 17 -53.03 37.20 -11.79
C ASN F 17 -52.93 38.34 -10.79
N LEU F 18 -51.99 38.24 -9.85
CA LEU F 18 -51.87 39.19 -8.74
C LEU F 18 -50.69 40.13 -8.91
N THR F 19 -49.62 39.68 -9.58
CA THR F 19 -48.44 40.52 -9.70
C THR F 19 -48.79 41.86 -10.34
N THR F 20 -48.36 42.94 -9.68
CA THR F 20 -48.63 44.31 -10.12
C THR F 20 -47.40 44.89 -10.83
N ALA F 27 -34.79 45.58 -0.48
CA ALA F 27 -34.65 45.68 0.98
C ALA F 27 -33.84 44.50 1.52
N TYR F 28 -32.93 44.79 2.44
CA TYR F 28 -32.06 43.78 3.05
C TYR F 28 -31.99 43.94 4.55
N THR F 29 -31.74 42.85 5.25
CA THR F 29 -31.46 42.89 6.67
C THR F 29 -30.18 42.13 6.98
N ASN F 30 -29.74 42.21 8.23
CA ASN F 30 -28.52 41.54 8.67
C ASN F 30 -28.84 40.18 9.28
N SER F 31 -28.22 39.12 8.74
CA SER F 31 -28.44 37.76 9.24
C SER F 31 -27.86 37.57 10.65
N PHE F 32 -26.99 38.48 11.03
CA PHE F 32 -26.27 38.40 12.29
C PHE F 32 -25.62 37.04 12.48
N THR F 33 -26.00 36.33 13.53
CA THR F 33 -25.40 35.05 13.85
C THR F 33 -26.44 33.94 13.80
N ARG F 34 -27.50 34.15 13.04
CA ARG F 34 -28.59 33.20 12.95
C ARG F 34 -28.51 32.37 11.67
N GLY F 35 -29.28 31.28 11.60
CA GLY F 35 -29.32 30.43 10.42
C GLY F 35 -28.49 29.17 10.62
N VAL F 36 -28.03 28.94 11.84
CA VAL F 36 -27.27 27.76 12.21
C VAL F 36 -28.18 26.65 12.68
N TYR F 37 -27.90 25.43 12.24
CA TYR F 37 -28.71 24.27 12.58
C TYR F 37 -27.82 23.11 12.99
N TYR F 38 -28.40 22.13 13.67
CA TYR F 38 -27.65 20.93 14.06
C TYR F 38 -27.25 20.15 12.80
N PRO F 39 -25.94 20.02 12.52
CA PRO F 39 -25.37 19.47 11.31
C PRO F 39 -25.67 17.98 11.15
N ASP F 40 -25.96 17.32 12.26
CA ASP F 40 -26.25 15.88 12.23
C ASP F 40 -27.14 15.48 13.40
N LYS F 41 -27.25 14.18 13.62
CA LYS F 41 -28.14 13.64 14.64
C LYS F 41 -27.35 12.99 15.77
N VAL F 42 -26.13 13.48 15.99
CA VAL F 42 -25.28 12.95 17.03
C VAL F 42 -25.31 13.82 18.27
N PHE F 43 -25.55 13.21 19.42
CA PHE F 43 -25.54 13.94 20.66
C PHE F 43 -24.12 14.24 21.11
N ARG F 44 -23.86 15.50 21.39
CA ARG F 44 -22.58 15.94 21.90
C ARG F 44 -22.84 16.85 23.07
N SER F 45 -21.93 16.91 24.03
CA SER F 45 -22.11 17.80 25.16
C SER F 45 -20.79 18.35 25.67
N SER F 46 -20.84 19.57 26.17
CA SER F 46 -19.67 20.22 26.75
C SER F 46 -18.45 20.09 25.84
N VAL F 47 -18.64 20.38 24.56
CA VAL F 47 -17.57 20.21 23.59
C VAL F 47 -17.67 21.20 22.44
N LEU F 48 -16.52 21.59 21.91
CA LEU F 48 -16.46 22.44 20.72
C LEU F 48 -16.18 21.58 19.51
N HIS F 49 -17.14 21.53 18.59
CA HIS F 49 -17.04 20.66 17.43
C HIS F 49 -16.93 21.45 16.14
N SER F 50 -15.93 21.12 15.34
CA SER F 50 -15.74 21.76 14.04
C SER F 50 -16.39 20.97 12.93
N THR F 51 -17.28 21.60 12.19
CA THR F 51 -18.00 20.93 11.11
C THR F 51 -18.01 21.75 9.83
N GLN F 52 -17.97 21.05 8.70
CA GLN F 52 -18.08 21.70 7.40
C GLN F 52 -19.40 21.33 6.73
N ASP F 53 -20.24 22.33 6.51
CA ASP F 53 -21.57 22.10 5.95
C ASP F 53 -22.10 23.38 5.32
N LEU F 54 -23.31 23.32 4.79
CA LEU F 54 -23.92 24.51 4.19
C LEU F 54 -24.66 25.30 5.24
N PHE F 55 -24.13 26.48 5.56
CA PHE F 55 -24.69 27.33 6.59
C PHE F 55 -24.94 28.72 6.05
N LEU F 56 -25.83 29.46 6.67
CA LEU F 56 -26.00 30.86 6.34
C LEU F 56 -24.81 31.64 6.92
N PRO F 57 -23.98 32.29 6.09
CA PRO F 57 -22.81 33.03 6.50
C PRO F 57 -23.20 34.12 7.49
N PHE F 58 -22.36 34.34 8.49
CA PHE F 58 -22.66 35.34 9.49
C PHE F 58 -22.61 36.73 8.92
N PHE F 59 -23.53 37.57 9.36
CA PHE F 59 -23.61 38.97 8.94
C PHE F 59 -23.72 39.11 7.43
N SER F 60 -24.48 38.21 6.80
CA SER F 60 -24.69 38.27 5.37
C SER F 60 -25.96 39.04 5.01
N ASN F 61 -26.08 39.37 3.71
CA ASN F 61 -27.21 40.14 3.20
C ASN F 61 -28.43 39.25 2.93
N VAL F 62 -29.44 39.38 3.79
CA VAL F 62 -30.67 38.60 3.68
C VAL F 62 -31.76 39.45 3.07
N THR F 63 -32.35 38.97 1.98
CA THR F 63 -33.32 39.77 1.25
C THR F 63 -34.66 39.79 1.97
N TRP F 64 -35.21 40.98 2.15
CA TRP F 64 -36.46 41.16 2.88
C TRP F 64 -37.62 41.45 1.92
N PHE F 65 -38.60 40.56 1.90
CA PHE F 65 -39.72 40.67 0.97
C PHE F 65 -41.00 41.12 1.66
N HIS F 66 -41.81 41.88 0.93
CA HIS F 66 -43.13 42.30 1.40
C HIS F 66 -44.18 42.05 0.34
N ALA F 67 -44.90 40.93 0.46
CA ALA F 67 -45.89 40.51 -0.54
C ALA F 67 -47.25 41.13 -0.22
N THR F 76 -54.15 51.33 -2.32
CA THR F 76 -53.61 50.86 -3.58
C THR F 76 -53.03 49.45 -3.40
N LYS F 77 -53.46 48.51 -4.25
CA LYS F 77 -52.97 47.14 -4.23
C LYS F 77 -51.57 47.03 -4.81
N ARG F 78 -50.70 46.32 -4.11
CA ARG F 78 -49.37 46.00 -4.60
C ARG F 78 -49.04 44.58 -4.22
N PHE F 79 -48.64 43.77 -5.19
CA PHE F 79 -48.32 42.37 -4.90
C PHE F 79 -47.03 41.95 -5.58
N ASP F 80 -46.12 41.43 -4.78
CA ASP F 80 -44.84 40.95 -5.27
C ASP F 80 -44.38 39.76 -4.45
N ASN F 81 -44.59 38.56 -4.98
CA ASN F 81 -44.24 37.34 -4.29
C ASN F 81 -43.50 36.42 -5.23
N PRO F 82 -42.28 36.79 -5.61
CA PRO F 82 -41.52 36.33 -6.75
C PRO F 82 -41.00 34.93 -6.56
N VAL F 83 -40.63 34.30 -7.67
CA VAL F 83 -39.92 33.04 -7.60
C VAL F 83 -38.44 33.31 -7.40
N LEU F 84 -37.88 32.69 -6.38
CA LEU F 84 -36.49 32.92 -6.01
C LEU F 84 -35.66 31.70 -6.32
N PRO F 85 -34.36 31.87 -6.56
CA PRO F 85 -33.39 30.81 -6.75
C PRO F 85 -33.21 30.01 -5.47
N PHE F 86 -32.94 28.72 -5.61
CA PHE F 86 -32.70 27.87 -4.46
C PHE F 86 -31.21 27.77 -4.17
N ASN F 87 -30.40 27.90 -5.22
CA ASN F 87 -28.96 27.78 -5.11
C ASN F 87 -28.54 26.49 -4.43
N ASP F 88 -27.76 26.59 -3.36
CA ASP F 88 -27.26 25.42 -2.65
C ASP F 88 -28.08 25.11 -1.41
N GLY F 89 -29.16 25.86 -1.22
CA GLY F 89 -29.98 25.72 -0.03
C GLY F 89 -30.48 27.08 0.41
N VAL F 90 -31.59 27.08 1.13
CA VAL F 90 -32.25 28.33 1.48
C VAL F 90 -32.51 28.51 2.96
N TYR F 91 -32.18 29.70 3.45
CA TYR F 91 -32.60 30.11 4.78
C TYR F 91 -33.85 30.97 4.68
N PHE F 92 -34.90 30.56 5.37
CA PHE F 92 -36.16 31.27 5.30
C PHE F 92 -36.62 31.66 6.69
N ALA F 93 -37.10 32.88 6.84
CA ALA F 93 -37.60 33.32 8.14
C ALA F 93 -38.80 34.23 7.98
N SER F 94 -39.66 34.24 8.98
CA SER F 94 -40.79 35.16 8.98
C SER F 94 -41.16 35.61 10.38
N THR F 95 -41.71 36.81 10.48
CA THR F 95 -42.11 37.38 11.75
C THR F 95 -43.55 37.86 11.70
N GLU F 96 -44.47 37.00 12.12
CA GLU F 96 -45.89 37.31 12.02
C GLU F 96 -46.73 36.51 13.00
N LYS F 97 -47.86 37.09 13.41
CA LYS F 97 -48.81 36.37 14.25
C LYS F 97 -50.09 36.06 13.48
N SER F 98 -50.10 36.38 12.19
CA SER F 98 -51.29 36.25 11.37
C SER F 98 -51.35 34.94 10.59
N ASN F 99 -50.31 34.12 10.72
CA ASN F 99 -50.26 32.85 9.99
C ASN F 99 -50.53 33.05 8.51
N ILE F 100 -49.78 33.94 7.88
CA ILE F 100 -49.95 34.24 6.47
C ILE F 100 -49.17 33.26 5.62
N ILE F 101 -47.95 32.97 6.05
CA ILE F 101 -47.13 32.03 5.31
C ILE F 101 -47.58 30.61 5.62
N ARG F 102 -47.96 29.89 4.58
CA ARG F 102 -48.52 28.56 4.75
C ARG F 102 -47.62 27.48 4.19
N GLY F 103 -46.79 27.83 3.23
CA GLY F 103 -45.98 26.79 2.62
C GLY F 103 -45.03 27.30 1.56
N TRP F 104 -44.47 26.37 0.81
CA TRP F 104 -43.51 26.70 -0.23
C TRP F 104 -43.63 25.75 -1.41
N ILE F 105 -43.21 26.22 -2.57
CA ILE F 105 -43.05 25.38 -3.74
C ILE F 105 -41.58 25.26 -4.07
N PHE F 106 -41.10 24.03 -4.21
CA PHE F 106 -39.71 23.80 -4.60
C PHE F 106 -39.65 22.99 -5.90
N GLY F 107 -38.95 23.50 -6.89
CA GLY F 107 -38.85 22.79 -8.16
C GLY F 107 -37.90 23.50 -9.12
N THR F 108 -38.12 23.29 -10.42
CA THR F 108 -37.26 23.88 -11.44
C THR F 108 -38.08 24.77 -12.36
N THR F 109 -38.81 24.16 -13.27
CA THR F 109 -39.64 24.89 -14.21
C THR F 109 -40.98 25.23 -13.58
N LEU F 110 -41.28 24.57 -12.47
CA LEU F 110 -42.49 24.84 -11.69
C LEU F 110 -43.75 24.74 -12.53
N ASP F 111 -43.78 23.74 -13.40
CA ASP F 111 -44.95 23.48 -14.22
C ASP F 111 -45.09 21.97 -14.41
N SER F 112 -46.05 21.56 -15.24
CA SER F 112 -46.36 20.15 -15.41
C SER F 112 -45.30 19.37 -16.18
N LYS F 113 -44.23 20.04 -16.61
CA LYS F 113 -43.19 19.35 -17.35
C LYS F 113 -42.26 18.55 -16.44
N THR F 114 -42.12 18.98 -15.18
CA THR F 114 -41.19 18.31 -14.27
C THR F 114 -41.82 18.09 -12.90
N GLN F 115 -41.19 17.25 -12.09
CA GLN F 115 -41.68 17.02 -10.73
C GLN F 115 -41.34 18.19 -9.83
N SER F 116 -42.27 18.55 -8.96
CA SER F 116 -42.05 19.60 -7.99
C SER F 116 -42.54 19.19 -6.61
N LEU F 117 -41.92 19.76 -5.58
CA LEU F 117 -42.26 19.50 -4.20
C LEU F 117 -43.13 20.60 -3.61
N LEU F 118 -44.32 20.22 -3.16
CA LEU F 118 -45.27 21.17 -2.60
C LEU F 118 -45.48 20.93 -1.10
N ILE F 119 -45.13 21.92 -0.30
CA ILE F 119 -45.29 21.83 1.15
C ILE F 119 -46.32 22.83 1.64
N VAL F 120 -47.44 22.35 2.18
CA VAL F 120 -48.48 23.25 2.67
C VAL F 120 -48.95 22.92 4.08
N ASN F 121 -48.98 23.94 4.93
CA ASN F 121 -49.53 23.83 6.28
C ASN F 121 -50.97 24.32 6.31
N ASN F 122 -51.80 23.70 7.15
CA ASN F 122 -53.15 24.18 7.42
C ASN F 122 -53.54 23.93 8.87
N ALA F 123 -54.83 24.07 9.19
CA ALA F 123 -55.33 24.02 10.56
C ALA F 123 -55.01 22.70 11.29
N THR F 124 -54.98 21.59 10.56
CA THR F 124 -54.86 20.29 11.24
C THR F 124 -53.56 19.56 10.95
N ASN F 125 -52.95 19.81 9.79
CA ASN F 125 -51.75 19.07 9.43
C ASN F 125 -50.91 19.73 8.35
N VAL F 126 -49.83 19.04 7.97
CA VAL F 126 -48.98 19.48 6.87
C VAL F 126 -49.00 18.44 5.78
N VAL F 127 -49.30 18.88 4.56
CA VAL F 127 -49.32 17.97 3.44
C VAL F 127 -48.16 18.24 2.50
N ILE F 128 -47.32 17.24 2.33
CA ILE F 128 -46.17 17.35 1.45
C ILE F 128 -46.28 16.38 0.29
N LYS F 129 -46.30 16.91 -0.92
CA LYS F 129 -46.50 16.08 -2.10
C LYS F 129 -45.48 16.35 -3.19
N VAL F 130 -45.15 15.31 -3.94
CA VAL F 130 -44.33 15.46 -5.13
C VAL F 130 -45.08 15.01 -6.35
N CYS F 131 -45.38 15.96 -7.25
CA CYS F 131 -46.18 15.71 -8.44
C CYS F 131 -45.73 16.63 -9.57
N GLU F 132 -46.23 16.37 -10.77
CA GLU F 132 -46.00 17.28 -11.88
C GLU F 132 -47.06 18.36 -11.85
N PHE F 133 -46.88 19.31 -10.92
CA PHE F 133 -47.87 20.35 -10.67
C PHE F 133 -47.80 21.43 -11.73
N GLN F 134 -48.96 21.85 -12.21
CA GLN F 134 -49.02 23.01 -13.07
C GLN F 134 -49.34 24.23 -12.23
N PHE F 135 -48.29 24.87 -11.71
CA PHE F 135 -48.46 25.93 -10.74
C PHE F 135 -48.92 27.23 -11.38
N CYS F 136 -49.65 28.03 -10.61
CA CYS F 136 -50.06 29.38 -10.98
C CYS F 136 -48.86 30.32 -10.90
N ASN F 137 -48.92 31.44 -11.61
CA ASN F 137 -47.85 32.43 -11.55
C ASN F 137 -47.81 33.10 -10.18
N ASP F 138 -48.99 33.25 -9.57
CA ASP F 138 -49.12 33.85 -8.26
C ASP F 138 -49.90 32.94 -7.31
N PRO F 139 -49.33 31.78 -6.95
CA PRO F 139 -49.97 30.73 -6.22
C PRO F 139 -50.27 31.17 -4.80
N PHE F 140 -51.46 30.87 -4.31
CA PHE F 140 -51.83 31.28 -2.97
C PHE F 140 -52.96 30.44 -2.40
N LEU F 141 -53.19 30.61 -1.10
CA LEU F 141 -54.33 30.02 -0.43
C LEU F 141 -55.30 31.13 -0.03
N GLY F 142 -56.57 30.95 -0.31
CA GLY F 142 -57.55 31.97 0.06
C GLY F 142 -57.96 31.82 1.51
N VAL F 143 -58.13 32.94 2.20
CA VAL F 143 -58.66 32.93 3.57
C VAL F 143 -59.68 34.05 3.74
N TYR F 144 -60.75 33.79 4.49
CA TYR F 144 -61.78 34.79 4.70
C TYR F 144 -62.16 34.89 6.17
N TYR F 145 -62.71 36.02 6.56
CA TYR F 145 -63.18 36.21 7.92
C TYR F 145 -64.64 35.81 8.03
N HIS F 146 -64.90 34.77 8.81
CA HIS F 146 -66.25 34.24 8.98
C HIS F 146 -67.01 35.17 9.92
N LYS F 147 -68.08 35.78 9.41
CA LYS F 147 -68.75 36.84 10.14
C LYS F 147 -69.49 36.36 11.38
N ASN F 148 -69.96 35.11 11.37
CA ASN F 148 -70.67 34.60 12.53
C ASN F 148 -69.71 34.04 13.57
N ASN F 149 -68.74 33.22 13.11
CA ASN F 149 -67.72 32.64 13.98
C ASN F 149 -66.71 33.68 14.43
N LYS F 150 -66.59 34.78 13.67
CA LYS F 150 -65.68 35.90 13.96
C LYS F 150 -64.24 35.42 14.02
N SER F 151 -63.86 34.66 13.01
CA SER F 151 -62.52 34.12 12.89
C SER F 151 -62.16 33.86 11.45
N TRP F 152 -60.86 33.73 11.17
CA TRP F 152 -60.40 33.47 9.82
C TRP F 152 -60.50 31.98 9.49
N MET F 153 -60.98 31.68 8.29
CA MET F 153 -61.16 30.31 7.84
C MET F 153 -60.69 30.11 6.41
N GLU F 154 -60.35 28.87 6.07
CA GLU F 154 -59.86 28.54 4.75
C GLU F 154 -60.98 28.55 3.72
N SER F 155 -60.65 28.94 2.50
CA SER F 155 -61.60 28.90 1.40
C SER F 155 -61.18 27.87 0.34
N GLU F 156 -60.44 28.34 -0.65
CA GLU F 156 -60.01 27.48 -1.74
C GLU F 156 -58.53 27.65 -2.05
N PHE F 157 -57.94 26.61 -2.63
CA PHE F 157 -56.56 26.67 -3.11
C PHE F 157 -56.48 27.24 -4.51
N ARG F 158 -55.55 28.16 -4.71
CA ARG F 158 -55.24 28.68 -6.02
C ARG F 158 -53.73 28.61 -6.22
N VAL F 159 -53.19 27.42 -5.99
CA VAL F 159 -51.76 27.19 -6.04
C VAL F 159 -51.38 26.60 -7.39
N TYR F 160 -52.17 25.64 -7.85
CA TYR F 160 -51.94 24.97 -9.13
C TYR F 160 -53.26 24.67 -9.80
N SER F 161 -53.23 24.56 -11.13
CA SER F 161 -54.43 24.27 -11.89
C SER F 161 -54.66 22.77 -12.03
N SER F 162 -53.59 22.00 -11.97
CA SER F 162 -53.67 20.56 -12.09
C SER F 162 -52.45 19.89 -11.49
N ALA F 163 -52.58 18.60 -11.17
CA ALA F 163 -51.45 17.81 -10.70
C ALA F 163 -51.63 16.35 -11.11
N ASN F 164 -50.52 15.72 -11.48
CA ASN F 164 -50.54 14.31 -11.85
C ASN F 164 -49.16 13.68 -11.65
N ASN F 165 -49.03 12.38 -11.94
CA ASN F 165 -47.76 11.66 -11.84
C ASN F 165 -47.11 11.86 -10.45
N CYS F 166 -47.93 11.71 -9.40
CA CYS F 166 -47.47 11.89 -8.02
C CYS F 166 -46.63 10.70 -7.57
N THR F 167 -45.46 10.99 -7.00
CA THR F 167 -44.52 9.95 -6.60
C THR F 167 -44.35 9.87 -5.09
N PHE F 168 -44.70 10.95 -4.40
CA PHE F 168 -44.48 11.01 -2.95
C PHE F 168 -45.57 11.79 -2.24
N GLU F 169 -45.99 11.28 -1.10
CA GLU F 169 -46.94 11.98 -0.23
C GLU F 169 -46.63 11.71 1.23
N TYR F 170 -46.63 12.78 2.03
CA TYR F 170 -46.34 12.68 3.45
C TYR F 170 -47.20 13.66 4.24
N VAL F 171 -47.75 13.20 5.35
CA VAL F 171 -48.57 14.06 6.20
C VAL F 171 -48.12 14.01 7.65
N SER F 172 -47.94 15.18 8.25
CA SER F 172 -47.51 15.26 9.65
C SER F 172 -48.11 16.46 10.37
N GLN F 173 -47.52 16.81 11.50
CA GLN F 173 -48.02 17.88 12.36
C GLN F 173 -47.71 19.26 11.78
N PRO F 174 -48.56 20.25 12.05
CA PRO F 174 -48.47 21.64 11.61
C PRO F 174 -47.29 22.34 12.26
N PHE F 175 -46.70 23.29 11.55
CA PHE F 175 -45.59 24.09 12.09
C PHE F 175 -45.58 25.57 11.64
N LEU F 176 -46.54 25.95 10.78
CA LEU F 176 -46.73 27.35 10.39
C LEU F 176 -48.09 27.86 10.90
N LYS F 187 -44.68 39.34 16.30
CA LYS F 187 -43.79 39.05 17.42
C LYS F 187 -43.55 37.55 17.59
N ASN F 188 -43.63 36.80 16.48
CA ASN F 188 -43.38 35.36 16.47
C ASN F 188 -42.50 34.99 15.29
N LEU F 189 -41.26 34.63 15.58
CA LEU F 189 -40.28 34.35 14.55
C LEU F 189 -40.20 32.86 14.24
N ARG F 190 -40.43 32.53 12.98
CA ARG F 190 -40.35 31.17 12.50
C ARG F 190 -39.21 31.05 11.51
N GLU F 191 -38.27 30.17 11.79
CA GLU F 191 -37.09 30.03 10.94
C GLU F 191 -36.98 28.63 10.38
N PHE F 192 -36.59 28.55 9.11
CA PHE F 192 -36.43 27.28 8.42
C PHE F 192 -35.17 27.24 7.59
N VAL F 193 -34.59 26.05 7.49
CA VAL F 193 -33.49 25.82 6.54
C VAL F 193 -33.81 24.68 5.61
N PHE F 194 -33.71 24.94 4.31
CA PHE F 194 -34.02 23.96 3.30
C PHE F 194 -32.78 23.49 2.55
N LYS F 195 -32.50 22.20 2.64
CA LYS F 195 -31.37 21.60 1.94
C LYS F 195 -31.86 20.49 1.03
N ASN F 196 -31.11 20.22 -0.04
CA ASN F 196 -31.47 19.15 -0.95
C ASN F 196 -30.24 18.33 -1.31
N ILE F 197 -29.87 17.40 -0.44
CA ILE F 197 -28.60 16.68 -0.57
C ILE F 197 -28.77 15.17 -0.61
N ASP F 198 -28.18 14.56 -1.64
CA ASP F 198 -28.19 13.11 -1.79
C ASP F 198 -29.61 12.55 -1.79
N GLY F 199 -30.53 13.28 -2.40
CA GLY F 199 -31.90 12.82 -2.54
C GLY F 199 -32.78 13.21 -1.37
N TYR F 200 -32.18 13.69 -0.28
CA TYR F 200 -32.97 14.08 0.87
C TYR F 200 -33.24 15.56 0.92
N PHE F 201 -34.51 15.91 1.02
CA PHE F 201 -34.90 17.29 1.22
C PHE F 201 -35.04 17.51 2.72
N LYS F 202 -34.05 18.16 3.29
CA LYS F 202 -33.95 18.27 4.73
C LYS F 202 -34.47 19.60 5.22
N ILE F 203 -35.38 19.55 6.16
CA ILE F 203 -35.94 20.77 6.72
C ILE F 203 -35.58 20.90 8.19
N TYR F 204 -35.02 22.04 8.56
CA TYR F 204 -34.72 22.35 9.95
C TYR F 204 -35.58 23.53 10.35
N SER F 205 -35.95 23.62 11.63
CA SER F 205 -36.81 24.72 12.04
C SER F 205 -36.64 25.15 13.49
N LYS F 206 -37.07 26.36 13.78
CA LYS F 206 -37.11 26.89 15.13
C LYS F 206 -38.26 27.88 15.31
N HIS F 207 -38.88 27.87 16.48
CA HIS F 207 -39.93 28.82 16.81
C HIS F 207 -39.55 29.66 18.03
N THR F 208 -39.34 30.94 17.82
CA THR F 208 -38.88 31.84 18.87
C THR F 208 -39.74 33.11 18.93
N PRO F 209 -40.21 33.52 20.11
CA PRO F 209 -40.89 34.78 20.37
C PRO F 209 -39.90 35.93 20.31
N ILE F 210 -40.30 37.03 19.69
CA ILE F 210 -39.40 38.17 19.54
C ILE F 210 -40.05 39.49 19.90
N ASN F 211 -39.23 40.52 20.09
CA ASN F 211 -39.71 41.88 20.33
C ASN F 211 -39.20 42.84 19.26
N LEU F 212 -39.02 42.35 18.04
CA LEU F 212 -38.52 43.16 16.95
C LEU F 212 -39.56 43.30 15.85
N VAL F 213 -39.48 44.41 15.11
CA VAL F 213 -40.42 44.67 14.03
C VAL F 213 -39.77 44.62 12.65
N ARG F 214 -38.64 45.28 12.50
CA ARG F 214 -38.00 45.42 11.19
C ARG F 214 -36.94 44.34 10.93
N ASP F 215 -36.02 44.19 11.87
CA ASP F 215 -34.87 43.31 11.69
C ASP F 215 -35.03 41.98 12.40
N LEU F 216 -34.25 41.00 11.97
CA LEU F 216 -34.12 39.74 12.69
C LEU F 216 -33.37 40.01 14.00
N PRO F 217 -33.65 39.24 15.05
CA PRO F 217 -33.05 39.34 16.37
C PRO F 217 -31.58 39.00 16.37
N GLN F 218 -30.87 39.56 17.34
CA GLN F 218 -29.46 39.21 17.54
C GLN F 218 -29.34 38.13 18.60
N GLY F 219 -28.26 37.37 18.53
CA GLY F 219 -28.05 36.27 19.47
C GLY F 219 -28.03 34.95 18.73
N PHE F 220 -27.81 33.86 19.46
CA PHE F 220 -27.68 32.56 18.81
C PHE F 220 -28.74 31.57 19.23
N SER F 221 -29.36 30.94 18.25
CA SER F 221 -30.31 29.86 18.47
C SER F 221 -30.27 28.88 17.32
N ALA F 222 -29.92 27.63 17.60
CA ALA F 222 -29.79 26.63 16.54
C ALA F 222 -31.14 26.05 16.16
N LEU F 223 -31.29 25.75 14.88
CA LEU F 223 -32.49 25.10 14.35
C LEU F 223 -32.35 23.59 14.42
N GLU F 224 -33.43 22.92 14.78
CA GLU F 224 -33.43 21.47 14.89
C GLU F 224 -34.02 20.83 13.64
N PRO F 225 -33.60 19.63 13.28
CA PRO F 225 -34.17 18.80 12.24
C PRO F 225 -35.67 18.66 12.44
N LEU F 226 -36.43 18.89 11.39
CA LEU F 226 -37.87 18.78 11.42
C LEU F 226 -38.31 17.50 10.72
N VAL F 227 -37.79 17.30 9.51
CA VAL F 227 -38.08 16.10 8.74
C VAL F 227 -37.06 15.89 7.64
N ASP F 228 -36.68 14.62 7.43
CA ASP F 228 -35.83 14.25 6.31
C ASP F 228 -36.66 13.53 5.26
N LEU F 229 -36.94 14.22 4.17
CA LEU F 229 -37.84 13.67 3.16
C LEU F 229 -37.07 13.02 2.02
N PRO F 230 -37.38 11.75 1.69
CA PRO F 230 -36.81 10.98 0.61
C PRO F 230 -37.44 11.37 -0.72
N ILE F 231 -37.20 12.62 -1.12
CA ILE F 231 -37.86 13.20 -2.28
C ILE F 231 -37.17 12.83 -3.59
N GLY F 232 -35.87 13.04 -3.67
CA GLY F 232 -35.10 12.65 -4.86
C GLY F 232 -35.39 13.48 -6.11
N ILE F 233 -35.59 14.79 -5.98
CA ILE F 233 -35.88 15.60 -7.17
C ILE F 233 -34.89 16.77 -7.30
N ASN F 234 -34.84 17.33 -8.52
CA ASN F 234 -34.04 18.50 -8.87
C ASN F 234 -34.77 19.79 -8.50
N ILE F 235 -34.14 20.63 -7.66
CA ILE F 235 -34.69 21.91 -7.22
C ILE F 235 -33.72 23.05 -7.52
N THR F 236 -34.20 24.06 -8.24
CA THR F 236 -33.37 25.21 -8.57
C THR F 236 -34.05 26.51 -8.21
N ARG F 237 -35.36 26.47 -8.05
CA ARG F 237 -36.15 27.65 -7.72
C ARG F 237 -37.23 27.31 -6.70
N PHE F 238 -37.69 28.32 -5.97
CA PHE F 238 -38.78 28.10 -5.03
C PHE F 238 -39.64 29.35 -4.89
N GLN F 239 -40.85 29.16 -4.37
CA GLN F 239 -41.77 30.26 -4.17
C GLN F 239 -42.52 30.10 -2.85
N THR F 240 -42.81 31.21 -2.18
CA THR F 240 -43.51 31.17 -0.90
C THR F 240 -45.02 31.21 -1.09
N LEU F 241 -45.72 30.31 -0.40
CA LEU F 241 -47.18 30.28 -0.45
C LEU F 241 -47.80 31.06 0.69
N LEU F 242 -48.56 32.08 0.33
CA LEU F 242 -49.17 32.98 1.29
C LEU F 242 -50.68 32.81 1.33
N ALA F 243 -51.26 33.09 2.49
CA ALA F 243 -52.70 33.15 2.63
C ALA F 243 -53.17 34.58 2.42
N LEU F 244 -53.98 34.79 1.39
CA LEU F 244 -54.41 36.13 1.06
C LEU F 244 -55.83 36.37 1.53
N HIS F 245 -56.05 37.51 2.17
CA HIS F 245 -57.37 37.85 2.68
C HIS F 245 -58.33 38.04 1.52
N ARG F 246 -59.54 37.54 1.69
CA ARG F 246 -60.57 37.63 0.66
C ARG F 246 -60.71 39.05 0.12
N SER F 247 -60.61 40.04 0.99
CA SER F 247 -60.82 41.44 0.61
C SER F 247 -59.81 41.93 -0.42
N TYR F 248 -58.73 41.19 -0.61
CA TYR F 248 -57.70 41.58 -1.57
C TYR F 248 -58.07 41.11 -2.98
N LEU F 249 -59.10 40.29 -3.06
CA LEU F 249 -59.48 39.68 -4.32
C LEU F 249 -60.64 40.42 -4.97
N THR F 250 -60.93 41.61 -4.48
CA THR F 250 -61.92 42.46 -5.12
C THR F 250 -61.34 42.95 -6.44
N PRO F 251 -62.17 43.25 -7.43
CA PRO F 251 -61.82 43.69 -8.77
C PRO F 251 -61.29 45.13 -8.84
N GLY F 252 -61.42 45.88 -7.75
CA GLY F 252 -60.94 47.26 -7.73
C GLY F 252 -59.44 47.31 -7.47
N ASP F 253 -58.87 48.52 -7.53
CA ASP F 253 -57.42 48.68 -7.38
C ASP F 253 -56.97 48.90 -5.93
N SER F 254 -57.90 48.78 -4.99
CA SER F 254 -57.58 49.04 -3.59
C SER F 254 -58.35 48.12 -2.64
N SER F 255 -57.84 48.00 -1.41
CA SER F 255 -58.45 47.20 -0.36
C SER F 255 -58.30 47.90 0.98
N ALA F 263 -47.43 40.30 5.24
CA ALA F 263 -46.89 39.17 4.49
C ALA F 263 -45.40 39.39 4.20
N ALA F 264 -44.61 39.56 5.26
CA ALA F 264 -43.17 39.82 5.13
C ALA F 264 -42.35 38.60 5.53
N TYR F 265 -41.26 38.38 4.82
CA TYR F 265 -40.36 37.27 5.11
C TYR F 265 -38.94 37.55 4.63
N TYR F 266 -37.99 36.79 5.14
CA TYR F 266 -36.58 36.99 4.84
C TYR F 266 -36.00 35.76 4.16
N VAL F 267 -35.19 35.98 3.12
CA VAL F 267 -34.55 34.86 2.43
C VAL F 267 -33.05 35.04 2.30
N GLY F 268 -32.31 34.04 2.77
CA GLY F 268 -30.86 34.02 2.65
C GLY F 268 -30.44 32.74 1.97
N TYR F 269 -29.16 32.60 1.68
CA TYR F 269 -28.69 31.40 1.00
C TYR F 269 -27.51 30.77 1.72
N LEU F 270 -27.43 29.45 1.66
CA LEU F 270 -26.40 28.72 2.37
C LEU F 270 -25.12 28.63 1.54
N GLN F 271 -23.99 28.57 2.23
CA GLN F 271 -22.70 28.41 1.58
C GLN F 271 -21.89 27.34 2.31
N PRO F 272 -20.96 26.68 1.62
CA PRO F 272 -20.01 25.73 2.16
C PRO F 272 -18.99 26.43 3.04
N ARG F 273 -19.25 26.40 4.33
CA ARG F 273 -18.44 27.11 5.31
C ARG F 273 -18.06 26.19 6.45
N THR F 274 -16.96 26.52 7.12
CA THR F 274 -16.57 25.78 8.31
C THR F 274 -17.05 26.53 9.55
N PHE F 275 -17.76 25.83 10.41
CA PHE F 275 -18.27 26.40 11.64
C PHE F 275 -17.76 25.67 12.87
N LEU F 276 -17.44 26.44 13.89
CA LEU F 276 -17.10 25.87 15.18
C LEU F 276 -18.33 25.99 16.08
N LEU F 277 -18.89 24.86 16.47
CA LEU F 277 -20.13 24.86 17.23
C LEU F 277 -19.89 24.48 18.67
N LYS F 278 -20.42 25.27 19.60
CA LYS F 278 -20.27 24.99 21.01
C LYS F 278 -21.50 24.32 21.60
N TYR F 279 -21.33 23.09 22.05
CA TYR F 279 -22.40 22.34 22.70
C TYR F 279 -22.29 22.49 24.21
N ASN F 280 -23.40 22.89 24.84
CA ASN F 280 -23.40 23.06 26.29
C ASN F 280 -23.61 21.72 26.99
N GLU F 281 -23.78 21.76 28.30
CA GLU F 281 -23.89 20.52 29.08
C GLU F 281 -25.12 19.67 28.72
N ASN F 282 -26.15 20.27 28.12
CA ASN F 282 -27.37 19.58 27.72
C ASN F 282 -27.38 19.24 26.22
N GLY F 283 -26.24 19.44 25.56
CA GLY F 283 -26.07 19.13 24.14
C GLY F 283 -26.73 20.14 23.23
N THR F 284 -26.95 21.34 23.73
CA THR F 284 -27.56 22.38 22.94
C THR F 284 -26.48 23.29 22.37
N ILE F 285 -26.60 23.63 21.10
CA ILE F 285 -25.64 24.55 20.53
C ILE F 285 -26.03 25.94 20.99
N THR F 286 -25.12 26.62 21.67
CA THR F 286 -25.43 27.92 22.26
C THR F 286 -24.65 29.03 21.61
N ASP F 287 -23.63 28.68 20.84
CA ASP F 287 -22.81 29.65 20.15
C ASP F 287 -22.11 29.01 18.98
N ALA F 288 -21.64 29.83 18.05
CA ALA F 288 -20.93 29.33 16.89
C ALA F 288 -20.00 30.38 16.31
N VAL F 289 -18.95 29.90 15.65
CA VAL F 289 -18.02 30.78 14.95
C VAL F 289 -17.98 30.47 13.46
N ASP F 290 -18.22 31.49 12.65
CA ASP F 290 -18.07 31.37 11.21
C ASP F 290 -16.60 31.61 10.87
N CYS F 291 -15.89 30.54 10.53
CA CYS F 291 -14.44 30.55 10.43
C CYS F 291 -13.94 31.42 9.28
N ALA F 292 -14.85 31.86 8.41
CA ALA F 292 -14.46 32.67 7.27
C ALA F 292 -15.01 34.08 7.37
N LEU F 293 -15.54 34.46 8.53
CA LEU F 293 -16.11 35.79 8.73
C LEU F 293 -15.04 36.87 8.76
N ASP F 294 -14.03 36.68 9.60
CA ASP F 294 -12.96 37.65 9.77
C ASP F 294 -11.74 36.94 10.39
N PRO F 295 -10.57 37.60 10.49
CA PRO F 295 -9.32 37.05 10.98
C PRO F 295 -9.38 36.59 12.43
N LEU F 296 -10.33 37.11 13.21
CA LEU F 296 -10.42 36.71 14.60
C LEU F 296 -11.19 35.42 14.72
N SER F 297 -12.26 35.30 13.93
CA SER F 297 -13.04 34.09 13.89
C SER F 297 -12.18 32.96 13.37
N GLU F 298 -11.32 33.27 12.41
CA GLU F 298 -10.40 32.29 11.84
C GLU F 298 -9.43 31.81 12.92
N THR F 299 -8.93 32.74 13.73
CA THR F 299 -8.05 32.41 14.84
C THR F 299 -8.76 31.53 15.85
N LYS F 300 -10.00 31.88 16.19
CA LYS F 300 -10.79 31.11 17.14
C LYS F 300 -10.99 29.66 16.68
N CYS F 301 -11.27 29.47 15.39
CA CYS F 301 -11.44 28.14 14.81
C CYS F 301 -10.13 27.37 14.81
N THR F 302 -9.04 28.06 14.50
CA THR F 302 -7.71 27.45 14.47
C THR F 302 -7.33 26.90 15.84
N LEU F 303 -7.64 27.67 16.88
CA LEU F 303 -7.30 27.30 18.24
C LEU F 303 -8.38 26.46 18.91
N LYS F 304 -9.46 26.20 18.18
CA LYS F 304 -10.60 25.45 18.71
C LYS F 304 -11.06 26.04 20.03
N SER F 305 -11.26 27.34 20.06
CA SER F 305 -11.72 28.02 21.26
C SER F 305 -12.51 29.28 20.92
N PHE F 306 -13.44 29.64 21.77
CA PHE F 306 -14.22 30.86 21.55
C PHE F 306 -13.55 32.05 22.19
N THR F 307 -12.40 31.82 22.81
CA THR F 307 -11.59 32.89 23.36
C THR F 307 -10.17 32.79 22.84
N VAL F 308 -9.51 33.93 22.71
CA VAL F 308 -8.12 33.97 22.26
C VAL F 308 -7.27 34.77 23.22
N GLU F 309 -6.11 34.22 23.56
CA GLU F 309 -5.19 34.91 24.45
C GLU F 309 -4.32 35.88 23.67
N LYS F 310 -3.77 36.86 24.36
CA LYS F 310 -2.87 37.81 23.72
C LYS F 310 -1.72 37.09 23.04
N GLY F 311 -1.47 37.44 21.78
CA GLY F 311 -0.37 36.83 21.05
C GLY F 311 -0.54 36.89 19.55
N ILE F 312 0.38 36.25 18.85
CA ILE F 312 0.37 36.17 17.40
C ILE F 312 0.20 34.71 16.97
N TYR F 313 -0.75 34.46 16.10
CA TYR F 313 -1.06 33.09 15.71
C TYR F 313 -0.99 32.88 14.21
N GLN F 314 -0.48 31.73 13.80
CA GLN F 314 -0.48 31.35 12.40
C GLN F 314 -1.77 30.61 12.11
N THR F 315 -2.64 31.21 11.31
CA THR F 315 -3.99 30.70 11.15
C THR F 315 -4.30 30.23 9.74
N SER F 316 -3.62 30.80 8.76
CA SER F 316 -3.94 30.49 7.37
C SER F 316 -2.78 30.82 6.45
N ASN F 317 -2.96 30.53 5.17
CA ASN F 317 -1.97 30.86 4.17
C ASN F 317 -2.54 31.77 3.11
N PHE F 318 -1.70 32.63 2.58
CA PHE F 318 -2.06 33.55 1.52
C PHE F 318 -1.47 33.09 0.20
N ARG F 319 -2.25 33.20 -0.87
CA ARG F 319 -1.75 32.86 -2.19
C ARG F 319 -2.53 33.60 -3.28
N VAL F 320 -1.80 34.20 -4.20
CA VAL F 320 -2.41 34.85 -5.34
C VAL F 320 -2.92 33.82 -6.33
N GLN F 321 -4.18 33.96 -6.73
CA GLN F 321 -4.78 33.01 -7.64
C GLN F 321 -4.59 33.46 -9.07
N PRO F 322 -4.43 32.52 -10.01
CA PRO F 322 -4.29 32.74 -11.43
C PRO F 322 -5.58 33.29 -12.01
N THR F 323 -5.46 34.21 -12.96
CA THR F 323 -6.62 34.84 -13.58
C THR F 323 -6.83 34.41 -15.02
N GLU F 324 -5.82 33.76 -15.60
CA GLU F 324 -5.88 33.34 -17.00
C GLU F 324 -5.29 31.95 -17.17
N SER F 325 -5.63 31.29 -18.27
CA SER F 325 -5.04 30.00 -18.61
C SER F 325 -4.33 30.08 -19.95
N ILE F 326 -3.02 29.90 -19.93
CA ILE F 326 -2.18 30.08 -21.10
C ILE F 326 -1.73 28.75 -21.69
N VAL F 327 -2.18 28.46 -22.90
CA VAL F 327 -1.82 27.21 -23.55
C VAL F 327 -0.95 27.45 -24.77
N ARG F 328 0.21 26.84 -24.78
CA ARG F 328 1.14 27.02 -25.89
C ARG F 328 1.59 25.68 -26.46
N PHE F 329 0.96 25.24 -27.53
CA PHE F 329 1.33 24.02 -28.21
C PHE F 329 2.06 24.36 -29.51
N PRO F 330 2.89 23.46 -30.04
CA PRO F 330 3.57 23.59 -31.31
C PRO F 330 2.56 23.93 -32.41
N ASN F 331 2.91 24.91 -33.26
CA ASN F 331 1.99 25.39 -34.28
C ASN F 331 2.04 24.52 -35.55
N ILE F 332 1.48 23.32 -35.43
CA ILE F 332 1.39 22.35 -36.52
C ILE F 332 -0.06 21.98 -36.77
N THR F 333 -0.39 21.69 -38.03
CA THR F 333 -1.77 21.40 -38.38
C THR F 333 -1.97 20.02 -38.96
N ASN F 334 -0.89 19.35 -39.34
CA ASN F 334 -1.01 18.04 -39.96
C ASN F 334 -1.51 17.02 -38.94
N LEU F 335 -2.48 16.21 -39.34
CA LEU F 335 -3.03 15.19 -38.46
C LEU F 335 -2.21 13.91 -38.49
N CYS F 336 -2.17 13.21 -37.37
CA CYS F 336 -1.49 11.92 -37.24
C CYS F 336 -2.22 10.84 -38.03
N PRO F 337 -1.49 10.02 -38.78
CA PRO F 337 -1.97 8.96 -39.64
C PRO F 337 -2.41 7.73 -38.84
N PHE F 338 -3.40 7.92 -37.98
CA PHE F 338 -3.94 6.81 -37.21
C PHE F 338 -4.88 5.98 -38.07
N GLY F 339 -5.69 6.65 -38.87
CA GLY F 339 -6.67 5.96 -39.71
C GLY F 339 -5.98 4.95 -40.61
N GLU F 340 -4.80 5.33 -41.09
CA GLU F 340 -4.01 4.47 -41.97
C GLU F 340 -3.62 3.15 -41.30
N VAL F 341 -3.66 3.13 -39.98
CA VAL F 341 -3.35 1.93 -39.22
C VAL F 341 -4.60 1.10 -39.05
N PHE F 342 -5.70 1.78 -38.72
CA PHE F 342 -6.97 1.12 -38.44
C PHE F 342 -7.67 0.58 -39.68
N ASN F 343 -7.54 1.27 -40.82
CA ASN F 343 -8.21 0.87 -42.06
C ASN F 343 -7.25 0.27 -43.09
N ALA F 344 -6.14 -0.30 -42.60
CA ALA F 344 -5.20 -1.02 -43.46
C ALA F 344 -5.88 -2.24 -44.07
N THR F 345 -5.59 -2.52 -45.33
CA THR F 345 -6.22 -3.65 -46.01
C THR F 345 -5.86 -4.95 -45.31
N ARG F 346 -4.58 -5.09 -44.95
CA ARG F 346 -4.11 -6.30 -44.31
C ARG F 346 -3.43 -5.99 -42.99
N PHE F 347 -3.69 -6.83 -42.00
CA PHE F 347 -2.99 -6.77 -40.72
C PHE F 347 -1.96 -7.87 -40.63
N ALA F 348 -0.94 -7.62 -39.83
CA ALA F 348 0.11 -8.59 -39.62
C ALA F 348 -0.35 -9.72 -38.71
N SER F 349 0.32 -10.85 -38.83
CA SER F 349 0.14 -11.94 -37.89
C SER F 349 0.69 -11.51 -36.54
N VAL F 350 0.13 -12.02 -35.46
CA VAL F 350 0.56 -11.59 -34.14
C VAL F 350 2.00 -11.97 -33.83
N TYR F 351 2.47 -13.07 -34.39
CA TYR F 351 3.85 -13.48 -34.16
C TYR F 351 4.83 -12.52 -34.84
N ALA F 352 4.32 -11.78 -35.83
CA ALA F 352 5.14 -10.87 -36.62
C ALA F 352 4.44 -9.53 -36.72
N TRP F 353 4.05 -9.00 -35.57
CA TRP F 353 3.23 -7.80 -35.48
C TRP F 353 3.88 -6.60 -36.14
N ASN F 354 3.07 -5.70 -36.67
CA ASN F 354 3.56 -4.56 -37.42
C ASN F 354 3.59 -3.27 -36.60
N ARG F 355 4.78 -2.67 -36.49
CA ARG F 355 4.95 -1.43 -35.75
C ARG F 355 5.02 -0.19 -36.63
N LYS F 356 4.11 0.74 -36.41
CA LYS F 356 4.09 2.03 -37.10
C LYS F 356 4.50 3.16 -36.16
N ARG F 357 5.52 3.92 -36.56
CA ARG F 357 5.98 5.06 -35.75
C ARG F 357 5.25 6.34 -36.14
N ILE F 358 4.68 7.01 -35.15
CA ILE F 358 3.95 8.26 -35.36
C ILE F 358 4.64 9.42 -34.64
N SER F 359 4.91 10.50 -35.37
CA SER F 359 5.56 11.67 -34.80
C SER F 359 5.25 12.95 -35.56
N ASN F 360 5.54 14.09 -34.93
CA ASN F 360 5.43 15.40 -35.56
C ASN F 360 4.06 15.64 -36.20
N CYS F 361 3.00 15.51 -35.39
CA CYS F 361 1.63 15.61 -35.88
C CYS F 361 0.64 15.89 -34.76
N VAL F 362 -0.61 16.15 -35.14
CA VAL F 362 -1.69 16.38 -34.20
C VAL F 362 -2.54 15.13 -34.04
N ALA F 363 -2.63 14.65 -32.80
CA ALA F 363 -3.29 13.38 -32.53
C ALA F 363 -4.65 13.56 -31.88
N ASP F 364 -5.71 13.38 -32.65
CA ASP F 364 -7.05 13.47 -32.10
C ASP F 364 -7.53 12.08 -31.71
N TYR F 365 -7.58 11.81 -30.42
CA TYR F 365 -7.90 10.48 -29.92
C TYR F 365 -9.38 10.33 -29.64
N SER F 366 -10.13 11.41 -29.84
CA SER F 366 -11.56 11.37 -29.59
C SER F 366 -12.26 10.71 -30.76
N VAL F 367 -11.65 10.82 -31.93
CA VAL F 367 -12.18 10.16 -33.12
C VAL F 367 -12.22 8.67 -32.91
N LEU F 368 -11.19 8.13 -32.27
CA LEU F 368 -11.11 6.71 -32.02
C LEU F 368 -11.95 6.31 -30.81
N TYR F 369 -11.82 7.06 -29.73
CA TYR F 369 -12.50 6.70 -28.49
C TYR F 369 -14.02 6.79 -28.59
N ASN F 370 -14.51 7.81 -29.28
CA ASN F 370 -15.94 8.02 -29.36
C ASN F 370 -16.57 7.24 -30.50
N SER F 371 -15.78 6.40 -31.15
CA SER F 371 -16.27 5.54 -32.22
C SER F 371 -17.14 4.43 -31.67
N ALA F 372 -18.15 4.06 -32.43
CA ALA F 372 -19.03 2.96 -32.07
C ALA F 372 -18.52 1.64 -32.63
N SER F 373 -17.43 1.70 -33.39
CA SER F 373 -16.98 0.56 -34.17
C SER F 373 -15.96 -0.33 -33.46
N PHE F 374 -15.55 0.04 -32.26
CA PHE F 374 -14.56 -0.75 -31.54
C PHE F 374 -15.20 -1.46 -30.36
N SER F 375 -14.82 -2.72 -30.13
CA SER F 375 -15.37 -3.49 -29.04
C SER F 375 -14.54 -3.36 -27.79
N THR F 376 -13.26 -3.09 -27.97
CA THR F 376 -12.33 -2.90 -26.86
C THR F 376 -11.59 -1.60 -27.01
N PHE F 377 -11.53 -0.83 -25.93
CA PHE F 377 -10.73 0.38 -25.91
C PHE F 377 -10.23 0.62 -24.49
N LYS F 378 -9.16 -0.06 -24.12
CA LYS F 378 -8.68 -0.03 -22.76
C LYS F 378 -7.35 0.73 -22.66
N CYS F 379 -7.33 1.77 -21.83
CA CYS F 379 -6.14 2.59 -21.66
C CYS F 379 -5.47 2.31 -20.32
N TYR F 380 -4.15 2.31 -20.35
CA TYR F 380 -3.34 2.06 -19.17
C TYR F 380 -2.36 3.20 -18.98
N GLY F 381 -2.24 3.68 -17.75
CA GLY F 381 -1.28 4.74 -17.44
C GLY F 381 -1.80 6.10 -17.89
N VAL F 382 -3.01 6.10 -18.46
CA VAL F 382 -3.61 7.32 -18.98
C VAL F 382 -5.10 7.15 -19.13
N SER F 383 -5.85 8.23 -18.89
CA SER F 383 -7.28 8.21 -19.09
C SER F 383 -7.62 8.59 -20.52
N PRO F 384 -8.54 7.85 -21.17
CA PRO F 384 -8.94 7.99 -22.56
C PRO F 384 -9.57 9.35 -22.85
N THR F 385 -10.07 10.00 -21.81
CA THR F 385 -10.74 11.28 -21.96
C THR F 385 -9.80 12.45 -21.74
N LYS F 386 -8.55 12.16 -21.40
CA LYS F 386 -7.55 13.20 -21.19
C LYS F 386 -6.47 13.17 -22.25
N LEU F 387 -6.59 12.26 -23.21
CA LEU F 387 -5.56 12.07 -24.21
C LEU F 387 -5.33 13.30 -25.06
N ASN F 388 -6.39 14.03 -25.36
CA ASN F 388 -6.27 15.21 -26.22
C ASN F 388 -5.63 16.39 -25.51
N ASP F 389 -5.42 16.27 -24.20
CA ASP F 389 -4.78 17.33 -23.43
C ASP F 389 -3.29 17.06 -23.25
N LEU F 390 -2.84 15.92 -23.74
CA LEU F 390 -1.46 15.49 -23.53
C LEU F 390 -0.61 15.65 -24.78
N CYS F 391 0.71 15.74 -24.59
CA CYS F 391 1.69 15.71 -25.65
C CYS F 391 2.72 14.61 -25.39
N PHE F 392 3.05 13.87 -26.43
CA PHE F 392 3.97 12.74 -26.32
C PHE F 392 5.20 12.95 -27.20
N THR F 393 6.28 12.27 -26.86
CA THR F 393 7.51 12.38 -27.65
C THR F 393 7.51 11.38 -28.78
N ASN F 394 6.59 10.44 -28.73
CA ASN F 394 6.43 9.45 -29.78
C ASN F 394 5.21 8.58 -29.52
N VAL F 395 4.56 8.14 -30.60
CA VAL F 395 3.48 7.18 -30.47
C VAL F 395 3.72 5.99 -31.40
N TYR F 396 3.59 4.78 -30.85
CA TYR F 396 3.73 3.60 -31.69
C TYR F 396 2.40 2.90 -31.84
N ALA F 397 2.02 2.63 -33.06
CA ALA F 397 0.79 1.90 -33.32
C ALA F 397 1.10 0.49 -33.80
N ASP F 398 0.95 -0.48 -32.90
CA ASP F 398 1.27 -1.86 -33.20
C ASP F 398 0.01 -2.63 -33.61
N SER F 399 0.00 -3.14 -34.85
CA SER F 399 -1.19 -3.80 -35.36
C SER F 399 -0.97 -5.29 -35.60
N PHE F 400 -2.01 -6.08 -35.28
CA PHE F 400 -1.98 -7.52 -35.50
C PHE F 400 -3.35 -8.18 -35.37
N VAL F 401 -3.45 -9.44 -35.79
CA VAL F 401 -4.69 -10.21 -35.62
C VAL F 401 -4.54 -11.40 -34.68
N ILE F 402 -5.46 -11.48 -33.73
CA ILE F 402 -5.57 -12.59 -32.78
C ILE F 402 -7.03 -13.05 -32.70
N ARG F 403 -7.30 -14.15 -32.01
CA ARG F 403 -8.69 -14.57 -31.88
C ARG F 403 -9.32 -13.94 -30.64
N GLY F 404 -10.65 -13.81 -30.67
CA GLY F 404 -11.42 -13.14 -29.63
C GLY F 404 -10.98 -13.43 -28.20
N ASP F 405 -10.84 -14.70 -27.85
CA ASP F 405 -10.50 -15.07 -26.47
C ASP F 405 -9.14 -14.55 -26.02
N GLU F 406 -8.28 -14.22 -26.98
CA GLU F 406 -6.92 -13.80 -26.69
C GLU F 406 -6.81 -12.28 -26.53
N VAL F 407 -7.90 -11.56 -26.75
CA VAL F 407 -7.85 -10.11 -26.65
C VAL F 407 -7.49 -9.68 -25.24
N ARG F 408 -7.91 -10.45 -24.26
CA ARG F 408 -7.61 -10.14 -22.86
C ARG F 408 -6.12 -10.23 -22.57
N GLN F 409 -5.38 -10.96 -23.40
CA GLN F 409 -3.95 -11.13 -23.19
C GLN F 409 -3.17 -9.90 -23.61
N ILE F 410 -3.80 -9.01 -24.37
CA ILE F 410 -3.11 -7.81 -24.79
C ILE F 410 -3.28 -6.75 -23.73
N ALA F 411 -2.53 -6.92 -22.65
CA ALA F 411 -2.58 -6.05 -21.51
C ALA F 411 -1.34 -6.30 -20.66
N PRO F 412 -0.97 -5.38 -19.78
CA PRO F 412 0.01 -5.53 -18.73
C PRO F 412 -0.36 -6.65 -17.78
N GLY F 413 0.64 -7.40 -17.32
CA GLY F 413 0.45 -8.42 -16.29
C GLY F 413 -0.28 -9.66 -16.78
N GLN F 414 -0.22 -9.94 -18.08
CA GLN F 414 -0.92 -11.09 -18.61
C GLN F 414 0.03 -12.21 -18.99
N THR F 415 -0.47 -13.43 -19.00
CA THR F 415 0.27 -14.58 -19.47
C THR F 415 -0.56 -15.34 -20.49
N GLY F 416 0.08 -16.23 -21.24
CA GLY F 416 -0.60 -17.00 -22.26
C GLY F 416 0.25 -17.08 -23.50
N LYS F 417 -0.23 -17.77 -24.52
CA LYS F 417 0.57 -17.97 -25.71
C LYS F 417 0.86 -16.67 -26.42
N ILE F 418 -0.07 -15.73 -26.35
CA ILE F 418 0.13 -14.47 -27.04
C ILE F 418 0.96 -13.54 -26.19
N ALA F 419 0.58 -13.41 -24.92
CA ALA F 419 1.30 -12.53 -24.02
C ALA F 419 2.77 -12.93 -23.89
N ASP F 420 3.04 -14.23 -23.92
CA ASP F 420 4.39 -14.72 -23.67
C ASP F 420 5.23 -14.95 -24.93
N TYR F 421 4.63 -15.38 -26.03
CA TYR F 421 5.43 -15.77 -27.20
C TYR F 421 5.23 -14.88 -28.42
N ASN F 422 4.24 -13.99 -28.39
CA ASN F 422 3.95 -13.22 -29.58
C ASN F 422 4.06 -11.71 -29.37
N TYR F 423 3.26 -11.19 -28.47
CA TYR F 423 3.23 -9.76 -28.23
C TYR F 423 3.15 -9.45 -26.74
N LYS F 424 4.24 -8.97 -26.19
CA LYS F 424 4.33 -8.70 -24.76
C LYS F 424 4.26 -7.22 -24.45
N LEU F 425 3.38 -6.85 -23.52
CA LEU F 425 3.33 -5.49 -23.01
C LEU F 425 3.95 -5.42 -21.63
N PRO F 426 4.72 -4.37 -21.34
CA PRO F 426 5.40 -4.11 -20.08
C PRO F 426 4.43 -3.80 -18.94
N ASP F 427 4.88 -4.04 -17.71
CA ASP F 427 3.99 -3.82 -16.55
C ASP F 427 3.75 -2.32 -16.36
N ASP F 428 4.66 -1.47 -16.84
CA ASP F 428 4.49 -0.03 -16.74
C ASP F 428 4.01 0.60 -18.05
N PHE F 429 3.36 -0.21 -18.87
CA PHE F 429 2.85 0.24 -20.17
C PHE F 429 1.95 1.45 -20.05
N THR F 430 2.21 2.43 -20.91
CA THR F 430 1.33 3.58 -21.05
C THR F 430 0.84 3.62 -22.48
N GLY F 431 -0.47 3.57 -22.64
CA GLY F 431 -1.03 3.49 -23.98
C GLY F 431 -2.44 2.91 -23.95
N CYS F 432 -3.01 2.69 -25.14
CA CYS F 432 -4.36 2.16 -25.27
C CYS F 432 -4.41 0.95 -26.19
N VAL F 433 -5.14 -0.06 -25.76
CA VAL F 433 -5.34 -1.27 -26.56
C VAL F 433 -6.72 -1.26 -27.19
N ILE F 434 -6.75 -1.17 -28.50
CA ILE F 434 -8.00 -1.03 -29.23
C ILE F 434 -8.22 -2.25 -30.11
N ALA F 435 -9.40 -2.84 -30.00
CA ALA F 435 -9.66 -4.04 -30.81
C ALA F 435 -11.09 -4.07 -31.31
N TRP F 436 -11.28 -4.73 -32.44
CA TRP F 436 -12.62 -4.91 -32.99
C TRP F 436 -12.74 -6.22 -33.72
N ASN F 437 -13.97 -6.72 -33.80
CA ASN F 437 -14.26 -7.94 -34.51
C ASN F 437 -14.07 -7.74 -36.00
N SER F 438 -13.31 -8.63 -36.62
CA SER F 438 -13.05 -8.55 -38.05
C SER F 438 -13.42 -9.85 -38.74
N ASN F 439 -14.50 -10.47 -38.28
CA ASN F 439 -14.97 -11.74 -38.82
C ASN F 439 -15.38 -11.60 -40.29
N ASN F 440 -15.76 -10.39 -40.69
CA ASN F 440 -16.19 -10.14 -42.05
C ASN F 440 -15.04 -9.76 -42.97
N LEU F 441 -13.82 -9.74 -42.43
CA LEU F 441 -12.66 -9.36 -43.21
C LEU F 441 -11.62 -10.47 -43.25
N ASP F 442 -11.36 -11.06 -42.10
CA ASP F 442 -10.23 -11.97 -41.93
C ASP F 442 -10.63 -13.43 -41.84
N SER F 443 -11.86 -13.74 -42.21
CA SER F 443 -12.32 -15.13 -42.20
C SER F 443 -12.78 -15.54 -43.58
N LYS F 444 -12.63 -16.82 -43.91
CA LYS F 444 -13.16 -17.31 -45.17
C LYS F 444 -13.70 -18.73 -45.01
N VAL F 445 -14.52 -19.14 -45.96
CA VAL F 445 -15.03 -20.50 -45.95
C VAL F 445 -13.90 -21.47 -46.27
N GLY F 446 -13.73 -22.46 -45.41
CA GLY F 446 -12.63 -23.40 -45.52
C GLY F 446 -11.52 -23.08 -44.53
N GLY F 447 -11.53 -21.84 -44.03
CA GLY F 447 -10.55 -21.41 -43.04
C GLY F 447 -9.47 -20.51 -43.62
N ASN F 448 -9.21 -19.41 -42.93
CA ASN F 448 -8.14 -18.48 -43.30
C ASN F 448 -6.87 -18.83 -42.53
N TYR F 449 -5.88 -19.33 -43.24
CA TYR F 449 -4.66 -19.83 -42.62
C TYR F 449 -3.48 -18.88 -42.81
N ASN F 450 -3.79 -17.62 -43.09
CA ASN F 450 -2.74 -16.62 -43.29
C ASN F 450 -2.39 -15.90 -42.00
N TYR F 451 -3.06 -16.24 -40.91
CA TYR F 451 -2.77 -15.62 -39.63
C TYR F 451 -2.15 -16.60 -38.67
N LEU F 452 -0.88 -16.36 -38.34
CA LEU F 452 -0.12 -17.28 -37.52
C LEU F 452 0.20 -16.70 -36.15
N TYR F 453 0.36 -17.58 -35.19
CA TYR F 453 0.83 -17.22 -33.87
C TYR F 453 1.88 -18.21 -33.42
N ARG F 454 2.75 -17.76 -32.52
CA ARG F 454 3.78 -18.62 -31.97
C ARG F 454 3.23 -19.44 -30.82
N LEU F 455 3.38 -20.74 -30.93
CA LEU F 455 2.84 -21.68 -29.97
C LEU F 455 3.91 -22.16 -29.01
N PHE F 456 5.15 -22.29 -29.52
CA PHE F 456 6.25 -22.74 -28.69
C PHE F 456 7.44 -21.80 -28.75
N ARG F 457 8.08 -21.60 -27.62
CA ARG F 457 9.31 -20.81 -27.56
C ARG F 457 10.15 -21.23 -26.36
N LYS F 458 11.46 -21.07 -26.47
CA LYS F 458 12.37 -21.43 -25.38
C LYS F 458 12.10 -20.62 -24.12
N SER F 459 11.72 -19.36 -24.29
CA SER F 459 11.47 -18.48 -23.17
C SER F 459 10.46 -17.40 -23.54
N ASN F 460 10.01 -16.66 -22.54
CA ASN F 460 9.07 -15.58 -22.78
C ASN F 460 9.74 -14.40 -23.46
N LEU F 461 8.95 -13.63 -24.18
CA LEU F 461 9.42 -12.41 -24.83
C LEU F 461 9.59 -11.28 -23.85
N LYS F 462 10.53 -10.38 -24.16
CA LYS F 462 10.61 -9.12 -23.48
C LYS F 462 9.57 -8.19 -24.07
N PRO F 463 9.14 -7.15 -23.36
CA PRO F 463 8.21 -6.15 -23.82
C PRO F 463 8.61 -5.60 -25.18
N PHE F 464 7.65 -5.63 -26.11
CA PHE F 464 7.83 -5.15 -27.47
C PHE F 464 8.91 -5.88 -28.25
N GLU F 465 9.22 -7.11 -27.87
CA GLU F 465 10.11 -7.96 -28.65
C GLU F 465 9.35 -8.63 -29.78
N ARG F 466 9.98 -8.73 -30.95
CA ARG F 466 9.34 -9.32 -32.11
C ARG F 466 10.15 -10.50 -32.66
N ASP F 467 9.72 -11.71 -32.33
CA ASP F 467 10.42 -12.92 -32.77
C ASP F 467 9.72 -13.56 -33.95
N ILE F 468 10.37 -13.55 -35.11
CA ILE F 468 9.76 -14.07 -36.33
C ILE F 468 10.51 -15.27 -36.89
N SER F 469 11.31 -15.92 -36.06
CA SER F 469 12.04 -17.10 -36.49
C SER F 469 11.11 -18.30 -36.64
N THR F 470 11.52 -19.27 -37.44
CA THR F 470 10.74 -20.48 -37.63
C THR F 470 11.53 -21.73 -37.30
N GLU F 471 12.54 -21.59 -36.46
CA GLU F 471 13.39 -22.70 -36.08
C GLU F 471 12.63 -23.72 -35.25
N ILE F 472 12.92 -24.99 -35.50
CA ILE F 472 12.23 -26.08 -34.81
C ILE F 472 12.47 -26.04 -33.31
N TYR F 473 11.39 -26.15 -32.56
CA TYR F 473 11.43 -26.09 -31.11
C TYR F 473 11.73 -27.44 -30.49
N GLN F 474 12.74 -27.48 -29.63
CA GLN F 474 13.12 -28.72 -28.98
C GLN F 474 12.38 -28.89 -27.66
N ALA F 475 11.49 -29.86 -27.60
CA ALA F 475 10.71 -30.10 -26.41
C ALA F 475 11.39 -31.13 -25.51
N GLY F 476 12.16 -32.01 -26.14
CA GLY F 476 12.84 -33.08 -25.40
C GLY F 476 14.29 -32.72 -25.14
N SER F 477 15.11 -33.74 -24.89
CA SER F 477 16.53 -33.55 -24.59
C SER F 477 17.39 -33.75 -25.83
N THR F 478 16.82 -34.39 -26.84
CA THR F 478 17.54 -34.70 -28.07
C THR F 478 17.43 -33.56 -29.08
N PRO F 479 18.55 -33.08 -29.62
CA PRO F 479 18.63 -32.07 -30.66
C PRO F 479 17.78 -32.45 -31.87
N CYS F 480 17.07 -31.46 -32.43
CA CYS F 480 16.17 -31.67 -33.55
C CYS F 480 16.92 -31.61 -34.88
N ASN F 481 18.00 -30.83 -34.91
CA ASN F 481 18.80 -30.66 -36.11
C ASN F 481 17.97 -30.15 -37.28
N GLY F 482 16.99 -29.31 -37.00
CA GLY F 482 16.16 -28.69 -38.03
C GLY F 482 15.03 -29.58 -38.51
N VAL F 483 14.93 -30.79 -37.96
CA VAL F 483 13.91 -31.72 -38.41
C VAL F 483 12.83 -31.90 -37.36
N GLU F 484 11.58 -31.63 -37.75
CA GLU F 484 10.46 -31.79 -36.83
C GLU F 484 10.06 -33.25 -36.73
N GLY F 485 9.42 -33.59 -35.62
CA GLY F 485 9.05 -34.97 -35.34
C GLY F 485 8.74 -35.13 -33.85
N PHE F 486 9.06 -36.29 -33.30
CA PHE F 486 8.78 -36.51 -31.89
C PHE F 486 9.64 -35.58 -31.04
N ASN F 487 8.99 -34.84 -30.15
CA ASN F 487 9.64 -33.84 -29.30
C ASN F 487 10.35 -32.70 -30.07
N CYS F 488 9.96 -32.51 -31.33
CA CYS F 488 10.49 -31.44 -32.19
C CYS F 488 9.36 -30.79 -32.96
N TYR F 489 9.01 -29.56 -32.58
CA TYR F 489 7.78 -28.96 -33.08
C TYR F 489 8.05 -27.76 -33.98
N PHE F 490 7.17 -27.56 -34.96
CA PHE F 490 7.18 -26.32 -35.69
C PHE F 490 6.51 -25.26 -34.82
N PRO F 491 7.21 -24.17 -34.50
CA PRO F 491 6.87 -23.19 -33.47
C PRO F 491 5.61 -22.39 -33.75
N LEU F 492 5.19 -22.34 -35.01
CA LEU F 492 4.02 -21.53 -35.36
C LEU F 492 2.78 -22.39 -35.61
N GLN F 493 1.63 -21.78 -35.48
CA GLN F 493 0.36 -22.43 -35.80
C GLN F 493 -0.62 -21.40 -36.35
N SER F 494 -1.58 -21.84 -37.15
CA SER F 494 -2.57 -20.95 -37.74
C SER F 494 -3.84 -20.92 -36.91
N TYR F 495 -4.56 -19.82 -36.99
CA TYR F 495 -5.86 -19.74 -36.37
C TYR F 495 -6.91 -20.47 -37.21
N GLY F 496 -6.77 -20.38 -38.53
CA GLY F 496 -7.71 -21.04 -39.43
C GLY F 496 -9.08 -20.40 -39.30
N PHE F 497 -9.13 -19.07 -39.33
CA PHE F 497 -10.37 -18.37 -39.04
C PHE F 497 -11.48 -18.69 -40.02
N GLN F 498 -12.65 -19.01 -39.47
CA GLN F 498 -13.84 -19.32 -40.26
C GLN F 498 -15.00 -18.45 -39.81
N PRO F 499 -15.88 -18.05 -40.74
CA PRO F 499 -17.01 -17.17 -40.53
C PRO F 499 -18.04 -17.78 -39.60
N THR F 500 -17.97 -19.09 -39.40
CA THR F 500 -18.94 -19.81 -38.59
C THR F 500 -18.43 -20.08 -37.18
N ASN F 501 -17.25 -19.58 -36.86
CA ASN F 501 -16.67 -19.78 -35.53
C ASN F 501 -17.43 -19.00 -34.48
N GLY F 502 -17.38 -19.47 -33.23
CA GLY F 502 -17.92 -18.71 -32.12
C GLY F 502 -17.07 -17.48 -31.88
N VAL F 503 -17.59 -16.53 -31.11
CA VAL F 503 -16.91 -15.23 -30.97
C VAL F 503 -15.47 -15.38 -30.50
N GLY F 504 -15.23 -16.27 -29.56
CA GLY F 504 -13.90 -16.46 -29.00
C GLY F 504 -12.90 -16.94 -30.04
N TYR F 505 -13.40 -17.49 -31.14
CA TYR F 505 -12.55 -18.01 -32.21
C TYR F 505 -12.64 -17.19 -33.48
N GLN F 506 -13.31 -16.04 -33.40
CA GLN F 506 -13.35 -15.12 -34.53
C GLN F 506 -12.13 -14.22 -34.45
N PRO F 507 -11.64 -13.72 -35.58
CA PRO F 507 -10.52 -12.83 -35.67
C PRO F 507 -10.85 -11.46 -35.13
N TYR F 508 -9.90 -10.89 -34.41
CA TYR F 508 -9.98 -9.52 -33.96
C TYR F 508 -8.77 -8.75 -34.39
N ARG F 509 -8.99 -7.57 -34.93
CA ARG F 509 -7.89 -6.71 -35.32
C ARG F 509 -7.56 -5.82 -34.15
N VAL F 510 -6.30 -5.86 -33.74
CA VAL F 510 -5.86 -5.14 -32.57
C VAL F 510 -4.84 -4.09 -32.94
N VAL F 511 -5.06 -2.88 -32.45
CA VAL F 511 -4.09 -1.80 -32.57
C VAL F 511 -3.71 -1.31 -31.19
N VAL F 512 -2.44 -1.38 -30.87
CA VAL F 512 -1.97 -0.91 -29.59
C VAL F 512 -1.21 0.40 -29.74
N LEU F 513 -1.70 1.44 -29.11
CA LEU F 513 -1.05 2.74 -29.18
C LEU F 513 -0.24 2.99 -27.94
N SER F 514 1.08 2.87 -28.05
CA SER F 514 1.93 3.11 -26.91
C SER F 514 2.35 4.57 -26.90
N PHE F 515 2.27 5.20 -25.74
CA PHE F 515 2.59 6.61 -25.62
C PHE F 515 3.90 6.81 -24.89
N GLU F 516 4.88 7.35 -25.60
CA GLU F 516 6.20 7.57 -25.04
C GLU F 516 6.32 8.95 -24.43
N LEU F 517 6.85 9.02 -23.22
CA LEU F 517 7.02 10.29 -22.54
C LEU F 517 8.46 10.51 -22.07
N LEU F 518 9.37 10.79 -23.01
CA LEU F 518 10.78 11.05 -22.69
C LEU F 518 10.94 12.47 -22.14
N ALA F 520 13.77 15.41 -24.32
CA ALA F 520 13.07 15.18 -25.58
C ALA F 520 11.84 16.09 -25.68
N PRO F 521 11.72 16.93 -26.75
CA PRO F 521 10.54 17.69 -27.10
C PRO F 521 9.38 16.76 -27.41
N ALA F 522 8.18 17.15 -27.02
CA ALA F 522 7.00 16.38 -27.40
C ALA F 522 6.63 16.74 -28.82
N THR F 523 6.33 15.72 -29.63
CA THR F 523 6.07 15.94 -31.04
C THR F 523 4.65 15.55 -31.46
N VAL F 524 3.96 14.80 -30.61
CA VAL F 524 2.59 14.39 -30.91
C VAL F 524 1.62 14.95 -29.87
N CYS F 525 0.89 16.01 -30.23
CA CYS F 525 0.00 16.70 -29.32
C CYS F 525 -1.44 16.59 -29.76
N GLY F 526 -2.35 16.61 -28.80
CA GLY F 526 -3.77 16.64 -29.12
C GLY F 526 -4.13 17.97 -29.77
N PRO F 527 -5.32 18.06 -30.35
CA PRO F 527 -5.86 19.18 -31.09
C PRO F 527 -6.37 20.28 -30.18
N LYS F 528 -5.46 20.81 -29.37
CA LYS F 528 -5.82 21.89 -28.47
C LYS F 528 -5.42 23.23 -29.05
N LYS F 529 -6.31 24.21 -28.94
CA LYS F 529 -6.05 25.53 -29.48
C LYS F 529 -5.21 26.35 -28.52
N SER F 530 -4.13 26.93 -29.04
CA SER F 530 -3.23 27.73 -28.23
C SER F 530 -3.80 29.11 -27.98
N THR F 531 -3.34 29.74 -26.91
CA THR F 531 -3.77 31.07 -26.54
C THR F 531 -2.60 32.04 -26.64
N ASN F 532 -2.89 33.33 -26.44
CA ASN F 532 -1.85 34.34 -26.43
C ASN F 532 -0.97 34.16 -25.21
N LEU F 533 0.32 34.44 -25.38
CA LEU F 533 1.26 34.35 -24.26
C LEU F 533 1.13 35.56 -23.37
N VAL F 534 0.96 35.32 -22.07
CA VAL F 534 0.80 36.40 -21.11
C VAL F 534 1.92 36.42 -20.08
N LYS F 535 2.54 37.57 -19.93
CA LYS F 535 3.66 37.71 -19.00
C LYS F 535 3.36 38.73 -17.89
N ASN F 536 4.10 38.59 -16.79
CA ASN F 536 4.01 39.48 -15.62
C ASN F 536 2.67 39.38 -14.92
N LYS F 537 1.99 38.25 -15.08
CA LYS F 537 0.74 37.98 -14.38
C LYS F 537 0.75 36.57 -13.81
N CYS F 538 -0.07 36.34 -12.78
CA CYS F 538 -0.28 35.00 -12.25
C CYS F 538 -1.26 34.23 -13.12
N VAL F 539 -0.77 33.19 -13.78
CA VAL F 539 -1.58 32.44 -14.71
C VAL F 539 -1.41 30.95 -14.55
N ASN F 540 -2.36 30.19 -15.07
CA ASN F 540 -2.16 28.76 -15.28
C ASN F 540 -1.47 28.62 -16.62
N PHE F 541 -0.70 27.58 -16.81
CA PHE F 541 -0.06 27.42 -18.10
C PHE F 541 0.12 25.96 -18.52
N ASN F 542 0.26 25.78 -19.83
CA ASN F 542 0.56 24.49 -20.42
C ASN F 542 1.50 24.67 -21.61
N PHE F 543 2.77 24.36 -21.42
CA PHE F 543 3.76 24.52 -22.49
C PHE F 543 4.10 23.17 -23.11
N ASN F 544 3.51 22.88 -24.25
CA ASN F 544 3.73 21.63 -24.94
C ASN F 544 3.57 20.43 -24.00
N GLY F 545 2.54 20.47 -23.17
CA GLY F 545 2.23 19.37 -22.25
C GLY F 545 2.75 19.63 -20.83
N LEU F 546 3.61 20.62 -20.66
CA LEU F 546 4.16 20.93 -19.34
C LEU F 546 3.26 21.91 -18.61
N THR F 547 2.51 21.40 -17.63
CA THR F 547 1.52 22.21 -16.94
C THR F 547 2.03 22.72 -15.60
N GLY F 548 1.38 23.79 -15.12
CA GLY F 548 1.68 24.33 -13.80
C GLY F 548 1.03 25.69 -13.61
N THR F 549 1.29 26.32 -12.47
CA THR F 549 0.76 27.64 -12.18
C THR F 549 1.89 28.56 -11.73
N GLY F 550 1.89 29.79 -12.22
CA GLY F 550 2.93 30.73 -11.83
C GLY F 550 2.95 31.98 -12.70
N VAL F 551 4.02 32.75 -12.54
CA VAL F 551 4.20 34.00 -13.27
C VAL F 551 5.30 33.84 -14.32
N LEU F 552 4.98 34.20 -15.55
CA LEU F 552 5.92 34.08 -16.65
C LEU F 552 6.61 35.39 -16.94
N THR F 553 7.94 35.37 -16.96
CA THR F 553 8.72 36.56 -17.29
C THR F 553 9.81 36.21 -18.29
N GLU F 554 10.37 37.22 -18.94
CA GLU F 554 11.46 36.99 -19.87
C GLU F 554 12.68 36.47 -19.13
N SER F 555 13.31 35.44 -19.68
CA SER F 555 14.48 34.84 -19.06
C SER F 555 15.76 35.44 -19.58
N ASN F 556 16.78 35.50 -18.72
CA ASN F 556 18.11 35.91 -19.13
C ASN F 556 19.06 34.71 -19.09
N LYS F 557 18.49 33.51 -19.05
CA LYS F 557 19.27 32.29 -18.98
C LYS F 557 19.78 31.90 -20.35
N LYS F 558 21.05 31.50 -20.41
CA LYS F 558 21.68 31.15 -21.67
C LYS F 558 21.34 29.73 -22.09
N PHE F 559 20.12 29.53 -22.55
CA PHE F 559 19.72 28.21 -23.02
C PHE F 559 20.46 27.85 -24.29
N LEU F 560 20.86 26.59 -24.38
CA LEU F 560 21.48 26.08 -25.60
C LEU F 560 20.36 25.72 -26.58
N PRO F 561 20.65 25.71 -27.88
CA PRO F 561 19.70 25.48 -28.98
C PRO F 561 18.87 24.22 -28.82
N PHE F 562 19.37 23.24 -28.07
CA PHE F 562 18.69 21.96 -27.93
C PHE F 562 17.87 21.85 -26.64
N GLN F 563 18.05 22.80 -25.72
CA GLN F 563 17.41 22.72 -24.42
C GLN F 563 16.01 23.31 -24.45
N GLN F 564 15.06 22.59 -23.88
CA GLN F 564 13.64 22.96 -23.97
C GLN F 564 13.11 23.61 -22.71
N PHE F 565 13.72 23.29 -21.58
CA PHE F 565 13.32 23.82 -20.29
C PHE F 565 14.47 23.69 -19.32
N GLY F 566 14.40 24.39 -18.21
CA GLY F 566 15.45 24.31 -17.20
C GLY F 566 14.89 23.93 -15.85
N ARG F 567 15.79 23.62 -14.93
CA ARG F 567 15.43 23.26 -13.56
C ARG F 567 16.39 23.88 -12.57
N ASP F 568 15.88 24.17 -11.37
CA ASP F 568 16.71 24.68 -10.28
C ASP F 568 17.27 23.53 -9.46
N ILE F 569 17.86 23.85 -8.31
CA ILE F 569 18.50 22.84 -7.47
C ILE F 569 17.48 21.88 -6.84
N ALA F 570 16.19 22.23 -6.92
CA ALA F 570 15.12 21.40 -6.40
C ALA F 570 14.70 20.36 -7.43
N ASP F 571 15.30 20.44 -8.62
CA ASP F 571 14.96 19.58 -9.74
C ASP F 571 13.50 19.75 -10.15
N THR F 572 13.04 21.00 -10.18
CA THR F 572 11.71 21.31 -10.69
C THR F 572 11.83 22.36 -11.78
N THR F 573 10.87 22.40 -12.70
CA THR F 573 10.93 23.32 -13.82
C THR F 573 10.91 24.76 -13.34
N ASP F 574 11.86 25.56 -13.81
CA ASP F 574 11.91 26.98 -13.45
C ASP F 574 12.06 27.86 -14.68
N ALA F 575 12.01 27.23 -15.85
CA ALA F 575 12.10 27.94 -17.10
C ALA F 575 11.65 27.04 -18.24
N VAL F 576 11.02 27.63 -19.25
CA VAL F 576 10.60 26.87 -20.43
C VAL F 576 10.92 27.61 -21.71
N ARG F 577 11.03 26.86 -22.79
CA ARG F 577 11.12 27.44 -24.12
C ARG F 577 9.76 27.43 -24.78
N ASP F 578 9.25 28.61 -25.12
CA ASP F 578 7.96 28.70 -25.77
C ASP F 578 8.02 27.99 -27.13
N PRO F 579 7.16 26.99 -27.35
CA PRO F 579 7.17 26.10 -28.50
C PRO F 579 6.84 26.79 -29.82
N GLN F 580 6.36 28.02 -29.77
CA GLN F 580 6.02 28.73 -30.99
C GLN F 580 7.00 29.86 -31.30
N THR F 581 7.43 30.58 -30.26
CA THR F 581 8.30 31.74 -30.46
C THR F 581 9.75 31.42 -30.12
N LEU F 582 9.97 30.32 -29.42
CA LEU F 582 11.29 29.92 -28.96
C LEU F 582 11.85 30.91 -27.93
N GLU F 583 10.97 31.74 -27.39
CA GLU F 583 11.32 32.66 -26.31
C GLU F 583 11.54 31.88 -25.02
N ILE F 584 12.57 32.24 -24.27
CA ILE F 584 12.81 31.56 -23.00
C ILE F 584 12.15 32.35 -21.88
N LEU F 585 11.31 31.66 -21.13
CA LEU F 585 10.57 32.27 -20.04
C LEU F 585 10.95 31.67 -18.70
N ASP F 586 11.11 32.52 -17.70
CA ASP F 586 11.34 32.06 -16.34
C ASP F 586 10.02 31.84 -15.64
N ILE F 587 9.95 30.82 -14.80
CA ILE F 587 8.74 30.54 -14.05
C ILE F 587 8.96 30.69 -12.56
N THR F 588 8.18 31.56 -11.94
CA THR F 588 8.19 31.70 -10.50
C THR F 588 6.77 31.49 -10.00
N PRO F 589 6.57 31.01 -8.78
CA PRO F 589 5.29 30.81 -8.15
C PRO F 589 4.62 32.14 -7.90
N CYS F 590 3.29 32.13 -7.89
CA CYS F 590 2.49 33.32 -7.60
C CYS F 590 2.64 33.67 -6.13
N SER F 591 2.70 34.96 -5.83
CA SER F 591 2.99 35.41 -4.47
C SER F 591 2.21 34.62 -3.44
N PHE F 592 2.92 34.14 -2.42
CA PHE F 592 2.32 33.36 -1.36
C PHE F 592 3.10 33.54 -0.07
N GLY F 593 2.50 33.15 1.05
CA GLY F 593 3.18 33.20 2.33
C GLY F 593 2.20 32.93 3.47
N GLY F 594 2.74 32.77 4.68
CA GLY F 594 1.89 32.50 5.83
C GLY F 594 1.13 33.74 6.26
N VAL F 595 -0.02 33.53 6.90
CA VAL F 595 -0.79 34.64 7.43
C VAL F 595 -1.02 34.46 8.92
N SER F 596 -0.57 35.43 9.69
CA SER F 596 -0.71 35.35 11.13
C SER F 596 -1.55 36.50 11.66
N VAL F 597 -2.29 36.24 12.73
CA VAL F 597 -3.18 37.22 13.31
C VAL F 597 -2.66 37.70 14.65
N ILE F 598 -2.49 39.01 14.76
CA ILE F 598 -2.00 39.66 15.96
C ILE F 598 -3.16 40.23 16.73
N THR F 599 -3.30 39.81 17.98
CA THR F 599 -4.42 40.29 18.75
C THR F 599 -4.10 40.30 20.25
N PRO F 600 -4.69 41.23 21.00
CA PRO F 600 -4.79 41.22 22.44
C PRO F 600 -5.79 40.16 22.81
N GLY F 601 -5.87 39.82 24.08
CA GLY F 601 -6.84 38.80 24.44
C GLY F 601 -8.25 39.30 24.13
N THR F 602 -9.14 38.38 23.80
CA THR F 602 -10.53 38.72 23.51
C THR F 602 -11.28 39.23 24.75
N ASN F 603 -10.63 39.08 25.92
CA ASN F 603 -11.10 39.65 27.18
C ASN F 603 -10.96 41.18 27.18
N THR F 604 -10.09 41.70 26.31
CA THR F 604 -9.78 43.12 26.21
C THR F 604 -10.37 43.75 24.96
N SER F 605 -10.14 43.11 23.81
CA SER F 605 -10.57 43.69 22.54
C SER F 605 -10.69 42.66 21.43
N ASN F 606 -11.59 42.92 20.48
CA ASN F 606 -11.74 42.07 19.31
C ASN F 606 -11.01 42.65 18.10
N GLN F 607 -10.19 43.67 18.33
CA GLN F 607 -9.40 44.24 17.24
C GLN F 607 -8.25 43.31 16.87
N VAL F 608 -7.96 43.22 15.60
CA VAL F 608 -6.85 42.41 15.14
C VAL F 608 -5.99 43.16 14.13
N ALA F 609 -4.76 42.67 13.96
CA ALA F 609 -3.90 43.09 12.88
C ALA F 609 -3.41 41.84 12.17
N VAL F 610 -3.25 41.92 10.85
CA VAL F 610 -2.87 40.72 10.11
C VAL F 610 -1.52 40.89 9.44
N LEU F 611 -0.64 39.92 9.69
CA LEU F 611 0.68 39.93 9.08
C LEU F 611 0.75 38.95 7.93
N TYR F 612 1.03 39.47 6.74
CA TYR F 612 1.22 38.64 5.56
C TYR F 612 2.70 38.39 5.35
N GLN F 613 3.14 37.19 5.75
CA GLN F 613 4.55 36.89 5.84
C GLN F 613 5.17 36.76 4.46
N ASP F 614 6.32 37.39 4.26
CA ASP F 614 7.04 37.37 3.00
C ASP F 614 6.26 38.06 1.87
N VAL F 615 5.23 38.81 2.25
CA VAL F 615 4.36 39.40 1.21
C VAL F 615 4.67 40.89 1.07
N ASN F 616 4.70 41.37 -0.17
CA ASN F 616 4.82 42.83 -0.39
C ASN F 616 3.43 43.41 -0.15
N CYS F 617 3.37 44.56 0.47
CA CYS F 617 2.09 45.18 0.91
C CYS F 617 1.32 45.35 -0.41
N THR F 618 2.01 45.50 -1.53
CA THR F 618 1.38 45.61 -2.88
C THR F 618 0.78 44.29 -3.43
N GLU F 619 0.98 43.11 -2.82
CA GLU F 619 0.49 41.83 -3.44
C GLU F 619 -0.72 41.27 -2.71
N VAL F 620 -1.07 41.83 -1.56
CA VAL F 620 -2.13 41.35 -0.69
C VAL F 620 -3.56 41.40 -1.30
N PRO F 621 -4.01 42.53 -1.91
CA PRO F 621 -5.33 42.70 -2.48
C PRO F 621 -5.39 42.12 -3.90
N ASN F 641 -3.75 51.66 7.53
CA ASN F 641 -2.70 51.16 8.43
C ASN F 641 -1.95 50.00 7.79
N VAL F 642 -1.17 50.29 6.75
CA VAL F 642 -0.35 49.30 6.06
C VAL F 642 1.13 49.55 6.29
N PHE F 643 1.76 48.67 7.06
CA PHE F 643 3.15 48.84 7.46
C PHE F 643 4.03 47.70 6.96
N GLN F 644 5.01 48.04 6.11
CA GLN F 644 5.91 47.01 5.54
C GLN F 644 7.09 46.74 6.47
N THR F 645 7.24 45.49 6.91
CA THR F 645 8.35 45.07 7.74
C THR F 645 9.14 43.97 7.03
N ARG F 646 10.22 43.52 7.66
CA ARG F 646 10.99 42.41 7.11
C ARG F 646 10.22 41.11 7.24
N ALA F 647 9.45 40.99 8.31
CA ALA F 647 8.63 39.80 8.56
C ALA F 647 7.57 39.63 7.47
N GLY F 648 7.04 40.75 7.01
CA GLY F 648 5.96 40.74 6.02
C GLY F 648 5.18 42.05 6.07
N CYS F 649 3.98 42.04 5.52
CA CYS F 649 3.13 43.25 5.48
C CYS F 649 2.17 43.18 6.65
N LEU F 650 2.24 44.15 7.55
CA LEU F 650 1.39 44.19 8.73
C LEU F 650 0.26 45.19 8.52
N ILE F 651 -0.96 44.69 8.49
CA ILE F 651 -2.11 45.52 8.20
C ILE F 651 -3.08 45.60 9.37
N GLY F 652 -3.42 46.81 9.78
CA GLY F 652 -4.36 47.02 10.87
C GLY F 652 -3.68 47.62 12.09
N ALA F 653 -2.37 47.49 12.16
CA ALA F 653 -1.61 48.08 13.25
C ALA F 653 -1.06 49.43 12.83
N GLU F 654 -1.13 50.41 13.73
CA GLU F 654 -0.59 51.72 13.46
C GLU F 654 0.87 51.82 13.90
N HIS F 655 1.76 52.04 12.94
CA HIS F 655 3.17 52.15 13.27
C HIS F 655 3.47 53.50 13.91
N VAL F 656 4.22 53.47 15.00
CA VAL F 656 4.60 54.69 15.71
C VAL F 656 6.11 54.75 15.90
N ASN F 657 6.63 55.96 16.15
CA ASN F 657 8.06 56.17 16.39
C ASN F 657 8.46 55.79 17.82
N ASN F 658 7.53 55.92 18.78
CA ASN F 658 7.80 55.62 20.18
C ASN F 658 8.14 54.16 20.39
N SER F 659 9.25 53.92 21.08
CA SER F 659 9.70 52.56 21.36
C SER F 659 9.24 52.11 22.73
N TYR F 660 8.73 50.89 22.80
CA TYR F 660 8.22 50.34 24.05
C TYR F 660 8.79 48.96 24.28
N GLU F 661 8.58 48.42 25.48
CA GLU F 661 8.92 47.03 25.74
C GLU F 661 8.08 46.15 24.82
N CYS F 662 8.68 45.09 24.28
CA CYS F 662 7.99 44.19 23.36
C CYS F 662 6.84 43.46 24.04
N ASP F 663 5.69 43.46 23.38
CA ASP F 663 4.51 42.78 23.89
C ASP F 663 4.23 41.55 23.02
N ILE F 664 3.66 41.79 21.84
CA ILE F 664 3.49 40.72 20.87
C ILE F 664 4.55 40.85 19.77
N PRO F 665 5.48 39.91 19.65
CA PRO F 665 6.58 39.94 18.72
C PRO F 665 6.08 39.77 17.29
N ILE F 666 6.59 40.60 16.39
CA ILE F 666 6.29 40.47 14.96
C ILE F 666 7.48 39.87 14.26
N GLY F 667 8.66 40.41 14.56
CA GLY F 667 9.90 39.92 14.00
C GLY F 667 10.76 41.08 13.51
N ALA F 668 12.06 40.85 13.41
CA ALA F 668 13.00 41.85 12.91
C ALA F 668 12.94 43.14 13.72
N GLY F 669 12.81 43.02 15.03
CA GLY F 669 12.85 44.17 15.92
C GLY F 669 11.50 44.83 16.10
N ILE F 670 10.50 44.36 15.36
CA ILE F 670 9.17 44.95 15.42
C ILE F 670 8.26 44.15 16.35
N CYS F 671 7.55 44.86 17.22
CA CYS F 671 6.55 44.30 18.13
C CYS F 671 5.26 45.08 18.01
N ALA F 672 4.17 44.49 18.47
CA ALA F 672 2.87 45.14 18.47
C ALA F 672 2.24 45.07 19.84
N SER F 673 1.38 46.05 20.13
CA SER F 673 0.68 46.07 21.41
C SER F 673 -0.65 46.79 21.28
N TYR F 674 -1.52 46.59 22.27
CA TYR F 674 -2.80 47.27 22.30
C TYR F 674 -2.72 48.47 23.25
N GLN F 675 -2.87 49.67 22.69
CA GLN F 675 -2.73 50.93 23.43
C GLN F 675 -3.84 51.90 23.05
N GLN F 690 -8.61 52.90 22.29
CA GLN F 690 -7.37 52.13 22.15
C GLN F 690 -7.35 51.38 20.82
N SER F 691 -6.16 51.14 20.30
CA SER F 691 -5.96 50.40 19.05
C SER F 691 -4.62 49.66 19.04
N ILE F 692 -4.44 48.78 18.07
CA ILE F 692 -3.19 48.05 17.95
C ILE F 692 -2.13 48.90 17.25
N ILE F 693 -0.96 48.96 17.84
CA ILE F 693 0.15 49.73 17.27
C ILE F 693 1.35 48.84 17.01
N ALA F 694 2.22 49.30 16.12
CA ALA F 694 3.47 48.62 15.85
C ALA F 694 4.63 49.54 16.17
N TYR F 695 5.72 48.97 16.68
CA TYR F 695 6.86 49.78 17.06
C TYR F 695 8.14 48.97 17.04
N THR F 696 9.27 49.66 17.03
CA THR F 696 10.55 49.01 17.23
C THR F 696 10.77 48.84 18.72
N MET F 697 11.03 47.61 19.15
CA MET F 697 11.10 47.30 20.57
C MET F 697 12.29 47.97 21.25
N SER F 698 12.08 48.37 22.49
CA SER F 698 13.13 48.91 23.34
C SER F 698 13.92 47.77 23.96
N LEU F 699 15.22 47.97 24.10
CA LEU F 699 16.06 46.97 24.73
C LEU F 699 16.30 47.34 26.19
N GLY F 700 15.66 48.41 26.63
CA GLY F 700 15.83 48.91 27.98
C GLY F 700 16.22 50.38 27.97
N ALA F 701 16.09 51.03 29.11
CA ALA F 701 16.45 52.44 29.23
C ALA F 701 17.96 52.58 29.20
N GLU F 702 18.46 53.67 28.64
CA GLU F 702 19.88 53.94 28.65
C GLU F 702 20.33 54.41 30.02
N ASN F 703 21.52 53.99 30.42
CA ASN F 703 22.07 54.36 31.72
C ASN F 703 23.55 54.63 31.64
N SER F 704 23.94 55.89 31.67
CA SER F 704 25.35 56.25 31.61
C SER F 704 25.97 56.15 32.99
N VAL F 705 27.03 55.37 33.09
CA VAL F 705 27.75 55.23 34.35
C VAL F 705 28.74 56.37 34.50
N ALA F 706 28.74 57.00 35.66
CA ALA F 706 29.61 58.14 35.90
C ALA F 706 31.04 57.68 36.15
N TYR F 707 31.65 57.14 35.12
CA TYR F 707 32.98 56.59 35.20
C TYR F 707 34.06 57.65 35.22
N SER F 708 35.05 57.45 36.06
CA SER F 708 36.28 58.24 36.06
C SER F 708 37.37 57.37 36.66
N ASN F 709 38.62 57.84 36.57
CA ASN F 709 39.76 57.05 37.05
C ASN F 709 39.93 57.12 38.58
N ASN F 710 39.09 57.91 39.26
CA ASN F 710 39.19 58.07 40.72
C ASN F 710 37.84 58.25 41.39
N SER F 711 36.79 57.62 40.87
CA SER F 711 35.48 57.74 41.48
C SER F 711 34.83 56.38 41.66
N ILE F 712 34.35 56.13 42.86
CA ILE F 712 33.69 54.87 43.16
C ILE F 712 32.31 55.10 43.78
N ALA F 713 31.35 54.27 43.42
CA ALA F 713 30.04 54.35 44.05
C ALA F 713 29.90 53.23 45.06
N ILE F 714 29.48 53.57 46.27
CA ILE F 714 29.33 52.57 47.31
C ILE F 714 27.96 52.67 47.98
N PRO F 715 27.20 51.58 48.00
CA PRO F 715 25.90 51.42 48.64
C PRO F 715 25.97 51.80 50.10
N THR F 716 25.10 52.71 50.52
CA THR F 716 25.00 53.05 51.94
C THR F 716 23.85 52.28 52.61
N ASN F 717 23.07 51.56 51.80
CA ASN F 717 21.92 50.79 52.24
C ASN F 717 21.79 49.54 51.37
N PHE F 718 20.81 48.70 51.68
CA PHE F 718 20.51 47.50 50.92
C PHE F 718 19.08 47.08 51.17
N THR F 719 18.56 46.22 50.30
CA THR F 719 17.26 45.61 50.53
C THR F 719 17.35 44.11 50.46
N ILE F 720 16.39 43.43 51.07
CA ILE F 720 16.28 42.00 50.95
C ILE F 720 15.21 41.66 49.95
N SER F 721 15.63 41.05 48.85
CA SER F 721 14.72 40.72 47.78
C SER F 721 14.42 39.24 47.75
N VAL F 722 13.18 38.89 47.52
CA VAL F 722 12.83 37.50 47.34
C VAL F 722 12.23 37.31 45.96
N THR F 723 12.82 36.43 45.17
CA THR F 723 12.36 36.20 43.83
C THR F 723 11.92 34.76 43.67
N THR F 724 11.07 34.51 42.69
CA THR F 724 10.54 33.17 42.49
C THR F 724 11.06 32.55 41.21
N GLU F 725 11.62 31.34 41.33
CA GLU F 725 12.02 30.58 40.16
C GLU F 725 11.23 29.29 40.08
N ILE F 726 10.57 29.09 38.95
CA ILE F 726 9.70 27.94 38.79
C ILE F 726 10.24 26.99 37.74
N LEU F 727 10.45 25.74 38.14
CA LEU F 727 10.98 24.73 37.23
C LEU F 727 10.11 23.48 37.21
N PRO F 728 9.83 22.93 36.03
CA PRO F 728 9.31 21.61 35.81
C PRO F 728 10.25 20.55 36.36
N VAL F 729 9.69 19.56 37.01
CA VAL F 729 10.48 18.45 37.52
C VAL F 729 10.04 17.15 36.88
N SER F 730 8.74 16.98 36.74
CA SER F 730 8.20 15.72 36.25
C SER F 730 7.12 15.94 35.21
N MET F 731 6.80 14.86 34.53
CA MET F 731 5.80 14.85 33.47
C MET F 731 4.78 13.77 33.78
N THR F 732 3.55 13.96 33.33
CA THR F 732 2.52 12.96 33.58
C THR F 732 2.97 11.61 33.04
N LYS F 733 2.88 10.58 33.87
CA LYS F 733 3.32 9.25 33.49
C LYS F 733 2.27 8.53 32.68
N THR F 734 2.19 8.87 31.40
CA THR F 734 1.20 8.25 30.54
C THR F 734 1.67 6.87 30.13
N SER F 735 0.71 6.01 29.80
CA SER F 735 1.01 4.68 29.31
C SER F 735 -0.01 4.28 28.25
N VAL F 736 0.48 3.88 27.09
CA VAL F 736 -0.42 3.51 26.01
C VAL F 736 -0.27 2.05 25.65
N ASP F 737 -1.37 1.33 25.69
CA ASP F 737 -1.40 -0.05 25.26
C ASP F 737 -1.44 -0.10 23.74
N CYS F 738 -0.30 -0.38 23.11
CA CYS F 738 -0.16 -0.31 21.65
C CYS F 738 -1.23 -1.15 20.96
N THR F 739 -1.36 -2.40 21.36
CA THR F 739 -2.29 -3.29 20.70
C THR F 739 -3.72 -2.81 20.86
N MET F 740 -4.09 -2.39 22.06
CA MET F 740 -5.46 -1.91 22.28
C MET F 740 -5.74 -0.64 21.49
N TYR F 741 -4.78 0.28 21.49
CA TYR F 741 -4.94 1.54 20.77
C TYR F 741 -5.20 1.28 19.29
N ILE F 742 -4.38 0.42 18.69
CA ILE F 742 -4.48 0.15 17.26
C ILE F 742 -5.66 -0.76 16.89
N CYS F 743 -5.83 -1.86 17.62
CA CYS F 743 -6.74 -2.93 17.24
C CYS F 743 -7.93 -3.08 18.18
N GLY F 744 -7.94 -2.35 19.28
CA GLY F 744 -9.00 -2.55 20.26
C GLY F 744 -8.95 -3.99 20.76
N ASP F 745 -10.08 -4.67 20.71
CA ASP F 745 -10.15 -6.06 21.14
C ASP F 745 -10.36 -7.01 19.95
N SER F 746 -10.02 -6.55 18.76
CA SER F 746 -10.16 -7.36 17.55
C SER F 746 -9.00 -8.33 17.38
N THR F 747 -9.33 -9.61 17.31
CA THR F 747 -8.34 -10.65 17.10
C THR F 747 -7.79 -10.60 15.69
N GLU F 748 -8.65 -10.28 14.73
CA GLU F 748 -8.25 -10.23 13.33
C GLU F 748 -7.19 -9.16 13.10
N CYS F 749 -7.40 -7.98 13.70
CA CYS F 749 -6.44 -6.89 13.62
C CYS F 749 -5.16 -7.23 14.37
N SER F 750 -5.31 -7.83 15.55
CA SER F 750 -4.16 -8.19 16.36
C SER F 750 -3.23 -9.12 15.60
N ASN F 751 -3.81 -10.10 14.91
CA ASN F 751 -3.03 -11.05 14.14
C ASN F 751 -2.28 -10.36 13.00
N LEU F 752 -2.88 -9.34 12.40
CA LEU F 752 -2.21 -8.58 11.35
C LEU F 752 -1.11 -7.73 11.95
N LEU F 753 -1.36 -7.21 13.14
CA LEU F 753 -0.40 -6.36 13.83
C LEU F 753 0.90 -7.11 14.09
N LEU F 754 0.80 -8.42 14.33
CA LEU F 754 1.96 -9.26 14.59
C LEU F 754 2.90 -9.32 13.39
N GLN F 755 2.40 -9.02 12.20
CA GLN F 755 3.21 -9.09 11.00
C GLN F 755 4.22 -7.97 10.94
N TYR F 756 4.05 -7.00 11.83
CA TYR F 756 4.92 -5.83 11.88
C TYR F 756 6.07 -6.04 12.85
N GLY F 757 6.14 -7.23 13.44
CA GLY F 757 7.23 -7.54 14.36
C GLY F 757 6.98 -6.97 15.74
N SER F 758 8.00 -6.34 16.30
CA SER F 758 7.99 -5.93 17.70
C SER F 758 7.82 -4.43 17.89
N PHE F 759 7.25 -3.75 16.89
CA PHE F 759 7.04 -2.31 17.00
C PHE F 759 6.30 -1.91 18.28
N CYS F 760 5.25 -2.67 18.63
CA CYS F 760 4.46 -2.41 19.83
C CYS F 760 5.26 -2.63 21.10
N THR F 761 6.20 -3.57 21.06
CA THR F 761 7.03 -3.81 22.23
C THR F 761 7.94 -2.61 22.45
N GLN F 762 8.47 -2.06 21.37
CA GLN F 762 9.33 -0.90 21.44
C GLN F 762 8.57 0.31 21.96
N LEU F 763 7.33 0.46 21.52
CA LEU F 763 6.52 1.60 21.90
C LEU F 763 6.09 1.51 23.37
N ASN F 764 5.74 0.31 23.80
CA ASN F 764 5.34 0.11 25.19
C ASN F 764 6.56 0.31 26.09
N ARG F 765 7.72 -0.13 25.62
CA ARG F 765 8.96 -0.03 26.37
C ARG F 765 9.42 1.41 26.50
N ALA F 766 9.32 2.17 25.41
CA ALA F 766 9.75 3.57 25.42
C ALA F 766 8.93 4.39 26.40
N LEU F 767 7.62 4.17 26.42
CA LEU F 767 6.76 4.91 27.33
C LEU F 767 6.99 4.48 28.78
N THR F 768 7.28 3.21 28.98
CA THR F 768 7.59 2.72 30.31
C THR F 768 8.87 3.38 30.82
N GLY F 769 9.86 3.48 29.93
CA GLY F 769 11.13 4.11 30.29
C GLY F 769 10.92 5.55 30.74
N ILE F 770 10.04 6.26 30.04
CA ILE F 770 9.73 7.63 30.42
C ILE F 770 9.06 7.65 31.80
N ALA F 771 8.09 6.78 32.00
CA ALA F 771 7.36 6.74 33.26
C ALA F 771 8.32 6.54 34.43
N VAL F 772 9.31 5.68 34.25
CA VAL F 772 10.29 5.45 35.30
C VAL F 772 11.11 6.69 35.56
N GLU F 773 11.55 7.33 34.48
CA GLU F 773 12.35 8.55 34.58
C GLU F 773 11.65 9.62 35.42
N GLN F 774 10.34 9.71 35.28
CA GLN F 774 9.59 10.77 35.96
C GLN F 774 9.68 10.64 37.47
N ASP F 775 9.80 9.43 37.98
CA ASP F 775 9.94 9.25 39.42
C ASP F 775 11.37 9.52 39.83
N LYS F 776 12.30 9.16 38.96
CA LYS F 776 13.71 9.46 39.17
C LYS F 776 13.92 10.97 39.24
N ASN F 777 13.24 11.70 38.37
CA ASN F 777 13.37 13.15 38.32
C ASN F 777 12.91 13.77 39.63
N THR F 778 11.76 13.30 40.13
CA THR F 778 11.22 13.83 41.37
C THR F 778 12.15 13.51 42.54
N GLN F 779 12.65 12.28 42.58
CA GLN F 779 13.51 11.86 43.66
C GLN F 779 14.80 12.67 43.69
N GLU F 780 15.39 12.91 42.52
CA GLU F 780 16.63 13.65 42.44
C GLU F 780 16.49 15.08 42.95
N VAL F 781 15.33 15.68 42.73
CA VAL F 781 15.11 17.05 43.17
C VAL F 781 14.75 17.14 44.65
N PHE F 782 13.82 16.32 45.11
CA PHE F 782 13.27 16.50 46.45
C PHE F 782 13.91 15.61 47.51
N ALA F 783 14.29 14.39 47.15
CA ALA F 783 14.81 13.45 48.14
C ALA F 783 16.32 13.62 48.31
N GLN F 784 16.72 14.82 48.72
CA GLN F 784 18.14 15.11 48.92
C GLN F 784 18.53 15.13 50.38
N VAL F 785 17.56 14.82 51.23
CA VAL F 785 17.81 14.79 52.66
C VAL F 785 17.47 13.41 53.22
N LYS F 786 18.38 12.85 54.00
CA LYS F 786 18.20 11.51 54.54
C LYS F 786 17.28 11.49 55.75
N GLN F 787 17.22 12.61 56.47
CA GLN F 787 16.37 12.71 57.63
C GLN F 787 15.24 13.70 57.40
N ILE F 788 14.13 13.49 58.09
CA ILE F 788 13.03 14.41 58.03
C ILE F 788 13.11 15.37 59.20
N TYR F 789 13.56 16.58 58.92
CA TYR F 789 13.79 17.57 59.95
C TYR F 789 12.51 18.30 60.29
N LYS F 790 12.37 18.68 61.55
CA LYS F 790 11.19 19.40 62.00
C LYS F 790 11.60 20.71 62.64
N THR F 791 10.79 21.75 62.43
CA THR F 791 11.00 23.02 63.12
C THR F 791 10.54 22.89 64.57
N PRO F 792 11.05 23.72 65.47
CA PRO F 792 10.66 23.80 66.86
C PRO F 792 9.23 24.31 67.00
N PRO F 793 8.55 23.94 68.08
CA PRO F 793 7.26 24.45 68.54
C PRO F 793 7.24 25.97 68.63
N ILE F 794 8.38 26.55 69.01
CA ILE F 794 8.48 28.00 69.13
C ILE F 794 9.27 28.59 67.97
N LYS F 795 8.58 29.31 67.11
CA LYS F 795 9.20 29.86 65.91
C LYS F 795 9.91 31.18 66.20
N ASP F 796 10.95 31.12 67.02
CA ASP F 796 11.73 32.31 67.33
C ASP F 796 13.03 32.33 66.56
N PHE F 797 13.04 33.08 65.47
CA PHE F 797 14.19 33.12 64.59
C PHE F 797 14.77 34.53 64.55
N GLY F 798 14.54 35.28 65.61
CA GLY F 798 15.09 36.62 65.72
C GLY F 798 14.31 37.67 64.92
N GLY F 799 13.02 37.42 64.72
CA GLY F 799 12.16 38.35 63.98
C GLY F 799 11.87 37.87 62.57
N PHE F 800 12.56 36.82 62.15
CA PHE F 800 12.33 36.27 60.81
C PHE F 800 11.14 35.33 60.82
N ASN F 801 10.13 35.67 60.02
CA ASN F 801 8.85 34.99 59.97
C ASN F 801 8.76 34.07 58.75
N PHE F 802 8.69 32.76 58.99
CA PHE F 802 8.65 31.75 57.92
C PHE F 802 7.29 31.08 57.81
N SER F 803 6.27 31.70 58.38
CA SER F 803 4.95 31.08 58.44
C SER F 803 4.31 30.83 57.08
N GLN F 804 4.80 31.53 56.05
CA GLN F 804 4.22 31.38 54.73
C GLN F 804 4.89 30.29 53.90
N ILE F 805 6.06 29.83 54.36
CA ILE F 805 6.77 28.79 53.64
C ILE F 805 6.75 27.46 54.40
N LEU F 806 6.49 27.53 55.70
CA LEU F 806 6.36 26.33 56.51
C LEU F 806 4.93 25.79 56.43
N PRO F 807 4.73 24.47 56.59
CA PRO F 807 3.45 23.79 56.57
C PRO F 807 2.47 24.41 57.53
N ASP F 808 1.23 24.57 57.08
CA ASP F 808 0.16 25.07 57.92
C ASP F 808 -0.58 23.91 58.59
N PRO F 809 -0.43 23.74 59.90
CA PRO F 809 -0.87 22.59 60.68
C PRO F 809 -2.39 22.49 60.75
N SER F 810 -3.08 23.56 60.36
CA SER F 810 -4.53 23.57 60.39
C SER F 810 -5.12 22.92 59.15
N LYS F 811 -4.24 22.63 58.18
CA LYS F 811 -4.66 22.10 56.86
C LYS F 811 -4.40 20.60 56.73
N PRO F 812 -5.44 19.82 56.38
CA PRO F 812 -5.33 18.39 56.11
C PRO F 812 -4.22 18.04 55.13
N SER F 813 -3.91 18.97 54.24
CA SER F 813 -2.90 18.74 53.21
C SER F 813 -1.49 18.98 53.71
N LYS F 814 -1.36 19.61 54.88
CA LYS F 814 -0.07 19.91 55.47
C LYS F 814 0.84 20.68 54.51
N ARG F 815 0.28 21.64 53.80
CA ARG F 815 1.05 22.47 52.89
C ARG F 815 1.25 23.85 53.49
N SER F 816 2.28 24.55 53.05
CA SER F 816 2.47 25.94 53.44
C SER F 816 1.41 26.78 52.75
N PRO F 817 1.09 27.97 53.25
CA PRO F 817 0.23 28.96 52.63
C PRO F 817 0.61 29.23 51.18
N ILE F 818 1.91 29.30 50.89
CA ILE F 818 2.36 29.49 49.51
C ILE F 818 2.20 28.23 48.68
N GLU F 819 2.56 27.07 49.23
CA GLU F 819 2.38 25.83 48.50
C GLU F 819 0.92 25.59 48.17
N ASP F 820 0.04 25.92 49.11
CA ASP F 820 -1.38 25.77 48.90
C ASP F 820 -1.83 26.60 47.70
N LEU F 821 -1.33 27.83 47.64
CA LEU F 821 -1.61 28.72 46.52
C LEU F 821 -1.09 28.15 45.21
N LEU F 822 0.13 27.61 45.22
CA LEU F 822 0.72 27.08 44.00
C LEU F 822 -0.09 25.91 43.45
N PHE F 823 -0.55 25.05 44.34
CA PHE F 823 -1.34 23.90 43.92
C PHE F 823 -2.72 24.29 43.42
N ASN F 824 -3.28 25.36 43.97
CA ASN F 824 -4.58 25.85 43.52
C ASN F 824 -4.48 26.47 42.13
N LYS F 825 -3.34 27.08 41.83
CA LYS F 825 -3.15 27.71 40.51
C LYS F 825 -2.98 26.69 39.38
N VAL F 826 -2.23 25.61 39.65
CA VAL F 826 -2.00 24.54 38.67
C VAL F 826 -2.32 23.19 39.31
N GLN F 853 -9.85 9.31 26.88
CA GLN F 853 -8.52 8.81 26.61
C GLN F 853 -8.36 7.41 27.17
N LYS F 854 -8.77 7.22 28.41
CA LYS F 854 -8.65 5.94 29.09
C LYS F 854 -9.28 4.82 28.28
N PHE F 855 -10.44 5.09 27.71
CA PHE F 855 -11.21 4.09 27.00
C PHE F 855 -10.53 3.64 25.70
N ASN F 856 -9.49 4.37 25.29
CA ASN F 856 -8.76 4.04 24.06
C ASN F 856 -7.41 3.42 24.37
N GLY F 857 -7.21 3.00 25.61
CA GLY F 857 -5.98 2.34 26.00
C GLY F 857 -4.93 3.30 26.55
N LEU F 858 -5.32 4.57 26.75
CA LEU F 858 -4.41 5.58 27.25
C LEU F 858 -4.62 5.81 28.74
N THR F 859 -3.76 5.21 29.57
CA THR F 859 -3.93 5.31 31.01
C THR F 859 -2.85 6.18 31.62
N VAL F 860 -3.08 6.59 32.86
CA VAL F 860 -2.09 7.39 33.58
C VAL F 860 -1.68 6.71 34.88
N LEU F 861 -0.38 6.55 35.06
CA LEU F 861 0.13 5.94 36.27
C LEU F 861 0.41 7.02 37.31
N PRO F 862 0.14 6.76 38.59
CA PRO F 862 0.40 7.65 39.70
C PRO F 862 1.90 7.72 39.96
N PRO F 863 2.41 8.88 40.38
CA PRO F 863 3.75 9.10 40.90
C PRO F 863 4.01 8.24 42.11
N LEU F 864 5.25 7.82 42.28
CA LEU F 864 5.64 7.07 43.45
C LEU F 864 5.51 7.94 44.70
N LEU F 865 5.97 9.17 44.58
CA LEU F 865 5.86 10.11 45.69
C LEU F 865 4.64 10.99 45.50
N THR F 866 3.71 10.89 46.45
CA THR F 866 2.49 11.66 46.39
C THR F 866 2.77 13.10 46.77
N ASP F 867 1.81 13.97 46.51
CA ASP F 867 1.98 15.39 46.83
C ASP F 867 2.31 15.57 48.30
N GLU F 868 1.69 14.74 49.14
CA GLU F 868 1.95 14.79 50.57
C GLU F 868 3.40 14.47 50.89
N MET F 869 3.96 13.47 50.22
CA MET F 869 5.34 13.05 50.46
C MET F 869 6.33 14.08 49.96
N ILE F 870 6.00 14.71 48.84
CA ILE F 870 6.85 15.76 48.29
C ILE F 870 6.85 16.95 49.24
N ALA F 871 5.67 17.27 49.78
CA ALA F 871 5.55 18.34 50.76
C ALA F 871 6.38 18.02 52.00
N GLN F 872 6.41 16.75 52.41
CA GLN F 872 7.21 16.36 53.56
C GLN F 872 8.69 16.54 53.31
N TYR F 873 9.15 16.18 52.11
CA TYR F 873 10.56 16.40 51.77
C TYR F 873 10.87 17.88 51.81
N THR F 874 9.97 18.68 51.27
CA THR F 874 10.17 20.11 51.21
C THR F 874 10.24 20.70 52.61
N SER F 875 9.33 20.29 53.48
CA SER F 875 9.32 20.81 54.84
C SER F 875 10.57 20.39 55.60
N ALA F 876 11.09 19.21 55.29
CA ALA F 876 12.32 18.74 55.91
C ALA F 876 13.49 19.61 55.49
N LEU F 877 13.53 19.97 54.21
CA LEU F 877 14.56 20.83 53.69
C LEU F 877 14.48 22.22 54.29
N LEU F 878 13.25 22.71 54.48
CA LEU F 878 13.04 24.02 55.08
C LEU F 878 13.46 24.02 56.54
N ALA F 879 13.08 22.97 57.26
CA ALA F 879 13.41 22.88 58.67
C ALA F 879 14.91 22.83 58.86
N GLY F 880 15.57 22.07 57.98
CA GLY F 880 17.02 21.96 58.02
C GLY F 880 17.66 23.31 57.75
N THR F 881 17.22 23.96 56.68
CA THR F 881 17.78 25.24 56.28
C THR F 881 17.65 26.29 57.37
N ILE F 882 16.50 26.31 58.02
CA ILE F 882 16.23 27.32 59.05
C ILE F 882 16.98 27.07 60.35
N THR F 883 17.03 25.82 60.80
CA THR F 883 17.61 25.54 62.10
C THR F 883 19.08 25.15 62.10
N SER F 884 19.60 24.69 60.96
CA SER F 884 20.99 24.24 60.90
C SER F 884 21.75 24.78 59.69
N GLY F 885 21.14 25.70 58.97
CA GLY F 885 21.78 26.30 57.81
C GLY F 885 22.12 25.26 56.76
N TRP F 886 23.37 25.27 56.29
CA TRP F 886 23.79 24.34 55.26
C TRP F 886 24.50 23.12 55.82
N THR F 887 24.63 23.04 57.13
CA THR F 887 25.43 21.98 57.72
C THR F 887 24.81 20.61 57.48
N PHE F 888 23.49 20.55 57.48
CA PHE F 888 22.78 19.29 57.31
C PHE F 888 22.92 18.76 55.89
N GLY F 889 23.35 19.63 54.98
CA GLY F 889 23.54 19.24 53.59
C GLY F 889 24.94 18.71 53.35
N ALA F 890 25.77 18.73 54.38
CA ALA F 890 27.16 18.27 54.28
C ALA F 890 27.38 17.07 55.18
N GLY F 891 26.94 17.18 56.43
CA GLY F 891 27.11 16.11 57.40
C GLY F 891 25.88 16.03 58.29
N PRO F 892 26.04 16.07 59.62
CA PRO F 892 25.00 16.12 60.61
C PRO F 892 24.40 17.51 60.65
N ALA F 893 23.16 17.60 61.12
CA ALA F 893 22.54 18.91 61.26
C ALA F 893 23.00 19.60 62.52
N LEU F 894 23.73 20.69 62.37
CA LEU F 894 24.28 21.43 63.48
C LEU F 894 23.46 22.67 63.75
N GLN F 895 22.80 22.73 64.90
CA GLN F 895 21.92 23.85 65.17
C GLN F 895 22.70 25.15 65.24
N ILE F 896 22.05 26.22 64.80
CA ILE F 896 22.60 27.56 64.88
C ILE F 896 21.44 28.56 64.93
N PRO F 897 21.51 29.60 65.76
CA PRO F 897 20.54 30.67 65.83
C PRO F 897 20.36 31.26 64.45
N PHE F 898 19.12 31.51 64.04
CA PHE F 898 18.90 31.97 62.69
C PHE F 898 19.65 33.26 62.36
N PRO F 899 19.62 34.30 63.22
CA PRO F 899 20.32 35.55 63.04
C PRO F 899 21.81 35.33 62.81
N MET F 900 22.36 34.33 63.48
CA MET F 900 23.77 34.01 63.36
C MET F 900 24.04 33.35 62.01
N GLN F 901 23.11 32.50 61.60
CA GLN F 901 23.17 31.87 60.29
C GLN F 901 23.15 32.91 59.20
N MET F 902 22.28 33.91 59.35
CA MET F 902 22.19 34.98 58.36
C MET F 902 23.46 35.80 58.34
N ALA F 903 24.07 35.97 59.51
CA ALA F 903 25.33 36.70 59.60
C ALA F 903 26.41 36.01 58.79
N TYR F 904 26.41 34.67 58.80
CA TYR F 904 27.39 33.92 58.03
C TYR F 904 27.13 34.11 56.55
N ARG F 905 25.86 34.19 56.19
CA ARG F 905 25.47 34.39 54.81
C ARG F 905 25.80 35.79 54.32
N PHE F 906 25.80 36.76 55.23
CA PHE F 906 26.25 38.10 54.89
C PHE F 906 27.75 38.09 54.63
N ASN F 907 28.50 37.38 55.46
CA ASN F 907 29.94 37.25 55.24
C ASN F 907 30.21 36.63 53.89
N GLY F 908 29.36 35.69 53.49
CA GLY F 908 29.49 34.97 52.24
C GLY F 908 29.29 35.85 51.00
N ILE F 909 28.78 37.07 51.20
CA ILE F 909 28.59 37.98 50.07
C ILE F 909 29.47 39.21 50.20
N GLY F 910 30.46 39.15 51.09
CA GLY F 910 31.39 40.26 51.25
C GLY F 910 30.83 41.38 52.10
N VAL F 911 29.92 41.06 53.01
CA VAL F 911 29.35 42.05 53.92
C VAL F 911 29.62 41.61 55.36
N THR F 912 30.22 42.48 56.15
CA THR F 912 30.63 42.09 57.50
C THR F 912 29.43 41.77 58.37
N GLN F 913 29.63 40.85 59.32
CA GLN F 913 28.55 40.31 60.13
C GLN F 913 27.86 41.33 61.01
N ASN F 914 28.56 42.41 61.34
CA ASN F 914 27.97 43.42 62.20
C ASN F 914 26.87 44.16 61.48
N VAL F 915 26.87 44.10 60.15
CA VAL F 915 25.83 44.75 59.37
C VAL F 915 24.52 44.03 59.60
N LEU F 916 24.58 42.70 59.66
CA LEU F 916 23.41 41.88 59.92
C LEU F 916 22.86 42.16 61.30
N TYR F 917 23.74 42.18 62.30
CA TYR F 917 23.29 42.32 63.67
C TYR F 917 22.80 43.73 63.97
N GLU F 918 23.50 44.73 63.48
CA GLU F 918 23.13 46.11 63.72
C GLU F 918 21.79 46.44 63.07
N ASN F 919 21.54 45.83 61.91
CA ASN F 919 20.30 46.07 61.19
C ASN F 919 19.37 44.85 61.26
N GLN F 920 19.56 44.00 62.27
CA GLN F 920 18.78 42.76 62.34
C GLN F 920 17.29 42.99 62.23
N LYS F 921 16.79 44.00 62.93
CA LYS F 921 15.35 44.27 62.91
C LYS F 921 14.88 44.68 61.52
N LEU F 922 15.65 45.56 60.88
CA LEU F 922 15.34 46.01 59.54
C LEU F 922 15.35 44.86 58.55
N ILE F 923 16.38 44.02 58.65
CA ILE F 923 16.55 42.92 57.73
C ILE F 923 15.42 41.92 57.86
N ALA F 924 15.05 41.61 59.09
CA ALA F 924 13.93 40.71 59.33
C ALA F 924 12.64 41.27 58.75
N ASN F 925 12.47 42.59 58.88
CA ASN F 925 11.27 43.25 58.35
C ASN F 925 11.25 43.25 56.83
N GLN F 926 12.41 43.50 56.22
CA GLN F 926 12.50 43.48 54.76
C GLN F 926 12.23 42.09 54.23
N PHE F 927 12.74 41.09 54.94
CA PHE F 927 12.52 39.69 54.58
C PHE F 927 11.05 39.33 54.68
N ASN F 928 10.44 39.66 55.81
CA ASN F 928 9.05 39.30 56.07
C ASN F 928 8.13 39.94 55.04
N SER F 929 8.44 41.18 54.68
CA SER F 929 7.66 41.90 53.68
C SER F 929 7.79 41.24 52.32
N ALA F 930 9.03 40.89 51.95
CA ALA F 930 9.29 40.28 50.65
C ALA F 930 8.54 38.96 50.50
N ILE F 931 8.47 38.17 51.57
CA ILE F 931 7.75 36.91 51.52
C ILE F 931 6.27 37.16 51.31
N GLY F 932 5.72 38.13 52.02
CA GLY F 932 4.31 38.49 51.85
C GLY F 932 4.02 38.89 50.42
N LYS F 933 4.96 39.61 49.80
CA LYS F 933 4.82 40.03 48.41
C LYS F 933 4.76 38.83 47.47
N ILE F 934 5.50 37.77 47.79
CA ILE F 934 5.51 36.59 46.95
C ILE F 934 4.13 35.97 46.85
N GLN F 935 3.47 35.82 48.00
CA GLN F 935 2.15 35.22 48.02
C GLN F 935 1.16 36.07 47.23
N ASP F 936 1.23 37.39 47.37
CA ASP F 936 0.34 38.28 46.66
C ASP F 936 0.62 38.31 45.17
N SER F 937 1.90 38.28 44.82
CA SER F 937 2.31 38.32 43.42
C SER F 937 1.81 37.08 42.69
N LEU F 938 1.95 35.91 43.31
CA LEU F 938 1.49 34.68 42.71
C LEU F 938 -0.02 34.66 42.58
N SER F 939 -0.71 35.10 43.63
CA SER F 939 -2.16 35.10 43.65
C SER F 939 -2.74 35.96 42.54
N SER F 940 -2.12 37.12 42.32
CA SER F 940 -2.62 38.09 41.36
C SER F 940 -2.04 37.91 39.95
N THR F 941 -1.22 36.87 39.77
CA THR F 941 -0.57 36.66 38.48
C THR F 941 -0.76 35.21 37.99
N PRO F 942 -1.88 34.92 37.32
CA PRO F 942 -2.28 33.61 36.83
C PRO F 942 -1.22 32.99 35.91
N SER F 943 -0.42 33.82 35.27
CA SER F 943 0.60 33.38 34.33
C SER F 943 1.90 33.00 35.04
N ALA F 944 1.97 33.22 36.34
CA ALA F 944 3.19 33.02 37.09
C ALA F 944 3.69 31.59 36.97
N LEU F 945 2.77 30.63 36.92
CA LEU F 945 3.14 29.23 36.84
C LEU F 945 2.97 28.69 35.44
N GLY F 946 3.06 29.57 34.45
CA GLY F 946 2.94 29.17 33.06
C GLY F 946 3.93 28.07 32.69
N LYS F 947 5.12 28.09 33.30
CA LYS F 947 6.11 27.06 33.00
C LYS F 947 5.64 25.66 33.37
N LEU F 948 4.82 25.55 34.40
CA LEU F 948 4.32 24.24 34.79
C LEU F 948 3.06 23.90 34.01
N GLN F 949 2.26 24.91 33.72
CA GLN F 949 1.03 24.72 32.98
C GLN F 949 1.32 24.33 31.54
N ASP F 950 2.40 24.86 30.98
CA ASP F 950 2.79 24.55 29.62
C ASP F 950 3.10 23.07 29.47
N VAL F 951 3.70 22.47 30.49
CA VAL F 951 4.03 21.07 30.44
C VAL F 951 2.76 20.24 30.43
N VAL F 952 1.82 20.62 31.28
CA VAL F 952 0.54 19.93 31.34
C VAL F 952 -0.22 20.06 30.03
N ASN F 953 -0.19 21.26 29.45
CA ASN F 953 -0.91 21.51 28.21
C ASN F 953 -0.32 20.75 27.03
N GLN F 954 1.01 20.66 26.97
CA GLN F 954 1.67 19.96 25.88
C GLN F 954 1.36 18.48 25.89
N ASN F 955 1.32 17.89 27.08
CA ASN F 955 1.06 16.47 27.19
C ASN F 955 -0.42 16.16 26.97
N ALA F 956 -1.29 17.03 27.49
CA ALA F 956 -2.72 16.84 27.29
C ALA F 956 -3.05 16.96 25.82
N GLN F 957 -2.40 17.89 25.15
CA GLN F 957 -2.61 18.11 23.72
C GLN F 957 -2.13 16.91 22.93
N ALA F 958 -0.98 16.36 23.30
CA ALA F 958 -0.44 15.20 22.61
C ALA F 958 -1.37 14.00 22.73
N LEU F 959 -1.94 13.81 23.92
CA LEU F 959 -2.87 12.70 24.12
C LEU F 959 -4.15 12.91 23.34
N ASN F 960 -4.64 14.13 23.31
CA ASN F 960 -5.87 14.43 22.59
C ASN F 960 -5.67 14.21 21.10
N THR F 961 -4.50 14.56 20.60
CA THR F 961 -4.18 14.35 19.21
C THR F 961 -4.11 12.87 18.90
N LEU F 962 -3.48 12.10 19.78
CA LEU F 962 -3.37 10.67 19.61
C LEU F 962 -4.74 10.01 19.53
N VAL F 963 -5.64 10.43 20.41
CA VAL F 963 -7.00 9.89 20.41
C VAL F 963 -7.75 10.26 19.15
N LYS F 964 -7.65 11.51 18.72
CA LYS F 964 -8.34 11.98 17.54
C LYS F 964 -7.93 11.21 16.29
N GLN F 965 -6.67 10.76 16.24
CA GLN F 965 -6.18 10.01 15.09
C GLN F 965 -6.92 8.70 14.87
N LEU F 966 -7.62 8.22 15.90
CA LEU F 966 -8.37 6.98 15.78
C LEU F 966 -9.62 7.17 14.92
N SER F 967 -9.96 8.43 14.65
CA SER F 967 -11.13 8.76 13.85
C SER F 967 -10.75 8.92 12.38
N SER F 968 -9.48 8.77 12.06
CA SER F 968 -9.01 8.91 10.68
C SER F 968 -9.13 7.60 9.93
N ASN F 969 -9.48 7.68 8.66
CA ASN F 969 -9.63 6.49 7.83
C ASN F 969 -8.29 5.99 7.32
N PHE F 970 -7.37 6.90 7.03
CA PHE F 970 -6.09 6.54 6.46
C PHE F 970 -6.24 5.77 5.15
N GLY F 971 -7.33 6.03 4.44
CA GLY F 971 -7.59 5.40 3.15
C GLY F 971 -8.58 4.25 3.28
N ALA F 972 -8.88 3.85 4.50
CA ALA F 972 -9.83 2.77 4.74
C ALA F 972 -11.26 3.26 4.51
N ILE F 973 -12.17 2.32 4.28
CA ILE F 973 -13.58 2.64 4.12
C ILE F 973 -14.19 3.23 5.39
N SER F 974 -13.56 2.93 6.53
CA SER F 974 -14.05 3.42 7.80
C SER F 974 -12.95 3.44 8.85
N SER F 975 -12.99 4.45 9.71
CA SER F 975 -12.06 4.54 10.83
C SER F 975 -12.46 3.58 11.95
N VAL F 976 -13.67 3.04 11.84
CA VAL F 976 -14.18 2.13 12.85
C VAL F 976 -13.89 0.70 12.48
N LEU F 977 -13.08 0.04 13.31
CA LEU F 977 -12.61 -1.30 13.03
C LEU F 977 -13.76 -2.29 13.01
N ASN F 978 -14.74 -2.07 13.88
CA ASN F 978 -15.89 -2.95 13.97
C ASN F 978 -16.77 -2.87 12.74
N ASP F 979 -16.81 -1.71 12.10
CA ASP F 979 -17.64 -1.56 10.90
C ASP F 979 -17.04 -2.33 9.74
N ILE F 980 -15.71 -2.31 9.66
CA ILE F 980 -15.02 -3.06 8.61
C ILE F 980 -15.26 -4.55 8.79
N LEU F 981 -15.14 -5.02 10.03
CA LEU F 981 -15.29 -6.44 10.33
C LEU F 981 -16.73 -6.92 10.14
N SER F 982 -17.70 -6.05 10.41
CA SER F 982 -19.10 -6.45 10.27
C SER F 982 -19.54 -6.50 8.80
N ARG F 983 -18.86 -5.75 7.94
CA ARG F 983 -19.23 -5.70 6.54
C ARG F 983 -18.45 -6.67 5.66
N LEU F 984 -17.14 -6.75 5.88
CA LEU F 984 -16.27 -7.50 4.96
C LEU F 984 -15.80 -8.84 5.53
N ASP F 985 -15.52 -9.77 4.63
CA ASP F 985 -14.83 -11.01 4.96
C ASP F 985 -13.33 -10.75 4.95
N PRO F 986 -12.52 -11.56 5.66
CA PRO F 986 -11.09 -11.42 5.83
C PRO F 986 -10.32 -11.03 4.55
N PRO F 987 -10.54 -11.66 3.38
CA PRO F 987 -9.81 -11.39 2.15
C PRO F 987 -9.85 -9.91 1.78
N GLU F 988 -10.92 -9.22 2.17
CA GLU F 988 -11.06 -7.79 1.89
C GLU F 988 -10.92 -6.96 3.16
N ALA F 989 -11.34 -7.53 4.29
CA ALA F 989 -11.30 -6.82 5.55
C ALA F 989 -9.88 -6.54 5.95
N GLU F 990 -8.98 -7.47 5.65
CA GLU F 990 -7.59 -7.34 6.02
C GLU F 990 -6.94 -6.17 5.29
N VAL F 991 -7.39 -5.89 4.08
CA VAL F 991 -6.85 -4.77 3.33
C VAL F 991 -7.23 -3.45 4.00
N GLN F 992 -8.49 -3.35 4.40
CA GLN F 992 -8.98 -2.15 5.05
C GLN F 992 -8.37 -2.00 6.43
N ILE F 993 -8.17 -3.10 7.12
CA ILE F 993 -7.58 -3.09 8.45
C ILE F 993 -6.12 -2.71 8.36
N ASP F 994 -5.42 -3.26 7.38
CA ASP F 994 -4.01 -2.97 7.19
C ASP F 994 -3.79 -1.46 7.06
N ARG F 995 -4.72 -0.79 6.38
CA ARG F 995 -4.63 0.66 6.22
C ARG F 995 -4.78 1.37 7.56
N LEU F 996 -5.67 0.87 8.41
CA LEU F 996 -5.85 1.47 9.74
C LEU F 996 -4.65 1.17 10.63
N ILE F 997 -4.08 -0.02 10.53
CA ILE F 997 -2.94 -0.36 11.35
C ILE F 997 -1.76 0.52 10.99
N THR F 998 -1.51 0.70 9.70
CA THR F 998 -0.39 1.52 9.28
C THR F 998 -0.54 2.95 9.82
N GLY F 999 -1.74 3.50 9.67
CA GLY F 999 -2.00 4.87 10.10
C GLY F 999 -1.93 5.02 11.62
N ARG F 1000 -2.52 4.07 12.34
CA ARG F 1000 -2.57 4.14 13.79
C ARG F 1000 -1.22 3.83 14.41
N LEU F 1001 -0.48 2.94 13.79
CA LEU F 1001 0.86 2.61 14.26
C LEU F 1001 1.75 3.83 14.06
N GLN F 1002 1.63 4.47 12.91
CA GLN F 1002 2.39 5.68 12.62
C GLN F 1002 2.04 6.80 13.58
N SER F 1003 0.75 6.93 13.91
CA SER F 1003 0.30 7.96 14.84
C SER F 1003 0.87 7.73 16.22
N LEU F 1004 0.92 6.47 16.64
CA LEU F 1004 1.46 6.12 17.94
C LEU F 1004 2.97 6.32 17.99
N GLN F 1005 3.66 5.99 16.90
CA GLN F 1005 5.10 6.22 16.83
C GLN F 1005 5.41 7.70 16.92
N THR F 1006 4.60 8.52 16.29
CA THR F 1006 4.77 9.96 16.34
C THR F 1006 4.64 10.45 17.78
N TYR F 1007 3.60 9.97 18.45
CA TYR F 1007 3.37 10.33 19.84
C TYR F 1007 4.55 9.96 20.73
N VAL F 1008 5.00 8.72 20.63
CA VAL F 1008 6.08 8.26 21.49
C VAL F 1008 7.36 9.02 21.25
N THR F 1009 7.68 9.29 19.99
CA THR F 1009 8.89 10.03 19.67
C THR F 1009 8.85 11.42 20.30
N GLN F 1010 7.70 12.08 20.21
CA GLN F 1010 7.56 13.40 20.78
C GLN F 1010 7.67 13.37 22.29
N GLN F 1011 7.16 12.30 22.90
CA GLN F 1011 7.22 12.17 24.36
C GLN F 1011 8.65 11.94 24.82
N LEU F 1012 9.44 11.23 24.02
CA LEU F 1012 10.84 10.98 24.37
C LEU F 1012 11.65 12.26 24.29
N ILE F 1013 11.38 13.07 23.27
CA ILE F 1013 12.07 14.33 23.11
C ILE F 1013 11.65 15.28 24.22
N ARG F 1014 10.36 15.33 24.50
CA ARG F 1014 9.83 16.16 25.56
C ARG F 1014 10.34 15.69 26.92
N ALA F 1015 10.43 14.39 27.11
CA ALA F 1015 10.93 13.84 28.35
C ALA F 1015 12.35 14.28 28.61
N ALA F 1016 13.14 14.36 27.55
CA ALA F 1016 14.53 14.80 27.67
C ALA F 1016 14.60 16.23 28.18
N GLU F 1017 13.68 17.07 27.71
CA GLU F 1017 13.63 18.46 28.16
C GLU F 1017 13.26 18.54 29.63
N ILE F 1018 12.30 17.72 30.04
CA ILE F 1018 11.89 17.67 31.43
C ILE F 1018 13.03 17.16 32.30
N ARG F 1019 13.74 16.15 31.82
CA ARG F 1019 14.87 15.62 32.56
C ARG F 1019 15.92 16.68 32.80
N ALA F 1020 16.23 17.46 31.76
CA ALA F 1020 17.20 18.53 31.88
C ALA F 1020 16.76 19.56 32.90
N SER F 1021 15.47 19.88 32.89
CA SER F 1021 14.91 20.83 33.85
C SER F 1021 15.00 20.26 35.26
N ALA F 1022 14.69 18.98 35.42
CA ALA F 1022 14.76 18.32 36.71
C ALA F 1022 16.19 18.31 37.22
N ASN F 1023 17.15 18.12 36.33
CA ASN F 1023 18.56 18.11 36.72
C ASN F 1023 18.98 19.50 37.18
N LEU F 1024 18.46 20.52 36.53
CA LEU F 1024 18.72 21.89 36.93
C LEU F 1024 18.08 22.18 38.27
N ALA F 1025 16.86 21.69 38.45
CA ALA F 1025 16.14 21.85 39.70
C ALA F 1025 16.85 21.15 40.83
N ALA F 1026 17.44 19.99 40.54
CA ALA F 1026 18.18 19.24 41.54
C ALA F 1026 19.46 19.98 41.90
N THR F 1027 20.12 20.57 40.91
CA THR F 1027 21.32 21.33 41.15
C THR F 1027 21.02 22.54 42.02
N LYS F 1028 19.87 23.16 41.78
CA LYS F 1028 19.43 24.33 42.54
C LYS F 1028 18.85 23.94 43.89
N MET F 1029 18.82 22.66 44.19
CA MET F 1029 18.42 22.21 45.51
C MET F 1029 19.68 22.02 46.34
N SER F 1030 20.68 21.37 45.75
CA SER F 1030 21.95 21.18 46.43
C SER F 1030 22.63 22.52 46.63
N GLU F 1031 22.73 23.27 45.55
CA GLU F 1031 23.16 24.64 45.60
C GLU F 1031 21.92 25.46 45.88
N CYS F 1032 22.08 26.72 46.30
CA CYS F 1032 20.97 27.62 46.60
C CYS F 1032 20.29 27.26 47.92
N VAL F 1033 19.74 26.06 48.02
CA VAL F 1033 19.01 25.66 49.22
C VAL F 1033 19.90 24.99 50.27
N LEU F 1034 20.68 23.99 49.86
CA LEU F 1034 21.53 23.29 50.82
C LEU F 1034 22.91 23.92 50.93
N GLY F 1035 23.03 25.14 50.41
CA GLY F 1035 24.26 25.91 50.53
C GLY F 1035 24.13 27.27 49.89
N GLN F 1036 25.09 28.14 50.15
CA GLN F 1036 25.10 29.46 49.56
C GLN F 1036 25.89 29.45 48.27
N SER F 1037 25.34 30.06 47.22
CA SER F 1037 25.99 30.01 45.93
C SER F 1037 26.77 31.29 45.62
N LYS F 1038 27.89 31.12 44.93
CA LYS F 1038 28.69 32.24 44.46
C LYS F 1038 28.39 32.53 42.99
N ARG F 1039 27.54 31.70 42.39
CA ARG F 1039 27.27 31.77 40.97
C ARG F 1039 26.23 32.85 40.67
N VAL F 1040 26.58 33.74 39.75
CA VAL F 1040 25.73 34.87 39.42
C VAL F 1040 24.46 34.44 38.70
N ASP F 1041 23.33 34.97 39.17
CA ASP F 1041 22.02 34.70 38.60
C ASP F 1041 21.63 33.23 38.67
N PHE F 1042 22.40 32.43 39.39
CA PHE F 1042 22.05 31.04 39.53
C PHE F 1042 20.95 30.84 40.56
N CYS F 1043 21.03 31.59 41.67
CA CYS F 1043 20.08 31.50 42.76
C CYS F 1043 19.38 32.84 42.92
N GLY F 1044 18.91 33.39 41.81
CA GLY F 1044 18.21 34.66 41.83
C GLY F 1044 19.13 35.82 41.45
N LYS F 1045 18.51 36.98 41.21
CA LYS F 1045 19.26 38.21 40.81
C LYS F 1045 19.67 38.95 42.08
N GLY F 1046 20.95 39.24 42.20
CA GLY F 1046 21.48 39.89 43.40
C GLY F 1046 22.48 38.95 44.06
N TYR F 1047 22.91 39.29 45.26
CA TYR F 1047 23.89 38.44 45.95
C TYR F 1047 23.17 37.40 46.78
N HIS F 1048 23.30 36.15 46.38
CA HIS F 1048 22.53 35.09 47.02
C HIS F 1048 22.85 34.95 48.50
N LEU F 1049 21.80 34.90 49.32
CA LEU F 1049 21.95 34.63 50.73
C LEU F 1049 21.49 33.22 51.02
N MET F 1050 20.27 32.90 50.62
CA MET F 1050 19.69 31.58 50.86
C MET F 1050 18.46 31.37 49.99
N SER F 1051 17.99 30.13 49.94
CA SER F 1051 16.80 29.81 49.15
C SER F 1051 15.90 28.86 49.90
N PHE F 1052 14.60 28.97 49.64
CA PHE F 1052 13.62 28.09 50.23
C PHE F 1052 12.78 27.41 49.14
N PRO F 1053 12.81 26.08 49.06
CA PRO F 1053 12.05 25.28 48.12
C PRO F 1053 10.58 25.25 48.52
N GLN F 1054 9.71 25.14 47.53
CA GLN F 1054 8.29 24.94 47.74
C GLN F 1054 7.78 23.87 46.78
N SER F 1055 6.89 23.01 47.26
CA SER F 1055 6.30 21.99 46.40
C SER F 1055 5.32 22.60 45.41
N ALA F 1056 5.27 22.04 44.22
CA ALA F 1056 4.33 22.48 43.20
C ALA F 1056 3.94 21.30 42.31
N PRO F 1057 2.79 21.37 41.62
CA PRO F 1057 2.32 20.40 40.66
C PRO F 1057 3.36 20.08 39.61
N HIS F 1058 3.86 18.87 39.63
CA HIS F 1058 4.85 18.40 38.67
C HIS F 1058 6.08 19.30 38.57
N GLY F 1059 6.44 19.95 39.66
CA GLY F 1059 7.57 20.86 39.62
C GLY F 1059 7.93 21.41 40.98
N VAL F 1060 8.92 22.29 40.98
CA VAL F 1060 9.42 22.89 42.22
C VAL F 1060 9.50 24.39 42.06
N VAL F 1061 9.20 25.10 43.15
CA VAL F 1061 9.33 26.53 43.16
C VAL F 1061 10.37 26.96 44.18
N PHE F 1062 11.33 27.76 43.76
CA PHE F 1062 12.36 28.23 44.65
C PHE F 1062 12.17 29.70 44.99
N LEU F 1063 12.15 30.01 46.26
CA LEU F 1063 12.14 31.40 46.70
C LEU F 1063 13.55 31.81 47.07
N HIS F 1064 14.14 32.63 46.22
CA HIS F 1064 15.55 33.00 46.39
C HIS F 1064 15.66 34.30 47.15
N VAL F 1065 16.41 34.27 48.24
CA VAL F 1065 16.60 35.47 49.05
C VAL F 1065 17.95 36.07 48.71
N THR F 1066 17.94 37.28 48.18
CA THR F 1066 19.17 37.91 47.75
C THR F 1066 19.39 39.25 48.42
N TYR F 1067 20.64 39.61 48.57
CA TYR F 1067 21.04 40.92 49.07
C TYR F 1067 21.23 41.85 47.89
N VAL F 1068 20.47 42.94 47.89
CA VAL F 1068 20.55 43.89 46.79
C VAL F 1068 20.99 45.26 47.29
N PRO F 1069 22.16 45.73 46.88
CA PRO F 1069 22.72 47.02 47.22
C PRO F 1069 21.75 48.13 46.88
N ALA F 1070 21.70 49.15 47.72
CA ALA F 1070 20.78 50.26 47.50
C ALA F 1070 21.35 51.57 48.00
N GLN F 1071 20.85 52.67 47.45
CA GLN F 1071 21.21 54.01 47.92
C GLN F 1071 22.71 54.24 47.93
N GLU F 1072 23.35 54.01 46.80
CA GLU F 1072 24.78 54.27 46.69
C GLU F 1072 25.06 55.76 46.57
N LYS F 1073 26.26 56.17 46.94
CA LYS F 1073 26.67 57.54 46.75
C LYS F 1073 28.10 57.62 46.21
N ASN F 1074 28.44 58.76 45.61
CA ASN F 1074 29.75 59.01 45.01
C ASN F 1074 30.82 59.25 46.05
N PHE F 1075 31.98 58.60 45.88
CA PHE F 1075 33.18 58.87 46.67
C PHE F 1075 34.39 59.00 45.77
N THR F 1076 35.38 59.75 46.23
CA THR F 1076 36.67 59.77 45.53
C THR F 1076 37.50 58.63 46.06
N THR F 1077 38.17 57.91 45.17
CA THR F 1077 38.93 56.75 45.62
C THR F 1077 40.39 56.80 45.23
N ALA F 1078 41.16 55.91 45.81
CA ALA F 1078 42.58 55.79 45.50
C ALA F 1078 43.02 54.33 45.68
N PRO F 1079 43.93 53.85 44.83
CA PRO F 1079 44.49 52.51 44.84
C PRO F 1079 45.38 52.26 46.04
N ALA F 1080 45.92 53.34 46.62
CA ALA F 1080 46.82 53.21 47.76
C ALA F 1080 46.96 54.54 48.48
N ILE F 1081 47.41 54.46 49.72
CA ILE F 1081 47.76 55.63 50.51
C ILE F 1081 49.26 55.71 50.71
N CYS F 1082 49.83 56.89 50.48
CA CYS F 1082 51.25 57.13 50.71
C CYS F 1082 51.48 57.70 52.11
N HIS F 1083 52.29 56.99 52.88
CA HIS F 1083 52.59 57.40 54.25
C HIS F 1083 53.96 56.91 54.67
N ASP F 1084 54.77 57.82 55.20
CA ASP F 1084 56.15 57.51 55.58
C ASP F 1084 56.95 56.99 54.40
N GLY F 1085 56.58 57.42 53.20
CA GLY F 1085 57.29 57.04 51.98
C GLY F 1085 56.94 55.64 51.49
N LYS F 1086 55.97 55.00 52.15
CA LYS F 1086 55.59 53.65 51.80
C LYS F 1086 54.17 53.59 51.24
N ALA F 1087 53.90 52.59 50.39
CA ALA F 1087 52.57 52.43 49.80
C ALA F 1087 51.71 51.48 50.61
N HIS F 1088 50.59 52.01 51.12
CA HIS F 1088 49.66 51.23 51.93
C HIS F 1088 48.42 50.85 51.12
N PHE F 1089 48.08 49.58 51.16
CA PHE F 1089 46.92 49.04 50.48
C PHE F 1089 45.93 48.54 51.51
N PRO F 1090 44.62 48.60 51.24
CA PRO F 1090 43.57 48.14 52.11
C PRO F 1090 43.59 46.61 52.18
N ARG F 1091 43.39 46.06 53.37
CA ARG F 1091 43.41 44.61 53.52
C ARG F 1091 42.12 43.96 53.03
N GLU F 1092 40.99 44.64 53.22
CA GLU F 1092 39.71 44.06 52.85
C GLU F 1092 38.88 44.99 51.97
N GLY F 1093 38.93 46.29 52.27
CA GLY F 1093 38.03 47.24 51.64
C GLY F 1093 38.70 48.11 50.61
N VAL F 1094 38.18 49.32 50.46
CA VAL F 1094 38.65 50.29 49.49
C VAL F 1094 38.83 51.66 50.14
N PHE F 1095 39.87 52.38 49.72
CA PHE F 1095 40.09 53.72 50.25
C PHE F 1095 39.17 54.73 49.58
N VAL F 1096 38.42 55.47 50.39
CA VAL F 1096 37.49 56.45 49.87
C VAL F 1096 37.60 57.79 50.59
N SER F 1097 37.27 58.85 49.89
CA SER F 1097 37.27 60.19 50.45
C SER F 1097 35.89 60.82 50.38
N ASN F 1098 35.45 61.41 51.49
CA ASN F 1098 34.16 62.09 51.58
C ASN F 1098 34.27 63.57 51.19
N GLY F 1099 35.46 63.98 50.72
CA GLY F 1099 35.73 65.34 50.28
C GLY F 1099 36.80 66.01 51.13
N THR F 1100 36.95 65.56 52.37
CA THR F 1100 37.98 66.13 53.24
C THR F 1100 38.84 65.06 53.90
N HIS F 1101 38.26 63.90 54.19
CA HIS F 1101 38.98 62.86 54.90
C HIS F 1101 38.94 61.52 54.18
N TRP F 1102 40.04 60.79 54.29
CA TRP F 1102 40.15 59.45 53.72
C TRP F 1102 39.82 58.38 54.74
N PHE F 1103 39.02 57.41 54.31
CA PHE F 1103 38.60 56.29 55.12
C PHE F 1103 38.77 54.99 54.35
N VAL F 1104 38.78 53.88 55.06
CA VAL F 1104 38.74 52.59 54.39
C VAL F 1104 37.41 51.91 54.71
N THR F 1105 36.74 51.42 53.68
CA THR F 1105 35.43 50.83 53.88
C THR F 1105 35.25 49.54 53.12
N GLN F 1106 34.40 48.66 53.62
CA GLN F 1106 34.06 47.45 52.90
C GLN F 1106 33.34 47.81 51.61
N ARG F 1107 33.63 47.06 50.57
CA ARG F 1107 33.23 47.40 49.21
C ARG F 1107 31.73 47.32 48.95
N ASN F 1108 31.03 46.48 49.70
CA ASN F 1108 29.62 46.25 49.44
C ASN F 1108 28.69 47.01 50.38
N PHE F 1109 29.26 47.83 51.25
CA PHE F 1109 28.45 48.54 52.23
C PHE F 1109 29.24 49.67 52.87
N TYR F 1110 28.79 50.89 52.69
CA TYR F 1110 29.55 52.04 53.17
C TYR F 1110 29.64 52.04 54.68
N GLU F 1111 30.86 52.00 55.17
CA GLU F 1111 31.16 51.96 56.59
C GLU F 1111 32.57 52.48 56.82
N PRO F 1112 32.73 53.81 56.81
CA PRO F 1112 33.99 54.54 56.73
C PRO F 1112 34.81 54.44 58.01
N GLN F 1113 35.81 53.59 57.99
CA GLN F 1113 36.68 53.40 59.15
C GLN F 1113 37.93 54.24 59.01
N ILE F 1114 38.55 54.58 60.13
CA ILE F 1114 39.82 55.28 60.11
C ILE F 1114 40.88 54.37 59.52
N ILE F 1115 41.71 54.92 58.65
CA ILE F 1115 42.77 54.14 58.04
C ILE F 1115 43.90 53.94 59.03
N THR F 1116 44.18 52.68 59.33
CA THR F 1116 45.17 52.34 60.34
C THR F 1116 46.07 51.25 59.82
N THR F 1117 47.14 50.97 60.54
CA THR F 1117 48.06 49.91 60.16
C THR F 1117 47.43 48.53 60.36
N ASP F 1118 46.31 48.48 61.05
CA ASP F 1118 45.63 47.22 61.32
C ASP F 1118 44.62 46.85 60.24
N ASN F 1119 44.39 47.74 59.29
CA ASN F 1119 43.45 47.45 58.21
C ASN F 1119 44.05 47.72 56.85
N THR F 1120 45.36 47.92 56.84
CA THR F 1120 46.13 48.08 55.62
C THR F 1120 47.36 47.20 55.65
N PHE F 1121 48.03 47.08 54.51
CA PHE F 1121 49.30 46.40 54.45
C PHE F 1121 50.24 47.16 53.54
N VAL F 1122 51.54 46.96 53.71
CA VAL F 1122 52.51 47.75 52.96
C VAL F 1122 53.28 46.93 51.95
N SER F 1123 53.40 47.47 50.75
CA SER F 1123 54.20 46.84 49.72
C SER F 1123 54.76 47.86 48.74
N GLY F 1124 56.08 48.03 48.77
CA GLY F 1124 56.74 48.97 47.87
C GLY F 1124 56.66 50.40 48.37
N ASN F 1125 57.28 51.32 47.64
CA ASN F 1125 57.28 52.73 47.99
C ASN F 1125 56.20 53.48 47.20
N CYS F 1126 56.13 54.80 47.41
CA CYS F 1126 55.06 55.63 46.85
C CYS F 1126 55.29 56.03 45.40
N ASP F 1127 56.41 55.62 44.82
CA ASP F 1127 56.77 56.03 43.47
C ASP F 1127 56.38 55.00 42.41
N VAL F 1128 55.62 54.00 42.81
CA VAL F 1128 55.23 52.94 41.90
C VAL F 1128 53.76 52.98 41.53
N VAL F 1129 52.89 53.20 42.52
CA VAL F 1129 51.45 53.10 42.29
C VAL F 1129 50.89 54.36 41.62
N ILE F 1130 50.17 54.14 40.53
CA ILE F 1130 49.57 55.24 39.79
C ILE F 1130 48.29 55.70 40.47
N GLY F 1131 48.24 56.98 40.82
CA GLY F 1131 47.06 57.53 41.46
C GLY F 1131 47.13 57.46 42.99
N ILE F 1132 48.29 57.11 43.52
CA ILE F 1132 48.47 57.05 44.97
C ILE F 1132 48.31 58.44 45.58
N VAL F 1133 47.64 58.52 46.73
CA VAL F 1133 47.41 59.82 47.36
C VAL F 1133 48.07 59.87 48.74
N ASN F 1134 48.44 61.08 49.15
CA ASN F 1134 49.08 61.33 50.45
C ASN F 1134 48.04 61.45 51.56
N ASN F 1135 48.18 60.61 52.59
CA ASN F 1135 47.32 60.64 53.77
C ASN F 1135 48.07 60.12 54.97
N THR F 1136 47.41 60.10 56.12
CA THR F 1136 48.03 59.60 57.34
C THR F 1136 47.46 58.24 57.72
N VAL F 1137 48.35 57.29 57.96
CA VAL F 1137 47.93 55.98 58.42
C VAL F 1137 48.17 55.86 59.92
N TYR F 1138 47.09 55.72 60.66
CA TYR F 1138 47.14 55.74 62.12
C TYR F 1138 47.71 54.46 62.70
N ASP F 1139 48.61 54.61 63.66
CA ASP F 1139 49.20 53.48 64.38
C ASP F 1139 48.69 53.46 65.82
N PRO F 1140 47.82 52.52 66.17
CA PRO F 1140 47.17 52.34 67.48
C PRO F 1140 48.16 52.26 68.63
N LEU F 1141 49.43 51.95 68.34
CA LEU F 1141 50.44 51.84 69.37
C LEU F 1141 51.06 53.18 69.74
N GLN F 1142 51.04 54.12 68.80
CA GLN F 1142 51.72 55.39 68.98
C GLN F 1142 51.26 56.19 70.21
N PRO F 1143 49.95 56.22 70.54
CA PRO F 1143 49.38 56.93 71.68
C PRO F 1143 49.93 56.42 73.01
N GLU F 1144 50.49 55.22 73.00
CA GLU F 1144 51.07 54.65 74.21
C GLU F 1144 52.59 54.78 74.23
N LEU F 1145 53.22 54.63 73.05
CA LEU F 1145 54.66 54.75 72.89
C LEU F 1145 54.99 55.86 71.90
N ILE G 1 9.30 -53.30 -35.22
CA ILE G 1 8.34 -53.99 -34.37
C ILE G 1 7.39 -54.85 -35.22
N VAL G 2 6.90 -55.94 -34.62
CA VAL G 2 5.88 -56.79 -35.24
C VAL G 2 4.63 -56.85 -34.37
N MET G 3 3.50 -56.52 -34.98
CA MET G 3 2.22 -56.61 -34.31
C MET G 3 1.44 -57.80 -34.86
N MET G 4 1.20 -58.79 -34.01
CA MET G 4 0.59 -60.03 -34.47
C MET G 4 -0.77 -60.27 -33.85
N GLN G 5 -1.79 -60.36 -34.68
CA GLN G 5 -3.14 -60.57 -34.18
C GLN G 5 -3.54 -62.04 -34.25
N SER G 6 -4.46 -62.43 -33.35
CA SER G 6 -4.92 -63.80 -33.28
C SER G 6 -6.34 -63.89 -32.72
N PRO G 7 -7.14 -64.81 -33.25
CA PRO G 7 -6.92 -65.71 -34.38
C PRO G 7 -7.01 -64.95 -35.69
N GLY G 8 -6.40 -65.50 -36.74
CA GLY G 8 -6.50 -64.88 -38.06
C GLY G 8 -7.96 -64.74 -38.48
N THR G 9 -8.75 -65.74 -38.13
CA THR G 9 -10.19 -65.72 -38.40
C THR G 9 -10.97 -66.08 -37.15
N LEU G 10 -11.98 -65.27 -36.85
CA LEU G 10 -12.86 -65.51 -35.71
C LEU G 10 -14.28 -65.66 -36.20
N SER G 11 -14.98 -66.66 -35.70
CA SER G 11 -16.34 -66.91 -36.15
C SER G 11 -17.26 -67.34 -35.01
N LEU G 12 -18.32 -66.56 -34.81
CA LEU G 12 -19.33 -66.89 -33.83
C LEU G 12 -20.64 -66.15 -34.15
N SER G 13 -21.73 -66.59 -33.53
CA SER G 13 -23.04 -66.04 -33.81
C SER G 13 -23.20 -64.61 -33.29
N PRO G 14 -24.04 -63.80 -33.95
CA PRO G 14 -24.53 -62.51 -33.48
C PRO G 14 -25.18 -62.67 -32.12
N GLY G 15 -24.99 -61.67 -31.26
CA GLY G 15 -25.54 -61.70 -29.92
C GLY G 15 -24.54 -62.25 -28.91
N GLU G 16 -23.48 -62.88 -29.41
CA GLU G 16 -22.46 -63.45 -28.55
C GLU G 16 -21.28 -62.50 -28.39
N ARG G 17 -20.30 -62.93 -27.59
CA ARG G 17 -19.12 -62.06 -27.28
C ARG G 17 -17.90 -62.55 -28.05
N ALA G 18 -17.09 -61.63 -28.57
CA ALA G 18 -15.86 -61.99 -29.28
C ALA G 18 -14.65 -61.32 -28.64
N THR G 19 -13.56 -62.07 -28.52
CA THR G 19 -12.31 -61.52 -28.02
C THR G 19 -11.23 -61.58 -29.09
N LEU G 20 -10.65 -60.42 -29.39
CA LEU G 20 -9.61 -60.31 -30.39
C LEU G 20 -8.29 -59.94 -29.71
N SER G 21 -7.24 -60.70 -29.98
CA SER G 21 -5.96 -60.47 -29.32
C SER G 21 -4.92 -59.89 -30.28
N CYS G 22 -4.03 -59.04 -29.73
CA CYS G 22 -2.88 -58.50 -30.46
C CYS G 22 -1.64 -58.56 -29.58
N ARG G 23 -0.60 -59.21 -30.08
CA ARG G 23 0.64 -59.38 -29.33
C ARG G 23 1.77 -58.61 -30.00
N ALA G 24 2.67 -58.09 -29.18
CA ALA G 24 3.80 -57.33 -29.70
C ALA G 24 5.11 -58.06 -29.47
N SER G 25 6.03 -57.91 -30.41
CA SER G 25 7.38 -58.47 -30.28
C SER G 25 8.18 -57.74 -29.20
N GLN G 26 7.70 -56.56 -28.81
CA GLN G 26 8.33 -55.77 -27.77
C GLN G 26 7.26 -54.97 -27.04
N SER G 27 7.56 -54.52 -25.83
CA SER G 27 6.56 -53.80 -25.05
C SER G 27 6.06 -52.57 -25.79
N VAL G 28 4.75 -52.35 -25.72
CA VAL G 28 4.10 -51.20 -26.33
C VAL G 28 3.35 -50.41 -25.27
N SER G 29 3.59 -49.12 -25.22
CA SER G 29 2.87 -48.27 -24.28
C SER G 29 1.38 -48.38 -24.55
N SER G 30 0.58 -48.42 -23.49
CA SER G 30 -0.86 -48.54 -23.68
C SER G 30 -1.39 -47.32 -24.42
N SER G 31 -0.72 -46.20 -24.24
CA SER G 31 -1.10 -44.95 -24.89
C SER G 31 -0.92 -45.00 -26.40
N TYR G 32 -0.11 -45.95 -26.87
CA TYR G 32 0.24 -46.04 -28.28
C TYR G 32 -0.43 -47.21 -28.98
N LEU G 33 -1.40 -47.85 -28.33
CA LEU G 33 -2.09 -48.99 -28.93
C LEU G 33 -3.51 -48.63 -29.33
N ALA G 34 -3.87 -48.87 -30.58
CA ALA G 34 -5.20 -48.55 -31.08
C ALA G 34 -5.82 -49.72 -31.85
N TRP G 35 -7.15 -49.74 -31.91
CA TRP G 35 -7.87 -50.74 -32.71
C TRP G 35 -8.73 -50.08 -33.77
N TYR G 36 -8.75 -50.69 -34.95
CA TYR G 36 -9.53 -50.21 -36.09
C TYR G 36 -10.52 -51.24 -36.59
N GLN G 37 -11.60 -50.76 -37.16
CA GLN G 37 -12.59 -51.62 -37.82
C GLN G 37 -12.73 -51.24 -39.28
N GLN G 38 -12.59 -52.23 -40.16
CA GLN G 38 -12.75 -51.98 -41.59
C GLN G 38 -13.82 -52.87 -42.19
N LYS G 39 -14.94 -52.27 -42.57
CA LYS G 39 -16.01 -53.00 -43.22
C LYS G 39 -15.65 -53.17 -44.70
N PRO G 40 -16.18 -54.19 -45.36
CA PRO G 40 -16.01 -54.44 -46.79
C PRO G 40 -16.38 -53.22 -47.61
N GLY G 41 -15.46 -52.79 -48.46
CA GLY G 41 -15.71 -51.66 -49.35
C GLY G 41 -15.59 -50.31 -48.66
N GLN G 42 -15.15 -50.31 -47.41
CA GLN G 42 -15.07 -49.06 -46.65
C GLN G 42 -13.68 -48.82 -46.07
N ALA G 43 -13.38 -47.55 -45.79
CA ALA G 43 -12.13 -47.19 -45.13
C ALA G 43 -12.19 -47.62 -43.67
N PRO G 44 -11.04 -47.88 -43.03
CA PRO G 44 -10.90 -48.17 -41.62
C PRO G 44 -11.41 -47.02 -40.77
N ARG G 45 -12.02 -47.34 -39.63
CA ARG G 45 -12.40 -46.32 -38.67
C ARG G 45 -11.84 -46.67 -37.30
N LEU G 46 -11.55 -45.65 -36.52
CA LEU G 46 -10.99 -45.86 -35.18
C LEU G 46 -12.05 -46.29 -34.21
N LEU G 47 -11.77 -47.36 -33.46
CA LEU G 47 -12.65 -47.81 -32.39
C LEU G 47 -12.07 -47.50 -31.04
N ILE G 48 -10.85 -47.97 -30.81
CA ILE G 48 -10.21 -47.82 -29.52
C ILE G 48 -8.84 -47.17 -29.67
N TYR G 49 -8.54 -46.24 -28.79
CA TYR G 49 -7.22 -45.63 -28.76
C TYR G 49 -6.72 -45.58 -27.32
N GLY G 50 -5.41 -45.56 -27.15
CA GLY G 50 -4.87 -45.54 -25.80
C GLY G 50 -5.18 -46.85 -25.10
N ALA G 51 -5.22 -47.93 -25.87
CA ALA G 51 -5.53 -49.28 -25.42
C ALA G 51 -7.01 -49.47 -25.06
N SER G 52 -7.59 -48.52 -24.34
CA SER G 52 -8.93 -48.74 -23.78
C SER G 52 -9.97 -47.67 -24.09
N SER G 53 -9.56 -46.52 -24.64
CA SER G 53 -10.49 -45.41 -24.79
C SER G 53 -11.29 -45.52 -26.08
N ARG G 54 -12.61 -45.37 -26.00
CA ARG G 54 -13.44 -45.40 -27.19
C ARG G 54 -13.35 -44.10 -27.98
N ALA G 55 -13.34 -44.24 -29.29
CA ALA G 55 -13.39 -43.10 -30.20
C ALA G 55 -14.81 -42.54 -30.25
N THR G 56 -14.93 -41.27 -30.60
CA THR G 56 -16.24 -40.64 -30.69
C THR G 56 -17.13 -41.36 -31.69
N GLY G 57 -18.36 -41.67 -31.28
CA GLY G 57 -19.33 -42.32 -32.15
C GLY G 57 -19.32 -43.83 -31.99
N ILE G 58 -18.40 -44.34 -31.18
CA ILE G 58 -18.29 -45.79 -30.97
C ILE G 58 -19.16 -46.24 -29.80
N PRO G 59 -20.03 -47.24 -30.00
CA PRO G 59 -20.90 -47.87 -29.02
C PRO G 59 -20.11 -48.40 -27.84
N ASP G 60 -20.76 -48.44 -26.68
CA ASP G 60 -20.13 -48.92 -25.45
C ASP G 60 -20.07 -50.45 -25.43
N ARG G 61 -20.48 -51.05 -26.53
CA ARG G 61 -20.35 -52.49 -26.73
C ARG G 61 -18.89 -52.84 -26.98
N PHE G 62 -18.11 -51.85 -27.37
CA PHE G 62 -16.69 -52.04 -27.66
C PHE G 62 -15.84 -51.57 -26.49
N SER G 63 -14.85 -52.37 -26.13
CA SER G 63 -13.91 -51.98 -25.09
C SER G 63 -12.55 -52.59 -25.36
N GLY G 64 -11.52 -52.00 -24.78
CA GLY G 64 -10.18 -52.53 -24.95
C GLY G 64 -9.43 -52.53 -23.63
N SER G 65 -8.37 -53.31 -23.58
CA SER G 65 -7.52 -53.37 -22.40
C SER G 65 -6.18 -54.00 -22.74
N GLY G 66 -5.22 -53.91 -21.84
CA GLY G 66 -3.95 -54.58 -22.03
C GLY G 66 -2.77 -53.69 -21.70
N SER G 67 -1.60 -54.29 -21.73
CA SER G 67 -0.35 -53.60 -21.42
C SER G 67 0.82 -54.42 -21.92
N GLY G 68 2.01 -53.83 -21.92
CA GLY G 68 3.19 -54.60 -22.28
C GLY G 68 3.08 -55.14 -23.71
N THR G 69 3.07 -56.46 -23.83
CA THR G 69 3.02 -57.10 -25.14
C THR G 69 1.72 -57.82 -25.40
N ASP G 70 0.69 -57.58 -24.58
CA ASP G 70 -0.57 -58.29 -24.74
C ASP G 70 -1.78 -57.38 -24.60
N PHE G 71 -2.45 -57.13 -25.73
CA PHE G 71 -3.64 -56.27 -25.78
C PHE G 71 -4.82 -57.00 -26.38
N THR G 72 -6.02 -56.64 -25.96
CA THR G 72 -7.22 -57.25 -26.51
C THR G 72 -8.31 -56.24 -26.83
N LEU G 73 -9.18 -56.63 -27.75
CA LEU G 73 -10.40 -55.91 -28.07
C LEU G 73 -11.59 -56.79 -27.79
N THR G 74 -12.56 -56.27 -27.04
CA THR G 74 -13.73 -57.05 -26.69
C THR G 74 -15.01 -56.46 -27.25
N ILE G 75 -15.79 -57.32 -27.89
CA ILE G 75 -17.12 -56.95 -28.35
C ILE G 75 -18.14 -57.72 -27.53
N SER G 76 -18.80 -57.04 -26.60
CA SER G 76 -19.64 -57.73 -25.63
C SER G 76 -20.82 -58.44 -26.27
N ARG G 77 -21.39 -57.80 -27.29
CA ARG G 77 -22.49 -58.38 -28.05
C ARG G 77 -22.30 -58.05 -29.51
N LEU G 78 -22.23 -59.07 -30.36
CA LEU G 78 -21.99 -58.81 -31.77
C LEU G 78 -23.28 -58.53 -32.52
N GLU G 79 -23.23 -57.46 -33.30
CA GLU G 79 -24.31 -57.09 -34.21
C GLU G 79 -23.84 -57.38 -35.63
N PRO G 80 -24.75 -57.50 -36.59
CA PRO G 80 -24.47 -57.76 -38.00
C PRO G 80 -23.39 -56.83 -38.55
N GLU G 81 -23.31 -55.62 -38.04
CA GLU G 81 -22.35 -54.64 -38.53
C GLU G 81 -20.96 -54.82 -37.94
N ASP G 82 -20.81 -55.75 -37.01
CA ASP G 82 -19.54 -55.99 -36.36
C ASP G 82 -18.73 -57.06 -37.06
N PHE G 83 -19.32 -57.68 -38.08
CA PHE G 83 -18.63 -58.77 -38.75
C PHE G 83 -17.72 -58.24 -39.84
N ALA G 84 -16.63 -57.62 -39.41
CA ALA G 84 -15.68 -56.94 -40.26
C ALA G 84 -14.25 -57.31 -39.89
N VAL G 85 -13.29 -56.68 -40.55
CA VAL G 85 -11.89 -56.92 -40.24
C VAL G 85 -11.38 -55.92 -39.22
N TYR G 86 -10.74 -56.42 -38.18
CA TYR G 86 -10.22 -55.56 -37.14
C TYR G 86 -8.70 -55.54 -37.17
N TYR G 87 -8.13 -54.38 -36.93
CA TYR G 87 -6.69 -54.22 -36.92
C TYR G 87 -6.23 -53.64 -35.59
N CYS G 88 -5.04 -54.04 -35.14
CA CYS G 88 -4.37 -53.36 -34.04
C CYS G 88 -3.27 -52.49 -34.62
N GLN G 89 -3.06 -51.33 -34.01
CA GLN G 89 -2.06 -50.40 -34.50
C GLN G 89 -1.20 -49.88 -33.37
N GLN G 90 0.10 -49.77 -33.63
CA GLN G 90 1.06 -49.33 -32.65
C GLN G 90 1.85 -48.12 -33.13
N TYR G 91 2.17 -47.22 -32.22
CA TYR G 91 3.11 -46.15 -32.52
C TYR G 91 4.40 -46.30 -31.73
N GLY G 92 5.52 -46.03 -32.38
CA GLY G 92 6.79 -45.95 -31.71
C GLY G 92 7.91 -45.74 -32.71
N SER G 93 9.06 -45.28 -32.23
CA SER G 93 10.20 -45.01 -33.09
C SER G 93 9.82 -44.14 -34.29
N SER G 94 8.95 -43.17 -34.04
CA SER G 94 8.45 -42.27 -35.06
C SER G 94 7.89 -43.01 -36.27
N ALA G 95 7.18 -44.11 -36.01
CA ALA G 95 6.55 -44.87 -37.07
C ALA G 95 5.25 -45.49 -36.60
N TRP G 96 4.36 -45.76 -37.54
CA TRP G 96 3.07 -46.37 -37.24
C TRP G 96 2.98 -47.73 -37.89
N THR G 97 2.66 -48.75 -37.09
CA THR G 97 2.62 -50.13 -37.57
C THR G 97 1.26 -50.77 -37.32
N PHE G 98 0.76 -51.48 -38.33
CA PHE G 98 -0.51 -52.19 -38.19
C PHE G 98 -0.28 -53.68 -38.13
N GLY G 99 -1.19 -54.40 -37.47
CA GLY G 99 -1.17 -55.85 -37.49
C GLY G 99 -1.71 -56.34 -38.82
N GLN G 100 -1.73 -57.66 -39.02
CA GLN G 100 -2.14 -58.21 -40.30
C GLN G 100 -3.66 -58.14 -40.46
N GLY G 101 -4.35 -57.98 -39.34
CA GLY G 101 -5.81 -57.90 -39.33
C GLY G 101 -6.45 -59.25 -39.11
N THR G 102 -7.59 -59.26 -38.45
CA THR G 102 -8.35 -60.48 -38.26
C THR G 102 -9.80 -60.27 -38.68
N LYS G 103 -10.40 -61.31 -39.26
CA LYS G 103 -11.77 -61.20 -39.73
C LYS G 103 -12.74 -61.89 -38.78
N VAL G 104 -13.77 -61.15 -38.34
CA VAL G 104 -14.82 -61.67 -37.48
C VAL G 104 -15.89 -62.36 -38.30
N VAL H 1 -15.95 -33.57 -39.31
CA VAL H 1 -14.69 -33.81 -40.00
C VAL H 1 -14.91 -34.73 -41.20
N GLN H 2 -14.51 -34.25 -42.38
CA GLN H 2 -14.60 -35.00 -43.63
C GLN H 2 -13.27 -34.99 -44.37
N LEU H 3 -12.96 -36.11 -44.99
CA LEU H 3 -11.78 -36.21 -45.85
C LEU H 3 -12.19 -36.79 -47.20
N VAL H 4 -11.97 -36.02 -48.26
CA VAL H 4 -12.41 -36.44 -49.59
C VAL H 4 -11.24 -36.57 -50.55
N GLN H 5 -11.02 -37.79 -51.02
CA GLN H 5 -9.91 -38.08 -51.90
C GLN H 5 -10.31 -38.09 -53.37
N SER H 6 -9.31 -38.02 -54.24
CA SER H 6 -9.53 -38.07 -55.68
C SER H 6 -10.03 -39.43 -56.12
N GLY H 7 -10.39 -39.54 -57.40
CA GLY H 7 -10.91 -40.79 -57.93
C GLY H 7 -9.79 -41.78 -58.23
N ALA H 8 -10.17 -42.97 -58.70
CA ALA H 8 -9.21 -44.04 -58.97
C ALA H 8 -8.35 -43.71 -60.18
N GLU H 9 -7.14 -44.25 -60.19
CA GLU H 9 -6.19 -44.03 -61.27
C GLU H 9 -5.63 -45.33 -61.81
N VAL H 10 -5.30 -45.35 -63.09
CA VAL H 10 -4.63 -46.49 -63.69
C VAL H 10 -3.34 -46.03 -64.38
N LYS H 11 -2.22 -46.60 -63.96
CA LYS H 11 -0.91 -46.17 -64.42
C LYS H 11 -0.07 -47.32 -64.93
N LYS H 12 0.87 -47.02 -65.82
CA LYS H 12 1.85 -47.99 -66.25
C LYS H 12 3.06 -47.95 -65.34
N PRO H 13 3.77 -49.06 -65.15
CA PRO H 13 5.00 -49.15 -64.39
C PRO H 13 5.99 -48.10 -64.85
N GLY H 14 6.59 -47.40 -63.89
CA GLY H 14 7.54 -46.33 -64.16
C GLY H 14 6.86 -44.96 -64.10
N ALA H 15 5.53 -44.96 -64.10
CA ALA H 15 4.74 -43.73 -64.04
C ALA H 15 4.64 -43.21 -62.61
N SER H 16 4.16 -41.99 -62.48
CA SER H 16 3.90 -41.42 -61.16
C SER H 16 2.42 -41.10 -60.99
N VAL H 17 1.93 -41.23 -59.76
CA VAL H 17 0.55 -40.89 -59.45
C VAL H 17 0.47 -39.90 -58.30
N LYS H 18 -0.41 -38.92 -58.43
CA LYS H 18 -0.63 -37.97 -57.35
C LYS H 18 -2.06 -38.05 -56.84
N VAL H 19 -2.20 -38.45 -55.58
CA VAL H 19 -3.51 -38.59 -54.97
C VAL H 19 -3.78 -37.45 -54.00
N SER H 20 -4.89 -36.74 -54.23
CA SER H 20 -5.24 -35.62 -53.38
C SER H 20 -6.17 -36.03 -52.25
N CYS H 21 -6.26 -35.19 -51.21
CA CYS H 21 -7.19 -35.36 -50.10
C CYS H 21 -7.63 -34.01 -49.56
N LYS H 22 -8.88 -33.65 -49.84
CA LYS H 22 -9.41 -32.37 -49.39
C LYS H 22 -10.05 -32.53 -48.02
N ALA H 23 -9.63 -31.69 -47.08
CA ALA H 23 -10.12 -31.79 -45.72
C ALA H 23 -11.09 -30.67 -45.41
N SER H 24 -12.06 -30.95 -44.55
CA SER H 24 -12.98 -29.92 -44.09
C SER H 24 -13.54 -30.24 -42.71
N GLY H 25 -14.05 -29.23 -42.04
CA GLY H 25 -14.71 -29.40 -40.74
C GLY H 25 -13.76 -29.20 -39.57
N TYR H 26 -12.51 -28.85 -39.86
CA TYR H 26 -11.53 -28.65 -38.81
C TYR H 26 -10.40 -27.74 -39.27
N THR H 27 -9.57 -27.29 -38.32
CA THR H 27 -8.41 -26.48 -38.65
C THR H 27 -7.38 -27.36 -39.35
N PHE H 28 -7.20 -27.13 -40.64
CA PHE H 28 -6.37 -28.00 -41.47
C PHE H 28 -4.95 -28.13 -40.95
N THR H 29 -4.36 -27.01 -40.57
CA THR H 29 -2.97 -26.97 -40.16
C THR H 29 -2.78 -27.44 -38.72
N GLY H 30 -3.87 -27.79 -38.06
CA GLY H 30 -3.82 -28.21 -36.67
C GLY H 30 -3.53 -29.70 -36.56
N TYR H 31 -3.52 -30.40 -37.70
CA TYR H 31 -3.33 -31.85 -37.70
C TYR H 31 -2.32 -32.29 -38.73
N TYR H 32 -1.73 -33.46 -38.50
CA TYR H 32 -0.88 -34.09 -39.49
C TYR H 32 -1.74 -34.89 -40.45
N MET H 33 -1.37 -34.87 -41.73
CA MET H 33 -2.06 -35.70 -42.68
C MET H 33 -1.21 -36.90 -43.04
N HIS H 34 -1.71 -38.08 -42.71
CA HIS H 34 -0.98 -39.31 -42.94
C HIS H 34 -1.52 -40.03 -44.15
N TRP H 35 -0.66 -40.79 -44.80
CA TRP H 35 -1.10 -41.66 -45.86
C TRP H 35 -0.84 -43.11 -45.52
N VAL H 36 -1.84 -43.94 -45.76
CA VAL H 36 -1.80 -45.37 -45.46
C VAL H 36 -2.23 -46.16 -46.69
N ARG H 37 -1.45 -47.17 -47.04
CA ARG H 37 -1.72 -47.98 -48.23
C ARG H 37 -2.30 -49.34 -47.86
N GLN H 38 -3.18 -49.86 -48.70
CA GLN H 38 -3.70 -51.20 -48.51
C GLN H 38 -3.77 -51.99 -49.81
N ALA H 39 -2.77 -52.83 -50.05
CA ALA H 39 -2.75 -53.68 -51.24
C ALA H 39 -3.87 -54.71 -51.11
N PRO H 40 -4.44 -55.20 -52.21
CA PRO H 40 -5.50 -56.18 -52.26
C PRO H 40 -5.16 -57.41 -51.43
N GLY H 41 -6.04 -57.75 -50.49
CA GLY H 41 -5.87 -58.93 -49.65
C GLY H 41 -4.88 -58.70 -48.52
N GLN H 42 -4.35 -57.48 -48.41
CA GLN H 42 -3.35 -57.19 -47.40
C GLN H 42 -3.88 -56.26 -46.31
N GLY H 43 -3.04 -55.99 -45.32
CA GLY H 43 -3.41 -55.11 -44.22
C GLY H 43 -3.02 -53.68 -44.53
N LEU H 44 -3.02 -52.84 -43.51
CA LEU H 44 -2.74 -51.42 -43.67
C LEU H 44 -1.26 -51.13 -43.48
N GLU H 45 -0.69 -50.32 -44.37
CA GLU H 45 0.72 -49.94 -44.29
C GLU H 45 0.89 -48.44 -44.25
N TRP H 46 1.54 -47.93 -43.21
CA TRP H 46 1.76 -46.49 -43.10
C TRP H 46 2.86 -46.05 -44.07
N MET H 47 2.61 -44.96 -44.80
CA MET H 47 3.54 -44.46 -45.79
C MET H 47 4.34 -43.27 -45.29
N GLY H 48 3.68 -42.37 -44.58
CA GLY H 48 4.31 -41.13 -44.16
C GLY H 48 3.27 -40.08 -43.76
N TRP H 49 3.76 -38.90 -43.40
CA TRP H 49 2.88 -37.79 -43.06
C TRP H 49 3.43 -36.45 -43.50
N ILE H 50 2.53 -35.49 -43.63
CA ILE H 50 2.89 -34.10 -43.87
C ILE H 50 2.23 -33.17 -42.86
N ASN H 51 2.97 -32.15 -42.45
CA ASN H 51 2.47 -31.12 -41.54
C ASN H 51 2.25 -29.81 -42.30
N PRO H 52 1.00 -29.52 -42.72
CA PRO H 52 0.59 -28.45 -43.61
C PRO H 52 1.09 -27.07 -43.19
N ILE H 53 1.29 -26.86 -41.89
CA ILE H 53 1.72 -25.56 -41.39
C ILE H 53 3.12 -25.21 -41.88
N SER H 54 3.96 -26.22 -42.08
CA SER H 54 5.34 -26.00 -42.48
C SER H 54 5.70 -26.83 -43.69
N SER H 55 4.76 -27.66 -44.12
CA SER H 55 5.00 -28.61 -45.20
C SER H 55 6.17 -29.52 -44.86
N GLY H 56 6.25 -29.91 -43.60
CA GLY H 56 7.30 -30.82 -43.15
C GLY H 56 6.82 -32.24 -43.31
N THR H 57 7.72 -33.15 -43.63
CA THR H 57 7.32 -34.52 -43.88
C THR H 57 8.18 -35.55 -43.19
N SER H 58 7.65 -36.75 -43.11
CA SER H 58 8.40 -37.93 -42.70
C SER H 58 7.86 -39.14 -43.44
N TYR H 59 8.74 -40.02 -43.89
CA TYR H 59 8.31 -41.16 -44.67
C TYR H 59 8.81 -42.46 -44.07
N ALA H 60 8.05 -43.53 -44.30
CA ALA H 60 8.51 -44.86 -43.96
C ALA H 60 9.68 -45.22 -44.86
N GLN H 61 10.65 -45.96 -44.32
CA GLN H 61 11.83 -46.35 -45.09
C GLN H 61 11.47 -47.10 -46.36
N THR H 62 10.29 -47.71 -46.36
CA THR H 62 9.79 -48.46 -47.49
C THR H 62 9.53 -47.56 -48.70
N PHE H 63 9.03 -46.36 -48.46
CA PHE H 63 8.63 -45.47 -49.53
C PHE H 63 9.58 -44.29 -49.69
N GLN H 64 10.43 -44.09 -48.69
CA GLN H 64 11.36 -42.96 -48.72
C GLN H 64 12.19 -43.01 -50.00
N GLY H 65 12.21 -41.90 -50.73
CA GLY H 65 12.94 -41.82 -51.98
C GLY H 65 12.02 -41.97 -53.18
N ARG H 66 10.81 -42.48 -52.95
CA ARG H 66 9.84 -42.64 -54.02
C ARG H 66 8.63 -41.74 -53.83
N VAL H 67 8.29 -41.46 -52.57
CA VAL H 67 7.08 -40.70 -52.29
C VAL H 67 7.41 -39.29 -51.82
N THR H 68 6.70 -38.32 -52.39
CA THR H 68 6.78 -36.94 -51.96
C THR H 68 5.42 -36.44 -51.56
N MET H 69 5.32 -35.89 -50.35
CA MET H 69 4.05 -35.35 -49.89
C MET H 69 4.08 -33.84 -49.87
N THR H 70 3.02 -33.24 -50.38
CA THR H 70 2.88 -31.79 -50.40
C THR H 70 1.49 -31.40 -49.93
N SER H 71 1.27 -30.11 -49.73
CA SER H 71 -0.04 -29.63 -49.33
C SER H 71 -0.24 -28.18 -49.73
N ASP H 72 -1.50 -27.77 -49.77
CA ASP H 72 -1.86 -26.39 -50.04
C ASP H 72 -2.96 -25.95 -49.09
N THR H 73 -2.59 -25.12 -48.12
CA THR H 73 -3.51 -24.75 -47.06
C THR H 73 -4.64 -23.86 -47.55
N SER H 74 -4.45 -23.20 -48.68
CA SER H 74 -5.46 -22.26 -49.18
C SER H 74 -6.71 -23.00 -49.64
N ILE H 75 -6.54 -24.29 -49.95
CA ILE H 75 -7.65 -25.14 -50.36
C ILE H 75 -7.74 -26.36 -49.45
N THR H 76 -7.11 -26.24 -48.29
CA THR H 76 -7.02 -27.33 -47.32
C THR H 76 -6.95 -28.70 -47.97
N THR H 77 -5.97 -28.88 -48.84
CA THR H 77 -5.80 -30.15 -49.54
C THR H 77 -4.39 -30.69 -49.41
N ALA H 78 -4.30 -31.98 -49.11
CA ALA H 78 -3.01 -32.68 -49.05
C ALA H 78 -2.82 -33.55 -50.28
N TYR H 79 -1.56 -33.73 -50.68
CA TYR H 79 -1.25 -34.55 -51.84
C TYR H 79 -0.17 -35.58 -51.53
N MET H 80 -0.30 -36.75 -52.12
CA MET H 80 0.74 -37.77 -52.04
C MET H 80 1.14 -38.22 -53.43
N GLU H 81 2.39 -37.96 -53.79
CA GLU H 81 2.89 -38.34 -55.11
C GLU H 81 3.86 -39.50 -55.02
N LEU H 82 3.48 -40.64 -55.59
CA LEU H 82 4.32 -41.82 -55.55
C LEU H 82 4.92 -42.09 -56.93
N SER H 83 6.23 -41.94 -57.03
CA SER H 83 6.93 -42.06 -58.30
C SER H 83 7.47 -43.48 -58.51
N ARG H 84 7.92 -43.75 -59.75
CA ARG H 84 8.50 -45.04 -60.08
C ARG H 84 7.57 -46.18 -59.69
N LEU H 85 6.31 -46.06 -60.07
CA LEU H 85 5.32 -47.06 -59.71
C LEU H 85 5.66 -48.43 -60.25
N ARG H 86 5.45 -49.43 -59.41
CA ARG H 86 5.67 -50.82 -59.78
C ARG H 86 4.36 -51.59 -59.69
N SER H 87 4.32 -52.78 -60.26
CA SER H 87 3.08 -53.55 -60.26
C SER H 87 2.62 -53.90 -58.84
N ASP H 88 3.56 -53.95 -57.89
CA ASP H 88 3.22 -54.28 -56.52
C ASP H 88 2.74 -53.06 -55.74
N ASP H 89 2.60 -51.94 -56.42
CA ASP H 89 2.06 -50.73 -55.81
C ASP H 89 0.56 -50.65 -56.05
N THR H 90 -0.02 -51.66 -56.68
CA THR H 90 -1.45 -51.69 -56.82
C THR H 90 -2.08 -51.79 -55.45
N ALA H 91 -2.83 -50.76 -55.07
CA ALA H 91 -3.35 -50.68 -53.71
C ALA H 91 -4.40 -49.60 -53.58
N VAL H 92 -5.13 -49.67 -52.49
CA VAL H 92 -6.03 -48.58 -52.11
C VAL H 92 -5.31 -47.65 -51.15
N TYR H 93 -5.26 -46.38 -51.51
CA TYR H 93 -4.56 -45.39 -50.71
C TYR H 93 -5.54 -44.56 -49.90
N TYR H 94 -5.23 -44.39 -48.62
CA TYR H 94 -6.07 -43.59 -47.75
C TYR H 94 -5.31 -42.39 -47.22
N CYS H 95 -6.01 -41.29 -47.01
CA CYS H 95 -5.51 -40.19 -46.21
C CYS H 95 -6.16 -40.28 -44.84
N ALA H 96 -5.41 -39.95 -43.81
CA ALA H 96 -5.96 -40.04 -42.47
C ALA H 96 -5.43 -38.93 -41.59
N ARG H 97 -6.25 -38.50 -40.64
CA ARG H 97 -5.89 -37.40 -39.77
C ARG H 97 -5.39 -37.92 -38.43
N ALA H 98 -4.35 -37.26 -37.92
CA ALA H 98 -3.84 -37.52 -36.57
C ALA H 98 -3.31 -36.24 -35.97
N ALA H 99 -3.29 -36.17 -34.65
CA ALA H 99 -2.80 -34.98 -33.97
C ALA H 99 -1.31 -34.83 -34.25
N PRO H 100 -0.77 -33.62 -34.13
CA PRO H 100 0.63 -33.31 -34.22
C PRO H 100 1.38 -33.87 -33.02
N PHE H 101 2.70 -33.97 -33.14
CA PHE H 101 3.51 -34.57 -32.10
C PHE H 101 3.51 -33.81 -30.78
N TYR H 102 2.98 -32.59 -30.77
CA TYR H 102 2.96 -31.83 -29.55
C TYR H 102 1.69 -32.03 -28.76
N ASP H 103 0.83 -32.92 -29.23
CA ASP H 103 -0.41 -33.21 -28.52
C ASP H 103 -0.13 -33.91 -27.20
N PHE H 104 -0.60 -33.29 -26.12
CA PHE H 104 -0.31 -33.77 -24.77
C PHE H 104 -0.78 -35.21 -24.55
N TRP H 105 -1.97 -35.52 -25.06
CA TRP H 105 -2.56 -36.84 -24.80
C TRP H 105 -2.32 -37.82 -25.94
N SER H 106 -1.20 -37.66 -26.62
CA SER H 106 -0.74 -38.62 -27.62
C SER H 106 -1.74 -38.91 -28.71
N GLY H 107 -2.40 -37.88 -29.22
CA GLY H 107 -3.37 -38.04 -30.30
C GLY H 107 -2.68 -38.33 -31.62
N TYR H 108 -1.35 -38.25 -31.62
CA TYR H 108 -0.55 -38.48 -32.81
C TYR H 108 -0.28 -39.96 -33.00
N SER H 109 -0.55 -40.74 -31.96
CA SER H 109 -0.21 -42.16 -31.97
C SER H 109 -1.20 -42.98 -32.77
N TYR H 110 -2.30 -42.35 -33.18
CA TYR H 110 -3.36 -43.02 -33.90
C TYR H 110 -4.04 -42.10 -34.90
N PHE H 111 -4.80 -42.70 -35.81
CA PHE H 111 -5.50 -41.96 -36.85
C PHE H 111 -6.99 -41.96 -36.57
N ASP H 112 -7.57 -40.80 -36.29
CA ASP H 112 -8.97 -40.75 -35.88
C ASP H 112 -9.94 -40.55 -37.03
N TYR H 113 -9.46 -40.01 -38.15
CA TYR H 113 -10.33 -39.83 -39.30
C TYR H 113 -9.68 -40.33 -40.57
N TRP H 114 -10.48 -40.97 -41.42
CA TRP H 114 -10.01 -41.53 -42.67
C TRP H 114 -10.85 -41.06 -43.83
N GLY H 115 -10.23 -40.86 -44.99
CA GLY H 115 -10.97 -40.55 -46.20
C GLY H 115 -11.38 -41.83 -46.90
N GLN H 116 -12.07 -41.71 -48.03
CA GLN H 116 -12.46 -42.91 -48.76
C GLN H 116 -11.25 -43.40 -49.51
N GLY H 117 -11.08 -44.70 -49.58
CA GLY H 117 -9.91 -45.25 -50.23
C GLY H 117 -9.88 -44.91 -51.71
N THR H 118 -8.69 -44.61 -52.21
CA THR H 118 -8.50 -44.33 -53.63
C THR H 118 -7.68 -45.42 -54.27
N LEU H 119 -8.27 -46.15 -55.21
CA LEU H 119 -7.59 -47.26 -55.82
C LEU H 119 -6.66 -46.82 -56.94
N VAL H 120 -5.42 -47.25 -56.86
CA VAL H 120 -4.46 -47.03 -57.92
C VAL H 120 -3.97 -48.37 -58.45
N THR H 121 -4.14 -48.58 -59.76
CA THR H 121 -3.74 -49.82 -60.39
C THR H 121 -2.50 -49.61 -61.24
N VAL H 122 -1.51 -50.51 -61.09
CA VAL H 122 -0.25 -50.41 -61.84
C VAL H 122 0.06 -51.74 -62.53
N VAL I 1 -70.50 60.39 -11.42
CA VAL I 1 -70.36 59.05 -11.98
C VAL I 1 -71.53 58.73 -12.90
N GLN I 2 -71.24 58.48 -14.18
CA GLN I 2 -72.25 58.11 -15.18
C GLN I 2 -71.77 56.94 -16.04
N LEU I 3 -72.64 55.96 -16.20
CA LEU I 3 -72.35 54.81 -17.05
C LEU I 3 -73.38 54.70 -18.16
N VAL I 4 -72.92 54.70 -19.41
CA VAL I 4 -73.83 54.68 -20.54
C VAL I 4 -73.64 53.46 -21.45
N GLU I 5 -74.64 52.59 -21.45
CA GLU I 5 -74.60 51.39 -22.29
C GLU I 5 -75.02 51.70 -23.72
N SER I 6 -74.47 50.94 -24.67
CA SER I 6 -74.88 51.00 -26.06
C SER I 6 -74.55 49.68 -26.76
N GLY I 7 -75.06 49.52 -27.99
CA GLY I 7 -74.73 48.36 -28.81
C GLY I 7 -75.80 47.27 -28.76
N GLY I 8 -76.85 47.51 -28.00
CA GLY I 8 -77.94 46.53 -27.90
C GLY I 8 -78.71 46.46 -29.22
N GLY I 9 -79.38 45.34 -29.45
CA GLY I 9 -80.15 45.16 -30.67
C GLY I 9 -80.75 43.77 -30.76
N VAL I 10 -81.25 43.41 -31.94
CA VAL I 10 -81.89 42.12 -32.14
C VAL I 10 -81.08 41.26 -33.11
N VAL I 11 -80.72 40.06 -32.65
CA VAL I 11 -79.94 39.15 -33.47
C VAL I 11 -80.53 37.74 -33.48
N GLN I 12 -80.11 36.93 -34.43
CA GLN I 12 -80.52 35.53 -34.47
C GLN I 12 -79.58 34.70 -33.61
N PRO I 13 -80.03 33.55 -33.10
CA PRO I 13 -79.23 32.57 -32.41
C PRO I 13 -78.02 32.16 -33.24
N GLY I 14 -76.86 32.14 -32.61
CA GLY I 14 -75.62 31.77 -33.27
C GLY I 14 -74.82 32.99 -33.70
N ARG I 15 -75.47 34.15 -33.73
CA ARG I 15 -74.79 35.38 -34.14
C ARG I 15 -74.12 36.09 -32.98
N SER I 16 -73.25 37.04 -33.31
CA SER I 16 -72.51 37.81 -32.31
C SER I 16 -73.09 39.20 -32.11
N LEU I 17 -72.95 39.73 -30.91
CA LEU I 17 -73.31 41.12 -30.61
C LEU I 17 -72.34 41.71 -29.59
N ARG I 18 -71.87 42.92 -29.84
CA ARG I 18 -70.94 43.57 -28.93
C ARG I 18 -71.58 44.76 -28.22
N LEU I 19 -71.50 44.76 -26.89
CA LEU I 19 -72.00 45.86 -26.10
C LEU I 19 -70.86 46.75 -25.65
N SER I 20 -71.18 48.01 -25.41
CA SER I 20 -70.20 48.98 -24.93
C SER I 20 -70.79 49.88 -23.86
N CYS I 21 -70.03 50.13 -22.80
CA CYS I 21 -70.44 51.01 -21.70
C CYS I 21 -69.40 52.11 -21.48
N ALA I 22 -69.77 53.33 -21.81
CA ALA I 22 -68.87 54.47 -21.66
C ALA I 22 -68.96 55.00 -20.25
N ALA I 23 -67.81 55.22 -19.62
CA ALA I 23 -67.78 55.68 -18.24
C ALA I 23 -67.24 57.10 -18.16
N SER I 24 -67.83 57.89 -17.27
CA SER I 24 -67.34 59.23 -17.01
C SER I 24 -67.61 59.65 -15.56
N GLY I 25 -66.88 60.65 -15.11
CA GLY I 25 -67.10 61.21 -13.77
C GLY I 25 -66.19 60.60 -12.72
N PHE I 26 -65.37 59.63 -13.11
CA PHE I 26 -64.47 58.97 -12.17
C PHE I 26 -63.27 58.37 -12.87
N THR I 27 -62.27 57.97 -12.07
CA THR I 27 -61.08 57.36 -12.62
C THR I 27 -61.36 55.92 -13.00
N PHE I 28 -61.86 55.74 -14.22
CA PHE I 28 -62.26 54.43 -14.73
C PHE I 28 -61.21 53.37 -14.48
N SER I 29 -59.95 53.72 -14.68
CA SER I 29 -58.85 52.77 -14.59
C SER I 29 -58.62 52.23 -13.18
N SER I 30 -59.28 52.81 -12.19
CA SER I 30 -59.12 52.40 -10.81
C SER I 30 -60.22 51.45 -10.34
N TYR I 31 -61.25 51.28 -11.16
CA TYR I 31 -62.39 50.49 -10.73
C TYR I 31 -62.61 49.25 -11.58
N GLY I 32 -63.03 48.18 -10.92
CA GLY I 32 -63.45 46.99 -11.62
C GLY I 32 -64.86 47.21 -12.16
N MET I 33 -65.23 46.45 -13.19
CA MET I 33 -66.53 46.62 -13.80
C MET I 33 -67.26 45.30 -13.96
N HIS I 34 -68.58 45.36 -13.87
CA HIS I 34 -69.43 44.18 -14.00
C HIS I 34 -70.47 44.33 -15.08
N TRP I 35 -70.91 43.20 -15.63
CA TRP I 35 -72.13 43.16 -16.40
C TRP I 35 -73.14 42.28 -15.69
N VAL I 36 -74.37 42.77 -15.60
CA VAL I 36 -75.48 42.05 -14.99
C VAL I 36 -76.65 42.08 -15.96
N ARG I 37 -77.32 40.95 -16.13
CA ARG I 37 -78.43 40.95 -17.08
C ARG I 37 -79.73 40.55 -16.42
N GLN I 38 -80.82 41.08 -16.92
CA GLN I 38 -82.13 40.77 -16.38
C GLN I 38 -83.14 40.49 -17.48
N ALA I 39 -83.52 39.22 -17.62
CA ALA I 39 -84.55 38.86 -18.58
C ALA I 39 -85.87 39.41 -18.09
N PRO I 40 -86.78 39.80 -18.98
CA PRO I 40 -88.12 40.26 -18.67
C PRO I 40 -88.83 39.27 -17.76
N GLY I 41 -89.34 39.78 -16.64
CA GLY I 41 -90.08 38.95 -15.69
C GLY I 41 -89.16 38.16 -14.76
N LYS I 42 -87.85 38.33 -14.91
CA LYS I 42 -86.88 37.59 -14.11
C LYS I 42 -86.08 38.50 -13.20
N GLY I 43 -85.30 37.89 -12.32
CA GLY I 43 -84.47 38.64 -11.38
C GLY I 43 -83.13 38.98 -11.99
N LEU I 44 -82.22 39.51 -11.17
CA LEU I 44 -80.91 39.94 -11.64
C LEU I 44 -79.96 38.76 -11.70
N GLU I 45 -79.27 38.62 -12.82
CA GLU I 45 -78.26 37.57 -12.96
C GLU I 45 -76.90 38.16 -13.30
N TRP I 46 -75.91 37.87 -12.47
CA TRP I 46 -74.56 38.36 -12.73
C TRP I 46 -73.96 37.64 -13.90
N VAL I 47 -73.31 38.37 -14.79
CA VAL I 47 -72.75 37.77 -16.01
C VAL I 47 -71.23 37.67 -15.95
N THR I 48 -70.58 38.79 -15.68
CA THR I 48 -69.11 38.82 -15.76
C THR I 48 -68.49 40.03 -15.06
N VAL I 49 -67.24 39.85 -14.62
CA VAL I 49 -66.47 40.92 -14.02
C VAL I 49 -65.10 41.03 -14.67
N ILE I 50 -64.61 42.26 -14.78
CA ILE I 50 -63.24 42.50 -15.19
C ILE I 50 -62.55 43.41 -14.19
N TRP I 51 -61.31 43.09 -13.85
CA TRP I 51 -60.55 43.87 -12.89
C TRP I 51 -60.10 45.20 -13.45
N TYR I 52 -59.83 46.14 -12.57
CA TYR I 52 -59.45 47.50 -12.94
C TYR I 52 -58.37 47.57 -14.02
N ASP I 53 -57.41 46.66 -13.98
CA ASP I 53 -56.32 46.69 -14.95
C ASP I 53 -56.47 45.61 -16.02
N GLY I 54 -57.59 44.90 -15.98
CA GLY I 54 -57.88 43.86 -16.95
C GLY I 54 -57.09 42.58 -16.67
N SER I 55 -56.38 42.53 -15.54
CA SER I 55 -55.53 41.39 -15.23
C SER I 55 -56.33 40.12 -15.00
N ASN I 56 -57.55 40.27 -14.48
CA ASN I 56 -58.39 39.11 -14.22
C ASN I 56 -59.81 39.35 -14.70
N ARG I 57 -60.46 38.29 -15.13
CA ARG I 57 -61.86 38.35 -15.51
C ARG I 57 -62.55 37.02 -15.23
N TYR I 58 -63.77 37.09 -14.73
CA TYR I 58 -64.53 35.90 -14.41
C TYR I 58 -65.91 35.93 -15.06
N TYR I 59 -66.45 34.76 -15.33
CA TYR I 59 -67.75 34.66 -15.98
C TYR I 59 -68.69 33.73 -15.24
N ALA I 60 -69.98 34.00 -15.34
CA ALA I 60 -70.98 33.07 -14.87
C ALA I 60 -70.92 31.82 -15.73
N ASP I 61 -71.21 30.67 -15.13
CA ASP I 61 -71.12 29.41 -15.87
C ASP I 61 -71.98 29.41 -17.12
N SER I 62 -73.13 30.06 -17.05
CA SER I 62 -74.10 30.05 -18.14
C SER I 62 -73.60 30.75 -19.41
N VAL I 63 -72.57 31.57 -19.28
CA VAL I 63 -72.03 32.31 -20.42
C VAL I 63 -70.56 31.99 -20.64
N LYS I 64 -70.05 31.05 -19.86
CA LYS I 64 -68.63 30.77 -19.87
C LYS I 64 -68.22 30.11 -21.17
N GLY I 65 -67.19 30.67 -21.80
CA GLY I 65 -66.69 30.14 -23.06
C GLY I 65 -67.35 30.81 -24.26
N ARG I 66 -68.37 31.61 -24.00
CA ARG I 66 -69.08 32.30 -25.09
C ARG I 66 -68.86 33.80 -25.02
N PHE I 67 -68.90 34.34 -23.82
CA PHE I 67 -68.76 35.78 -23.64
C PHE I 67 -67.31 36.16 -23.35
N THR I 68 -66.90 37.31 -23.86
CA THR I 68 -65.58 37.87 -23.55
C THR I 68 -65.71 39.30 -23.04
N ILE I 69 -65.08 39.58 -21.91
CA ILE I 69 -65.12 40.93 -21.36
C ILE I 69 -63.76 41.59 -21.51
N SER I 70 -63.77 42.84 -21.93
CA SER I 70 -62.54 43.60 -22.12
C SER I 70 -62.78 45.07 -21.83
N ARG I 71 -61.69 45.81 -21.67
CA ARG I 71 -61.81 47.23 -21.40
C ARG I 71 -60.64 48.02 -21.97
N ASP I 72 -60.91 49.25 -22.37
CA ASP I 72 -59.86 50.15 -22.82
C ASP I 72 -59.79 51.35 -21.89
N ASN I 73 -58.78 51.37 -21.03
CA ASN I 73 -58.68 52.39 -20.01
C ASN I 73 -58.27 53.74 -20.57
N SER I 74 -57.90 53.76 -21.86
CA SER I 74 -57.52 55.00 -22.51
C SER I 74 -58.72 55.66 -23.18
N LYS I 75 -59.84 54.94 -23.20
CA LYS I 75 -61.07 55.44 -23.80
C LYS I 75 -62.18 55.45 -22.76
N ASN I 76 -61.82 55.08 -21.53
CA ASN I 76 -62.78 54.97 -20.44
C ASN I 76 -63.99 54.14 -20.86
N THR I 77 -63.74 53.06 -21.60
CA THR I 77 -64.84 52.27 -22.15
C THR I 77 -64.74 50.79 -21.83
N LEU I 78 -65.86 50.25 -21.37
CA LEU I 78 -66.00 48.82 -21.08
C LEU I 78 -66.69 48.11 -22.23
N TYR I 79 -66.19 46.94 -22.61
CA TYR I 79 -66.79 46.19 -23.70
C TYR I 79 -67.23 44.80 -23.27
N LEU I 80 -68.30 44.30 -23.88
CA LEU I 80 -68.70 42.91 -23.73
C LEU I 80 -69.01 42.29 -25.07
N GLN I 81 -68.23 41.29 -25.45
CA GLN I 81 -68.40 40.61 -26.71
C GLN I 81 -69.15 39.30 -26.49
N MET I 82 -70.35 39.21 -27.04
CA MET I 82 -71.16 38.02 -26.84
C MET I 82 -71.25 37.21 -28.12
N ASP I 83 -70.61 36.05 -28.13
CA ASP I 83 -70.61 35.20 -29.31
C ASP I 83 -71.56 34.03 -29.12
N SER I 84 -72.01 33.44 -30.21
CA SER I 84 -72.89 32.28 -30.13
C SER I 84 -74.05 32.54 -29.18
N LEU I 85 -74.74 33.65 -29.39
CA LEU I 85 -75.91 33.99 -28.59
C LEU I 85 -77.06 33.02 -28.80
N ARG I 86 -77.81 32.76 -27.74
CA ARG I 86 -78.95 31.87 -27.80
C ARG I 86 -80.21 32.58 -27.31
N ALA I 87 -81.36 32.01 -27.58
CA ALA I 87 -82.63 32.65 -27.23
C ALA I 87 -82.70 32.94 -25.73
N GLU I 88 -82.07 32.07 -24.93
CA GLU I 88 -82.07 32.20 -23.48
C GLU I 88 -81.31 33.43 -23.00
N ASP I 89 -80.56 34.07 -23.90
CA ASP I 89 -79.74 35.22 -23.53
C ASP I 89 -80.49 36.54 -23.67
N THR I 90 -81.77 36.47 -24.02
CA THR I 90 -82.57 37.69 -24.12
C THR I 90 -82.69 38.33 -22.75
N ALA I 91 -82.19 39.55 -22.62
CA ALA I 91 -82.18 40.24 -21.34
C ALA I 91 -81.77 41.69 -21.49
N VAL I 92 -82.06 42.49 -20.47
CA VAL I 92 -81.50 43.82 -20.40
C VAL I 92 -80.14 43.77 -19.72
N TYR I 93 -79.12 44.23 -20.43
CA TYR I 93 -77.76 44.17 -19.94
C TYR I 93 -77.34 45.49 -19.33
N TYR I 94 -76.98 45.45 -18.06
CA TYR I 94 -76.51 46.61 -17.34
C TYR I 94 -75.01 46.52 -17.15
N CYS I 95 -74.32 47.66 -17.21
CA CYS I 95 -72.96 47.76 -16.73
C CYS I 95 -72.99 48.39 -15.35
N ALA I 96 -72.11 47.95 -14.49
CA ALA I 96 -72.08 48.47 -13.13
C ALA I 96 -70.66 48.56 -12.62
N ARG I 97 -70.42 49.54 -11.77
CA ARG I 97 -69.11 49.75 -11.22
C ARG I 97 -68.96 48.98 -9.93
N ALA I 98 -67.83 48.30 -9.75
CA ALA I 98 -67.55 47.66 -8.49
C ALA I 98 -67.21 48.71 -7.47
N VAL I 99 -67.72 48.55 -6.26
CA VAL I 99 -67.35 49.46 -5.19
C VAL I 99 -65.91 49.16 -4.77
N ALA I 100 -65.13 50.20 -4.54
CA ALA I 100 -63.75 49.98 -4.13
C ALA I 100 -63.70 49.41 -2.72
N GLY I 101 -62.99 48.31 -2.56
CA GLY I 101 -62.76 47.73 -1.24
C GLY I 101 -63.90 46.83 -0.75
N GLU I 102 -64.91 46.61 -1.59
CA GLU I 102 -66.05 45.77 -1.19
C GLU I 102 -66.64 44.97 -2.34
N TRP I 103 -67.65 44.17 -2.01
CA TRP I 103 -68.18 43.18 -2.95
C TRP I 103 -69.52 43.55 -3.57
N TYR I 104 -69.98 44.78 -3.39
CA TYR I 104 -71.26 45.16 -3.98
C TYR I 104 -71.07 46.11 -5.15
N PHE I 105 -72.18 46.44 -5.81
CA PHE I 105 -72.17 47.30 -6.98
C PHE I 105 -72.84 48.63 -6.63
N ASP I 106 -72.06 49.71 -6.60
CA ASP I 106 -72.60 50.99 -6.16
C ASP I 106 -73.28 51.75 -7.30
N TYR I 107 -72.58 51.93 -8.40
CA TYR I 107 -73.14 52.67 -9.54
C TYR I 107 -73.57 51.76 -10.67
N TRP I 108 -74.74 52.04 -11.21
CA TRP I 108 -75.30 51.27 -12.30
C TRP I 108 -75.60 52.17 -13.50
N GLY I 109 -75.55 51.59 -14.69
CA GLY I 109 -75.98 52.31 -15.89
C GLY I 109 -77.49 52.19 -16.06
N GLN I 110 -77.98 52.43 -17.26
CA GLN I 110 -79.42 52.40 -17.50
C GLN I 110 -79.85 51.06 -18.08
N GLY I 111 -78.90 50.41 -18.76
CA GLY I 111 -79.14 49.09 -19.33
C GLY I 111 -79.55 49.18 -20.79
N THR I 112 -79.19 48.15 -21.56
CA THR I 112 -79.58 48.06 -22.95
C THR I 112 -80.14 46.69 -23.25
N LEU I 113 -81.24 46.64 -23.98
CA LEU I 113 -81.92 45.37 -24.25
C LEU I 113 -81.32 44.63 -25.42
N VAL I 114 -80.99 43.37 -25.18
CA VAL I 114 -80.51 42.47 -26.22
C VAL I 114 -81.48 41.33 -26.42
N THR I 115 -81.96 41.17 -27.66
CA THR I 115 -82.92 40.13 -27.97
C THR I 115 -82.36 39.14 -28.96
N VAL I 116 -82.52 37.86 -28.66
CA VAL I 116 -82.02 36.82 -29.55
C VAL I 116 -83.17 35.96 -30.06
N SER I 117 -83.38 35.96 -31.39
CA SER I 117 -84.51 35.28 -32.02
C SER I 117 -84.26 35.07 -33.52
N TYR J 1 -73.24 28.42 -3.31
CA TYR J 1 -73.35 29.86 -3.09
C TYR J 1 -74.68 30.41 -3.62
N GLU J 2 -75.76 29.64 -3.48
CA GLU J 2 -77.10 30.05 -3.90
C GLU J 2 -77.78 30.90 -2.84
N LEU J 3 -78.62 31.83 -3.29
CA LEU J 3 -79.38 32.68 -2.39
C LEU J 3 -80.87 32.48 -2.59
N THR J 4 -81.57 32.13 -1.51
CA THR J 4 -83.00 31.86 -1.59
C THR J 4 -83.82 32.90 -0.84
N GLN J 5 -84.77 33.50 -1.53
CA GLN J 5 -85.68 34.46 -0.94
C GLN J 5 -87.08 34.25 -1.54
N PRO J 6 -88.14 34.53 -0.79
CA PRO J 6 -89.53 34.35 -1.18
C PRO J 6 -89.86 35.22 -2.38
N PRO J 7 -90.77 34.78 -3.24
CA PRO J 7 -91.20 35.46 -4.45
C PRO J 7 -91.94 36.75 -4.18
N SER J 8 -92.55 36.88 -2.99
CA SER J 8 -93.28 38.09 -2.68
C SER J 8 -93.56 38.25 -1.20
N VAL J 9 -93.77 39.51 -0.79
CA VAL J 9 -94.23 39.86 0.54
C VAL J 9 -95.40 40.83 0.44
N SER J 10 -96.45 40.58 1.22
CA SER J 10 -97.62 41.46 1.23
C SER J 10 -97.70 42.26 2.52
N VAL J 11 -97.59 43.57 2.41
CA VAL J 11 -97.61 44.45 3.58
C VAL J 11 -98.56 45.63 3.35
N SER J 12 -99.29 46.01 4.38
CA SER J 12 -100.15 47.19 4.29
C SER J 12 -99.32 48.44 4.60
N PRO J 13 -99.66 49.58 4.03
CA PRO J 13 -98.99 50.85 4.25
C PRO J 13 -99.02 51.19 5.72
N GLY J 14 -97.87 51.55 6.26
CA GLY J 14 -97.75 51.85 7.68
C GLY J 14 -97.19 50.68 8.48
N GLN J 15 -97.19 49.49 7.88
CA GLN J 15 -96.68 48.31 8.57
C GLN J 15 -95.21 48.09 8.26
N THR J 16 -94.61 47.10 8.93
CA THR J 16 -93.21 46.78 8.70
C THR J 16 -93.06 45.52 7.86
N ALA J 17 -92.32 45.64 6.78
CA ALA J 17 -92.08 44.51 5.90
C ALA J 17 -90.78 43.82 6.28
N ARG J 18 -90.78 42.50 6.24
CA ARG J 18 -89.57 41.74 6.52
C ARG J 18 -89.25 40.78 5.39
N ILE J 19 -88.26 41.15 4.59
CA ILE J 19 -87.87 40.38 3.44
C ILE J 19 -86.61 39.58 3.75
N THR J 20 -86.72 38.27 3.73
CA THR J 20 -85.61 37.43 4.13
C THR J 20 -84.89 36.82 2.94
N CYS J 21 -83.65 36.41 3.17
CA CYS J 21 -82.82 35.69 2.21
C CYS J 21 -81.92 34.70 2.94
N SER J 22 -81.82 33.48 2.41
CA SER J 22 -81.06 32.45 3.11
C SER J 22 -80.12 31.69 2.20
N GLY J 23 -79.07 31.13 2.81
CA GLY J 23 -78.11 30.28 2.13
C GLY J 23 -76.87 30.10 2.99
N ASP J 24 -76.15 29.02 2.77
CA ASP J 24 -74.99 28.70 3.60
C ASP J 24 -73.93 29.80 3.50
N ALA J 25 -73.82 30.39 2.33
CA ALA J 25 -72.84 31.44 2.08
C ALA J 25 -73.09 32.65 2.95
N LEU J 26 -74.34 32.85 3.36
CA LEU J 26 -74.71 34.04 4.10
C LEU J 26 -74.32 33.95 5.56
N ALA J 27 -73.87 32.77 5.99
CA ALA J 27 -73.37 32.61 7.35
C ALA J 27 -71.90 32.98 7.40
N LYS J 28 -71.31 33.14 6.22
CA LYS J 28 -69.88 33.39 6.11
C LYS J 28 -69.63 34.84 5.74
N HIS J 29 -70.28 35.29 4.66
CA HIS J 29 -70.01 36.59 4.09
C HIS J 29 -71.17 37.54 4.28
N TYR J 30 -70.92 38.82 4.01
CA TYR J 30 -71.94 39.86 4.14
C TYR J 30 -72.95 39.81 3.00
N ALA J 31 -74.19 40.18 3.32
CA ALA J 31 -75.24 40.32 2.33
C ALA J 31 -75.41 41.78 1.92
N TYR J 32 -75.88 41.99 0.70
CA TYR J 32 -76.19 43.33 0.23
C TYR J 32 -77.61 43.33 -0.34
N TRP J 33 -78.35 44.40 -0.09
CA TRP J 33 -79.72 44.46 -0.59
C TRP J 33 -79.91 45.56 -1.61
N TYR J 34 -80.62 45.24 -2.67
CA TYR J 34 -80.96 46.20 -3.71
C TYR J 34 -82.45 46.39 -3.85
N ARG J 35 -82.85 47.58 -4.25
CA ARG J 35 -84.24 47.88 -4.57
C ARG J 35 -84.36 48.30 -6.01
N GLN J 36 -85.18 47.59 -6.78
CA GLN J 36 -85.36 47.91 -8.17
C GLN J 36 -86.81 48.23 -8.52
N LYS J 37 -87.01 49.39 -9.10
CA LYS J 37 -88.32 49.78 -9.59
C LYS J 37 -88.35 49.54 -11.09
N PRO J 38 -89.52 49.23 -11.66
CA PRO J 38 -89.71 48.99 -13.08
C PRO J 38 -89.11 50.12 -13.92
N GLY J 39 -88.32 49.74 -14.92
CA GLY J 39 -87.72 50.71 -15.82
C GLY J 39 -86.43 51.33 -15.27
N GLN J 40 -86.03 50.92 -14.07
CA GLN J 40 -84.85 51.51 -13.44
C GLN J 40 -83.81 50.45 -13.08
N ALA J 41 -82.55 50.88 -13.00
CA ALA J 41 -81.48 50.02 -12.52
C ALA J 41 -81.64 49.82 -11.02
N PRO J 42 -81.17 48.68 -10.48
CA PRO J 42 -81.10 48.36 -9.07
C PRO J 42 -80.36 49.43 -8.26
N VAL J 43 -80.89 49.77 -7.11
CA VAL J 43 -80.28 50.75 -6.21
C VAL J 43 -79.94 50.12 -4.88
N LEU J 44 -78.69 50.26 -4.46
CA LEU J 44 -78.26 49.68 -3.19
C LEU J 44 -79.01 50.31 -2.01
N VAL J 45 -79.57 49.48 -1.16
CA VAL J 45 -80.31 49.94 0.01
C VAL J 45 -79.53 49.65 1.29
N ILE J 46 -79.03 48.42 1.41
CA ILE J 46 -78.27 47.99 2.58
C ILE J 46 -76.99 47.29 2.16
N TYR J 47 -75.90 47.54 2.88
CA TYR J 47 -74.66 46.82 2.66
C TYR J 47 -74.06 46.36 3.97
N LYS J 48 -73.24 45.31 3.91
CA LYS J 48 -72.69 44.72 5.12
C LYS J 48 -73.80 44.39 6.10
N ASP J 49 -74.88 43.81 5.58
CA ASP J 49 -76.04 43.36 6.37
C ASP J 49 -76.89 44.48 6.96
N SER J 50 -76.27 45.48 7.56
CA SER J 50 -77.03 46.47 8.34
C SER J 50 -76.79 47.94 7.99
N GLU J 51 -75.80 48.24 7.15
CA GLU J 51 -75.44 49.64 6.92
C GLU J 51 -76.20 50.26 5.75
N ARG J 52 -76.50 51.55 5.86
CA ARG J 52 -77.15 52.28 4.78
C ARG J 52 -76.18 53.21 4.04
N PRO J 53 -76.41 53.41 2.75
CA PRO J 53 -75.93 54.52 1.93
C PRO J 53 -76.55 55.82 2.41
N SER J 54 -75.91 56.95 2.10
CA SER J 54 -76.41 58.26 2.51
C SER J 54 -77.71 58.64 1.81
N GLY J 55 -78.05 57.93 0.74
CA GLY J 55 -79.26 58.21 -0.02
C GLY J 55 -80.45 57.38 0.46
N ILE J 56 -80.24 56.59 1.50
CA ILE J 56 -81.28 55.69 2.00
C ILE J 56 -81.72 56.12 3.41
N PRO J 57 -83.04 56.33 3.63
CA PRO J 57 -83.66 56.80 4.85
C PRO J 57 -83.64 55.75 5.96
N GLU J 58 -83.78 56.23 7.18
CA GLU J 58 -83.69 55.42 8.40
C GLU J 58 -84.78 54.35 8.50
N ARG J 59 -85.75 54.39 7.60
CA ARG J 59 -86.82 53.39 7.59
C ARG J 59 -86.28 52.03 7.19
N PHE J 60 -85.12 52.03 6.56
CA PHE J 60 -84.49 50.79 6.13
C PHE J 60 -83.42 50.34 7.11
N SER J 61 -83.45 49.07 7.46
CA SER J 61 -82.44 48.50 8.34
C SER J 61 -82.28 47.03 8.01
N GLY J 62 -81.22 46.41 8.54
CA GLY J 62 -81.01 45.00 8.28
C GLY J 62 -80.38 44.30 9.47
N SER J 63 -80.47 42.98 9.46
CA SER J 63 -79.90 42.15 10.50
C SER J 63 -79.63 40.75 9.96
N SER J 64 -78.90 39.95 10.74
CA SER J 64 -78.61 38.59 10.31
C SER J 64 -78.55 37.62 11.49
N SER J 65 -78.83 36.36 11.20
CA SER J 65 -78.72 35.28 12.17
C SER J 65 -78.51 33.95 11.46
N GLY J 66 -77.38 33.31 11.74
CA GLY J 66 -77.07 32.04 11.09
C GLY J 66 -76.93 32.21 9.59
N THR J 67 -77.72 31.47 8.83
CA THR J 67 -77.68 31.48 7.37
C THR J 67 -78.73 32.41 6.78
N THR J 68 -79.45 33.13 7.64
CA THR J 68 -80.51 33.99 7.16
C THR J 68 -80.20 35.47 7.40
N VAL J 69 -80.48 36.28 6.39
CA VAL J 69 -80.36 37.73 6.51
C VAL J 69 -81.72 38.35 6.22
N THR J 70 -82.03 39.45 6.89
CA THR J 70 -83.33 40.08 6.72
C THR J 70 -83.22 41.57 6.45
N LEU J 71 -84.01 42.03 5.48
CA LEU J 71 -84.19 43.44 5.22
C LEU J 71 -85.49 43.92 5.86
N THR J 72 -85.38 44.86 6.78
CA THR J 72 -86.55 45.36 7.48
C THR J 72 -86.92 46.75 7.01
N ILE J 73 -88.17 46.93 6.61
CA ILE J 73 -88.64 48.22 6.14
C ILE J 73 -89.82 48.68 6.97
N SER J 74 -89.60 49.70 7.79
CA SER J 74 -90.67 50.18 8.66
C SER J 74 -91.44 51.31 7.99
N GLY J 75 -92.68 51.51 8.38
CA GLY J 75 -93.46 52.63 7.87
C GLY J 75 -93.61 52.52 6.36
N VAL J 76 -93.84 51.30 5.86
CA VAL J 76 -93.87 51.07 4.42
C VAL J 76 -94.87 51.97 3.72
N GLN J 77 -94.42 52.60 2.64
CA GLN J 77 -95.27 53.48 1.84
C GLN J 77 -95.42 52.95 0.42
N ALA J 78 -96.22 53.64 -0.38
CA ALA J 78 -96.45 53.23 -1.77
C ALA J 78 -95.15 53.24 -2.56
N GLU J 79 -94.26 54.15 -2.21
CA GLU J 79 -92.99 54.31 -2.90
C GLU J 79 -92.05 53.12 -2.71
N ASP J 80 -92.38 52.25 -1.78
CA ASP J 80 -91.54 51.09 -1.47
C ASP J 80 -91.98 49.86 -2.25
N GLU J 81 -92.98 50.02 -3.10
CA GLU J 81 -93.48 48.88 -3.87
C GLU J 81 -92.52 48.56 -5.00
N ALA J 82 -91.53 47.73 -4.70
CA ALA J 82 -90.43 47.45 -5.61
C ALA J 82 -89.91 46.03 -5.42
N ASP J 83 -89.10 45.58 -6.36
CA ASP J 83 -88.49 44.25 -6.27
C ASP J 83 -87.16 44.33 -5.52
N TYR J 84 -87.09 43.62 -4.41
CA TYR J 84 -85.89 43.65 -3.58
C TYR J 84 -85.05 42.41 -3.78
N TYR J 85 -83.74 42.59 -3.90
CA TYR J 85 -82.85 41.46 -4.13
C TYR J 85 -81.78 41.37 -3.06
N CYS J 86 -81.41 40.14 -2.69
CA CYS J 86 -80.23 39.91 -1.86
C CYS J 86 -79.06 39.53 -2.75
N GLN J 87 -77.90 40.06 -2.41
CA GLN J 87 -76.70 39.83 -3.21
C GLN J 87 -75.54 39.42 -2.33
N SER J 88 -74.69 38.57 -2.88
CA SER J 88 -73.47 38.15 -2.20
C SER J 88 -72.40 37.76 -3.21
N ALA J 89 -71.32 37.19 -2.71
CA ALA J 89 -70.21 36.76 -3.55
C ALA J 89 -69.52 35.57 -2.90
N ASP J 90 -68.76 34.81 -3.70
CA ASP J 90 -68.11 33.62 -3.17
C ASP J 90 -66.86 33.95 -2.37
N SER J 91 -66.16 32.91 -1.91
CA SER J 91 -65.06 33.09 -0.97
C SER J 91 -63.76 33.45 -1.65
N ILE J 92 -63.72 33.36 -2.97
CA ILE J 92 -62.50 33.62 -3.71
C ILE J 92 -62.65 34.86 -4.61
N GLY J 93 -63.86 35.40 -4.69
CA GLY J 93 -64.10 36.62 -5.46
C GLY J 93 -64.18 36.35 -6.96
N SER J 94 -64.63 35.15 -7.32
CA SER J 94 -64.70 34.79 -8.74
C SER J 94 -66.12 34.77 -9.24
N SER J 95 -67.08 34.89 -8.33
CA SER J 95 -68.49 34.81 -8.70
C SER J 95 -69.37 35.63 -7.80
N TRP J 96 -70.32 36.31 -8.40
CA TRP J 96 -71.32 37.09 -7.69
C TRP J 96 -72.70 36.46 -7.87
N VAL J 97 -73.51 36.52 -6.83
CA VAL J 97 -74.82 35.88 -6.87
C VAL J 97 -75.95 36.77 -6.36
N PHE J 98 -77.07 36.72 -7.06
CA PHE J 98 -78.30 37.39 -6.62
C PHE J 98 -79.35 36.35 -6.28
N GLY J 99 -80.24 36.69 -5.36
CA GLY J 99 -81.39 35.84 -5.08
C GLY J 99 -82.45 36.02 -6.17
N GLY J 100 -83.52 35.24 -6.10
CA GLY J 100 -84.56 35.30 -7.12
C GLY J 100 -85.21 36.68 -7.19
N GLY J 101 -85.35 37.32 -6.04
CA GLY J 101 -85.98 38.62 -5.96
C GLY J 101 -87.35 38.54 -5.32
N THR J 102 -87.63 39.47 -4.41
CA THR J 102 -88.90 39.49 -3.70
C THR J 102 -89.71 40.69 -4.12
N LYS J 103 -90.93 40.45 -4.61
CA LYS J 103 -91.79 41.57 -4.95
C LYS J 103 -92.58 42.01 -3.73
N LEU J 104 -92.34 43.25 -3.29
CA LEU J 104 -93.03 43.74 -2.11
C LEU J 104 -94.27 44.52 -2.52
N THR J 105 -95.42 44.01 -2.11
CA THR J 105 -96.71 44.63 -2.44
C THR J 105 -97.20 45.43 -1.25
N VAL J 106 -97.50 46.71 -1.47
CA VAL J 106 -97.89 47.62 -0.39
C VAL J 106 -99.40 47.54 -0.15
N GLN K 14 -12.09 -62.47 14.30
CA GLN K 14 -12.94 -62.55 15.48
C GLN K 14 -12.64 -61.44 16.47
N CYS K 15 -13.60 -61.16 17.34
CA CYS K 15 -13.46 -60.18 18.43
C CYS K 15 -13.80 -60.83 19.77
N VAL K 16 -13.21 -60.31 20.84
CA VAL K 16 -13.49 -60.82 22.17
C VAL K 16 -14.04 -59.69 23.05
N ASN K 17 -15.13 -59.96 23.76
CA ASN K 17 -15.74 -58.99 24.66
C ASN K 17 -15.07 -59.03 26.02
N LEU K 18 -14.22 -58.03 26.29
CA LEU K 18 -13.40 -58.01 27.51
C LEU K 18 -13.89 -57.02 28.54
N THR K 19 -14.52 -55.93 28.09
CA THR K 19 -14.94 -54.91 29.04
C THR K 19 -15.85 -55.52 30.11
N THR K 20 -15.52 -55.24 31.38
CA THR K 20 -16.26 -55.75 32.53
C THR K 20 -17.20 -54.68 33.09
N ALA K 27 -8.49 -41.86 38.26
CA ALA K 27 -7.12 -41.67 38.74
C ALA K 27 -6.38 -40.65 37.88
N TYR K 28 -5.64 -39.75 38.52
CA TYR K 28 -4.89 -38.70 37.84
C TYR K 28 -3.48 -38.59 38.39
N THR K 29 -2.56 -38.12 37.56
CA THR K 29 -1.22 -37.79 38.02
C THR K 29 -0.85 -36.38 37.56
N ASN K 30 0.30 -35.90 38.01
CA ASN K 30 0.77 -34.57 37.67
C ASN K 30 1.73 -34.63 36.47
N SER K 31 1.41 -33.88 35.41
CA SER K 31 2.24 -33.84 34.21
C SER K 31 3.59 -33.17 34.48
N PHE K 32 3.67 -32.44 35.57
CA PHE K 32 4.84 -31.65 35.92
C PHE K 32 5.30 -30.79 34.77
N THR K 33 6.52 -30.99 34.31
CA THR K 33 7.08 -30.17 33.25
C THR K 33 7.41 -31.00 32.01
N ARG K 34 6.71 -32.13 31.86
CA ARG K 34 6.95 -33.04 30.77
C ARG K 34 5.90 -32.89 29.67
N GLY K 35 6.18 -33.47 28.50
CA GLY K 35 5.25 -33.42 27.37
C GLY K 35 5.67 -32.38 26.34
N VAL K 36 6.87 -31.84 26.51
CA VAL K 36 7.43 -30.86 25.58
C VAL K 36 8.25 -31.57 24.51
N TYR K 37 8.10 -31.12 23.27
CA TYR K 37 8.78 -31.69 22.13
C TYR K 37 9.38 -30.60 21.26
N TYR K 38 10.33 -30.98 20.41
CA TYR K 38 10.93 -30.03 19.48
C TYR K 38 9.87 -29.56 18.47
N PRO K 39 9.51 -28.28 18.47
CA PRO K 39 8.42 -27.68 17.72
C PRO K 39 8.66 -27.73 16.21
N ASP K 40 9.92 -27.85 15.81
CA ASP K 40 10.26 -27.90 14.39
C ASP K 40 11.57 -28.65 14.18
N LYS K 41 12.12 -28.53 12.97
CA LYS K 41 13.32 -29.27 12.58
C LYS K 41 14.50 -28.32 12.37
N VAL K 42 14.47 -27.20 13.08
CA VAL K 42 15.53 -26.22 12.95
C VAL K 42 16.52 -26.34 14.11
N PHE K 43 17.80 -26.41 13.77
CA PHE K 43 18.82 -26.47 14.79
C PHE K 43 19.05 -25.10 15.40
N ARG K 44 18.99 -25.04 16.72
CA ARG K 44 19.27 -23.82 17.45
C ARG K 44 20.21 -24.18 18.59
N SER K 45 21.02 -23.23 19.02
CA SER K 45 21.92 -23.51 20.14
C SER K 45 22.16 -22.28 20.99
N SER K 46 22.35 -22.50 22.28
CA SER K 46 22.65 -21.43 23.22
C SER K 46 21.70 -20.26 23.04
N VAL K 47 20.41 -20.56 22.97
CA VAL K 47 19.42 -19.51 22.71
C VAL K 47 18.07 -19.83 23.35
N LEU K 48 17.36 -18.79 23.76
CA LEU K 48 16.01 -18.93 24.27
C LEU K 48 15.01 -18.57 23.19
N HIS K 49 14.23 -19.55 22.76
CA HIS K 49 13.31 -19.37 21.65
C HIS K 49 11.86 -19.46 22.09
N SER K 50 11.08 -18.46 21.72
CA SER K 50 9.65 -18.44 22.04
C SER K 50 8.82 -19.00 20.89
N THR K 51 8.04 -20.02 21.19
CA THR K 51 7.23 -20.67 20.16
C THR K 51 5.79 -20.88 20.60
N GLN K 52 4.87 -20.78 19.66
CA GLN K 52 3.47 -21.06 19.93
C GLN K 52 3.03 -22.32 19.21
N ASP K 53 2.63 -23.33 19.99
CA ASP K 53 2.27 -24.63 19.43
C ASP K 53 1.40 -25.40 20.41
N LEU K 54 1.01 -26.60 20.04
CA LEU K 54 0.19 -27.42 20.93
C LEU K 54 1.08 -28.24 21.85
N PHE K 55 1.06 -27.90 23.13
CA PHE K 55 1.90 -28.54 24.12
C PHE K 55 1.05 -29.04 25.27
N LEU K 56 1.55 -30.01 26.02
CA LEU K 56 0.90 -30.43 27.24
C LEU K 56 1.16 -29.36 28.31
N PRO K 57 0.14 -28.69 28.84
CA PRO K 57 0.25 -27.64 29.83
C PRO K 57 0.98 -28.16 31.06
N PHE K 58 1.81 -27.32 31.65
CA PHE K 58 2.56 -27.73 32.82
C PHE K 58 1.66 -27.93 34.01
N PHE K 59 1.96 -28.97 34.79
CA PHE K 59 1.23 -29.29 36.00
C PHE K 59 -0.26 -29.50 35.74
N SER K 60 -0.57 -30.13 34.60
CA SER K 60 -1.95 -30.41 34.26
C SER K 60 -2.38 -31.80 34.72
N ASN K 61 -3.70 -32.05 34.69
CA ASN K 61 -4.28 -33.32 35.13
C ASN K 61 -4.21 -34.38 34.02
N VAL K 62 -3.33 -35.35 34.22
CA VAL K 62 -3.13 -36.45 33.26
C VAL K 62 -3.83 -37.69 33.76
N THR K 63 -4.72 -38.24 32.93
CA THR K 63 -5.53 -39.37 33.37
C THR K 63 -4.71 -40.65 33.37
N TRP K 64 -4.79 -41.39 34.47
CA TRP K 64 -4.02 -42.61 34.64
C TRP K 64 -4.91 -43.84 34.50
N PHE K 65 -4.63 -44.67 33.51
CA PHE K 65 -5.46 -45.82 33.21
C PHE K 65 -4.79 -47.13 33.62
N HIS K 66 -5.60 -48.09 34.05
CA HIS K 66 -5.13 -49.43 34.37
C HIS K 66 -6.01 -50.48 33.70
N ALA K 67 -5.55 -51.01 32.55
CA ALA K 67 -6.32 -51.96 31.75
C ALA K 67 -6.05 -53.38 32.23
N THR K 76 -9.95 -61.98 40.41
CA THR K 76 -11.10 -61.43 39.71
C THR K 76 -10.64 -60.61 38.51
N LYS K 77 -11.19 -60.92 37.33
CA LYS K 77 -10.88 -60.20 36.10
C LYS K 77 -11.54 -58.84 36.05
N ARG K 78 -10.77 -57.83 35.68
CA ARG K 78 -11.27 -56.49 35.45
C ARG K 78 -10.59 -55.91 34.23
N PHE K 79 -11.37 -55.42 33.27
CA PHE K 79 -10.78 -54.87 32.06
C PHE K 79 -11.44 -53.56 31.68
N ASP K 80 -10.63 -52.53 31.52
CA ASP K 80 -11.09 -51.22 31.12
C ASP K 80 -10.05 -50.54 30.26
N ASN K 81 -10.25 -50.57 28.95
CA ASN K 81 -9.31 -49.99 28.01
C ASN K 81 -10.07 -49.14 27.00
N PRO K 82 -10.63 -48.03 27.44
CA PRO K 82 -11.69 -47.26 26.82
C PRO K 82 -11.21 -46.50 25.61
N VAL K 83 -12.16 -46.09 24.78
CA VAL K 83 -11.86 -45.18 23.70
C VAL K 83 -11.85 -43.76 24.23
N LEU K 84 -10.77 -43.05 23.98
CA LEU K 84 -10.59 -41.70 24.50
C LEU K 84 -10.67 -40.69 23.38
N PRO K 85 -11.06 -39.45 23.67
CA PRO K 85 -11.07 -38.33 22.76
C PRO K 85 -9.66 -37.96 22.35
N PHE K 86 -9.51 -37.49 21.12
CA PHE K 86 -8.21 -37.04 20.63
C PHE K 86 -8.03 -35.55 20.83
N ASN K 87 -9.15 -34.83 20.81
CA ASN K 87 -9.14 -33.38 20.94
C ASN K 87 -8.20 -32.73 19.94
N ASP K 88 -7.27 -31.92 20.43
CA ASP K 88 -6.34 -31.20 19.57
C ASP K 88 -5.00 -31.90 19.46
N GLY K 89 -4.89 -33.07 20.07
CA GLY K 89 -3.64 -33.80 20.12
C GLY K 89 -3.50 -34.50 21.45
N VAL K 90 -2.70 -35.56 21.47
CA VAL K 90 -2.62 -36.40 22.66
C VAL K 90 -1.21 -36.61 23.17
N TYR K 91 -1.04 -36.47 24.47
CA TYR K 91 0.17 -36.88 25.15
C TYR K 91 -0.02 -38.25 25.75
N PHE K 92 0.83 -39.18 25.38
CA PHE K 92 0.71 -40.55 25.86
C PHE K 92 2.00 -41.00 26.51
N ALA K 93 1.88 -41.67 27.65
CA ALA K 93 3.08 -42.18 28.32
C ALA K 93 2.80 -43.50 28.98
N SER K 94 3.84 -44.31 29.12
CA SER K 94 3.72 -45.58 29.82
C SER K 94 5.00 -45.95 30.55
N THR K 95 4.85 -46.68 31.64
CA THR K 95 5.97 -47.11 32.45
C THR K 95 5.94 -48.62 32.69
N GLU K 96 6.64 -49.36 31.83
CA GLU K 96 6.58 -50.81 31.89
C GLU K 96 7.80 -51.47 31.26
N LYS K 97 8.16 -52.64 31.74
CA LYS K 97 9.22 -53.43 31.14
C LYS K 97 8.67 -54.66 30.45
N SER K 98 7.35 -54.79 30.42
CA SER K 98 6.70 -55.99 29.91
C SER K 98 6.27 -55.86 28.45
N ASN K 99 6.50 -54.69 27.86
CA ASN K 99 6.10 -54.47 26.46
C ASN K 99 4.65 -54.84 26.23
N ILE K 100 3.76 -54.28 27.04
CA ILE K 100 2.33 -54.57 26.94
C ILE K 100 1.69 -53.67 25.91
N ILE K 101 2.06 -52.41 25.92
CA ILE K 101 1.50 -51.48 24.95
C ILE K 101 2.19 -51.67 23.62
N ARG K 102 1.40 -51.98 22.60
CA ARG K 102 1.93 -52.31 21.29
C ARG K 102 1.57 -51.27 20.25
N GLY K 103 0.49 -50.55 20.46
CA GLY K 103 0.08 -49.61 19.43
C GLY K 103 -1.15 -48.81 19.80
N TRP K 104 -1.70 -48.14 18.80
CA TRP K 104 -2.87 -47.30 18.99
C TRP K 104 -3.77 -47.32 17.76
N ILE K 105 -5.04 -47.04 17.98
CA ILE K 105 -5.98 -46.80 16.90
C ILE K 105 -6.40 -45.34 16.92
N PHE K 106 -6.28 -44.67 15.78
CA PHE K 106 -6.73 -43.29 15.67
C PHE K 106 -7.78 -43.16 14.57
N GLY K 107 -8.94 -42.60 14.91
CA GLY K 107 -10.00 -42.44 13.93
C GLY K 107 -11.18 -41.68 14.50
N THR K 108 -12.35 -41.92 13.93
CA THR K 108 -13.56 -41.22 14.36
C THR K 108 -14.60 -42.23 14.87
N THR K 109 -15.26 -42.88 13.93
CA THR K 109 -16.27 -43.87 14.27
C THR K 109 -15.63 -45.21 14.56
N LEU K 110 -14.37 -45.35 14.16
CA LEU K 110 -13.57 -46.54 14.44
C LEU K 110 -14.24 -47.80 13.94
N ASP K 111 -14.84 -47.72 12.77
CA ASP K 111 -15.47 -48.87 12.13
C ASP K 111 -15.27 -48.76 10.62
N SER K 112 -15.89 -49.67 9.88
CA SER K 112 -15.67 -49.76 8.44
C SER K 112 -16.32 -48.62 7.65
N LYS K 113 -17.00 -47.70 8.34
CA LYS K 113 -17.64 -46.59 7.65
C LYS K 113 -16.65 -45.50 7.26
N THR K 114 -15.54 -45.37 8.00
CA THR K 114 -14.59 -44.31 7.74
C THR K 114 -13.16 -44.83 7.78
N GLN K 115 -12.22 -44.03 7.28
CA GLN K 115 -10.82 -44.40 7.33
C GLN K 115 -10.26 -44.21 8.73
N SER K 116 -9.42 -45.15 9.16
CA SER K 116 -8.76 -45.06 10.44
C SER K 116 -7.29 -45.41 10.33
N LEU K 117 -6.49 -44.85 11.23
CA LEU K 117 -5.06 -45.06 11.28
C LEU K 117 -4.68 -46.08 12.36
N LEU K 118 -4.04 -47.16 11.92
CA LEU K 118 -3.64 -48.23 12.83
C LEU K 118 -2.14 -48.32 12.96
N ILE K 119 -1.63 -48.11 14.17
CA ILE K 119 -0.19 -48.18 14.42
C ILE K 119 0.13 -49.33 15.35
N VAL K 120 0.86 -50.33 14.86
CA VAL K 120 1.21 -51.47 15.69
C VAL K 120 2.70 -51.82 15.67
N ASN K 121 3.27 -51.97 16.85
CA ASN K 121 4.65 -52.44 17.01
C ASN K 121 4.68 -53.93 17.27
N ASN K 122 5.73 -54.61 16.77
CA ASN K 122 5.99 -56.00 17.10
C ASN K 122 7.48 -56.27 17.17
N ALA K 123 7.87 -57.55 17.20
CA ALA K 123 9.25 -57.97 17.42
C ALA K 123 10.25 -57.41 16.40
N THR K 124 9.82 -57.23 15.15
CA THR K 124 10.78 -56.86 14.10
C THR K 124 10.56 -55.47 13.52
N ASN K 125 9.33 -54.97 13.56
CA ASN K 125 9.06 -53.67 12.93
C ASN K 125 7.77 -53.02 13.41
N VAL K 126 7.48 -51.86 12.83
CA VAL K 126 6.24 -51.14 13.08
C VAL K 126 5.43 -51.05 11.81
N VAL K 127 4.18 -51.47 11.88
CA VAL K 127 3.31 -51.40 10.72
C VAL K 127 2.24 -50.34 10.91
N ILE K 128 2.25 -49.35 10.03
CA ILE K 128 1.27 -48.28 10.09
C ILE K 128 0.40 -48.30 8.85
N LYS K 129 -0.90 -48.47 9.05
CA LYS K 129 -1.82 -48.57 7.92
C LYS K 129 -3.02 -47.66 8.05
N VAL K 130 -3.53 -47.20 6.92
CA VAL K 130 -4.79 -46.48 6.88
C VAL K 130 -5.79 -47.20 6.02
N CYS K 131 -6.86 -47.69 6.66
CA CYS K 131 -7.89 -48.51 6.00
C CYS K 131 -9.24 -48.28 6.66
N GLU K 132 -10.29 -48.77 6.03
CA GLU K 132 -11.60 -48.76 6.65
C GLU K 132 -11.74 -49.98 7.54
N PHE K 133 -11.10 -49.92 8.70
CA PHE K 133 -11.02 -51.04 9.62
C PHE K 133 -12.31 -51.21 10.39
N GLN K 134 -12.78 -52.44 10.49
CA GLN K 134 -13.89 -52.74 11.38
C GLN K 134 -13.35 -53.21 12.71
N PHE K 135 -13.09 -52.26 13.60
CA PHE K 135 -12.40 -52.56 14.84
C PHE K 135 -13.29 -53.26 15.85
N CYS K 136 -12.67 -54.07 16.70
CA CYS K 136 -13.32 -54.71 17.83
C CYS K 136 -13.58 -53.69 18.93
N ASN K 137 -14.53 -53.97 19.81
CA ASN K 137 -14.81 -53.08 20.93
C ASN K 137 -13.66 -53.09 21.93
N ASP K 138 -13.00 -54.24 22.04
CA ASP K 138 -11.87 -54.40 22.94
C ASP K 138 -10.66 -54.97 22.20
N PRO K 139 -10.09 -54.21 21.27
CA PRO K 139 -9.05 -54.63 20.35
C PRO K 139 -7.77 -54.93 21.10
N PHE K 140 -7.12 -56.03 20.76
CA PHE K 140 -5.89 -56.40 21.43
C PHE K 140 -5.04 -57.34 20.61
N LEU K 141 -3.80 -57.52 21.06
CA LEU K 141 -2.91 -58.52 20.50
C LEU K 141 -2.71 -59.64 21.52
N GLY K 142 -2.82 -60.88 21.09
CA GLY K 142 -2.63 -61.98 22.01
C GLY K 142 -1.15 -62.30 22.18
N VAL K 143 -0.74 -62.62 23.40
CA VAL K 143 0.63 -63.08 23.66
C VAL K 143 0.61 -64.26 24.63
N TYR K 144 1.49 -65.22 24.40
CA TYR K 144 1.55 -66.41 25.26
C TYR K 144 2.97 -66.72 25.67
N TYR K 145 3.12 -67.43 26.77
CA TYR K 145 4.42 -67.86 27.23
C TYR K 145 4.76 -69.22 26.65
N HIS K 146 5.79 -69.27 25.83
CA HIS K 146 6.20 -70.50 25.17
C HIS K 146 6.95 -71.36 26.17
N LYS K 147 6.40 -72.54 26.47
CA LYS K 147 6.91 -73.34 27.58
C LYS K 147 8.29 -73.93 27.31
N ASN K 148 8.63 -74.19 26.06
CA ASN K 148 9.95 -74.75 25.75
C ASN K 148 11.00 -73.65 25.63
N ASN K 149 10.67 -72.59 24.87
CA ASN K 149 11.56 -71.44 24.69
C ASN K 149 11.65 -70.59 25.95
N LYS K 150 10.64 -70.71 26.83
CA LYS K 150 10.56 -69.98 28.10
C LYS K 150 10.60 -68.47 27.88
N SER K 151 9.78 -68.02 26.94
CA SER K 151 9.68 -66.61 26.60
C SER K 151 8.32 -66.28 26.03
N TRP K 152 7.97 -65.00 26.03
CA TRP K 152 6.68 -64.57 25.51
C TRP K 152 6.73 -64.43 23.99
N MET K 153 5.69 -64.91 23.32
CA MET K 153 5.61 -64.88 21.87
C MET K 153 4.23 -64.47 21.38
N GLU K 154 4.19 -63.94 20.17
CA GLU K 154 2.95 -63.47 19.59
C GLU K 154 2.05 -64.62 19.17
N SER K 155 0.74 -64.41 19.28
CA SER K 155 -0.22 -65.41 18.81
C SER K 155 -1.04 -64.87 17.63
N GLU K 156 -2.17 -64.26 17.93
CA GLU K 156 -3.05 -63.75 16.90
C GLU K 156 -3.53 -62.33 17.20
N PHE K 157 -3.89 -61.61 16.15
CA PHE K 157 -4.48 -60.29 16.29
C PHE K 157 -5.98 -60.38 16.49
N ARG K 158 -6.47 -59.62 17.45
CA ARG K 158 -7.90 -59.45 17.66
C ARG K 158 -8.21 -57.98 17.77
N VAL K 159 -7.74 -57.23 16.77
CA VAL K 159 -7.87 -55.79 16.75
C VAL K 159 -9.07 -55.38 15.89
N TYR K 160 -9.20 -56.03 14.74
CA TYR K 160 -10.29 -55.75 13.81
C TYR K 160 -10.75 -57.03 13.16
N SER K 161 -12.01 -57.04 12.72
CA SER K 161 -12.57 -58.22 12.06
C SER K 161 -12.31 -58.21 10.57
N SER K 162 -12.17 -57.02 10.01
CA SER K 162 -11.92 -56.86 8.58
C SER K 162 -11.28 -55.51 8.27
N ALA K 163 -10.66 -55.42 7.12
CA ALA K 163 -10.11 -54.15 6.64
C ALA K 163 -10.13 -54.11 5.12
N ASN K 164 -10.43 -52.93 4.58
CA ASN K 164 -10.45 -52.73 3.14
C ASN K 164 -10.22 -51.26 2.80
N ASN K 165 -10.20 -50.93 1.51
CA ASN K 165 -10.04 -49.55 1.03
C ASN K 165 -8.80 -48.88 1.66
N CYS K 166 -7.68 -49.61 1.67
CA CYS K 166 -6.43 -49.12 2.26
C CYS K 166 -5.77 -48.07 1.36
N THR K 167 -5.41 -46.95 1.96
CA THR K 167 -4.85 -45.82 1.21
C THR K 167 -3.39 -45.57 1.54
N PHE K 168 -2.95 -46.06 2.70
CA PHE K 168 -1.59 -45.78 3.16
C PHE K 168 -0.99 -46.95 3.92
N GLU K 169 0.28 -47.23 3.66
CA GLU K 169 1.02 -48.23 4.41
C GLU K 169 2.47 -47.81 4.57
N TYR K 170 2.98 -47.95 5.79
CA TYR K 170 4.35 -47.58 6.12
C TYR K 170 4.96 -48.55 7.12
N VAL K 171 6.20 -48.97 6.88
CA VAL K 171 6.87 -49.87 7.79
C VAL K 171 8.24 -49.35 8.19
N SER K 172 8.52 -49.34 9.48
CA SER K 172 9.81 -48.86 9.99
C SER K 172 10.27 -49.62 11.22
N GLN K 173 11.22 -49.03 11.94
CA GLN K 173 11.84 -49.66 13.10
C GLN K 173 10.92 -49.61 14.31
N PRO K 174 11.01 -50.61 15.21
CA PRO K 174 10.24 -50.76 16.43
C PRO K 174 10.60 -49.69 17.45
N PHE K 175 9.62 -49.31 18.26
CA PHE K 175 9.85 -48.32 19.33
C PHE K 175 9.06 -48.58 20.62
N LEU K 176 8.21 -49.63 20.64
CA LEU K 176 7.52 -50.07 21.85
C LEU K 176 8.00 -51.46 22.26
N LYS K 187 10.12 -49.75 35.10
CA LYS K 187 11.19 -48.78 35.25
C LYS K 187 11.70 -48.27 33.88
N ASN K 188 10.82 -48.29 32.88
CA ASN K 188 11.13 -47.80 31.54
C ASN K 188 10.01 -46.93 31.01
N LEU K 189 10.27 -45.63 30.93
CA LEU K 189 9.26 -44.67 30.54
C LEU K 189 9.31 -44.36 29.06
N ARG K 190 8.19 -44.59 28.39
CA ARG K 190 8.06 -44.31 26.97
C ARG K 190 7.02 -43.22 26.78
N GLU K 191 7.42 -42.12 26.14
CA GLU K 191 6.54 -40.99 25.97
C GLU K 191 6.33 -40.67 24.50
N PHE K 192 5.09 -40.34 24.16
CA PHE K 192 4.72 -40.00 22.80
C PHE K 192 3.81 -38.80 22.74
N VAL K 193 3.94 -38.03 21.67
CA VAL K 193 3.00 -36.96 21.37
C VAL K 193 2.40 -37.13 19.99
N PHE K 194 1.08 -37.13 19.92
CA PHE K 194 0.37 -37.33 18.68
C PHE K 194 -0.36 -36.08 18.23
N LYS K 195 0.02 -35.57 17.06
CA LYS K 195 -0.61 -34.39 16.48
C LYS K 195 -1.17 -34.73 15.11
N ASN K 196 -2.20 -34.01 14.69
CA ASN K 196 -2.79 -34.22 13.38
C ASN K 196 -3.05 -32.89 12.68
N ILE K 197 -2.01 -32.33 12.07
CA ILE K 197 -2.08 -30.97 11.55
C ILE K 197 -1.73 -30.89 10.07
N ASP K 198 -2.63 -30.26 9.31
CA ASP K 198 -2.43 -30.03 7.88
C ASP K 198 -2.16 -31.33 7.14
N GLY K 199 -2.84 -32.39 7.54
CA GLY K 199 -2.74 -33.67 6.86
C GLY K 199 -1.63 -34.55 7.41
N TYR K 200 -0.76 -33.98 8.23
CA TYR K 200 0.34 -34.76 8.77
C TYR K 200 0.04 -35.28 10.17
N PHE K 201 0.18 -36.58 10.33
CA PHE K 201 0.06 -37.18 11.64
C PHE K 201 1.46 -37.28 12.22
N LYS K 202 1.77 -36.39 13.13
CA LYS K 202 3.13 -36.24 13.62
C LYS K 202 3.32 -36.95 14.94
N ILE K 203 4.33 -37.80 15.00
CA ILE K 203 4.61 -38.52 16.22
C ILE K 203 5.98 -38.11 16.77
N TYR K 204 5.99 -37.74 18.04
CA TYR K 204 7.24 -37.43 18.74
C TYR K 204 7.43 -38.46 19.83
N SER K 205 8.66 -38.76 20.19
CA SER K 205 8.87 -39.77 21.22
C SER K 205 10.15 -39.61 22.02
N LYS K 206 10.16 -40.23 23.20
CA LYS K 206 11.35 -40.28 24.04
C LYS K 206 11.38 -41.57 24.86
N HIS K 207 12.57 -42.13 25.05
CA HIS K 207 12.75 -43.31 25.89
C HIS K 207 13.69 -43.00 27.05
N THR K 208 13.15 -43.02 28.26
CA THR K 208 13.92 -42.67 29.45
C THR K 208 13.73 -43.72 30.56
N PRO K 209 14.82 -44.20 31.18
CA PRO K 209 14.83 -45.06 32.35
C PRO K 209 14.40 -44.27 33.58
N ILE K 210 13.57 -44.89 34.42
CA ILE K 210 13.06 -44.19 35.60
C ILE K 210 13.15 -45.04 36.86
N ASN K 211 13.00 -44.39 38.01
CA ASN K 211 12.95 -45.08 39.29
C ASN K 211 11.64 -44.79 40.02
N LEU K 212 10.57 -44.59 39.27
CA LEU K 212 9.26 -44.28 39.84
C LEU K 212 8.26 -45.39 39.54
N VAL K 213 7.28 -45.53 40.42
CA VAL K 213 6.25 -46.56 40.25
C VAL K 213 4.87 -45.97 39.94
N ARG K 214 4.46 -44.97 40.71
CA ARG K 214 3.11 -44.43 40.60
C ARG K 214 3.03 -43.23 39.66
N ASP K 215 3.89 -42.24 39.90
CA ASP K 215 3.83 -40.97 39.18
C ASP K 215 4.85 -40.87 38.06
N LEU K 216 4.61 -39.96 37.13
CA LEU K 216 5.59 -39.59 36.14
C LEU K 216 6.73 -38.84 36.84
N PRO K 217 7.95 -38.92 36.33
CA PRO K 217 9.16 -38.30 36.86
C PRO K 217 9.10 -36.78 36.75
N GLN K 218 9.84 -36.13 37.63
CA GLN K 218 9.99 -34.68 37.56
C GLN K 218 11.27 -34.33 36.81
N GLY K 219 11.30 -33.14 36.22
CA GLY K 219 12.45 -32.70 35.45
C GLY K 219 12.06 -32.50 34.00
N PHE K 220 13.01 -32.07 33.18
CA PHE K 220 12.67 -31.76 31.80
C PHE K 220 13.43 -32.62 30.79
N SER K 221 12.69 -33.17 29.85
CA SER K 221 13.25 -33.92 28.74
C SER K 221 12.37 -33.76 27.51
N ALA K 222 12.91 -33.21 26.44
CA ALA K 222 12.13 -32.96 25.24
C ALA K 222 12.02 -34.20 24.38
N LEU K 223 10.86 -34.37 23.75
CA LEU K 223 10.62 -35.47 22.81
C LEU K 223 11.04 -35.07 21.41
N GLU K 224 11.66 -36.02 20.69
CA GLU K 224 12.12 -35.77 19.34
C GLU K 224 11.11 -36.31 18.34
N PRO K 225 11.03 -35.71 17.15
CA PRO K 225 10.27 -36.19 16.01
C PRO K 225 10.63 -37.63 15.70
N LEU K 226 9.63 -38.47 15.53
CA LEU K 226 9.82 -39.87 15.23
C LEU K 226 9.49 -40.12 13.76
N VAL K 227 8.32 -39.64 13.34
CA VAL K 227 7.89 -39.76 11.96
C VAL K 227 6.80 -38.76 11.61
N ASP K 228 6.87 -38.20 10.42
CA ASP K 228 5.80 -37.34 9.90
C ASP K 228 5.03 -38.09 8.82
N LEU K 229 3.84 -38.55 9.16
CA LEU K 229 3.08 -39.39 8.25
C LEU K 229 2.07 -38.58 7.44
N PRO K 230 2.08 -38.69 6.11
CA PRO K 230 1.19 -38.05 5.18
C PRO K 230 -0.14 -38.81 5.12
N ILE K 231 -0.85 -38.78 6.24
CA ILE K 231 -2.06 -39.59 6.41
C ILE K 231 -3.30 -38.92 5.82
N GLY K 232 -3.54 -37.66 6.20
CA GLY K 232 -4.66 -36.91 5.63
C GLY K 232 -6.04 -37.40 6.06
N ILE K 233 -6.22 -37.81 7.32
CA ILE K 233 -7.54 -38.27 7.75
C ILE K 233 -8.04 -37.51 8.98
N ASN K 234 -9.36 -37.62 9.22
CA ASN K 234 -10.05 -37.03 10.35
C ASN K 234 -9.95 -37.95 11.58
N ILE K 235 -9.40 -37.42 12.69
CA ILE K 235 -9.24 -38.16 13.94
C ILE K 235 -9.89 -37.40 15.09
N THR K 236 -10.78 -38.07 15.80
CA THR K 236 -11.47 -37.47 16.95
C THR K 236 -11.37 -38.33 18.18
N ARG K 237 -11.08 -39.62 17.98
CA ARG K 237 -10.99 -40.57 19.08
C ARG K 237 -9.83 -41.53 18.86
N PHE K 238 -9.32 -42.12 19.94
CA PHE K 238 -8.28 -43.11 19.81
C PHE K 238 -8.36 -44.16 20.91
N GLN K 239 -7.71 -45.29 20.68
CA GLN K 239 -7.70 -46.37 21.65
C GLN K 239 -6.32 -47.02 21.71
N THR K 240 -5.92 -47.46 22.90
CA THR K 240 -4.61 -48.08 23.08
C THR K 240 -4.66 -49.58 22.85
N LEU K 241 -3.71 -50.09 22.07
CA LEU K 241 -3.63 -51.52 21.81
C LEU K 241 -2.67 -52.21 22.75
N LEU K 242 -3.19 -53.14 23.52
CA LEU K 242 -2.43 -53.85 24.54
C LEU K 242 -2.21 -55.30 24.16
N ALA K 243 -1.10 -55.86 24.63
CA ALA K 243 -0.86 -57.30 24.52
C ALA K 243 -1.37 -58.00 25.76
N LEU K 244 -2.35 -58.88 25.57
CA LEU K 244 -2.96 -59.55 26.72
C LEU K 244 -2.43 -60.96 26.85
N HIS K 245 -2.07 -61.33 28.06
CA HIS K 245 -1.55 -62.66 28.32
C HIS K 245 -2.63 -63.69 28.06
N ARG K 246 -2.24 -64.80 27.45
CA ARG K 246 -3.16 -65.88 27.13
C ARG K 246 -4.02 -66.28 28.32
N SER K 247 -3.43 -66.30 29.51
CA SER K 247 -4.12 -66.75 30.71
C SER K 247 -5.31 -65.89 31.07
N TYR K 248 -5.42 -64.71 30.47
CA TYR K 248 -6.53 -63.81 30.75
C TYR K 248 -7.74 -64.17 29.90
N LEU K 249 -7.54 -65.05 28.93
CA LEU K 249 -8.56 -65.39 27.97
C LEU K 249 -9.27 -66.68 28.34
N THR K 250 -9.06 -67.15 29.57
CA THR K 250 -9.80 -68.29 30.07
C THR K 250 -11.25 -67.85 30.29
N PRO K 251 -12.20 -68.78 30.19
CA PRO K 251 -13.64 -68.57 30.32
C PRO K 251 -14.09 -68.30 31.76
N GLY K 252 -13.21 -68.49 32.73
CA GLY K 252 -13.57 -68.24 34.13
C GLY K 252 -13.48 -66.76 34.47
N ASP K 253 -13.87 -66.40 35.69
CA ASP K 253 -13.90 -65.00 36.10
C ASP K 253 -12.60 -64.52 36.75
N SER K 254 -11.57 -65.37 36.74
CA SER K 254 -10.31 -65.03 37.39
C SER K 254 -9.11 -65.59 36.64
N SER K 255 -7.94 -65.00 36.91
CA SER K 255 -6.67 -65.42 36.32
C SER K 255 -5.55 -65.33 37.35
N ALA K 263 -0.54 -53.16 32.80
CA ALA K 263 -1.06 -52.48 31.61
C ALA K 263 -1.53 -51.06 31.97
N ALA K 264 -0.61 -50.25 32.52
CA ALA K 264 -0.92 -48.88 32.94
C ALA K 264 -0.31 -47.85 32.00
N TYR K 265 -1.05 -46.77 31.77
CA TYR K 265 -0.57 -45.69 30.92
C TYR K 265 -1.24 -44.37 31.28
N TYR K 266 -0.63 -43.28 30.81
CA TYR K 266 -1.09 -41.94 31.14
C TYR K 266 -1.51 -41.20 29.88
N VAL K 267 -2.63 -40.49 29.94
CA VAL K 267 -3.08 -39.70 28.80
C VAL K 267 -3.38 -38.26 29.15
N GLY K 268 -2.75 -37.35 28.43
CA GLY K 268 -3.00 -35.92 28.59
C GLY K 268 -3.38 -35.33 27.26
N TYR K 269 -3.74 -34.05 27.24
CA TYR K 269 -4.15 -33.42 25.99
C TYR K 269 -3.40 -32.12 25.75
N LEU K 270 -3.15 -31.83 24.49
CA LEU K 270 -2.37 -30.65 24.13
C LEU K 270 -3.26 -29.43 24.02
N GLN K 271 -2.68 -28.27 24.31
CA GLN K 271 -3.38 -27.00 24.17
C GLN K 271 -2.49 -25.99 23.47
N PRO K 272 -3.08 -25.00 22.79
CA PRO K 272 -2.42 -23.88 22.16
C PRO K 272 -1.83 -22.95 23.21
N ARG K 273 -0.54 -23.14 23.47
CA ARG K 273 0.16 -22.41 24.52
C ARG K 273 1.45 -21.82 23.99
N THR K 274 1.92 -20.77 24.63
CA THR K 274 3.21 -20.21 24.30
C THR K 274 4.26 -20.73 25.25
N PHE K 275 5.34 -21.28 24.69
CA PHE K 275 6.42 -21.81 25.48
C PHE K 275 7.75 -21.14 25.17
N LEU K 276 8.52 -20.89 26.21
CA LEU K 276 9.87 -20.41 26.05
C LEU K 276 10.81 -21.58 26.21
N LEU K 277 11.52 -21.94 25.14
CA LEU K 277 12.37 -23.12 25.15
C LEU K 277 13.83 -22.75 25.19
N LYS K 278 14.57 -23.36 26.11
CA LYS K 278 16.00 -23.09 26.22
C LYS K 278 16.83 -24.16 25.55
N TYR K 279 17.56 -23.77 24.52
CA TYR K 279 18.45 -24.67 23.81
C TYR K 279 19.88 -24.52 24.35
N ASN K 280 20.49 -25.64 24.73
CA ASN K 280 21.85 -25.60 25.26
C ASN K 280 22.86 -25.55 24.13
N GLU K 281 24.14 -25.66 24.47
CA GLU K 281 25.20 -25.53 23.47
C GLU K 281 25.18 -26.61 22.38
N ASN K 282 24.53 -27.75 22.65
CA ASN K 282 24.43 -28.86 21.71
C ASN K 282 23.06 -28.89 21.00
N GLY K 283 22.27 -27.83 21.19
CA GLY K 283 20.97 -27.68 20.56
C GLY K 283 19.89 -28.54 21.19
N THR K 284 20.11 -28.94 22.43
CA THR K 284 19.14 -29.75 23.14
C THR K 284 18.28 -28.87 24.02
N ILE K 285 16.98 -29.09 24.00
CA ILE K 285 16.11 -28.33 24.88
C ILE K 285 16.25 -28.92 26.27
N THR K 286 16.67 -28.11 27.23
CA THR K 286 16.96 -28.60 28.57
C THR K 286 15.98 -28.05 29.59
N ASP K 287 15.24 -27.03 29.20
CA ASP K 287 14.26 -26.42 30.08
C ASP K 287 13.22 -25.67 29.27
N ALA K 288 12.08 -25.40 29.89
CA ALA K 288 11.02 -24.67 29.22
C ALA K 288 10.12 -23.94 30.21
N VAL K 289 9.51 -22.86 29.74
CA VAL K 289 8.53 -22.13 30.54
C VAL K 289 7.17 -22.12 29.87
N ASP K 290 6.16 -22.57 30.61
CA ASP K 290 4.77 -22.46 30.15
C ASP K 290 4.26 -21.08 30.51
N CYS K 291 4.14 -20.21 29.50
CA CYS K 291 3.90 -18.78 29.70
C CYS K 291 2.54 -18.50 30.32
N ALA K 292 1.68 -19.51 30.37
CA ALA K 292 0.34 -19.32 30.92
C ALA K 292 0.14 -20.09 32.22
N LEU K 293 1.22 -20.62 32.79
CA LEU K 293 1.13 -21.38 34.02
C LEU K 293 0.81 -20.51 35.23
N ASP K 294 1.58 -19.44 35.40
CA ASP K 294 1.41 -18.55 36.54
C ASP K 294 2.07 -17.20 36.20
N PRO K 295 1.90 -16.15 37.02
CA PRO K 295 2.40 -14.80 36.81
C PRO K 295 3.92 -14.72 36.74
N LEU K 296 4.63 -15.70 37.29
CA LEU K 296 6.07 -15.65 37.25
C LEU K 296 6.57 -16.19 35.93
N SER K 297 5.94 -17.26 35.46
CA SER K 297 6.26 -17.83 34.17
C SER K 297 5.95 -16.82 33.08
N GLU K 298 4.87 -16.07 33.27
CA GLU K 298 4.49 -15.04 32.33
C GLU K 298 5.56 -13.95 32.29
N THR K 299 6.07 -13.57 33.46
CA THR K 299 7.15 -12.59 33.55
C THR K 299 8.40 -13.10 32.86
N LYS K 300 8.75 -14.36 33.10
CA LYS K 300 9.93 -14.97 32.49
C LYS K 300 9.85 -14.94 30.96
N CYS K 301 8.68 -15.25 30.41
CA CYS K 301 8.46 -15.22 28.96
C CYS K 301 8.53 -13.79 28.42
N THR K 302 7.96 -12.86 29.16
CA THR K 302 7.97 -11.45 28.77
C THR K 302 9.39 -10.92 28.65
N LEU K 303 10.24 -11.30 29.61
CA LEU K 303 11.60 -10.84 29.66
C LEU K 303 12.55 -11.73 28.86
N LYS K 304 12.00 -12.78 28.26
CA LYS K 304 12.80 -13.75 27.51
C LYS K 304 13.98 -14.24 28.34
N SER K 305 13.70 -14.66 29.57
CA SER K 305 14.74 -15.17 30.45
C SER K 305 14.17 -16.16 31.45
N PHE K 306 14.99 -17.11 31.88
CA PHE K 306 14.55 -18.09 32.86
C PHE K 306 14.81 -17.59 34.27
N THR K 307 15.37 -16.39 34.37
CA THR K 307 15.57 -15.75 35.66
C THR K 307 14.96 -14.36 35.65
N VAL K 308 14.51 -13.90 36.80
CA VAL K 308 13.93 -12.57 36.92
C VAL K 308 14.59 -11.80 38.06
N GLU K 309 14.95 -10.56 37.80
CA GLU K 309 15.56 -9.72 38.82
C GLU K 309 14.49 -9.06 39.68
N LYS K 310 14.87 -8.65 40.88
CA LYS K 310 13.94 -7.96 41.75
C LYS K 310 13.35 -6.74 41.06
N GLY K 311 12.03 -6.61 41.11
CA GLY K 311 11.38 -5.46 40.51
C GLY K 311 9.93 -5.71 40.16
N ILE K 312 9.33 -4.73 39.49
CA ILE K 312 7.95 -4.80 39.05
C ILE K 312 7.90 -4.74 37.53
N TYR K 313 7.21 -5.69 36.92
CA TYR K 313 7.20 -5.78 35.47
C TYR K 313 5.80 -5.75 34.89
N GLN K 314 5.64 -5.07 33.76
CA GLN K 314 4.37 -5.08 33.04
C GLN K 314 4.39 -6.24 32.06
N THR K 315 3.55 -7.23 32.32
CA THR K 315 3.63 -8.49 31.58
C THR K 315 2.42 -8.78 30.72
N SER K 316 1.27 -8.25 31.12
CA SER K 316 0.03 -8.58 30.42
C SER K 316 -1.04 -7.54 30.68
N ASN K 317 -2.18 -7.74 30.04
CA ASN K 317 -3.32 -6.86 30.26
C ASN K 317 -4.52 -7.64 30.77
N PHE K 318 -5.32 -6.97 31.58
CA PHE K 318 -6.53 -7.52 32.14
C PHE K 318 -7.75 -6.94 31.45
N ARG K 319 -8.74 -7.77 31.17
CA ARG K 319 -9.98 -7.30 30.59
C ARG K 319 -11.13 -8.23 30.89
N VAL K 320 -12.23 -7.66 31.34
CA VAL K 320 -13.44 -8.42 31.58
C VAL K 320 -14.11 -8.80 30.26
N GLN K 321 -14.40 -10.09 30.11
CA GLN K 321 -14.99 -10.56 28.88
C GLN K 321 -16.51 -10.52 28.97
N PRO K 322 -17.21 -10.25 27.86
CA PRO K 322 -18.64 -10.22 27.73
C PRO K 322 -19.22 -11.61 27.92
N THR K 323 -20.38 -11.69 28.58
CA THR K 323 -21.02 -12.96 28.84
C THR K 323 -22.29 -13.18 28.03
N GLU K 324 -22.79 -12.10 27.42
CA GLU K 324 -24.02 -12.16 26.65
C GLU K 324 -23.91 -11.35 25.37
N SER K 325 -24.78 -11.63 24.41
CA SER K 325 -24.84 -10.85 23.17
C SER K 325 -26.22 -10.24 23.02
N ILE K 326 -26.27 -8.90 23.04
CA ILE K 326 -27.52 -8.17 23.04
C ILE K 326 -27.81 -7.54 21.69
N VAL K 327 -28.87 -7.99 21.04
CA VAL K 327 -29.21 -7.45 19.72
C VAL K 327 -30.53 -6.71 19.77
N ARG K 328 -30.50 -5.45 19.36
CA ARG K 328 -31.69 -4.62 19.39
C ARG K 328 -31.95 -3.98 18.03
N PHE K 329 -32.83 -4.59 17.25
CA PHE K 329 -33.23 -4.05 15.95
C PHE K 329 -34.62 -3.45 16.06
N PRO K 330 -34.99 -2.51 15.19
CA PRO K 330 -36.31 -1.92 15.09
C PRO K 330 -37.36 -3.03 14.99
N ASN K 331 -38.45 -2.89 15.75
CA ASN K 331 -39.48 -3.92 15.82
C ASN K 331 -40.49 -3.79 14.67
N ILE K 332 -40.03 -4.15 13.47
CA ILE K 332 -40.84 -4.12 12.26
C ILE K 332 -40.86 -5.50 11.62
N THR K 333 -41.97 -5.84 10.97
CA THR K 333 -42.13 -7.17 10.41
C THR K 333 -42.33 -7.16 8.90
N ASN K 334 -42.63 -6.01 8.33
CA ASN K 334 -42.90 -5.94 6.90
C ASN K 334 -41.62 -6.21 6.11
N LEU K 335 -41.73 -7.04 5.09
CA LEU K 335 -40.57 -7.37 4.26
C LEU K 335 -40.37 -6.35 3.15
N CYS K 336 -39.11 -6.14 2.78
CA CYS K 336 -38.74 -5.26 1.67
C CYS K 336 -39.17 -5.84 0.33
N PRO K 337 -39.77 -5.02 -0.53
CA PRO K 337 -40.29 -5.36 -1.84
C PRO K 337 -39.18 -5.54 -2.87
N PHE K 338 -38.31 -6.51 -2.62
CA PHE K 338 -37.25 -6.82 -3.57
C PHE K 338 -37.79 -7.65 -4.71
N GLY K 339 -38.66 -8.60 -4.40
CA GLY K 339 -39.20 -9.49 -5.42
C GLY K 339 -39.90 -8.70 -6.50
N GLU K 340 -40.55 -7.61 -6.11
CA GLU K 340 -41.27 -6.73 -7.03
C GLU K 340 -40.33 -6.10 -8.05
N VAL K 341 -39.05 -6.06 -7.74
CA VAL K 341 -38.05 -5.52 -8.65
C VAL K 341 -37.56 -6.62 -9.59
N PHE K 342 -37.32 -7.79 -9.01
CA PHE K 342 -36.78 -8.92 -9.76
C PHE K 342 -37.77 -9.59 -10.70
N ASN K 343 -39.06 -9.62 -10.32
CA ASN K 343 -40.10 -10.28 -11.11
C ASN K 343 -41.03 -9.29 -11.80
N ALA K 344 -40.53 -8.06 -12.06
CA ALA K 344 -41.27 -7.06 -12.83
C ALA K 344 -41.49 -7.56 -14.24
N THR K 345 -42.67 -7.29 -14.80
CA THR K 345 -42.99 -7.76 -16.14
C THR K 345 -42.04 -7.15 -17.15
N ARG K 346 -41.76 -5.86 -17.00
CA ARG K 346 -40.89 -5.16 -17.93
C ARG K 346 -39.75 -4.47 -17.19
N PHE K 347 -38.56 -4.54 -17.79
CA PHE K 347 -37.41 -3.80 -17.29
C PHE K 347 -37.14 -2.60 -18.17
N ALA K 348 -36.52 -1.59 -17.57
CA ALA K 348 -36.18 -0.38 -18.29
C ALA K 348 -34.99 -0.61 -19.20
N SER K 349 -34.88 0.23 -20.22
CA SER K 349 -33.69 0.28 -21.05
C SER K 349 -32.54 0.82 -20.21
N VAL K 350 -31.33 0.40 -20.50
CA VAL K 350 -30.19 0.81 -19.69
C VAL K 350 -29.93 2.31 -19.76
N TYR K 351 -30.25 2.94 -20.89
CA TYR K 351 -30.05 4.38 -21.02
C TYR K 351 -31.02 5.13 -20.13
N ALA K 352 -32.11 4.47 -19.76
CA ALA K 352 -33.17 5.08 -18.96
C ALA K 352 -33.52 4.16 -17.80
N TRP K 353 -32.51 3.75 -17.07
CA TRP K 353 -32.64 2.75 -16.02
C TRP K 353 -33.63 3.17 -14.95
N ASN K 354 -34.30 2.18 -14.34
CA ASN K 354 -35.35 2.45 -13.36
C ASN K 354 -34.87 2.31 -11.92
N ARG K 355 -35.01 3.38 -11.14
CA ARG K 355 -34.61 3.37 -9.74
C ARG K 355 -35.77 3.20 -8.78
N LYS K 356 -35.70 2.15 -7.96
CA LYS K 356 -36.68 1.89 -6.91
C LYS K 356 -36.10 2.14 -5.52
N ARG K 357 -36.75 3.01 -4.76
CA ARG K 357 -36.28 3.30 -3.40
C ARG K 357 -36.91 2.37 -2.38
N ILE K 358 -36.08 1.74 -1.56
CA ILE K 358 -36.52 0.81 -0.54
C ILE K 358 -36.16 1.32 0.86
N SER K 359 -37.16 1.37 1.75
CA SER K 359 -36.95 1.85 3.11
C SER K 359 -37.97 1.30 4.09
N ASN K 360 -37.66 1.43 5.38
CA ASN K 360 -38.58 1.06 6.46
C ASN K 360 -39.13 -0.35 6.32
N CYS K 361 -38.23 -1.34 6.24
CA CYS K 361 -38.60 -2.73 6.01
C CYS K 361 -37.50 -3.71 6.42
N VAL K 362 -37.82 -5.00 6.39
CA VAL K 362 -36.87 -6.05 6.68
C VAL K 362 -36.33 -6.66 5.40
N ALA K 363 -35.02 -6.62 5.24
CA ALA K 363 -34.39 -7.05 4.00
C ALA K 363 -33.68 -8.38 4.14
N ASP K 364 -34.29 -9.43 3.62
CA ASP K 364 -33.65 -10.74 3.63
C ASP K 364 -32.90 -10.96 2.34
N TYR K 365 -31.59 -10.91 2.41
CA TYR K 365 -30.76 -10.97 1.22
C TYR K 365 -30.31 -12.39 0.93
N SER K 366 -30.70 -13.32 1.79
CA SER K 366 -30.32 -14.71 1.61
C SER K 366 -31.23 -15.36 0.58
N VAL K 367 -32.44 -14.82 0.46
CA VAL K 367 -33.38 -15.29 -0.54
C VAL K 367 -32.81 -15.07 -1.93
N LEU K 368 -32.15 -13.94 -2.12
CA LEU K 368 -31.57 -13.61 -3.41
C LEU K 368 -30.24 -14.31 -3.60
N TYR K 369 -29.38 -14.27 -2.59
CA TYR K 369 -28.04 -14.81 -2.71
C TYR K 369 -28.03 -16.32 -2.88
N ASN K 370 -28.89 -17.01 -2.16
CA ASN K 370 -28.90 -18.46 -2.18
C ASN K 370 -29.74 -19.00 -3.33
N SER K 371 -30.24 -18.11 -4.17
CA SER K 371 -31.02 -18.52 -5.33
C SER K 371 -30.15 -19.16 -6.38
N ALA K 372 -30.69 -20.12 -7.08
CA ALA K 372 -30.00 -20.79 -8.18
C ALA K 372 -30.26 -20.10 -9.50
N SER K 373 -31.11 -19.07 -9.47
CA SER K 373 -31.63 -18.48 -10.70
C SER K 373 -30.82 -17.29 -11.21
N PHE K 374 -29.79 -16.89 -10.49
CA PHE K 374 -28.99 -15.75 -10.91
C PHE K 374 -27.61 -16.21 -11.40
N SER K 375 -27.13 -15.60 -12.48
CA SER K 375 -25.83 -15.98 -13.02
C SER K 375 -24.72 -15.11 -12.45
N THR K 376 -25.08 -13.90 -12.05
CA THR K 376 -24.13 -12.97 -11.45
C THR K 376 -24.67 -12.45 -10.13
N PHE K 377 -23.82 -12.48 -9.12
CA PHE K 377 -24.16 -11.89 -7.83
C PHE K 377 -22.89 -11.37 -7.18
N LYS K 378 -22.46 -10.18 -7.57
CA LYS K 378 -21.20 -9.64 -7.12
C LYS K 378 -21.40 -8.47 -6.17
N CYS K 379 -20.87 -8.57 -4.96
CA CYS K 379 -21.01 -7.53 -3.96
C CYS K 379 -19.71 -6.76 -3.78
N TYR K 380 -19.85 -5.46 -3.60
CA TYR K 380 -18.72 -4.57 -3.41
C TYR K 380 -18.90 -3.77 -2.13
N GLY K 381 -17.84 -3.68 -1.34
CA GLY K 381 -17.88 -2.90 -0.11
C GLY K 381 -18.60 -3.66 1.00
N VAL K 382 -19.05 -4.87 0.68
CA VAL K 382 -19.80 -5.69 1.62
C VAL K 382 -19.76 -7.15 1.20
N SER K 383 -19.73 -8.04 2.18
CA SER K 383 -19.79 -9.47 1.90
C SER K 383 -21.24 -9.94 1.85
N PRO K 384 -21.60 -10.74 0.83
CA PRO K 384 -22.94 -11.23 0.55
C PRO K 384 -23.49 -12.09 1.68
N THR K 385 -22.60 -12.64 2.50
CA THR K 385 -23.00 -13.51 3.58
C THR K 385 -23.16 -12.78 4.90
N LYS K 386 -22.87 -11.48 4.89
CA LYS K 386 -23.01 -10.66 6.09
C LYS K 386 -24.13 -9.64 5.95
N LEU K 387 -24.81 -9.66 4.82
CA LEU K 387 -25.83 -8.65 4.54
C LEU K 387 -26.98 -8.67 5.54
N ASN K 388 -27.35 -9.86 6.00
CA ASN K 388 -28.47 -9.97 6.91
C ASN K 388 -28.13 -9.51 8.32
N ASP K 389 -26.86 -9.21 8.57
CA ASP K 389 -26.43 -8.73 9.88
C ASP K 389 -26.32 -7.21 9.89
N LEU K 390 -26.56 -6.59 8.74
CA LEU K 390 -26.37 -5.16 8.59
C LEU K 390 -27.70 -4.40 8.55
N CYS K 391 -27.64 -3.12 8.87
CA CYS K 391 -28.75 -2.19 8.72
C CYS K 391 -28.32 -0.98 7.88
N PHE K 392 -29.18 -0.58 6.96
CA PHE K 392 -28.88 0.52 6.06
C PHE K 392 -29.88 1.64 6.21
N THR K 393 -29.50 2.85 5.81
CA THR K 393 -30.38 4.00 5.90
C THR K 393 -31.24 4.11 4.65
N ASN K 394 -30.87 3.35 3.63
CA ASN K 394 -31.63 3.32 2.39
C ASN K 394 -31.06 2.27 1.44
N VAL K 395 -31.94 1.66 0.65
CA VAL K 395 -31.49 0.76 -0.39
C VAL K 395 -32.11 1.14 -1.73
N TYR K 396 -31.29 1.24 -2.76
CA TYR K 396 -31.82 1.53 -4.08
C TYR K 396 -31.66 0.33 -4.99
N ALA K 397 -32.75 -0.06 -5.62
CA ALA K 397 -32.72 -1.15 -6.56
C ALA K 397 -32.86 -0.63 -7.98
N ASP K 398 -31.75 -0.58 -8.70
CA ASP K 398 -31.73 -0.05 -10.06
C ASP K 398 -31.82 -1.19 -11.08
N SER K 399 -32.88 -1.18 -11.88
CA SER K 399 -33.12 -2.26 -12.82
C SER K 399 -33.00 -1.81 -14.27
N PHE K 400 -32.41 -2.68 -15.10
CA PHE K 400 -32.27 -2.43 -16.53
C PHE K 400 -31.87 -3.66 -17.33
N VAL K 401 -31.95 -3.58 -18.65
CA VAL K 401 -31.49 -4.65 -19.53
C VAL K 401 -30.31 -4.27 -20.41
N ILE K 402 -29.29 -5.11 -20.37
CA ILE K 402 -28.09 -4.99 -21.21
C ILE K 402 -27.78 -6.34 -21.85
N ARG K 403 -26.82 -6.39 -22.76
CA ARG K 403 -26.46 -7.68 -23.34
C ARG K 403 -25.37 -8.36 -22.52
N GLY K 404 -25.31 -9.68 -22.60
CA GLY K 404 -24.40 -10.51 -21.80
C GLY K 404 -22.99 -9.94 -21.65
N ASP K 405 -22.35 -9.58 -22.76
CA ASP K 405 -20.96 -9.13 -22.71
C ASP K 405 -20.78 -7.85 -21.89
N GLU K 406 -21.86 -7.11 -21.70
CA GLU K 406 -21.80 -5.83 -21.01
C GLU K 406 -22.02 -5.96 -19.51
N VAL K 407 -22.32 -7.16 -19.04
CA VAL K 407 -22.58 -7.35 -17.62
C VAL K 407 -21.36 -7.00 -16.80
N ARG K 408 -20.17 -7.24 -17.34
CA ARG K 408 -18.93 -6.93 -16.64
C ARG K 408 -18.76 -5.43 -16.43
N GLN K 409 -19.45 -4.62 -17.23
CA GLN K 409 -19.33 -3.17 -17.13
C GLN K 409 -20.11 -2.62 -15.95
N ILE K 410 -21.00 -3.43 -15.39
CA ILE K 410 -21.76 -2.96 -14.24
C ILE K 410 -20.98 -3.26 -12.99
N ALA K 411 -19.97 -2.44 -12.76
CA ALA K 411 -19.07 -2.58 -11.64
C ALA K 411 -18.29 -1.28 -11.49
N PRO K 412 -17.71 -1.03 -10.33
CA PRO K 412 -16.74 0.02 -10.05
C PRO K 412 -15.51 -0.12 -10.94
N GLY K 413 -14.98 1.02 -11.40
CA GLY K 413 -13.72 1.04 -12.13
C GLY K 413 -13.82 0.51 -13.55
N GLN K 414 -15.01 0.55 -14.14
CA GLN K 414 -15.18 0.03 -15.48
C GLN K 414 -15.37 1.14 -16.50
N THR K 415 -15.02 0.84 -17.74
CA THR K 415 -15.26 1.74 -18.86
C THR K 415 -16.00 1.00 -19.96
N GLY K 416 -16.56 1.74 -20.90
CA GLY K 416 -17.30 1.15 -22.01
C GLY K 416 -18.56 1.95 -22.27
N LYS K 417 -19.32 1.52 -23.26
CA LYS K 417 -20.49 2.30 -23.64
C LYS K 417 -21.53 2.33 -22.53
N ILE K 418 -21.61 1.26 -21.75
CA ILE K 418 -22.60 1.22 -20.70
C ILE K 418 -22.07 1.92 -19.47
N ALA K 419 -20.85 1.59 -19.08
CA ALA K 419 -20.26 2.20 -17.90
C ALA K 419 -20.16 3.71 -18.03
N ASP K 420 -19.89 4.20 -19.25
CA ASP K 420 -19.67 5.62 -19.44
C ASP K 420 -20.90 6.43 -19.86
N TYR K 421 -21.80 5.85 -20.64
CA TYR K 421 -22.90 6.64 -21.19
C TYR K 421 -24.28 6.25 -20.68
N ASN K 422 -24.39 5.13 -19.97
CA ASN K 422 -25.70 4.64 -19.58
C ASN K 422 -25.87 4.51 -18.08
N TYR K 423 -25.05 3.68 -17.46
CA TYR K 423 -25.17 3.43 -16.04
C TYR K 423 -23.80 3.37 -15.37
N LYS K 424 -23.48 4.39 -14.61
CA LYS K 424 -22.18 4.52 -13.98
C LYS K 424 -22.23 4.21 -12.50
N LEU K 425 -21.34 3.32 -12.04
CA LEU K 425 -21.18 3.08 -10.61
C LEU K 425 -19.91 3.75 -10.11
N PRO K 426 -19.96 4.34 -8.91
CA PRO K 426 -18.86 5.02 -8.25
C PRO K 426 -17.76 4.08 -7.80
N ASP K 427 -16.55 4.61 -7.66
CA ASP K 427 -15.40 3.76 -7.27
C ASP K 427 -15.57 3.28 -5.82
N ASP K 428 -16.32 4.02 -5.01
CA ASP K 428 -16.57 3.62 -3.62
C ASP K 428 -17.93 2.97 -3.43
N PHE K 429 -18.48 2.42 -4.51
CA PHE K 429 -19.79 1.79 -4.49
C PHE K 429 -19.90 0.70 -3.43
N THR K 430 -20.98 0.75 -2.68
CA THR K 430 -21.32 -0.30 -1.75
C THR K 430 -22.66 -0.87 -2.15
N GLY K 431 -22.70 -2.16 -2.43
CA GLY K 431 -23.92 -2.77 -2.93
C GLY K 431 -23.63 -4.04 -3.69
N CYS K 432 -24.67 -4.63 -4.28
CA CYS K 432 -24.54 -5.88 -5.02
C CYS K 432 -25.13 -5.77 -6.42
N VAL K 433 -24.41 -6.31 -7.39
CA VAL K 433 -24.87 -6.34 -8.78
C VAL K 433 -25.35 -7.73 -9.13
N ILE K 434 -26.64 -7.85 -9.39
CA ILE K 434 -27.27 -9.12 -9.62
C ILE K 434 -27.81 -9.19 -11.04
N ALA K 435 -27.45 -10.23 -11.77
CA ALA K 435 -27.91 -10.34 -13.15
C ALA K 435 -28.26 -11.77 -13.52
N TRP K 436 -29.17 -11.90 -14.46
CA TRP K 436 -29.54 -13.21 -14.98
C TRP K 436 -29.92 -13.15 -16.43
N ASN K 437 -29.76 -14.28 -17.11
CA ASN K 437 -30.13 -14.40 -18.51
C ASN K 437 -31.63 -14.32 -18.67
N SER K 438 -32.08 -13.45 -19.56
CA SER K 438 -33.50 -13.28 -19.81
C SER K 438 -33.82 -13.46 -21.28
N ASN K 439 -33.13 -14.41 -21.92
CA ASN K 439 -33.31 -14.68 -23.33
C ASN K 439 -34.72 -15.18 -23.64
N ASN K 440 -35.36 -15.77 -22.64
CA ASN K 440 -36.69 -16.30 -22.81
C ASN K 440 -37.78 -15.28 -22.51
N LEU K 441 -37.37 -14.06 -22.17
CA LEU K 441 -38.32 -13.01 -21.84
C LEU K 441 -38.19 -11.81 -22.75
N ASP K 442 -36.95 -11.39 -22.99
CA ASP K 442 -36.67 -10.13 -23.64
C ASP K 442 -36.19 -10.28 -25.08
N SER K 443 -36.35 -11.46 -25.65
CA SER K 443 -35.97 -11.68 -27.05
C SER K 443 -37.16 -12.13 -27.85
N LYS K 444 -37.18 -11.79 -29.14
CA LYS K 444 -38.23 -12.28 -30.01
C LYS K 444 -37.69 -12.57 -31.40
N VAL K 445 -38.43 -13.35 -32.16
CA VAL K 445 -38.05 -13.63 -33.53
C VAL K 445 -38.22 -12.37 -34.37
N GLY K 446 -37.16 -12.00 -35.07
CA GLY K 446 -37.14 -10.76 -35.84
C GLY K 446 -36.36 -9.68 -35.11
N GLY K 447 -36.18 -9.86 -33.81
CA GLY K 447 -35.41 -8.93 -32.99
C GLY K 447 -36.28 -8.04 -32.12
N ASN K 448 -35.91 -7.93 -30.85
CA ASN K 448 -36.58 -7.06 -29.91
C ASN K 448 -35.87 -5.70 -29.85
N TYR K 449 -36.53 -4.68 -30.37
CA TYR K 449 -35.91 -3.36 -30.51
C TYR K 449 -36.42 -2.38 -29.47
N ASN K 450 -36.98 -2.91 -28.38
CA ASN K 450 -37.52 -2.04 -27.32
C ASN K 450 -36.48 -1.75 -26.25
N TYR K 451 -35.28 -2.30 -26.41
CA TYR K 451 -34.22 -2.06 -25.44
C TYR K 451 -33.11 -1.24 -26.04
N LEU K 452 -32.96 -0.01 -25.54
CA LEU K 452 -32.01 0.93 -26.09
C LEU K 452 -30.86 1.21 -25.14
N TYR K 453 -29.73 1.57 -25.72
CA TYR K 453 -28.58 2.03 -24.97
C TYR K 453 -27.99 3.25 -25.63
N ARG K 454 -27.32 4.08 -24.85
CA ARG K 454 -26.67 5.26 -25.38
C ARG K 454 -25.32 4.90 -25.94
N LEU K 455 -25.12 5.27 -27.20
CA LEU K 455 -23.91 4.94 -27.92
C LEU K 455 -22.97 6.13 -27.99
N PHE K 456 -23.53 7.33 -28.05
CA PHE K 456 -22.71 8.54 -28.12
C PHE K 456 -23.11 9.55 -27.05
N ARG K 457 -22.12 10.21 -26.47
CA ARG K 457 -22.38 11.29 -25.53
C ARG K 457 -21.18 12.24 -25.49
N LYS K 458 -21.44 13.50 -25.18
CA LYS K 458 -20.38 14.51 -25.11
C LYS K 458 -19.35 14.17 -24.05
N SER K 459 -19.78 13.58 -22.95
CA SER K 459 -18.89 13.24 -21.86
C SER K 459 -19.42 12.05 -21.07
N ASN K 460 -18.59 11.53 -20.18
CA ASN K 460 -19.00 10.41 -19.34
C ASN K 460 -20.01 10.84 -18.29
N LEU K 461 -20.83 9.90 -17.86
CA LEU K 461 -21.79 10.13 -16.79
C LEU K 461 -21.14 10.16 -15.43
N LYS K 462 -21.74 10.92 -14.52
CA LYS K 462 -21.39 10.83 -13.12
C LYS K 462 -22.10 9.61 -12.54
N PRO K 463 -21.63 9.06 -11.43
CA PRO K 463 -22.23 7.95 -10.72
C PRO K 463 -23.72 8.19 -10.50
N PHE K 464 -24.53 7.21 -10.89
CA PHE K 464 -25.97 7.23 -10.76
C PHE K 464 -26.65 8.38 -11.49
N GLU K 465 -25.99 8.90 -12.53
CA GLU K 465 -26.63 9.89 -13.40
C GLU K 465 -27.49 9.19 -14.45
N ARG K 466 -28.64 9.77 -14.75
CA ARG K 466 -29.57 9.19 -15.70
C ARG K 466 -29.89 10.15 -16.84
N ASP K 467 -29.23 9.95 -17.99
CA ASP K 467 -29.42 10.81 -19.15
C ASP K 467 -30.34 10.17 -20.17
N ILE K 468 -31.52 10.76 -20.36
CA ILE K 468 -32.52 10.18 -21.25
C ILE K 468 -32.84 11.10 -22.43
N SER K 469 -31.94 12.03 -22.72
CA SER K 469 -32.13 12.92 -23.85
C SER K 469 -31.91 12.20 -25.17
N THR K 470 -32.49 12.73 -26.24
CA THR K 470 -32.30 12.15 -27.57
C THR K 470 -31.74 13.15 -28.56
N GLU K 471 -31.06 14.17 -28.05
CA GLU K 471 -30.50 15.21 -28.90
C GLU K 471 -29.39 14.67 -29.77
N ILE K 472 -29.33 15.15 -31.01
CA ILE K 472 -28.34 14.68 -31.98
C ILE K 472 -26.94 14.99 -31.52
N TYR K 473 -26.07 13.98 -31.60
CA TYR K 473 -24.69 14.08 -31.16
C TYR K 473 -23.80 14.63 -32.25
N GLN K 474 -23.05 15.67 -31.92
CA GLN K 474 -22.15 16.28 -32.88
C GLN K 474 -20.77 15.65 -32.81
N ALA K 475 -20.40 14.94 -33.86
CA ALA K 475 -19.11 14.26 -33.90
C ALA K 475 -18.06 15.15 -34.55
N GLY K 476 -18.51 16.02 -35.45
CA GLY K 476 -17.61 16.91 -36.18
C GLY K 476 -17.56 18.29 -35.55
N SER K 477 -17.16 19.28 -36.34
CA SER K 477 -17.04 20.66 -35.87
C SER K 477 -18.25 21.48 -36.25
N THR K 478 -19.03 20.97 -37.20
CA THR K 478 -20.20 21.68 -37.71
C THR K 478 -21.45 21.32 -36.89
N PRO K 479 -22.19 22.32 -36.40
CA PRO K 479 -23.45 22.18 -35.68
C PRO K 479 -24.44 21.35 -36.49
N CYS K 480 -25.16 20.47 -35.79
CA CYS K 480 -26.12 19.56 -36.41
C CYS K 480 -27.48 20.23 -36.58
N ASN K 481 -27.80 21.15 -35.68
CA ASN K 481 -29.07 21.86 -35.71
C ASN K 481 -30.25 20.90 -35.65
N GLY K 482 -30.09 19.80 -34.91
CA GLY K 482 -31.17 18.84 -34.70
C GLY K 482 -31.31 17.85 -35.85
N VAL K 483 -30.49 17.98 -36.87
CA VAL K 483 -30.59 17.11 -38.03
C VAL K 483 -29.44 16.11 -38.10
N GLU K 484 -29.78 14.83 -38.12
CA GLU K 484 -28.75 13.80 -38.21
C GLU K 484 -28.25 13.64 -39.64
N GLY K 485 -27.04 13.12 -39.78
CA GLY K 485 -26.40 13.00 -41.08
C GLY K 485 -24.90 12.80 -40.89
N PHE K 486 -24.12 13.33 -41.81
CA PHE K 486 -22.67 13.17 -41.71
C PHE K 486 -22.16 13.89 -40.47
N ASN K 487 -21.42 13.17 -39.64
CA ASN K 487 -20.90 13.69 -38.37
C ASN K 487 -21.98 14.17 -37.38
N CYS K 488 -23.21 13.69 -37.57
CA CYS K 488 -24.36 13.99 -36.69
C CYS K 488 -25.15 12.72 -36.43
N TYR K 489 -25.06 12.21 -35.21
CA TYR K 489 -25.58 10.87 -34.95
C TYR K 489 -26.76 10.89 -33.99
N PHE K 490 -27.67 9.94 -34.18
CA PHE K 490 -28.70 9.71 -33.18
C PHE K 490 -28.04 8.91 -32.04
N PRO K 491 -28.06 9.44 -30.82
CA PRO K 491 -27.28 9.00 -29.67
C PRO K 491 -27.63 7.60 -29.16
N LEU K 492 -28.82 7.11 -29.49
CA LEU K 492 -29.25 5.81 -28.99
C LEU K 492 -29.18 4.74 -30.06
N GLN K 493 -29.10 3.49 -29.61
CA GLN K 493 -29.13 2.34 -30.50
C GLN K 493 -29.83 1.17 -29.80
N SER K 494 -30.41 0.27 -30.58
CA SER K 494 -31.10 -0.88 -30.02
C SER K 494 -30.21 -2.09 -29.97
N TYR K 495 -30.49 -2.99 -29.04
CA TYR K 495 -29.79 -4.26 -29.00
C TYR K 495 -30.33 -5.21 -30.07
N GLY K 496 -31.63 -5.15 -30.30
CA GLY K 496 -32.26 -6.02 -31.29
C GLY K 496 -32.17 -7.47 -30.86
N PHE K 497 -32.51 -7.74 -29.61
CA PHE K 497 -32.30 -9.06 -29.04
C PHE K 497 -33.06 -10.15 -29.77
N GLN K 498 -32.36 -11.22 -30.09
CA GLN K 498 -32.93 -12.37 -30.78
C GLN K 498 -32.61 -13.65 -30.00
N PRO K 499 -33.53 -14.62 -29.99
CA PRO K 499 -33.44 -15.86 -29.27
C PRO K 499 -32.31 -16.74 -29.76
N THR K 500 -31.80 -16.45 -30.95
CA THR K 500 -30.75 -17.24 -31.58
C THR K 500 -29.37 -16.63 -31.40
N ASN K 501 -29.29 -15.53 -30.67
CA ASN K 501 -28.01 -14.86 -30.44
C ASN K 501 -27.12 -15.69 -29.53
N GLY K 502 -25.81 -15.50 -29.65
CA GLY K 502 -24.86 -16.11 -28.73
C GLY K 502 -25.01 -15.46 -27.36
N VAL K 503 -24.46 -16.09 -26.33
CA VAL K 503 -24.69 -15.63 -24.96
C VAL K 503 -24.32 -14.17 -24.76
N GLY K 504 -23.22 -13.73 -25.35
CA GLY K 504 -22.76 -12.36 -25.19
C GLY K 504 -23.74 -11.35 -25.76
N TYR K 505 -24.62 -11.81 -26.64
CA TYR K 505 -25.59 -10.94 -27.28
C TYR K 505 -27.03 -11.23 -26.83
N GLN K 506 -27.16 -12.07 -25.82
CA GLN K 506 -28.47 -12.32 -25.23
C GLN K 506 -28.72 -11.27 -24.17
N PRO K 507 -29.98 -10.91 -23.91
CA PRO K 507 -30.39 -9.96 -22.92
C PRO K 507 -30.17 -10.49 -21.52
N TYR K 508 -29.70 -9.62 -20.65
CA TYR K 508 -29.58 -9.90 -19.24
C TYR K 508 -30.31 -8.85 -18.43
N ARG K 509 -31.09 -9.29 -17.48
CA ARG K 509 -31.76 -8.38 -16.58
C ARG K 509 -30.90 -8.14 -15.38
N VAL K 510 -30.60 -6.87 -15.13
CA VAL K 510 -29.68 -6.50 -14.08
C VAL K 510 -30.38 -5.69 -13.02
N VAL K 511 -30.19 -6.08 -11.77
CA VAL K 511 -30.65 -5.32 -10.64
C VAL K 511 -29.47 -4.96 -9.76
N VAL K 512 -29.26 -3.67 -9.55
CA VAL K 512 -28.17 -3.24 -8.70
C VAL K 512 -28.71 -2.71 -7.39
N LEU K 513 -28.31 -3.33 -6.29
CA LEU K 513 -28.76 -2.91 -4.98
C LEU K 513 -27.69 -2.09 -4.31
N SER K 514 -27.88 -0.78 -4.25
CA SER K 514 -26.92 0.08 -3.60
C SER K 514 -27.30 0.25 -2.14
N PHE K 515 -26.32 0.12 -1.26
CA PHE K 515 -26.58 0.21 0.17
C PHE K 515 -26.04 1.50 0.73
N GLU K 516 -26.95 2.34 1.22
CA GLU K 516 -26.57 3.63 1.76
C GLU K 516 -26.34 3.55 3.27
N LEU K 517 -25.23 4.12 3.72
CA LEU K 517 -24.90 4.11 5.13
C LEU K 517 -24.63 5.52 5.67
N LEU K 518 -25.69 6.32 5.84
CA LEU K 518 -25.57 7.68 6.38
C LEU K 518 -25.40 7.63 7.90
N ALA K 520 -28.47 9.82 10.58
CA ALA K 520 -29.56 9.12 9.92
C ALA K 520 -29.78 7.74 10.59
N PRO K 521 -31.00 7.43 11.09
CA PRO K 521 -31.42 6.12 11.56
C PRO K 521 -31.40 5.12 10.43
N ALA K 522 -30.99 3.89 10.72
CA ALA K 522 -31.08 2.85 9.71
C ALA K 522 -32.51 2.35 9.63
N THR K 523 -33.02 2.18 8.41
CA THR K 523 -34.41 1.81 8.22
C THR K 523 -34.59 0.47 7.53
N VAL K 524 -33.52 -0.05 6.93
CA VAL K 524 -33.59 -1.35 6.26
C VAL K 524 -32.64 -2.34 6.91
N CYS K 525 -33.18 -3.24 7.72
CA CYS K 525 -32.39 -4.20 8.49
C CYS K 525 -32.66 -5.63 8.06
N GLY K 526 -31.65 -6.48 8.18
CA GLY K 526 -31.84 -7.89 7.92
C GLY K 526 -32.76 -8.50 8.97
N PRO K 527 -33.25 -9.71 8.73
CA PRO K 527 -34.19 -10.47 9.53
C PRO K 527 -33.53 -11.10 10.73
N LYS K 528 -32.95 -10.27 11.59
CA LYS K 528 -32.31 -10.76 12.80
C LYS K 528 -33.24 -10.61 13.98
N LYS K 529 -33.29 -11.64 14.82
CA LYS K 529 -34.16 -11.63 15.98
C LYS K 529 -33.50 -10.89 17.13
N SER K 530 -34.24 -9.95 17.71
CA SER K 530 -33.74 -9.16 18.81
C SER K 530 -33.78 -9.94 20.11
N THR K 531 -32.94 -9.54 21.05
CA THR K 531 -32.87 -10.16 22.37
C THR K 531 -33.30 -9.18 23.43
N ASN K 532 -33.41 -9.66 24.67
CA ASN K 532 -33.73 -8.81 25.79
C ASN K 532 -32.59 -7.86 26.07
N LEU K 533 -32.93 -6.64 26.48
CA LEU K 533 -31.93 -5.65 26.83
C LEU K 533 -31.34 -5.93 28.19
N VAL K 534 -30.02 -5.99 28.27
CA VAL K 534 -29.33 -6.29 29.52
C VAL K 534 -28.44 -5.14 29.96
N LYS K 535 -28.62 -4.71 31.19
CA LYS K 535 -27.87 -3.58 31.74
C LYS K 535 -27.01 -3.99 32.94
N ASN K 536 -25.99 -3.18 33.20
CA ASN K 536 -25.07 -3.36 34.33
C ASN K 536 -24.25 -4.64 34.22
N LYS K 537 -24.06 -5.12 33.00
CA LYS K 537 -23.22 -6.28 32.73
C LYS K 537 -22.32 -6.00 31.53
N CYS K 538 -21.20 -6.73 31.46
CA CYS K 538 -20.33 -6.69 30.28
C CYS K 538 -20.91 -7.57 29.18
N VAL K 539 -21.34 -6.95 28.09
CA VAL K 539 -21.98 -7.66 27.01
C VAL K 539 -21.47 -7.23 25.65
N ASN K 540 -21.71 -8.07 24.65
CA ASN K 540 -21.58 -7.65 23.27
C ASN K 540 -22.90 -7.02 22.90
N PHE K 541 -22.90 -6.09 21.96
CA PHE K 541 -24.16 -5.50 21.57
C PHE K 541 -24.23 -5.11 20.11
N ASN K 542 -25.45 -5.00 19.61
CA ASN K 542 -25.75 -4.51 18.28
C ASN K 542 -27.01 -3.68 18.28
N PHE K 543 -26.88 -2.36 18.23
CA PHE K 543 -28.03 -1.46 18.25
C PHE K 543 -28.32 -0.93 16.86
N ASN K 544 -29.31 -1.52 16.21
CA ASN K 544 -29.69 -1.13 14.86
C ASN K 544 -28.48 -1.05 13.94
N GLY K 545 -27.59 -2.03 14.04
CA GLY K 545 -26.42 -2.10 13.17
C GLY K 545 -25.14 -1.57 13.85
N LEU K 546 -25.30 -0.88 14.97
CA LEU K 546 -24.15 -0.32 15.69
C LEU K 546 -23.60 -1.34 16.68
N THR K 547 -22.47 -1.93 16.32
CA THR K 547 -21.91 -3.01 17.13
C THR K 547 -20.79 -2.54 18.04
N GLY K 548 -20.52 -3.32 19.07
CA GLY K 548 -19.41 -3.06 19.98
C GLY K 548 -19.51 -3.92 21.24
N THR K 549 -18.58 -3.71 22.16
CA THR K 549 -18.57 -4.44 23.42
C THR K 549 -18.46 -3.45 24.58
N GLY K 550 -19.24 -3.67 25.62
CA GLY K 550 -19.18 -2.79 26.78
C GLY K 550 -20.33 -3.01 27.75
N VAL K 551 -20.45 -2.09 28.69
CA VAL K 551 -21.48 -2.16 29.72
C VAL K 551 -22.54 -1.10 29.47
N LEU K 552 -23.80 -1.54 29.46
CA LEU K 552 -24.92 -0.65 29.20
C LEU K 552 -25.57 -0.20 30.48
N THR K 553 -25.71 1.12 30.65
CA THR K 553 -26.38 1.68 31.82
C THR K 553 -27.36 2.75 31.39
N GLU K 554 -28.29 3.10 32.28
CA GLU K 554 -29.22 4.18 31.97
C GLU K 554 -28.49 5.50 31.85
N SER K 555 -28.82 6.27 30.82
CA SER K 555 -28.18 7.55 30.58
C SER K 555 -28.95 8.69 31.21
N ASN K 556 -28.23 9.72 31.64
CA ASN K 556 -28.84 10.94 32.12
C ASN K 556 -28.60 12.08 31.13
N LYS K 557 -28.21 11.72 29.91
CA LYS K 557 -27.91 12.69 28.88
C LYS K 557 -29.19 13.20 28.23
N LYS K 558 -29.26 14.50 28.02
CA LYS K 558 -30.44 15.12 27.45
C LYS K 558 -30.48 15.01 25.95
N PHE K 559 -30.76 13.82 25.45
CA PHE K 559 -30.86 13.61 24.01
C PHE K 559 -32.06 14.35 23.45
N LEU K 560 -31.88 14.95 22.29
CA LEU K 560 -32.98 15.57 21.59
C LEU K 560 -33.75 14.49 20.83
N PRO K 561 -35.03 14.70 20.54
CA PRO K 561 -35.94 13.76 19.89
C PRO K 561 -35.41 13.16 18.59
N PHE K 562 -34.50 13.86 17.92
CA PHE K 562 -33.98 13.39 16.64
C PHE K 562 -32.65 12.68 16.75
N GLN K 563 -32.01 12.74 17.92
CA GLN K 563 -30.68 12.19 18.07
C GLN K 563 -30.72 10.71 18.42
N GLN K 564 -29.90 9.91 17.73
CA GLN K 564 -29.96 8.45 17.86
C GLN K 564 -28.85 7.88 18.71
N PHE K 565 -27.74 8.60 18.79
CA PHE K 565 -26.58 8.17 19.57
C PHE K 565 -25.73 9.38 19.86
N GLY K 566 -24.81 9.24 20.81
CA GLY K 566 -23.91 10.34 21.14
C GLY K 566 -22.46 9.92 21.03
N ARG K 567 -21.58 10.91 21.10
CA ARG K 567 -20.15 10.67 21.07
C ARG K 567 -19.41 11.56 22.05
N ASP K 568 -18.29 11.07 22.56
CA ASP K 568 -17.43 11.86 23.45
C ASP K 568 -16.41 12.64 22.64
N ILE K 569 -15.43 13.23 23.32
CA ILE K 569 -14.42 14.06 22.66
C ILE K 569 -13.49 13.24 21.76
N ALA K 570 -13.55 11.92 21.88
CA ALA K 570 -12.74 11.02 21.06
C ALA K 570 -13.44 10.74 19.74
N ASP K 571 -14.67 11.26 19.61
CA ASP K 571 -15.51 11.01 18.45
C ASP K 571 -15.82 9.53 18.29
N THR K 572 -16.11 8.86 19.40
CA THR K 572 -16.57 7.47 19.38
C THR K 572 -17.88 7.37 20.13
N THR K 573 -18.68 6.37 19.78
CA THR K 573 -20.01 6.22 20.38
C THR K 573 -19.89 5.98 21.88
N ASP K 574 -20.62 6.76 22.67
CA ASP K 574 -20.62 6.59 24.12
C ASP K 574 -22.04 6.54 24.66
N ALA K 575 -23.00 6.53 23.76
CA ALA K 575 -24.41 6.45 24.14
C ALA K 575 -25.25 6.11 22.92
N VAL K 576 -26.31 5.33 23.13
CA VAL K 576 -27.22 4.99 22.05
C VAL K 576 -28.67 5.11 22.47
N ARG K 577 -29.54 5.30 21.50
CA ARG K 577 -30.97 5.23 21.72
C ARG K 577 -31.49 3.85 21.34
N ASP K 578 -32.05 3.14 22.30
CA ASP K 578 -32.59 1.82 22.03
C ASP K 578 -33.73 1.92 21.03
N PRO K 579 -33.64 1.24 19.89
CA PRO K 579 -34.52 1.34 18.74
C PRO K 579 -35.93 0.83 19.00
N GLN K 580 -36.14 0.15 20.14
CA GLN K 580 -37.47 -0.35 20.45
C GLN K 580 -38.13 0.41 21.60
N THR K 581 -37.34 0.77 22.61
CA THR K 581 -37.88 1.42 23.79
C THR K 581 -37.62 2.92 23.80
N LEU K 582 -36.69 3.35 22.95
CA LEU K 582 -36.26 4.73 22.88
C LEU K 582 -35.57 5.18 24.17
N GLU K 583 -35.16 4.20 24.98
CA GLU K 583 -34.37 4.45 26.18
C GLU K 583 -32.97 4.85 25.80
N ILE K 584 -32.42 5.85 26.48
CA ILE K 584 -31.05 6.25 26.20
C ILE K 584 -30.10 5.53 27.13
N LEU K 585 -29.12 4.86 26.54
CA LEU K 585 -28.16 4.08 27.30
C LEU K 585 -26.76 4.62 27.12
N ASP K 586 -26.01 4.67 28.21
CA ASP K 586 -24.60 5.05 28.15
C ASP K 586 -23.75 3.81 27.92
N ILE K 587 -22.69 3.97 27.15
CA ILE K 587 -21.79 2.85 26.90
C ILE K 587 -20.41 3.12 27.45
N THR K 588 -19.96 2.23 28.33
CA THR K 588 -18.59 2.29 28.83
C THR K 588 -17.94 0.95 28.55
N PRO K 589 -16.63 0.90 28.37
CA PRO K 589 -15.86 -0.30 28.14
C PRO K 589 -15.88 -1.17 29.39
N CYS K 590 -15.74 -2.49 29.17
CA CYS K 590 -15.68 -3.45 30.26
C CYS K 590 -14.37 -3.29 31.00
N SER K 591 -14.39 -3.43 32.32
CA SER K 591 -13.22 -3.16 33.14
C SER K 591 -11.95 -3.74 32.52
N PHE K 592 -10.93 -2.92 32.44
CA PHE K 592 -9.65 -3.32 31.87
C PHE K 592 -8.52 -2.53 32.50
N GLY K 593 -7.30 -2.99 32.31
CA GLY K 593 -6.13 -2.28 32.79
C GLY K 593 -4.87 -3.13 32.67
N GLY K 594 -3.71 -2.52 32.91
CA GLY K 594 -2.46 -3.25 32.82
C GLY K 594 -2.28 -4.18 34.00
N VAL K 595 -1.52 -5.25 33.80
CA VAL K 595 -1.20 -6.17 34.87
C VAL K 595 0.30 -6.29 35.05
N SER K 596 0.77 -5.97 36.24
CA SER K 596 2.19 -6.04 36.51
C SER K 596 2.50 -7.03 37.62
N VAL K 597 3.66 -7.65 37.53
CA VAL K 597 4.06 -8.66 38.49
C VAL K 597 5.20 -8.17 39.36
N ILE K 598 4.96 -8.21 40.66
CA ILE K 598 5.92 -7.79 41.67
C ILE K 598 6.63 -8.99 42.23
N THR K 599 7.95 -8.99 42.13
CA THR K 599 8.68 -10.13 42.63
C THR K 599 10.09 -9.75 43.06
N PRO K 600 10.64 -10.45 44.05
CA PRO K 600 12.05 -10.48 44.40
C PRO K 600 12.75 -11.26 43.33
N GLY K 601 14.06 -11.23 43.31
CA GLY K 601 14.75 -11.99 42.29
C GLY K 601 14.46 -13.48 42.47
N THR K 602 14.43 -14.22 41.38
CA THR K 602 14.20 -15.67 41.42
C THR K 602 15.34 -16.42 42.11
N ASN K 603 16.45 -15.71 42.37
CA ASN K 603 17.57 -16.20 43.17
C ASN K 603 17.19 -16.32 44.64
N THR K 604 16.13 -15.58 45.06
CA THR K 604 15.67 -15.53 46.44
C THR K 604 14.36 -16.27 46.63
N SER K 605 13.38 -16.00 45.76
CA SER K 605 12.06 -16.57 45.92
C SER K 605 11.24 -16.58 44.64
N ASN K 606 10.35 -17.56 44.51
CA ASN K 606 9.43 -17.61 43.38
C ASN K 606 8.06 -17.05 43.74
N GLN K 607 7.96 -16.40 44.88
CA GLN K 607 6.70 -15.77 45.27
C GLN K 607 6.47 -14.51 44.45
N VAL K 608 5.22 -14.26 44.10
CA VAL K 608 4.88 -13.05 43.36
C VAL K 608 3.65 -12.37 43.95
N ALA K 609 3.50 -11.11 43.62
CA ALA K 609 2.28 -10.38 43.87
C ALA K 609 1.85 -9.73 42.57
N VAL K 610 0.55 -9.64 42.33
CA VAL K 610 0.09 -9.10 41.06
C VAL K 610 -0.72 -7.83 41.24
N LEU K 611 -0.32 -6.79 40.52
CA LEU K 611 -1.03 -5.52 40.56
C LEU K 611 -1.91 -5.35 39.35
N TYR K 612 -3.21 -5.21 39.58
CA TYR K 612 -4.16 -4.95 38.52
C TYR K 612 -4.43 -3.46 38.44
N GLN K 613 -3.80 -2.81 37.48
CA GLN K 613 -3.76 -1.36 37.42
C GLN K 613 -5.11 -0.81 37.03
N ASP K 614 -5.55 0.21 37.75
CA ASP K 614 -6.83 0.87 37.51
C ASP K 614 -8.03 -0.06 37.77
N VAL K 615 -7.75 -1.18 38.42
CA VAL K 615 -8.83 -2.19 38.60
C VAL K 615 -9.35 -2.14 40.03
N ASN K 616 -10.67 -2.25 40.19
CA ASN K 616 -11.25 -2.38 41.54
C ASN K 616 -11.04 -3.83 41.95
N CYS K 617 -10.72 -4.06 43.20
CA CYS K 617 -10.33 -5.40 43.70
C CYS K 617 -11.57 -6.26 43.42
N THR K 618 -12.75 -5.65 43.38
CA THR K 618 -14.02 -6.36 43.05
C THR K 618 -14.19 -6.75 41.57
N GLU K 619 -13.33 -6.34 40.62
CA GLU K 619 -13.57 -6.64 39.17
C GLU K 619 -12.61 -7.70 38.63
N VAL K 620 -11.62 -8.08 39.42
CA VAL K 620 -10.56 -9.00 39.01
C VAL K 620 -11.03 -10.43 38.70
N PRO K 621 -11.86 -11.11 39.55
CA PRO K 621 -12.33 -12.47 39.37
C PRO K 621 -13.55 -12.50 38.45
N ASN K 641 -4.99 -11.91 50.72
CA ASN K 641 -4.10 -10.75 50.63
C ASN K 641 -4.50 -9.84 49.47
N VAL K 642 -5.64 -9.17 49.60
CA VAL K 642 -6.14 -8.23 48.59
C VAL K 642 -6.11 -6.81 49.12
N PHE K 643 -5.21 -6.01 48.57
CA PHE K 643 -4.99 -4.64 49.03
C PHE K 643 -5.27 -3.61 47.95
N GLN K 644 -6.26 -2.75 48.20
CA GLN K 644 -6.63 -1.72 47.20
C GLN K 644 -5.78 -0.46 47.36
N THR K 645 -5.06 -0.10 46.30
CA THR K 645 -4.25 1.11 46.28
C THR K 645 -4.73 2.04 45.16
N ARG K 646 -4.12 3.21 45.06
CA ARG K 646 -4.46 4.12 43.97
C ARG K 646 -3.94 3.59 42.64
N ALA K 647 -2.80 2.90 42.68
CA ALA K 647 -2.20 2.31 41.49
C ALA K 647 -3.12 1.23 40.90
N GLY K 648 -3.80 0.50 41.77
CA GLY K 648 -4.65 -0.61 41.35
C GLY K 648 -4.85 -1.59 42.50
N CYS K 649 -5.27 -2.80 42.17
CA CYS K 649 -5.53 -3.84 43.19
C CYS K 649 -4.30 -4.72 43.27
N LEU K 650 -3.67 -4.76 44.44
CA LEU K 650 -2.47 -5.55 44.66
C LEU K 650 -2.81 -6.84 45.39
N ILE K 651 -2.62 -7.95 44.72
CA ILE K 651 -2.99 -9.25 45.28
C ILE K 651 -1.78 -10.15 45.50
N GLY K 652 -1.66 -10.67 46.71
CA GLY K 652 -0.58 -11.58 47.05
C GLY K 652 0.40 -10.95 48.04
N ALA K 653 0.37 -9.63 48.13
CA ALA K 653 1.22 -8.93 49.08
C ALA K 653 0.43 -8.62 50.34
N GLU K 654 1.07 -8.82 51.49
CA GLU K 654 0.43 -8.52 52.76
C GLU K 654 0.71 -7.07 53.18
N HIS K 655 -0.35 -6.28 53.28
CA HIS K 655 -0.19 -4.89 53.69
C HIS K 655 0.08 -4.79 55.17
N VAL K 656 1.08 -4.00 55.54
CA VAL K 656 1.42 -3.79 56.94
C VAL K 656 1.47 -2.30 57.27
N ASN K 657 1.36 -1.98 58.57
CA ASN K 657 1.42 -0.60 59.05
C ASN K 657 2.85 -0.07 59.11
N ASN K 658 3.83 -0.96 59.33
CA ASN K 658 5.24 -0.58 59.45
C ASN K 658 5.77 0.02 58.15
N SER K 659 6.39 1.18 58.26
CA SER K 659 6.95 1.87 57.11
C SER K 659 8.43 1.55 56.96
N TYR K 660 8.84 1.25 55.73
CA TYR K 660 10.22 0.90 55.45
C TYR K 660 10.73 1.70 54.27
N GLU K 661 12.03 1.65 54.04
CA GLU K 661 12.59 2.22 52.83
C GLU K 661 12.00 1.50 51.63
N CYS K 662 11.68 2.24 50.56
CA CYS K 662 11.07 1.66 49.37
C CYS K 662 12.01 0.68 48.68
N ASP K 663 11.48 -0.48 48.33
CA ASP K 663 12.24 -1.50 47.63
C ASP K 663 11.73 -1.62 46.20
N ILE K 664 10.58 -2.27 46.03
CA ILE K 664 9.91 -2.30 44.74
C ILE K 664 8.73 -1.34 44.75
N PRO K 665 8.76 -0.27 43.96
CA PRO K 665 7.76 0.76 43.92
C PRO K 665 6.46 0.22 43.31
N ILE K 666 5.35 0.55 43.94
CA ILE K 666 4.03 0.19 43.42
C ILE K 666 3.39 1.44 42.83
N GLY K 667 3.45 2.52 43.61
CA GLY K 667 2.90 3.81 43.19
C GLY K 667 2.07 4.43 44.30
N ALA K 668 1.92 5.74 44.24
CA ALA K 668 1.11 6.48 45.21
C ALA K 668 1.58 6.25 46.64
N GLY K 669 2.89 6.20 46.84
CA GLY K 669 3.46 6.10 48.17
C GLY K 669 3.59 4.66 48.65
N ILE K 670 3.08 3.72 47.86
CA ILE K 670 3.13 2.32 48.24
C ILE K 670 4.29 1.59 47.58
N CYS K 671 5.01 0.82 48.38
CA CYS K 671 6.12 -0.02 47.92
C CYS K 671 5.93 -1.44 48.45
N ALA K 672 6.62 -2.39 47.83
CA ALA K 672 6.57 -3.77 48.27
C ALA K 672 7.97 -4.32 48.46
N SER K 673 8.09 -5.30 49.33
CA SER K 673 9.38 -5.95 49.58
C SER K 673 9.20 -7.38 50.03
N TYR K 674 10.28 -8.15 49.96
CA TYR K 674 10.26 -9.52 50.44
C TYR K 674 10.87 -9.60 51.83
N GLN K 675 10.05 -9.97 52.82
CA GLN K 675 10.46 -10.01 54.22
C GLN K 675 9.95 -11.28 54.89
N GLN K 690 9.39 -16.19 54.95
CA GLN K 690 9.34 -14.85 54.37
C GLN K 690 8.24 -14.77 53.31
N SER K 691 7.68 -13.57 53.12
CA SER K 691 6.63 -13.31 52.13
C SER K 691 6.68 -11.87 51.62
N ILE K 692 5.96 -11.60 50.55
CA ILE K 692 5.89 -10.25 50.01
C ILE K 692 4.92 -9.39 50.81
N ILE K 693 5.37 -8.20 51.18
CA ILE K 693 4.54 -7.27 51.94
C ILE K 693 4.40 -5.95 51.21
N ALA K 694 3.35 -5.22 51.55
CA ALA K 694 3.14 -3.88 51.01
C ALA K 694 3.13 -2.89 52.15
N TYR K 695 3.66 -1.70 51.90
CA TYR K 695 3.73 -0.68 52.93
C TYR K 695 3.79 0.72 52.34
N THR K 696 3.51 1.71 53.17
CA THR K 696 3.76 3.09 52.78
C THR K 696 5.21 3.41 53.04
N MET K 697 5.90 3.89 52.01
CA MET K 697 7.34 4.08 52.09
C MET K 697 7.73 5.16 53.08
N SER K 698 8.86 4.95 53.75
CA SER K 698 9.44 5.94 54.63
C SER K 698 10.25 6.94 53.82
N LEU K 699 10.23 8.19 54.24
CA LEU K 699 11.01 9.21 53.56
C LEU K 699 12.31 9.47 54.33
N GLY K 700 12.53 8.67 55.37
CA GLY K 700 13.70 8.82 56.21
C GLY K 700 13.28 8.96 57.68
N ALA K 701 14.24 8.78 58.57
CA ALA K 701 13.98 8.91 60.00
C ALA K 701 13.78 10.38 60.36
N GLU K 702 12.93 10.65 61.33
CA GLU K 702 12.75 12.02 61.79
C GLU K 702 13.92 12.45 62.66
N ASN K 703 14.30 13.70 62.54
CA ASN K 703 15.42 14.25 63.30
C ASN K 703 15.15 15.66 63.76
N SER K 704 14.83 15.83 65.03
CA SER K 704 14.56 17.15 65.56
C SER K 704 15.86 17.86 65.91
N VAL K 705 16.05 19.04 65.36
CA VAL K 705 17.24 19.83 65.64
C VAL K 705 17.02 20.62 66.92
N ALA K 706 17.99 20.58 67.82
CA ALA K 706 17.86 21.25 69.10
C ALA K 706 18.09 22.75 68.94
N TYR K 707 17.17 23.39 68.25
CA TYR K 707 17.27 24.80 67.94
C TYR K 707 16.93 25.68 69.13
N SER K 708 17.71 26.73 69.29
CA SER K 708 17.40 27.81 70.22
C SER K 708 18.10 29.05 69.72
N ASN K 709 17.79 30.21 70.32
CA ASN K 709 18.34 31.48 69.87
C ASN K 709 19.78 31.72 70.34
N ASN K 710 20.32 30.79 71.15
CA ASN K 710 21.68 30.94 71.69
C ASN K 710 22.40 29.60 71.83
N SER K 711 22.14 28.66 70.94
CA SER K 711 22.83 27.37 71.01
C SER K 711 23.39 26.96 69.67
N ILE K 712 24.66 26.58 69.66
CA ILE K 712 25.32 26.16 68.43
C ILE K 712 25.97 24.80 68.61
N ALA K 713 25.91 23.97 67.58
CA ALA K 713 26.62 22.70 67.63
C ALA K 713 27.88 22.79 66.79
N ILE K 714 29.00 22.39 67.36
CA ILE K 714 30.27 22.45 66.65
C ILE K 714 31.02 21.12 66.71
N PRO K 715 31.37 20.55 65.56
CA PRO K 715 32.14 19.34 65.38
C PRO K 715 33.45 19.40 66.13
N THR K 716 33.71 18.42 66.97
CA THR K 716 35.01 18.33 67.64
C THR K 716 35.94 17.36 66.91
N ASN K 717 35.40 16.67 65.90
CA ASN K 717 36.12 15.70 65.10
C ASN K 717 35.60 15.73 63.66
N PHE K 718 36.19 14.91 62.80
CA PHE K 718 35.77 14.79 61.41
C PHE K 718 36.24 13.46 60.86
N THR K 719 35.66 13.05 59.74
CA THR K 719 36.14 11.88 59.03
C THR K 719 36.43 12.22 57.58
N ILE K 720 37.27 11.41 56.95
CA ILE K 720 37.51 11.54 55.53
C ILE K 720 36.73 10.50 54.79
N SER K 721 35.78 10.95 53.99
CA SER K 721 34.90 10.06 53.27
C SER K 721 35.26 10.01 51.81
N VAL K 722 35.24 8.83 51.24
CA VAL K 722 35.43 8.70 49.81
C VAL K 722 34.20 8.08 49.19
N THR K 723 33.60 8.78 48.23
CA THR K 723 32.41 8.28 47.60
C THR K 723 32.64 8.09 46.12
N THR K 724 31.83 7.24 45.50
CA THR K 724 32.01 6.93 44.09
C THR K 724 30.88 7.49 43.25
N GLU K 725 31.24 8.24 42.22
CA GLU K 725 30.26 8.70 41.25
C GLU K 725 30.57 8.14 39.87
N ILE K 726 29.59 7.46 39.30
CA ILE K 726 29.79 6.80 38.03
C ILE K 726 28.96 7.44 36.93
N LEU K 727 29.63 7.87 35.86
CA LEU K 727 28.95 8.52 34.75
C LEU K 727 29.31 7.87 33.42
N PRO K 728 28.33 7.63 32.55
CA PRO K 728 28.49 7.32 31.15
C PRO K 728 29.20 8.45 30.43
N VAL K 729 30.12 8.09 29.56
CA VAL K 729 30.81 9.08 28.75
C VAL K 729 30.54 8.83 27.28
N SER K 730 30.57 7.57 26.89
CA SER K 730 30.44 7.23 25.49
C SER K 730 29.49 6.08 25.26
N MET K 731 29.12 5.90 24.02
CA MET K 731 28.19 4.88 23.58
C MET K 731 28.84 4.06 22.48
N THR K 732 28.47 2.79 22.37
CA THR K 732 29.04 1.96 21.32
C THR K 732 28.81 2.60 19.96
N LYS K 733 29.88 2.72 19.17
CA LYS K 733 29.79 3.37 17.87
C LYS K 733 29.28 2.41 16.83
N THR K 734 27.97 2.21 16.80
CA THR K 734 27.38 1.30 15.85
C THR K 734 27.28 1.97 14.49
N SER K 735 27.25 1.15 13.45
CA SER K 735 27.08 1.63 12.10
C SER K 735 26.24 0.66 11.29
N VAL K 736 25.18 1.14 10.68
CA VAL K 736 24.30 0.27 9.92
C VAL K 736 24.29 0.64 8.46
N ASP K 737 24.60 -0.33 7.62
CA ASP K 737 24.53 -0.14 6.18
C ASP K 737 23.08 -0.25 5.74
N CYS K 738 22.44 0.89 5.49
CA CYS K 738 21.01 0.94 5.20
C CYS K 738 20.63 0.01 4.06
N THR K 739 21.34 0.11 2.95
CA THR K 739 21.00 -0.70 1.79
C THR K 739 21.16 -2.19 2.08
N MET K 740 22.26 -2.57 2.74
CA MET K 740 22.46 -3.97 3.04
C MET K 740 21.42 -4.50 4.02
N TYR K 741 21.11 -3.71 5.03
CA TYR K 741 20.12 -4.11 6.03
C TYR K 741 18.77 -4.39 5.36
N ILE K 742 18.34 -3.48 4.51
CA ILE K 742 17.03 -3.60 3.88
C ILE K 742 16.99 -4.62 2.74
N CYS K 743 17.99 -4.57 1.85
CA CYS K 743 17.96 -5.31 0.59
C CYS K 743 19.01 -6.41 0.51
N GLY K 744 19.90 -6.50 1.49
CA GLY K 744 20.99 -7.45 1.39
C GLY K 744 21.82 -7.14 0.15
N ASP K 745 22.04 -8.14 -0.68
CA ASP K 745 22.79 -7.96 -1.91
C ASP K 745 21.90 -8.08 -3.15
N SER K 746 20.60 -7.87 -2.96
CA SER K 746 19.65 -7.94 -4.06
C SER K 746 19.62 -6.64 -4.86
N THR K 747 19.90 -6.75 -6.16
CA THR K 747 19.86 -5.61 -7.06
C THR K 747 18.43 -5.15 -7.29
N GLU K 748 17.50 -6.10 -7.35
CA GLU K 748 16.11 -5.78 -7.61
C GLU K 748 15.53 -4.92 -6.48
N CYS K 749 15.83 -5.29 -5.23
CA CYS K 749 15.40 -4.54 -4.06
C CYS K 749 16.11 -3.18 -4.02
N SER K 750 17.40 -3.17 -4.31
CA SER K 750 18.17 -1.94 -4.27
C SER K 750 17.59 -0.92 -5.22
N ASN K 751 17.19 -1.36 -6.41
CA ASN K 751 16.61 -0.46 -7.40
C ASN K 751 15.29 0.12 -6.93
N LEU K 752 14.51 -0.68 -6.20
CA LEU K 752 13.25 -0.19 -5.63
C LEU K 752 13.52 0.77 -4.50
N LEU K 753 14.57 0.50 -3.75
CA LEU K 753 14.94 1.34 -2.61
C LEU K 753 15.26 2.76 -3.07
N LEU K 754 15.82 2.88 -4.27
CA LEU K 754 16.17 4.18 -4.83
C LEU K 754 14.94 5.06 -5.06
N GLN K 755 13.77 4.46 -5.15
CA GLN K 755 12.55 5.20 -5.41
C GLN K 755 12.13 6.02 -4.20
N TYR K 756 12.77 5.73 -3.07
CA TYR K 756 12.46 6.39 -1.82
C TYR K 756 13.34 7.61 -1.60
N GLY K 757 14.20 7.90 -2.57
CA GLY K 757 15.06 9.06 -2.46
C GLY K 757 16.28 8.79 -1.61
N SER K 758 16.59 9.73 -0.72
CA SER K 758 17.83 9.71 0.03
C SER K 758 17.66 9.29 1.49
N PHE K 759 16.58 8.59 1.80
CA PHE K 759 16.35 8.15 3.18
C PHE K 759 17.56 7.41 3.77
N CYS K 760 18.17 6.52 2.98
CA CYS K 760 19.35 5.76 3.42
C CYS K 760 20.55 6.65 3.64
N THR K 761 20.67 7.72 2.88
CA THR K 761 21.76 8.65 3.07
C THR K 761 21.61 9.34 4.41
N GLN K 762 20.39 9.73 4.73
CA GLN K 762 20.09 10.38 6.00
C GLN K 762 20.37 9.46 7.17
N LEU K 763 20.02 8.18 7.02
CA LEU K 763 20.19 7.21 8.09
C LEU K 763 21.66 6.89 8.31
N ASN K 764 22.40 6.75 7.22
CA ASN K 764 23.82 6.47 7.32
C ASN K 764 24.54 7.67 7.92
N ARG K 765 24.09 8.87 7.55
CA ARG K 765 24.67 10.11 8.02
C ARG K 765 24.41 10.33 9.51
N ALA K 766 23.18 10.05 9.94
CA ALA K 766 22.82 10.25 11.33
C ALA K 766 23.64 9.35 12.25
N LEU K 767 23.82 8.10 11.85
CA LEU K 767 24.59 7.17 12.66
C LEU K 767 26.07 7.54 12.66
N THR K 768 26.56 8.04 11.53
CA THR K 768 27.94 8.50 11.45
C THR K 768 28.15 9.67 12.40
N GLY K 769 27.19 10.59 12.41
CA GLY K 769 27.27 11.75 13.30
C GLY K 769 27.36 11.33 14.76
N ILE K 770 26.59 10.31 15.13
CA ILE K 770 26.66 9.79 16.49
C ILE K 770 28.03 9.21 16.76
N ALA K 771 28.53 8.40 15.83
CA ALA K 771 29.82 7.75 16.01
C ALA K 771 30.92 8.78 16.26
N VAL K 772 30.87 9.89 15.54
CA VAL K 772 31.85 10.94 15.73
C VAL K 772 31.72 11.56 17.11
N GLU K 773 30.48 11.84 17.51
CA GLU K 773 30.22 12.42 18.82
C GLU K 773 30.83 11.60 19.94
N GLN K 774 30.79 10.27 19.81
CA GLN K 774 31.25 9.40 20.88
C GLN K 774 32.73 9.58 21.16
N ASP K 775 33.51 9.93 20.15
CA ASP K 775 34.93 10.17 20.36
C ASP K 775 35.13 11.55 20.94
N LYS K 776 34.29 12.49 20.52
CA LYS K 776 34.31 13.83 21.06
C LYS K 776 33.99 13.79 22.55
N ASN K 777 33.02 12.96 22.93
CA ASN K 777 32.62 12.84 24.32
C ASN K 777 33.77 12.35 25.18
N THR K 778 34.46 11.33 24.69
CA THR K 778 35.59 10.77 25.43
C THR K 778 36.71 11.79 25.56
N GLN K 779 37.00 12.49 24.47
CA GLN K 779 38.07 13.46 24.47
C GLN K 779 37.79 14.60 25.44
N GLU K 780 36.55 15.07 25.46
CA GLU K 780 36.18 16.18 26.34
C GLU K 780 36.34 15.83 27.81
N VAL K 781 36.10 14.57 28.15
CA VAL K 781 36.20 14.14 29.54
C VAL K 781 37.63 13.85 29.95
N PHE K 782 38.36 13.09 29.14
CA PHE K 782 39.65 12.59 29.57
C PHE K 782 40.84 13.42 29.09
N ALA K 783 40.76 13.98 27.89
CA ALA K 783 41.90 14.69 27.32
C ALA K 783 41.89 16.15 27.76
N GLN K 784 41.96 16.38 29.06
CA GLN K 784 41.94 17.74 29.60
C GLN K 784 43.33 18.18 30.05
N VAL K 785 44.31 17.32 29.82
CA VAL K 785 45.67 17.64 30.20
C VAL K 785 46.57 17.57 28.98
N LYS K 786 47.39 18.60 28.78
CA LYS K 786 48.25 18.67 27.60
C LYS K 786 49.50 17.82 27.76
N GLN K 787 49.93 17.60 29.00
CA GLN K 787 51.10 16.81 29.27
C GLN K 787 50.74 15.52 29.98
N ILE K 788 51.55 14.51 29.79
CA ILE K 788 51.37 13.26 30.50
C ILE K 788 52.26 13.23 31.73
N TYR K 789 51.66 13.46 32.88
CA TYR K 789 52.39 13.58 34.12
C TYR K 789 52.65 12.21 34.71
N LYS K 790 53.79 12.06 35.37
CA LYS K 790 54.15 10.82 36.01
C LYS K 790 54.41 11.03 37.48
N THR K 791 54.03 10.05 38.30
CA THR K 791 54.37 10.08 39.71
C THR K 791 55.83 9.73 39.89
N PRO K 792 56.46 10.12 41.00
CA PRO K 792 57.82 9.80 41.36
C PRO K 792 57.96 8.32 41.67
N PRO K 793 59.16 7.75 41.50
CA PRO K 793 59.59 6.42 41.91
C PRO K 793 59.30 6.16 43.38
N ILE K 794 59.43 7.20 44.21
CA ILE K 794 59.18 7.06 45.64
C ILE K 794 57.85 7.68 46.02
N LYS K 795 56.90 6.85 46.39
CA LYS K 795 55.55 7.30 46.70
C LYS K 795 55.45 7.80 48.14
N ASP K 796 56.16 8.88 48.45
CA ASP K 796 56.11 9.45 49.78
C ASP K 796 55.24 10.70 49.79
N PHE K 797 54.01 10.53 50.23
CA PHE K 797 53.04 11.62 50.22
C PHE K 797 52.60 11.94 51.64
N GLY K 798 53.46 11.64 52.60
CA GLY K 798 53.20 11.96 53.99
C GLY K 798 52.25 10.99 54.66
N GLY K 799 52.22 9.75 54.18
CA GLY K 799 51.36 8.72 54.75
C GLY K 799 50.14 8.45 53.90
N PHE K 800 49.92 9.28 52.89
CA PHE K 800 48.78 9.08 51.99
C PHE K 800 49.13 8.06 50.91
N ASN K 801 48.36 6.96 50.89
CA ASN K 801 48.60 5.81 50.03
C ASN K 801 47.65 5.83 48.83
N PHE K 802 48.21 5.98 47.62
CA PHE K 802 47.43 6.07 46.38
C PHE K 802 47.60 4.83 45.51
N SER K 803 48.09 3.75 46.10
CA SER K 803 48.42 2.55 45.33
C SER K 803 47.22 1.90 44.66
N GLN K 804 46.02 2.22 45.12
CA GLN K 804 44.82 1.61 44.57
C GLN K 804 44.24 2.41 43.41
N ILE K 805 44.69 3.65 43.26
CA ILE K 805 44.18 4.50 42.19
C ILE K 805 45.24 4.73 41.11
N LEU K 806 46.50 4.53 41.47
CA LEU K 806 47.59 4.64 40.51
C LEU K 806 47.77 3.32 39.76
N PRO K 807 48.26 3.35 38.51
CA PRO K 807 48.52 2.20 37.66
C PRO K 807 49.40 1.17 38.35
N ASP K 808 49.03 -0.10 38.21
CA ASP K 808 49.81 -1.19 38.74
C ASP K 808 50.80 -1.70 37.70
N PRO K 809 52.10 -1.45 37.88
CA PRO K 809 53.17 -1.66 36.92
C PRO K 809 53.39 -3.14 36.62
N SER K 810 52.82 -4.01 37.44
CA SER K 810 52.98 -5.44 37.24
C SER K 810 51.98 -5.99 36.22
N LYS K 811 51.05 -5.11 35.82
CA LYS K 811 49.94 -5.50 34.91
C LYS K 811 50.15 -4.99 33.49
N PRO K 812 50.10 -5.90 32.50
CA PRO K 812 50.19 -5.58 31.08
C PRO K 812 49.22 -4.48 30.67
N SER K 813 48.10 -4.37 31.37
CA SER K 813 47.07 -3.39 31.04
C SER K 813 47.38 -2.00 31.60
N LYS K 814 48.34 -1.93 32.52
CA LYS K 814 48.72 -0.68 33.16
C LYS K 814 47.53 0.04 33.78
N ARG K 815 46.65 -0.71 34.43
CA ARG K 815 45.50 -0.13 35.11
C ARG K 815 45.73 -0.13 36.61
N SER K 816 45.04 0.75 37.32
CA SER K 816 45.08 0.71 38.77
C SER K 816 44.28 -0.50 39.24
N PRO K 817 44.50 -0.98 40.46
CA PRO K 817 43.74 -2.03 41.12
C PRO K 817 42.24 -1.77 41.08
N ILE K 818 41.84 -0.51 41.24
CA ILE K 818 40.41 -0.17 41.15
C ILE K 818 39.93 -0.15 39.70
N GLU K 819 40.72 0.42 38.80
CA GLU K 819 40.33 0.42 37.39
C GLU K 819 40.20 -1.00 36.87
N ASP K 820 41.10 -1.88 37.30
CA ASP K 820 41.07 -3.27 36.88
C ASP K 820 39.75 -3.90 37.30
N LEU K 821 39.34 -3.62 38.54
CA LEU K 821 38.07 -4.09 39.06
C LEU K 821 36.89 -3.55 38.26
N LEU K 822 36.93 -2.26 37.93
CA LEU K 822 35.83 -1.65 37.20
C LEU K 822 35.64 -2.28 35.82
N PHE K 823 36.76 -2.55 35.15
CA PHE K 823 36.71 -3.16 33.83
C PHE K 823 36.25 -4.60 33.88
N ASN K 824 36.57 -5.31 34.95
CA ASN K 824 36.13 -6.68 35.11
C ASN K 824 34.63 -6.76 35.37
N LYS K 825 34.09 -5.76 36.05
CA LYS K 825 32.65 -5.74 36.33
C LYS K 825 31.79 -5.45 35.10
N VAL K 826 32.25 -4.52 34.24
CA VAL K 826 31.54 -4.16 33.00
C VAL K 826 32.51 -4.22 31.83
N GLN K 853 24.57 -9.95 14.28
CA GLN K 853 24.30 -8.56 13.94
C GLN K 853 25.17 -8.13 12.76
N LYS K 854 26.46 -8.47 12.84
CA LYS K 854 27.41 -8.09 11.81
C LYS K 854 26.96 -8.56 10.44
N PHE K 855 26.44 -9.78 10.38
CA PHE K 855 26.07 -10.41 9.13
C PHE K 855 24.87 -9.72 8.47
N ASN K 856 24.19 -8.85 9.22
CA ASN K 856 23.04 -8.14 8.70
C ASN K 856 23.36 -6.68 8.38
N GLY K 857 24.64 -6.36 8.33
CA GLY K 857 25.07 -5.01 7.97
C GLY K 857 25.27 -4.12 9.19
N LEU K 858 25.20 -4.69 10.39
CA LEU K 858 25.35 -3.93 11.62
C LEU K 858 26.75 -4.11 12.18
N THR K 859 27.62 -3.13 11.95
CA THR K 859 29.00 -3.25 12.39
C THR K 859 29.29 -2.30 13.53
N VAL K 860 30.40 -2.52 14.21
CA VAL K 860 30.81 -1.64 15.30
C VAL K 860 32.20 -1.08 15.06
N LEU K 861 32.30 0.23 15.14
CA LEU K 861 33.57 0.90 14.94
C LEU K 861 34.28 1.05 16.28
N PRO K 862 35.60 0.89 16.32
CA PRO K 862 36.43 1.06 17.49
C PRO K 862 36.54 2.54 17.84
N PRO K 863 36.62 2.87 19.13
CA PRO K 863 36.95 4.16 19.68
C PRO K 863 38.31 4.63 19.20
N LEU K 864 38.45 5.93 19.03
CA LEU K 864 39.74 6.49 18.66
C LEU K 864 40.74 6.29 19.80
N LEU K 865 40.30 6.52 21.01
CA LEU K 865 41.14 6.31 22.18
C LEU K 865 40.86 4.95 22.78
N THR K 866 41.87 4.11 22.79
CA THR K 866 41.74 2.76 23.33
C THR K 866 41.73 2.82 24.85
N ASP K 867 41.34 1.72 25.48
CA ASP K 867 41.29 1.68 26.94
C ASP K 867 42.65 2.03 27.53
N GLU K 868 43.71 1.61 26.86
CA GLU K 868 45.06 1.92 27.31
C GLU K 868 45.31 3.42 27.31
N MET K 869 44.86 4.10 26.26
CA MET K 869 45.08 5.54 26.13
C MET K 869 44.25 6.33 27.13
N ILE K 870 43.05 5.84 27.40
CA ILE K 870 42.19 6.47 28.39
C ILE K 870 42.81 6.32 29.76
N ALA K 871 43.36 5.13 30.03
CA ALA K 871 44.05 4.89 31.29
C ALA K 871 45.26 5.81 31.42
N GLN K 872 45.96 6.08 30.32
CA GLN K 872 47.09 6.98 30.36
C GLN K 872 46.67 8.41 30.68
N TYR K 873 45.57 8.86 30.10
CA TYR K 873 45.06 10.19 30.43
C TYR K 873 44.71 10.25 31.90
N THR K 874 44.07 9.21 32.39
CA THR K 874 43.65 9.17 33.78
C THR K 874 44.85 9.20 34.72
N SER K 875 45.87 8.43 34.41
CA SER K 875 47.06 8.38 35.25
C SER K 875 47.78 9.73 35.23
N ALA K 876 47.73 10.42 34.09
CA ALA K 876 48.33 11.74 33.99
C ALA K 876 47.61 12.72 34.89
N LEU K 877 46.29 12.64 34.91
CA LEU K 877 45.48 13.49 35.75
C LEU K 877 45.73 13.21 37.22
N LEU K 878 45.90 11.93 37.56
CA LEU K 878 46.18 11.53 38.92
C LEU K 878 47.55 12.01 39.36
N ALA K 879 48.54 11.85 38.49
CA ALA K 879 49.89 12.26 38.81
C ALA K 879 49.94 13.76 39.03
N GLY K 880 49.23 14.49 38.19
CA GLY K 880 49.17 15.94 38.30
C GLY K 880 48.52 16.33 39.62
N THR K 881 47.37 15.73 39.90
CA THR K 881 46.62 16.06 41.10
C THR K 881 47.43 15.80 42.36
N ILE K 882 48.15 14.70 42.38
CA ILE K 882 48.92 14.31 43.57
C ILE K 882 50.17 15.16 43.77
N THR K 883 50.91 15.44 42.70
CA THR K 883 52.19 16.12 42.85
C THR K 883 52.14 17.63 42.70
N SER K 884 51.10 18.16 42.04
CA SER K 884 51.04 19.61 41.80
C SER K 884 49.67 20.21 42.12
N GLY K 885 48.81 19.41 42.73
CA GLY K 885 47.48 19.89 43.10
C GLY K 885 46.69 20.34 41.89
N TRP K 886 46.13 21.55 41.96
CA TRP K 886 45.32 22.07 40.88
C TRP K 886 46.09 23.00 39.95
N THR K 887 47.37 23.21 40.23
CA THR K 887 48.12 24.20 39.49
C THR K 887 48.29 23.80 38.03
N PHE K 888 48.42 22.52 37.78
CA PHE K 888 48.62 22.01 36.43
C PHE K 888 47.37 22.17 35.58
N GLY K 889 46.24 22.41 36.24
CA GLY K 889 44.98 22.59 35.55
C GLY K 889 44.74 24.05 35.18
N ALA K 890 45.67 24.92 35.59
CA ALA K 890 45.55 26.35 35.32
C ALA K 890 46.70 26.82 34.45
N GLY K 891 47.91 26.43 34.80
CA GLY K 891 49.09 26.81 34.05
C GLY K 891 50.09 25.65 34.02
N PRO K 892 51.34 25.88 34.42
CA PRO K 892 52.38 24.89 34.56
C PRO K 892 52.14 24.06 35.81
N ALA K 893 52.67 22.86 35.84
CA ALA K 893 52.55 22.03 37.04
C ALA K 893 53.56 22.44 38.07
N LEU K 894 53.08 22.97 39.19
CA LEU K 894 53.92 23.45 40.27
C LEU K 894 53.96 22.43 41.39
N GLN K 895 55.12 21.83 41.64
CA GLN K 895 55.18 20.80 42.65
C GLN K 895 54.86 21.35 44.03
N ILE K 896 54.23 20.52 44.85
CA ILE K 896 53.93 20.84 46.23
C ILE K 896 53.84 19.53 47.03
N PRO K 897 54.38 19.47 48.24
CA PRO K 897 54.27 18.33 49.15
C PRO K 897 52.81 18.00 49.32
N PHE K 898 52.48 16.71 49.27
CA PHE K 898 51.06 16.35 49.34
C PHE K 898 50.37 16.86 50.60
N PRO K 899 50.94 16.70 51.80
CA PRO K 899 50.41 17.17 53.06
C PRO K 899 50.10 18.66 53.01
N MET K 900 50.95 19.41 52.30
CA MET K 900 50.78 20.85 52.18
C MET K 900 49.63 21.15 51.24
N GLN K 901 49.50 20.35 50.19
CA GLN K 901 48.40 20.45 49.27
C GLN K 901 47.09 20.20 49.98
N MET K 902 47.07 19.20 50.84
CA MET K 902 45.86 18.88 51.59
C MET K 902 45.53 20.00 52.56
N ALA K 903 46.56 20.63 53.12
CA ALA K 903 46.37 21.75 54.02
C ALA K 903 45.65 22.89 53.31
N TYR K 904 45.99 23.11 52.04
CA TYR K 904 45.34 24.16 51.27
C TYR K 904 43.89 23.80 51.04
N ARG K 905 43.63 22.52 50.84
CA ARG K 905 42.28 22.04 50.61
C ARG K 905 41.44 22.11 51.87
N PHE K 906 42.09 21.99 53.03
CA PHE K 906 41.39 22.20 54.29
C PHE K 906 41.00 23.66 54.45
N ASN K 907 41.91 24.56 54.08
CA ASN K 907 41.61 25.98 54.12
C ASN K 907 40.42 26.30 53.23
N GLY K 908 40.35 25.59 52.11
CA GLY K 908 39.30 25.78 51.11
C GLY K 908 37.91 25.37 51.61
N ILE K 909 37.85 24.69 52.75
CA ILE K 909 36.56 24.28 53.30
C ILE K 909 36.30 24.96 54.64
N GLY K 910 37.09 25.97 54.96
CA GLY K 910 36.89 26.72 56.19
C GLY K 910 37.49 26.02 57.41
N VAL K 911 38.53 25.23 57.19
CA VAL K 911 39.22 24.55 58.28
C VAL K 911 40.68 24.96 58.27
N THR K 912 41.19 25.43 59.40
CA THR K 912 42.54 25.97 59.42
C THR K 912 43.58 24.88 59.16
N GLN K 913 44.69 25.29 58.56
CA GLN K 913 45.70 24.35 58.08
C GLN K 913 46.37 23.55 59.18
N ASN K 914 46.37 24.07 60.40
CA ASN K 914 47.00 23.37 61.50
C ASN K 914 46.22 22.11 61.85
N VAL K 915 44.96 22.06 61.47
CA VAL K 915 44.14 20.88 61.72
C VAL K 915 44.66 19.73 60.90
N LEU K 916 45.03 20.02 59.66
CA LEU K 916 45.58 19.01 58.77
C LEU K 916 46.89 18.49 59.31
N TYR K 917 47.77 19.40 59.71
CA TYR K 917 49.10 19.00 60.13
C TYR K 917 49.10 18.30 61.48
N GLU K 918 48.31 18.81 62.41
CA GLU K 918 48.24 18.21 63.74
C GLU K 918 47.65 16.81 63.69
N ASN K 919 46.71 16.60 62.77
CA ASN K 919 46.06 15.32 62.62
C ASN K 919 46.50 14.61 61.35
N GLN K 920 47.66 14.98 60.82
CA GLN K 920 48.10 14.43 59.54
C GLN K 920 48.08 12.91 59.51
N LYS K 921 48.55 12.28 60.58
CA LYS K 921 48.60 10.82 60.62
C LYS K 921 47.19 10.23 60.58
N LEU K 922 46.30 10.80 61.38
CA LEU K 922 44.91 10.36 61.42
C LEU K 922 44.24 10.52 60.07
N ILE K 923 44.46 11.66 59.45
CA ILE K 923 43.82 11.98 58.18
C ILE K 923 44.29 11.04 57.09
N ALA K 924 45.59 10.77 57.06
CA ALA K 924 46.14 9.85 56.09
C ALA K 924 45.55 8.45 56.29
N ASN K 925 45.37 8.07 57.55
CA ASN K 925 44.81 6.75 57.87
C ASN K 925 43.33 6.66 57.48
N GLN K 926 42.58 7.73 57.74
CA GLN K 926 41.18 7.75 57.36
C GLN K 926 41.03 7.69 55.85
N PHE K 927 41.91 8.39 55.15
CA PHE K 927 41.92 8.38 53.70
C PHE K 927 42.24 7.00 53.16
N ASN K 928 43.31 6.40 53.67
CA ASN K 928 43.76 5.10 53.19
C ASN K 928 42.69 4.05 53.41
N SER K 929 42.01 4.13 54.55
CA SER K 929 40.94 3.19 54.86
C SER K 929 39.78 3.37 53.89
N ALA K 930 39.39 4.62 53.66
CA ALA K 930 38.27 4.92 52.78
C ALA K 930 38.52 4.39 51.36
N ILE K 931 39.75 4.51 50.88
CA ILE K 931 40.07 4.01 49.55
C ILE K 931 39.94 2.48 49.51
N GLY K 932 40.44 1.82 50.55
CA GLY K 932 40.31 0.37 50.63
C GLY K 932 38.84 -0.05 50.62
N LYS K 933 37.99 0.73 51.28
CA LYS K 933 36.57 0.45 51.30
C LYS K 933 35.95 0.55 49.91
N ILE K 934 36.45 1.47 49.09
CA ILE K 934 35.93 1.63 47.74
C ILE K 934 36.11 0.37 46.92
N GLN K 935 37.31 -0.20 46.98
CA GLN K 935 37.59 -1.39 46.22
C GLN K 935 36.72 -2.55 46.67
N ASP K 936 36.52 -2.69 47.98
CA ASP K 936 35.70 -3.76 48.52
C ASP K 936 34.23 -3.56 48.21
N SER K 937 33.78 -2.31 48.28
CA SER K 937 32.39 -1.98 48.02
C SER K 937 32.03 -2.31 46.58
N LEU K 938 32.89 -1.94 45.65
CA LEU K 938 32.65 -2.21 44.25
C LEU K 938 32.67 -3.71 43.97
N SER K 939 33.64 -4.41 44.55
CA SER K 939 33.79 -5.84 44.34
C SER K 939 32.56 -6.61 44.80
N SER K 940 32.01 -6.20 45.94
CA SER K 940 30.89 -6.90 46.55
C SER K 940 29.53 -6.36 46.10
N THR K 941 29.53 -5.39 45.18
CA THR K 941 28.27 -4.78 44.75
C THR K 941 28.16 -4.76 43.22
N PRO K 942 27.69 -5.84 42.59
CA PRO K 942 27.58 -6.04 41.16
C PRO K 942 26.75 -4.94 40.49
N SER K 943 25.85 -4.32 41.25
CA SER K 943 24.97 -3.28 40.73
C SER K 943 25.62 -1.91 40.75
N ALA K 944 26.82 -1.82 41.30
CA ALA K 944 27.49 -0.53 41.47
C ALA K 944 27.67 0.18 40.16
N LEU K 945 27.93 -0.56 39.09
CA LEU K 945 28.17 0.03 37.79
C LEU K 945 26.97 -0.11 36.88
N GLY K 946 25.79 -0.21 37.48
CA GLY K 946 24.55 -0.34 36.73
C GLY K 946 24.38 0.80 35.74
N LYS K 947 24.85 1.99 36.09
CA LYS K 947 24.73 3.13 35.18
C LYS K 947 25.46 2.91 33.87
N LEU K 948 26.57 2.17 33.89
CA LEU K 948 27.31 1.92 32.67
C LEU K 948 26.74 0.70 31.95
N GLN K 949 26.29 -0.27 32.73
CA GLN K 949 25.73 -1.49 32.18
C GLN K 949 24.41 -1.21 31.48
N ASP K 950 23.64 -0.26 32.01
CA ASP K 950 22.36 0.11 31.42
C ASP K 950 22.55 0.66 30.01
N VAL K 951 23.64 1.39 29.79
CA VAL K 951 23.90 1.95 28.48
C VAL K 951 24.20 0.83 27.51
N VAL K 952 25.02 -0.11 27.95
CA VAL K 952 25.36 -1.26 27.11
C VAL K 952 24.12 -2.09 26.79
N ASN K 953 23.27 -2.29 27.79
CA ASN K 953 22.08 -3.11 27.61
C ASN K 953 21.08 -2.44 26.67
N GLN K 954 20.92 -1.12 26.77
CA GLN K 954 19.98 -0.41 25.92
C GLN K 954 20.38 -0.47 24.46
N ASN K 955 21.67 -0.36 24.20
CA ASN K 955 22.15 -0.38 22.82
C ASN K 955 22.15 -1.79 22.26
N ALA K 956 22.51 -2.76 23.08
CA ALA K 956 22.50 -4.15 22.64
C ALA K 956 21.07 -4.57 22.33
N GLN K 957 20.14 -4.11 23.16
CA GLN K 957 18.73 -4.42 22.96
C GLN K 957 18.21 -3.79 21.69
N ALA K 958 18.60 -2.55 21.42
CA ALA K 958 18.17 -1.86 20.22
C ALA K 958 18.66 -2.57 18.97
N LEU K 959 19.90 -3.04 19.00
CA LEU K 959 20.45 -3.77 17.86
C LEU K 959 19.76 -5.10 17.66
N ASN K 960 19.48 -5.80 18.76
CA ASN K 960 18.82 -7.08 18.68
C ASN K 960 17.42 -6.92 18.11
N THR K 961 16.75 -5.85 18.50
CA THR K 961 15.42 -5.56 17.99
C THR K 961 15.48 -5.27 16.50
N LEU K 962 16.46 -4.48 16.09
CA LEU K 962 16.63 -4.13 14.69
C LEU K 962 16.85 -5.38 13.84
N VAL K 963 17.67 -6.30 14.34
CA VAL K 963 17.92 -7.54 13.62
C VAL K 963 16.67 -8.41 13.53
N LYS K 964 15.95 -8.54 14.64
CA LYS K 964 14.75 -9.35 14.67
C LYS K 964 13.71 -8.88 13.68
N GLN K 965 13.65 -7.58 13.43
CA GLN K 965 12.67 -7.02 12.50
C GLN K 965 12.86 -7.55 11.08
N LEU K 966 14.03 -8.09 10.77
CA LEU K 966 14.28 -8.64 9.44
C LEU K 966 13.51 -9.94 9.23
N SER K 967 12.99 -10.49 10.31
CA SER K 967 12.22 -11.73 10.25
C SER K 967 10.73 -11.47 10.08
N SER K 968 10.34 -10.20 10.05
CA SER K 968 8.94 -9.84 9.90
C SER K 968 8.55 -9.77 8.43
N ASN K 969 7.34 -10.19 8.13
CA ASN K 969 6.83 -10.18 6.77
C ASN K 969 6.34 -8.81 6.35
N PHE K 970 5.76 -8.07 7.29
CA PHE K 970 5.19 -6.76 6.98
C PHE K 970 4.13 -6.86 5.90
N GLY K 971 3.46 -8.00 5.81
CA GLY K 971 2.40 -8.21 4.84
C GLY K 971 2.89 -9.00 3.63
N ALA K 972 4.20 -9.17 3.51
CA ALA K 972 4.78 -9.92 2.39
C ALA K 972 4.56 -11.41 2.59
N ILE K 973 4.65 -12.16 1.50
CA ILE K 973 4.54 -13.61 1.56
C ILE K 973 5.68 -14.25 2.35
N SER K 974 6.79 -13.53 2.45
CA SER K 974 7.95 -14.03 3.17
C SER K 974 8.85 -12.90 3.62
N SER K 975 9.45 -13.06 4.80
CA SER K 975 10.43 -12.11 5.31
C SER K 975 11.77 -12.28 4.61
N VAL K 976 11.91 -13.39 3.90
CA VAL K 976 13.15 -13.69 3.21
C VAL K 976 13.12 -13.18 1.78
N LEU K 977 14.00 -12.24 1.49
CA LEU K 977 14.02 -11.56 0.21
C LEU K 977 14.34 -12.54 -0.92
N ASN K 978 15.22 -13.50 -0.63
CA ASN K 978 15.63 -14.48 -1.62
C ASN K 978 14.49 -15.42 -1.99
N ASP K 979 13.59 -15.69 -1.05
CA ASP K 979 12.47 -16.58 -1.33
C ASP K 979 11.49 -15.92 -2.27
N ILE K 980 11.28 -14.62 -2.08
CA ILE K 980 10.40 -13.86 -2.96
C ILE K 980 10.95 -13.84 -4.37
N LEU K 981 12.25 -13.59 -4.49
CA LEU K 981 12.90 -13.49 -5.79
C LEU K 981 12.97 -14.84 -6.51
N SER K 982 13.10 -15.93 -5.76
CA SER K 982 13.18 -17.24 -6.38
C SER K 982 11.82 -17.74 -6.86
N ARG K 983 10.75 -17.24 -6.26
CA ARG K 983 9.41 -17.68 -6.63
C ARG K 983 8.73 -16.79 -7.67
N LEU K 984 8.84 -15.47 -7.49
CA LEU K 984 8.07 -14.55 -8.32
C LEU K 984 8.90 -13.83 -9.38
N ASP K 985 8.23 -13.43 -10.46
CA ASP K 985 8.80 -12.54 -11.46
C ASP K 985 8.59 -11.10 -10.99
N PRO K 986 9.39 -10.14 -11.46
CA PRO K 986 9.39 -8.74 -11.07
C PRO K 986 8.00 -8.11 -10.92
N PRO K 987 7.04 -8.28 -11.84
CA PRO K 987 5.72 -7.67 -11.79
C PRO K 987 5.01 -7.97 -10.48
N GLU K 988 5.31 -9.12 -9.88
CA GLU K 988 4.70 -9.50 -8.61
C GLU K 988 5.72 -9.45 -7.46
N ALA K 989 6.98 -9.71 -7.78
CA ALA K 989 8.03 -9.73 -6.78
C ALA K 989 8.21 -8.35 -6.20
N GLU K 990 8.08 -7.33 -7.04
CA GLU K 990 8.28 -5.96 -6.61
C GLU K 990 7.24 -5.54 -5.58
N VAL K 991 6.04 -6.10 -5.69
CA VAL K 991 4.98 -5.80 -4.73
C VAL K 991 5.35 -6.36 -3.36
N GLN K 992 5.82 -7.60 -3.35
CA GLN K 992 6.20 -8.25 -2.10
C GLN K 992 7.44 -7.60 -1.51
N ILE K 993 8.36 -7.19 -2.36
CA ILE K 993 9.59 -6.54 -1.92
C ILE K 993 9.29 -5.17 -1.37
N ASP K 994 8.40 -4.44 -2.03
CA ASP K 994 8.01 -3.11 -1.59
C ASP K 994 7.51 -3.15 -0.16
N ARG K 995 6.77 -4.21 0.17
CA ARG K 995 6.26 -4.36 1.53
C ARG K 995 7.40 -4.56 2.52
N LEU K 996 8.42 -5.32 2.14
CA LEU K 996 9.56 -5.52 3.01
C LEU K 996 10.40 -4.26 3.14
N ILE K 997 10.53 -3.51 2.06
CA ILE K 997 11.31 -2.28 2.11
C ILE K 997 10.64 -1.29 3.04
N THR K 998 9.33 -1.13 2.92
CA THR K 998 8.62 -0.19 3.77
C THR K 998 8.81 -0.55 5.24
N GLY K 999 8.64 -1.82 5.55
CA GLY K 999 8.75 -2.28 6.93
C GLY K 999 10.17 -2.17 7.47
N ARG K 1000 11.14 -2.56 6.66
CA ARG K 1000 12.54 -2.55 7.09
C ARG K 1000 13.09 -1.14 7.15
N LEU K 1001 12.65 -0.28 6.25
CA LEU K 1001 13.06 1.11 6.26
C LEU K 1001 12.50 1.78 7.50
N GLN K 1002 11.23 1.50 7.80
CA GLN K 1002 10.58 2.02 9.00
C GLN K 1002 11.28 1.53 10.26
N SER K 1003 11.69 0.27 10.27
CA SER K 1003 12.37 -0.30 11.43
C SER K 1003 13.70 0.37 11.65
N LEU K 1004 14.41 0.64 10.56
CA LEU K 1004 15.70 1.29 10.64
C LEU K 1004 15.56 2.75 11.07
N GLN K 1005 14.53 3.44 10.58
CA GLN K 1005 14.28 4.80 10.99
C GLN K 1005 13.98 4.87 12.48
N THR K 1006 13.25 3.90 12.98
CA THR K 1006 12.93 3.84 14.39
C THR K 1006 14.21 3.70 15.20
N TYR K 1007 15.07 2.78 14.77
CA TYR K 1007 16.35 2.56 15.43
C TYR K 1007 17.19 3.83 15.49
N VAL K 1008 17.35 4.48 14.34
CA VAL K 1008 18.20 5.66 14.27
C VAL K 1008 17.67 6.79 15.14
N THR K 1009 16.35 6.99 15.11
CA THR K 1009 15.76 8.04 15.92
C THR K 1009 16.03 7.81 17.40
N GLN K 1010 15.88 6.57 17.84
CA GLN K 1010 16.13 6.23 19.23
C GLN K 1010 17.59 6.42 19.60
N GLN K 1011 18.48 6.12 18.66
CA GLN K 1011 19.91 6.28 18.91
C GLN K 1011 20.29 7.74 19.02
N LEU K 1012 19.62 8.60 18.25
CA LEU K 1012 19.89 10.03 18.31
C LEU K 1012 19.43 10.61 19.64
N ILE K 1013 18.28 10.17 20.10
CA ILE K 1013 17.75 10.62 21.38
C ILE K 1013 18.62 10.12 22.51
N ARG K 1014 19.00 8.85 22.44
CA ARG K 1014 19.87 8.24 23.42
C ARG K 1014 21.25 8.87 23.40
N ALA K 1015 21.75 9.20 22.21
CA ALA K 1015 23.04 9.84 22.07
C ALA K 1015 23.04 11.18 22.78
N ALA K 1016 21.93 11.90 22.70
CA ALA K 1016 21.83 13.20 23.35
C ALA K 1016 21.96 13.06 24.86
N GLU K 1017 21.38 11.99 25.40
CA GLU K 1017 21.48 11.73 26.84
C GLU K 1017 22.92 11.43 27.23
N ILE K 1018 23.60 10.62 26.42
CA ILE K 1018 24.99 10.30 26.66
C ILE K 1018 25.86 11.55 26.56
N ARG K 1019 25.57 12.40 25.59
CA ARG K 1019 26.32 13.64 25.43
C ARG K 1019 26.19 14.51 26.66
N ALA K 1020 24.97 14.62 27.19
CA ALA K 1020 24.73 15.41 28.39
C ALA K 1020 25.51 14.85 29.57
N SER K 1021 25.54 13.53 29.68
CA SER K 1021 26.29 12.88 30.74
C SER K 1021 27.79 13.12 30.58
N ALA K 1022 28.27 13.03 29.35
CA ALA K 1022 29.67 13.28 29.05
C ALA K 1022 30.05 14.71 29.39
N ASN K 1023 29.14 15.65 29.13
CA ASN K 1023 29.40 17.05 29.43
C ASN K 1023 29.47 17.26 30.92
N LEU K 1024 28.64 16.54 31.66
CA LEU K 1024 28.67 16.60 33.11
C LEU K 1024 29.95 15.99 33.63
N ALA K 1025 30.35 14.87 33.04
CA ALA K 1025 31.58 14.19 33.40
C ALA K 1025 32.78 15.07 33.12
N ALA K 1026 32.72 15.82 32.03
CA ALA K 1026 33.81 16.74 31.68
C ALA K 1026 33.87 17.88 32.66
N THR K 1027 32.71 18.38 33.07
CA THR K 1027 32.64 19.46 34.04
C THR K 1027 33.22 19.00 35.37
N LYS K 1028 32.94 17.76 35.73
CA LYS K 1028 33.43 17.17 36.97
C LYS K 1028 34.87 16.72 36.86
N MET K 1029 35.48 16.92 35.70
CA MET K 1029 36.90 16.66 35.56
C MET K 1029 37.65 17.97 35.78
N SER K 1030 37.15 19.04 35.16
CA SER K 1030 37.72 20.36 35.33
C SER K 1030 37.53 20.82 36.76
N GLU K 1031 36.30 20.74 37.21
CA GLU K 1031 35.97 20.94 38.61
C GLU K 1031 36.15 19.59 39.27
N CYS K 1032 36.24 19.56 40.61
CA CYS K 1032 36.40 18.33 41.39
C CYS K 1032 37.83 17.78 41.28
N VAL K 1033 38.27 17.45 40.07
CA VAL K 1033 39.59 16.85 39.88
C VAL K 1033 40.69 17.89 39.65
N LEU K 1034 40.47 18.80 38.71
CA LEU K 1034 41.49 19.81 38.40
C LEU K 1034 41.32 21.06 39.24
N GLY K 1035 40.51 20.95 40.30
CA GLY K 1035 40.33 22.04 41.24
C GLY K 1035 39.39 21.65 42.36
N GLN K 1036 39.35 22.47 43.40
CA GLN K 1036 38.46 22.23 44.51
C GLN K 1036 37.14 22.95 44.29
N SER K 1037 36.03 22.27 44.52
CA SER K 1037 34.73 22.85 44.25
C SER K 1037 34.05 23.39 45.50
N LYS K 1038 33.33 24.48 45.33
CA LYS K 1038 32.52 25.07 46.40
C LYS K 1038 31.07 24.65 46.25
N ARG K 1039 30.77 23.92 45.19
CA ARG K 1039 29.40 23.57 44.85
C ARG K 1039 28.94 22.35 45.65
N VAL K 1040 27.81 22.51 46.32
CA VAL K 1040 27.29 21.46 47.20
C VAL K 1040 26.81 20.25 46.41
N ASP K 1041 27.23 19.08 46.86
CA ASP K 1041 26.86 17.80 46.26
C ASP K 1041 27.32 17.66 44.83
N PHE K 1042 28.14 18.59 44.36
CA PHE K 1042 28.65 18.48 43.00
C PHE K 1042 29.79 17.48 42.92
N CYS K 1043 30.67 17.49 43.93
CA CYS K 1043 31.83 16.62 43.98
C CYS K 1043 31.72 15.72 45.20
N GLY K 1044 30.56 15.11 45.37
CA GLY K 1044 30.32 14.22 46.49
C GLY K 1044 29.60 14.91 47.63
N LYS K 1045 29.14 14.09 48.58
CA LYS K 1045 28.39 14.61 49.77
C LYS K 1045 29.39 14.95 50.86
N GLY K 1046 29.33 16.16 51.37
CA GLY K 1046 30.28 16.64 52.36
C GLY K 1046 31.06 17.81 51.78
N TYR K 1047 32.10 18.24 52.48
CA TYR K 1047 32.87 19.37 52.00
C TYR K 1047 33.99 18.89 51.10
N HIS K 1048 33.91 19.20 49.83
CA HIS K 1048 34.85 18.65 48.86
C HIS K 1048 36.28 19.06 49.16
N LEU K 1049 37.17 18.08 49.16
CA LEU K 1049 38.61 18.33 49.28
C LEU K 1049 39.26 18.13 47.94
N MET K 1050 39.06 16.96 47.35
CA MET K 1050 39.67 16.62 46.07
C MET K 1050 38.99 15.41 45.46
N SER K 1051 39.28 15.14 44.20
CA SER K 1051 38.71 13.99 43.51
C SER K 1051 39.75 13.29 42.65
N PHE K 1052 39.58 11.98 42.51
CA PHE K 1052 40.45 11.19 41.66
C PHE K 1052 39.64 10.42 40.61
N PRO K 1053 39.88 10.67 39.33
CA PRO K 1053 39.24 10.00 38.21
C PRO K 1053 39.76 8.59 38.06
N GLN K 1054 38.91 7.69 37.58
CA GLN K 1054 39.29 6.34 37.23
C GLN K 1054 38.67 5.98 35.88
N SER K 1055 39.42 5.26 35.06
CA SER K 1055 38.89 4.81 33.77
C SER K 1055 37.87 3.70 33.95
N ALA K 1056 36.87 3.68 33.10
CA ALA K 1056 35.84 2.64 33.14
C ALA K 1056 35.31 2.40 31.73
N PRO K 1057 34.73 1.22 31.45
CA PRO K 1057 34.09 0.86 30.20
C PRO K 1057 33.05 1.89 29.79
N HIS K 1058 33.34 2.60 28.70
CA HIS K 1058 32.43 3.60 28.15
C HIS K 1058 32.01 4.65 29.17
N GLY K 1059 32.88 4.95 30.12
CA GLY K 1059 32.50 5.92 31.15
C GLY K 1059 33.65 6.25 32.09
N VAL K 1060 33.36 7.08 33.06
CA VAL K 1060 34.35 7.53 34.03
C VAL K 1060 33.84 7.34 35.44
N VAL K 1061 34.74 6.99 36.35
CA VAL K 1061 34.38 6.88 37.74
C VAL K 1061 35.18 7.87 38.57
N PHE K 1062 34.49 8.67 39.36
CA PHE K 1062 35.14 9.66 40.19
C PHE K 1062 35.12 9.24 41.66
N LEU K 1063 36.29 9.23 42.27
CA LEU K 1063 36.36 9.02 43.71
C LEU K 1063 36.49 10.35 44.41
N HIS K 1064 35.43 10.76 45.06
CA HIS K 1064 35.38 12.08 45.67
C HIS K 1064 35.77 12.02 47.12
N VAL K 1065 36.77 12.80 47.49
CA VAL K 1065 37.25 12.84 48.86
C VAL K 1065 36.65 14.05 49.55
N THR K 1066 35.85 13.82 50.57
CA THR K 1066 35.17 14.90 51.25
C THR K 1066 35.47 14.92 52.73
N TYR K 1067 35.42 16.11 53.30
CA TYR K 1067 35.54 16.32 54.73
C TYR K 1067 34.15 16.28 55.35
N VAL K 1068 33.96 15.36 56.27
CA VAL K 1068 32.66 15.23 56.92
C VAL K 1068 32.78 15.45 58.41
N PRO K 1069 32.16 16.50 58.94
CA PRO K 1069 32.12 16.87 60.34
C PRO K 1069 31.60 15.71 61.17
N ALA K 1070 32.17 15.52 62.35
CA ALA K 1070 31.77 14.43 63.22
C ALA K 1070 31.88 14.79 64.69
N GLN K 1071 31.13 14.09 65.52
CA GLN K 1071 31.23 14.24 66.97
C GLN K 1071 31.05 15.69 67.41
N GLU K 1072 29.95 16.30 67.01
CA GLU K 1072 29.66 17.66 67.44
C GLU K 1072 29.15 17.69 68.87
N LYS K 1073 29.32 18.82 69.53
CA LYS K 1073 28.75 18.98 70.86
C LYS K 1073 28.09 20.35 71.01
N ASN K 1074 27.20 20.46 72.00
CA ASN K 1074 26.43 21.69 72.27
C ASN K 1074 27.30 22.75 72.93
N PHE K 1075 27.18 23.99 72.44
CA PHE K 1075 27.78 25.17 73.08
C PHE K 1075 26.76 26.29 73.15
N THR K 1076 26.93 27.17 74.13
CA THR K 1076 26.15 28.39 74.17
C THR K 1076 26.86 29.43 73.33
N THR K 1077 26.12 30.17 72.51
CA THR K 1077 26.77 31.13 71.64
C THR K 1077 26.24 32.54 71.80
N ALA K 1078 26.95 33.49 71.21
CA ALA K 1078 26.56 34.88 71.22
C ALA K 1078 27.05 35.56 69.95
N PRO K 1079 26.27 36.50 69.40
CA PRO K 1079 26.56 37.28 68.21
C PRO K 1079 27.69 38.25 68.41
N ALA K 1080 27.95 38.63 69.67
CA ALA K 1080 28.99 39.60 69.97
C ALA K 1080 29.35 39.55 71.44
N ILE K 1081 30.54 40.06 71.75
CA ILE K 1081 30.98 40.25 73.12
C ILE K 1081 31.01 41.73 73.48
N CYS K 1082 30.45 42.08 74.63
CA CYS K 1082 30.49 43.45 75.13
C CYS K 1082 31.68 43.66 76.06
N HIS K 1083 32.53 44.60 75.70
CA HIS K 1083 33.72 44.90 76.49
C HIS K 1083 34.13 46.35 76.33
N ASP K 1084 34.34 47.02 77.45
CA ASP K 1084 34.67 48.44 77.47
C ASP K 1084 33.59 49.27 76.78
N GLY K 1085 32.35 48.77 76.83
CA GLY K 1085 31.20 49.48 76.26
C GLY K 1085 31.11 49.34 74.75
N LYS K 1086 31.99 48.53 74.16
CA LYS K 1086 32.01 48.35 72.72
C LYS K 1086 31.61 46.94 72.31
N ALA K 1087 31.05 46.80 71.11
CA ALA K 1087 30.63 45.49 70.61
C ALA K 1087 31.73 44.84 69.78
N HIS K 1088 32.19 43.67 70.24
CA HIS K 1088 33.24 42.93 69.57
C HIS K 1088 32.68 41.73 68.81
N PHE K 1089 33.05 41.61 67.55
CA PHE K 1089 32.62 40.51 66.70
C PHE K 1089 33.83 39.67 66.33
N PRO K 1090 33.67 38.37 66.13
CA PRO K 1090 34.72 37.45 65.75
C PRO K 1090 35.15 37.73 64.32
N ARG K 1091 36.46 37.68 64.06
CA ARG K 1091 36.96 37.94 62.71
C ARG K 1091 36.75 36.76 61.78
N GLU K 1092 36.87 35.54 62.30
CA GLU K 1092 36.77 34.36 61.47
C GLU K 1092 35.78 33.33 62.01
N GLY K 1093 35.74 33.19 63.33
CA GLY K 1093 34.99 32.11 63.94
C GLY K 1093 33.71 32.58 64.62
N VAL K 1094 33.31 31.86 65.66
CA VAL K 1094 32.10 32.12 66.41
C VAL K 1094 32.38 32.10 67.91
N PHE K 1095 31.71 32.98 68.65
CA PHE K 1095 31.87 33.00 70.10
C PHE K 1095 31.05 31.91 70.75
N VAL K 1096 31.72 31.08 71.55
CA VAL K 1096 31.07 29.97 72.22
C VAL K 1096 31.44 29.89 73.70
N SER K 1097 30.52 29.36 74.49
CA SER K 1097 30.74 29.15 75.91
C SER K 1097 30.63 27.69 76.29
N ASN K 1098 31.60 27.21 77.07
CA ASN K 1098 31.63 25.84 77.55
C ASN K 1098 30.89 25.68 78.88
N GLY K 1099 30.24 26.75 79.33
CA GLY K 1099 29.44 26.78 80.56
C GLY K 1099 30.02 27.76 81.57
N THR K 1100 31.31 28.05 81.48
CA THR K 1100 31.92 29.00 82.40
C THR K 1100 32.74 30.07 81.68
N HIS K 1101 33.36 29.69 80.55
CA HIS K 1101 34.23 30.62 79.84
C HIS K 1101 33.87 30.77 78.38
N TRP K 1102 34.06 31.98 77.87
CA TRP K 1102 33.82 32.27 76.46
C TRP K 1102 35.10 32.19 75.64
N PHE K 1103 34.98 31.54 74.49
CA PHE K 1103 36.08 31.35 73.57
C PHE K 1103 35.63 31.69 72.16
N VAL K 1104 36.59 31.92 71.28
CA VAL K 1104 36.27 32.05 69.87
C VAL K 1104 36.85 30.88 69.11
N THR K 1105 36.05 30.26 68.27
CA THR K 1105 36.49 29.07 67.57
C THR K 1105 36.08 29.07 66.11
N GLN K 1106 36.86 28.40 65.28
CA GLN K 1106 36.50 28.23 63.88
C GLN K 1106 35.22 27.40 63.79
N ARG K 1107 34.37 27.77 62.85
CA ARG K 1107 33.01 27.25 62.77
C ARG K 1107 32.92 25.77 62.40
N ASN K 1108 33.91 25.26 61.70
CA ASN K 1108 33.84 23.89 61.19
C ASN K 1108 34.65 22.90 62.02
N PHE K 1109 35.23 23.37 63.11
CA PHE K 1109 36.07 22.49 63.93
C PHE K 1109 36.35 23.12 65.28
N TYR K 1110 35.91 22.46 66.34
CA TYR K 1110 36.04 23.05 67.66
C TYR K 1110 37.49 23.21 68.06
N GLU K 1111 37.86 24.44 68.34
CA GLU K 1111 39.21 24.81 68.70
C GLU K 1111 39.18 26.11 69.47
N PRO K 1112 38.85 26.06 70.76
CA PRO K 1112 38.47 27.18 71.62
C PRO K 1112 39.66 28.06 71.97
N GLN K 1113 39.75 29.19 71.31
CA GLN K 1113 40.84 30.13 71.56
C GLN K 1113 40.39 31.22 72.51
N ILE K 1114 41.35 31.81 73.21
CA ILE K 1114 41.04 32.96 74.05
C ILE K 1114 40.59 34.12 73.20
N ILE K 1115 39.55 34.81 73.63
CA ILE K 1115 39.05 35.95 72.88
C ILE K 1115 39.95 37.14 73.12
N THR K 1116 40.53 37.65 72.03
CA THR K 1116 41.50 38.72 72.11
C THR K 1116 41.19 39.78 71.06
N THR K 1117 41.85 40.91 71.14
CA THR K 1117 41.67 41.97 70.16
C THR K 1117 42.25 41.59 68.80
N ASP K 1118 43.03 40.52 68.76
CA ASP K 1118 43.66 40.08 67.53
C ASP K 1118 42.80 39.09 66.74
N ASN K 1119 41.68 38.67 67.32
CA ASN K 1119 40.80 37.74 66.63
C ASN K 1119 39.35 38.22 66.64
N THR K 1120 39.18 39.48 67.01
CA THR K 1120 37.89 40.15 66.97
C THR K 1120 38.03 41.51 66.32
N PHE K 1121 36.91 42.14 66.01
CA PHE K 1121 36.89 43.51 65.53
C PHE K 1121 35.74 44.25 66.18
N VAL K 1122 35.84 45.57 66.22
CA VAL K 1122 34.85 46.35 66.93
C VAL K 1122 34.00 47.20 66.00
N SER K 1123 32.69 47.18 66.23
CA SER K 1123 31.78 48.02 65.48
C SER K 1123 30.54 48.35 66.29
N GLY K 1124 30.41 49.62 66.66
CA GLY K 1124 29.25 50.08 67.42
C GLY K 1124 29.40 49.77 68.91
N ASN K 1125 28.41 50.21 69.69
CA ASN K 1125 28.40 49.99 71.12
C ASN K 1125 27.55 48.76 71.48
N CYS K 1126 27.44 48.48 72.78
CA CYS K 1126 26.79 47.26 73.28
C CYS K 1126 25.26 47.36 73.33
N ASP K 1127 24.72 48.50 72.94
CA ASP K 1127 23.28 48.72 73.06
C ASP K 1127 22.54 48.45 71.75
N VAL K 1128 23.24 47.89 70.77
CA VAL K 1128 22.66 47.64 69.47
C VAL K 1128 22.41 46.16 69.19
N VAL K 1129 23.40 45.33 69.52
CA VAL K 1129 23.33 43.91 69.16
C VAL K 1129 22.43 43.12 70.10
N ILE K 1130 21.48 42.38 69.52
CA ILE K 1130 20.55 41.58 70.29
C ILE K 1130 21.21 40.28 70.71
N GLY K 1131 21.25 40.03 72.02
CA GLY K 1131 21.84 38.81 72.53
C GLY K 1131 23.32 38.96 72.86
N ILE K 1132 23.82 40.19 72.83
CA ILE K 1132 25.21 40.44 73.17
C ILE K 1132 25.48 40.09 74.63
N VAL K 1133 26.62 39.47 74.91
CA VAL K 1133 26.95 39.06 76.27
C VAL K 1133 28.19 39.77 76.78
N ASN K 1134 28.27 39.95 78.09
CA ASN K 1134 29.41 40.61 78.75
C ASN K 1134 30.54 39.62 78.99
N ASN K 1135 31.73 39.94 78.48
CA ASN K 1135 32.94 39.14 78.68
C ASN K 1135 34.17 40.03 78.59
N THR K 1136 35.34 39.44 78.77
CA THR K 1136 36.57 40.19 78.70
C THR K 1136 37.32 39.88 77.41
N VAL K 1137 37.71 40.92 76.69
CA VAL K 1137 38.52 40.75 75.50
C VAL K 1137 39.97 41.08 75.80
N TYR K 1138 40.82 40.08 75.70
CA TYR K 1138 42.21 40.20 76.10
C TYR K 1138 43.04 40.99 75.10
N ASP K 1139 43.84 41.91 75.63
CA ASP K 1139 44.76 42.70 74.82
C ASP K 1139 46.21 42.27 75.09
N PRO K 1140 46.86 41.59 74.15
CA PRO K 1140 48.21 41.05 74.21
C PRO K 1140 49.26 42.10 74.58
N LEU K 1141 48.94 43.37 74.40
CA LEU K 1141 49.88 44.45 74.70
C LEU K 1141 49.85 44.85 76.18
N GLN K 1142 48.72 44.62 76.83
CA GLN K 1142 48.52 45.09 78.20
C GLN K 1142 49.55 44.56 79.21
N PRO K 1143 49.98 43.29 79.12
CA PRO K 1143 50.96 42.65 80.00
C PRO K 1143 52.32 43.35 79.93
N GLU K 1144 52.56 44.10 78.86
CA GLU K 1144 53.81 44.83 78.72
C GLU K 1144 53.66 46.30 79.08
N LEU K 1145 52.50 46.89 78.73
CA LEU K 1145 52.19 48.29 79.02
C LEU K 1145 50.93 48.37 79.87
N ILE L 1 -21.84 16.30 -58.51
CA ILE L 1 -20.77 15.52 -59.12
C ILE L 1 -21.29 14.68 -60.29
N VAL L 2 -20.41 14.41 -61.25
CA VAL L 2 -20.70 13.52 -62.37
C VAL L 2 -19.74 12.34 -62.39
N MET L 3 -20.31 11.14 -62.40
CA MET L 3 -19.53 9.91 -62.50
C MET L 3 -19.70 9.32 -63.90
N MET L 4 -18.62 9.29 -64.66
CA MET L 4 -18.71 8.88 -66.06
C MET L 4 -17.92 7.61 -66.33
N GLN L 5 -18.62 6.57 -66.77
CA GLN L 5 -17.95 5.30 -67.05
C GLN L 5 -17.63 5.15 -68.54
N SER L 6 -16.59 4.36 -68.82
CA SER L 6 -16.15 4.14 -70.18
C SER L 6 -15.46 2.78 -70.33
N PRO L 7 -15.68 2.12 -71.47
CA PRO L 7 -16.56 2.43 -72.57
C PRO L 7 -18.00 2.16 -72.20
N GLY L 8 -18.94 2.79 -72.90
CA GLY L 8 -20.36 2.53 -72.66
C GLY L 8 -20.67 1.04 -72.85
N THR L 9 -20.01 0.45 -73.84
CA THR L 9 -20.15 -0.98 -74.10
C THR L 9 -18.78 -1.64 -74.23
N LEU L 10 -18.60 -2.75 -73.54
CA LEU L 10 -17.37 -3.52 -73.60
C LEU L 10 -17.69 -4.92 -74.08
N SER L 11 -16.88 -5.42 -75.02
CA SER L 11 -17.14 -6.74 -75.57
C SER L 11 -15.86 -7.51 -75.82
N LEU L 12 -15.76 -8.67 -75.20
CA LEU L 12 -14.65 -9.58 -75.40
C LEU L 12 -15.02 -10.99 -74.98
N SER L 13 -14.22 -11.97 -75.40
CA SER L 13 -14.51 -13.37 -75.14
C SER L 13 -14.34 -13.73 -73.66
N PRO L 14 -15.09 -14.72 -73.19
CA PRO L 14 -14.92 -15.40 -71.91
C PRO L 14 -13.51 -15.95 -71.81
N GLY L 15 -12.94 -15.88 -70.61
CA GLY L 15 -11.58 -16.37 -70.37
C GLY L 15 -10.57 -15.24 -70.49
N GLU L 16 -10.99 -14.11 -71.07
CA GLU L 16 -10.11 -12.97 -71.24
C GLU L 16 -10.29 -11.95 -70.11
N ARG L 17 -9.50 -10.88 -70.17
CA ARG L 17 -9.52 -9.86 -69.09
C ARG L 17 -10.24 -8.60 -69.58
N ALA L 18 -11.05 -7.98 -68.72
CA ALA L 18 -11.75 -6.74 -69.05
C ALA L 18 -11.41 -5.64 -68.07
N THR L 19 -11.20 -4.43 -68.59
CA THR L 19 -10.97 -3.27 -67.75
C THR L 19 -12.08 -2.24 -67.92
N LEU L 20 -12.70 -1.89 -66.80
CA LEU L 20 -13.78 -0.92 -66.80
C LEU L 20 -13.34 0.35 -66.09
N SER L 21 -13.51 1.50 -66.72
CA SER L 21 -13.05 2.76 -66.13
C SER L 21 -14.21 3.64 -65.67
N CYS L 22 -13.96 4.40 -64.59
CA CYS L 22 -14.90 5.41 -64.09
C CYS L 22 -14.15 6.68 -63.73
N ARG L 23 -14.56 7.78 -64.33
CA ARG L 23 -13.91 9.06 -64.11
C ARG L 23 -14.83 10.01 -63.39
N ALA L 24 -14.25 10.86 -62.54
CA ALA L 24 -15.04 11.82 -61.79
C ALA L 24 -14.76 13.25 -62.22
N SER L 25 -15.78 14.08 -62.19
CA SER L 25 -15.64 15.51 -62.48
C SER L 25 -14.84 16.23 -61.40
N GLN L 26 -14.71 15.58 -60.24
CA GLN L 26 -13.96 16.11 -59.12
C GLN L 26 -13.36 14.97 -58.34
N SER L 27 -12.32 15.24 -57.55
CA SER L 27 -11.66 14.18 -56.81
C SER L 27 -12.63 13.44 -55.90
N VAL L 28 -12.50 12.13 -55.87
CA VAL L 28 -13.31 11.26 -55.03
C VAL L 28 -12.41 10.45 -54.12
N SER L 29 -12.70 10.46 -52.82
CA SER L 29 -11.93 9.67 -51.89
C SER L 29 -12.04 8.20 -52.28
N SER L 30 -10.93 7.47 -52.17
CA SER L 30 -10.96 6.07 -52.54
C SER L 30 -11.92 5.30 -51.65
N SER L 31 -12.08 5.79 -50.43
CA SER L 31 -12.98 5.17 -49.45
C SER L 31 -14.44 5.29 -49.86
N TYR L 32 -14.73 6.21 -50.77
CA TYR L 32 -16.10 6.50 -51.16
C TYR L 32 -16.43 6.01 -52.56
N LEU L 33 -15.57 5.19 -53.15
CA LEU L 33 -15.82 4.68 -54.49
C LEU L 33 -16.16 3.18 -54.45
N ALA L 34 -17.28 2.83 -55.07
CA ALA L 34 -17.71 1.42 -55.08
C ALA L 34 -18.11 0.97 -56.49
N TRP L 35 -18.06 -0.33 -56.72
CA TRP L 35 -18.51 -0.92 -57.98
C TRP L 35 -19.63 -1.92 -57.76
N TYR L 36 -20.62 -1.89 -58.64
CA TYR L 36 -21.76 -2.80 -58.59
C TYR L 36 -21.91 -3.62 -59.85
N GLN L 37 -22.49 -4.80 -59.70
CA GLN L 37 -22.82 -5.67 -60.83
C GLN L 37 -24.31 -5.94 -60.87
N GLN L 38 -24.93 -5.67 -62.01
CA GLN L 38 -26.35 -5.95 -62.16
C GLN L 38 -26.63 -6.87 -63.32
N LYS L 39 -27.04 -8.10 -63.01
CA LYS L 39 -27.39 -9.07 -64.04
C LYS L 39 -28.81 -8.76 -64.52
N PRO L 40 -29.15 -9.15 -65.74
CA PRO L 40 -30.48 -9.00 -66.32
C PRO L 40 -31.54 -9.60 -65.42
N GLY L 41 -32.55 -8.81 -65.09
CA GLY L 41 -33.67 -9.29 -64.28
C GLY L 41 -33.35 -9.36 -62.79
N GLN L 42 -32.17 -8.88 -62.40
CA GLN L 42 -31.75 -8.96 -61.01
C GLN L 42 -31.38 -7.61 -60.42
N ALA L 43 -31.44 -7.50 -59.10
CA ALA L 43 -31.00 -6.30 -58.39
C ALA L 43 -29.47 -6.22 -58.44
N PRO L 44 -28.90 -5.01 -58.36
CA PRO L 44 -27.48 -4.76 -58.26
C PRO L 44 -26.90 -5.40 -57.01
N ARG L 45 -25.66 -5.90 -57.12
CA ARG L 45 -24.95 -6.39 -55.96
C ARG L 45 -23.59 -5.72 -55.86
N LEU L 46 -23.11 -5.56 -54.64
CA LEU L 46 -21.82 -4.92 -54.42
C LEU L 46 -20.67 -5.84 -54.75
N LEU L 47 -19.72 -5.35 -55.52
CA LEU L 47 -18.50 -6.10 -55.81
C LEU L 47 -17.32 -5.51 -55.09
N ILE L 48 -17.09 -4.21 -55.30
CA ILE L 48 -15.94 -3.54 -54.74
C ILE L 48 -16.37 -2.32 -53.94
N TYR L 49 -15.78 -2.13 -52.78
CA TYR L 49 -16.01 -0.92 -52.00
C TYR L 49 -14.68 -0.38 -51.52
N GLY L 50 -14.63 0.91 -51.25
CA GLY L 50 -13.38 1.51 -50.81
C GLY L 50 -12.35 1.47 -51.94
N ALA L 51 -12.84 1.57 -53.16
CA ALA L 51 -12.04 1.50 -54.39
C ALA L 51 -11.53 0.11 -54.70
N SER L 52 -10.99 -0.60 -53.69
CA SER L 52 -10.29 -1.85 -53.96
C SER L 52 -10.76 -3.07 -53.17
N SER L 53 -11.59 -2.88 -52.15
CA SER L 53 -11.94 -4.00 -51.27
C SER L 53 -13.09 -4.83 -51.81
N ARG L 54 -12.93 -6.14 -51.85
CA ARG L 54 -13.99 -7.02 -52.30
C ARG L 54 -15.08 -7.19 -51.26
N ALA L 55 -16.32 -7.22 -51.72
CA ALA L 55 -17.47 -7.50 -50.87
C ALA L 55 -17.52 -8.99 -50.55
N THR L 56 -18.16 -9.34 -49.46
CA THR L 56 -18.29 -10.73 -49.07
C THR L 56 -19.00 -11.54 -50.14
N GLY L 57 -18.42 -12.67 -50.51
CA GLY L 57 -19.01 -13.56 -51.50
C GLY L 57 -18.48 -13.31 -52.90
N ILE L 58 -17.67 -12.28 -53.05
CA ILE L 58 -17.12 -11.92 -54.36
C ILE L 58 -15.80 -12.64 -54.63
N PRO L 59 -15.68 -13.34 -55.76
CA PRO L 59 -14.51 -14.04 -56.24
C PRO L 59 -13.30 -13.12 -56.34
N ASP L 60 -12.11 -13.70 -56.16
CA ASP L 60 -10.86 -12.95 -56.22
C ASP L 60 -10.48 -12.62 -57.66
N ARG L 61 -11.35 -12.98 -58.59
CA ARG L 61 -11.20 -12.62 -59.99
C ARG L 61 -11.48 -11.14 -60.18
N PHE L 62 -12.18 -10.55 -59.20
CA PHE L 62 -12.53 -9.14 -59.25
C PHE L 62 -11.60 -8.32 -58.38
N SER L 63 -11.14 -7.20 -58.90
CA SER L 63 -10.32 -6.29 -58.13
C SER L 63 -10.56 -4.86 -58.58
N GLY L 64 -10.23 -3.92 -57.72
CA GLY L 64 -10.37 -2.51 -58.06
C GLY L 64 -9.17 -1.72 -57.62
N SER L 65 -9.03 -0.53 -58.19
CA SER L 65 -7.96 0.38 -57.82
C SER L 65 -8.25 1.78 -58.31
N GLY L 66 -7.48 2.74 -57.85
CA GLY L 66 -7.62 4.10 -58.35
C GLY L 66 -7.62 5.14 -57.25
N SER L 67 -7.61 6.39 -57.65
CA SER L 67 -7.58 7.52 -56.73
C SER L 67 -7.98 8.78 -57.46
N GLY L 68 -8.22 9.85 -56.73
CA GLY L 68 -8.49 11.13 -57.38
C GLY L 68 -9.72 11.03 -58.27
N THR L 69 -9.52 11.24 -59.56
CA THR L 69 -10.62 11.24 -60.51
C THR L 69 -10.58 10.06 -61.47
N ASP L 70 -9.76 9.05 -61.18
CA ASP L 70 -9.63 7.92 -62.09
C ASP L 70 -9.61 6.58 -61.36
N PHE L 71 -10.70 5.83 -61.51
CA PHE L 71 -10.85 4.51 -60.88
C PHE L 71 -11.15 3.44 -61.90
N THR L 72 -10.72 2.21 -61.63
CA THR L 72 -11.00 1.11 -62.53
C THR L 72 -11.47 -0.15 -61.81
N LEU L 73 -12.18 -0.99 -62.54
CA LEU L 73 -12.56 -2.32 -62.12
C LEU L 73 -11.96 -3.34 -63.07
N THR L 74 -11.29 -4.34 -62.52
CA THR L 74 -10.64 -5.34 -63.36
C THR L 74 -11.22 -6.72 -63.13
N ILE L 75 -11.55 -7.39 -64.23
CA ILE L 75 -11.97 -8.78 -64.19
C ILE L 75 -10.90 -9.61 -64.86
N SER L 76 -10.11 -10.34 -64.07
CA SER L 76 -8.92 -11.00 -64.61
C SER L 76 -9.27 -12.08 -65.63
N ARG L 77 -10.35 -12.79 -65.37
CA ARG L 77 -10.86 -13.82 -66.27
C ARG L 77 -12.37 -13.76 -66.30
N LEU L 78 -12.94 -13.55 -67.48
CA LEU L 78 -14.39 -13.44 -67.56
C LEU L 78 -15.08 -14.78 -67.67
N GLU L 79 -16.09 -14.95 -66.84
CA GLU L 79 -16.96 -16.12 -66.88
C GLU L 79 -18.30 -15.68 -67.45
N PRO L 80 -19.12 -16.61 -67.95
CA PRO L 80 -20.43 -16.36 -68.51
C PRO L 80 -21.30 -15.47 -67.61
N GLU L 81 -21.11 -15.57 -66.30
CA GLU L 81 -21.91 -14.82 -65.35
C GLU L 81 -21.41 -13.38 -65.16
N ASP L 82 -20.30 -13.05 -65.79
CA ASP L 82 -19.73 -11.72 -65.66
C ASP L 82 -20.22 -10.78 -66.74
N PHE L 83 -20.99 -11.30 -67.69
CA PHE L 83 -21.43 -10.47 -68.80
C PHE L 83 -22.70 -9.71 -68.44
N ALA L 84 -22.52 -8.73 -67.57
CA ALA L 84 -23.61 -7.94 -67.00
C ALA L 84 -23.28 -6.46 -67.04
N VAL L 85 -24.16 -5.65 -66.47
CA VAL L 85 -23.93 -4.20 -66.42
C VAL L 85 -23.24 -3.82 -65.12
N TYR L 86 -22.16 -3.06 -65.24
CA TYR L 86 -21.42 -2.63 -64.07
C TYR L 86 -21.58 -1.15 -63.83
N TYR L 87 -21.69 -0.77 -62.57
CA TYR L 87 -21.83 0.62 -62.21
C TYR L 87 -20.74 1.04 -61.25
N CYS L 88 -20.31 2.30 -61.33
CA CYS L 88 -19.48 2.90 -60.30
C CYS L 88 -20.35 3.81 -59.46
N GLN L 89 -20.07 3.87 -58.17
CA GLN L 89 -20.84 4.67 -57.26
C GLN L 89 -19.95 5.49 -56.34
N GLN L 90 -20.36 6.73 -56.11
CA GLN L 90 -19.60 7.65 -55.29
C GLN L 90 -20.43 8.20 -54.15
N TYR L 91 -19.79 8.41 -53.01
CA TYR L 91 -20.43 9.14 -51.93
C TYR L 91 -19.74 10.47 -51.67
N GLY L 92 -20.53 11.50 -51.42
CA GLY L 92 -20.02 12.79 -50.98
C GLY L 92 -21.14 13.81 -50.86
N SER L 93 -20.89 14.88 -50.13
CA SER L 93 -21.89 15.92 -49.93
C SER L 93 -23.22 15.34 -49.46
N SER L 94 -23.14 14.33 -48.59
CA SER L 94 -24.31 13.65 -48.06
C SER L 94 -25.24 13.15 -49.16
N ALA L 95 -24.66 12.64 -50.26
CA ALA L 95 -25.44 12.10 -51.35
C ALA L 95 -24.71 10.95 -52.02
N TRP L 96 -25.48 10.07 -52.64
CA TRP L 96 -24.93 8.91 -53.34
C TRP L 96 -25.22 9.03 -54.83
N THR L 97 -24.17 8.92 -55.64
CA THR L 97 -24.29 9.08 -57.08
C THR L 97 -23.77 7.86 -57.84
N PHE L 98 -24.52 7.44 -58.85
CA PHE L 98 -24.11 6.31 -59.67
C PHE L 98 -23.71 6.79 -61.06
N GLY L 99 -22.82 6.05 -61.70
CA GLY L 99 -22.48 6.30 -63.09
C GLY L 99 -23.60 5.79 -63.99
N GLN L 100 -23.47 5.98 -65.30
CA GLN L 100 -24.53 5.60 -66.22
C GLN L 100 -24.57 4.08 -66.41
N GLY L 101 -23.47 3.43 -66.07
CA GLY L 101 -23.35 1.99 -66.21
C GLY L 101 -22.75 1.59 -67.54
N THR L 102 -22.01 0.49 -67.55
CA THR L 102 -21.46 -0.04 -68.78
C THR L 102 -21.78 -1.51 -68.91
N LYS L 103 -22.04 -1.96 -70.13
CA LYS L 103 -22.40 -3.36 -70.35
C LYS L 103 -21.23 -4.16 -70.90
N VAL L 104 -20.90 -5.27 -70.24
CA VAL L 104 -19.84 -6.17 -70.68
C VAL L 104 -20.37 -7.16 -71.71
N VAL M 1 -28.36 -12.04 -44.47
CA VAL M 1 -29.08 -10.79 -44.69
C VAL M 1 -30.00 -10.92 -45.90
N GLN M 2 -31.30 -10.66 -45.68
CA GLN M 2 -32.31 -10.69 -46.73
C GLN M 2 -33.14 -9.41 -46.71
N LEU M 3 -33.50 -8.95 -47.89
CA LEU M 3 -34.40 -7.82 -48.04
C LEU M 3 -35.52 -8.19 -48.99
N VAL M 4 -36.76 -8.16 -48.50
CA VAL M 4 -37.90 -8.58 -49.30
C VAL M 4 -38.90 -7.45 -49.50
N GLN M 5 -39.08 -7.06 -50.74
CA GLN M 5 -39.95 -5.95 -51.09
C GLN M 5 -41.33 -6.43 -51.53
N SER M 6 -42.28 -5.49 -51.53
CA SER M 6 -43.65 -5.76 -51.98
C SER M 6 -43.69 -6.06 -53.47
N GLY M 7 -44.87 -6.45 -53.96
CA GLY M 7 -45.03 -6.79 -55.36
C GLY M 7 -45.18 -5.54 -56.22
N ALA M 8 -45.30 -5.73 -57.53
CA ALA M 8 -45.39 -4.63 -58.48
C ALA M 8 -46.72 -3.89 -58.34
N GLU M 9 -46.70 -2.61 -58.69
CA GLU M 9 -47.89 -1.76 -58.60
C GLU M 9 -48.14 -1.01 -59.90
N VAL M 10 -49.40 -0.75 -60.20
CA VAL M 10 -49.77 0.07 -61.34
C VAL M 10 -50.65 1.23 -60.89
N LYS M 11 -50.20 2.45 -61.16
CA LYS M 11 -50.88 3.64 -60.67
C LYS M 11 -51.17 4.64 -61.78
N LYS M 12 -52.18 5.47 -61.57
CA LYS M 12 -52.45 6.57 -62.47
C LYS M 12 -51.68 7.80 -62.01
N PRO M 13 -51.28 8.69 -62.92
CA PRO M 13 -50.64 9.96 -62.63
C PRO M 13 -51.43 10.74 -61.60
N GLY M 14 -50.73 11.26 -60.60
CA GLY M 14 -51.34 12.00 -59.50
C GLY M 14 -51.55 11.11 -58.27
N ALA M 15 -51.43 9.80 -58.48
CA ALA M 15 -51.60 8.82 -57.40
C ALA M 15 -50.34 8.70 -56.56
N SER M 16 -50.47 8.04 -55.42
CA SER M 16 -49.31 7.75 -54.59
C SER M 16 -49.09 6.25 -54.46
N VAL M 17 -47.83 5.84 -54.34
CA VAL M 17 -47.48 4.44 -54.14
C VAL M 17 -46.62 4.25 -52.91
N LYS M 18 -46.90 3.22 -52.14
CA LYS M 18 -46.07 2.90 -51.00
C LYS M 18 -45.43 1.53 -51.15
N VAL M 19 -44.10 1.51 -51.23
CA VAL M 19 -43.36 0.28 -51.41
C VAL M 19 -42.69 -0.14 -50.10
N SER M 20 -42.98 -1.35 -49.66
CA SER M 20 -42.41 -1.84 -48.42
C SER M 20 -41.12 -2.64 -48.66
N CYS M 21 -40.32 -2.80 -47.61
CA CYS M 21 -39.12 -3.64 -47.63
C CYS M 21 -38.89 -4.27 -46.26
N LYS M 22 -39.14 -5.58 -46.17
CA LYS M 22 -38.97 -6.29 -44.92
C LYS M 22 -37.55 -6.83 -44.82
N ALA M 23 -36.89 -6.51 -43.71
CA ALA M 23 -35.50 -6.90 -43.53
C ALA M 23 -35.38 -8.04 -42.53
N SER M 24 -34.40 -8.90 -42.72
CA SER M 24 -34.13 -9.96 -41.76
C SER M 24 -32.67 -10.39 -41.80
N GLY M 25 -32.22 -11.03 -40.73
CA GLY M 25 -30.87 -11.58 -40.67
C GLY M 25 -29.87 -10.62 -40.03
N TYR M 26 -30.35 -9.47 -39.59
CA TYR M 26 -29.47 -8.48 -38.98
C TYR M 26 -30.24 -7.53 -38.06
N THR M 27 -29.50 -6.76 -37.26
CA THR M 27 -30.12 -5.76 -36.41
C THR M 27 -30.67 -4.64 -37.27
N PHE M 28 -32.00 -4.56 -37.35
CA PHE M 28 -32.66 -3.65 -38.27
C PHE M 28 -32.25 -2.20 -38.05
N THR M 29 -32.20 -1.78 -36.80
CA THR M 29 -31.94 -0.40 -36.45
C THR M 29 -30.46 -0.06 -36.50
N GLY M 30 -29.64 -1.05 -36.83
CA GLY M 30 -28.20 -0.86 -36.88
C GLY M 30 -27.75 -0.32 -38.23
N TYR M 31 -28.68 -0.25 -39.18
CA TYR M 31 -28.36 0.17 -40.53
C TYR M 31 -29.32 1.20 -41.08
N TYR M 32 -28.87 1.98 -42.05
CA TYR M 32 -29.75 2.88 -42.77
C TYR M 32 -30.41 2.12 -43.90
N MET M 33 -31.67 2.41 -44.15
CA MET M 33 -32.33 1.82 -45.29
C MET M 33 -32.47 2.84 -46.40
N HIS M 34 -31.81 2.57 -47.52
CA HIS M 34 -31.80 3.48 -48.65
C HIS M 34 -32.74 3.00 -49.72
N TRP M 35 -33.25 3.95 -50.49
CA TRP M 35 -34.04 3.60 -51.66
C TRP M 35 -33.38 4.13 -52.92
N VAL M 36 -33.31 3.26 -53.92
CA VAL M 36 -32.69 3.56 -55.20
C VAL M 36 -33.63 3.20 -56.34
N ARG M 37 -33.80 4.12 -57.28
CA ARG M 37 -34.72 3.93 -58.39
C ARG M 37 -33.99 3.61 -59.69
N GLN M 38 -34.59 2.78 -60.53
CA GLN M 38 -34.03 2.51 -61.85
C GLN M 38 -35.09 2.50 -62.93
N ALA M 39 -35.20 3.62 -63.65
CA ALA M 39 -36.15 3.71 -64.76
C ALA M 39 -35.67 2.79 -65.88
N PRO M 40 -36.57 2.26 -66.71
CA PRO M 40 -36.27 1.37 -67.82
C PRO M 40 -35.20 1.95 -68.73
N GLY M 41 -34.15 1.18 -68.94
CA GLY M 41 -33.06 1.59 -69.84
C GLY M 41 -32.11 2.59 -69.18
N GLN M 42 -32.34 2.91 -67.91
CA GLN M 42 -31.54 3.89 -67.22
C GLN M 42 -30.66 3.27 -66.14
N GLY M 43 -29.84 4.10 -65.51
CA GLY M 43 -28.97 3.65 -64.44
C GLY M 43 -29.65 3.78 -63.09
N LEU M 44 -28.87 3.69 -62.03
CA LEU M 44 -29.40 3.72 -60.67
C LEU M 44 -29.42 5.13 -60.12
N GLU M 45 -30.51 5.52 -59.49
CA GLU M 45 -30.66 6.84 -58.90
C GLU M 45 -31.00 6.77 -57.43
N TRP M 46 -30.18 7.38 -56.58
CA TRP M 46 -30.45 7.37 -55.15
C TRP M 46 -31.59 8.32 -54.80
N MET M 47 -32.53 7.85 -53.99
CA MET M 47 -33.70 8.65 -53.63
C MET M 47 -33.57 9.27 -52.25
N GLY M 48 -33.05 8.50 -51.30
CA GLY M 48 -33.00 8.93 -49.92
C GLY M 48 -32.78 7.76 -48.97
N TRP M 49 -32.76 8.05 -47.67
CA TRP M 49 -32.63 7.02 -46.65
C TRP M 49 -33.43 7.32 -45.40
N ILE M 50 -33.70 6.26 -44.65
CA ILE M 50 -34.31 6.38 -43.34
C ILE M 50 -33.51 5.62 -42.29
N ASN M 51 -33.42 6.19 -41.09
CA ASN M 51 -32.75 5.59 -39.96
C ASN M 51 -33.79 5.11 -38.93
N PRO M 52 -34.15 3.82 -38.95
CA PRO M 52 -35.24 3.19 -38.21
C PRO M 52 -35.21 3.48 -36.71
N ILE M 53 -34.02 3.69 -36.15
CA ILE M 53 -33.89 3.94 -34.72
C ILE M 53 -34.57 5.23 -34.30
N SER M 54 -34.60 6.21 -35.19
CA SER M 54 -35.16 7.50 -34.87
C SER M 54 -36.16 7.95 -35.93
N SER M 55 -36.29 7.14 -36.97
CA SER M 55 -37.12 7.48 -38.11
C SER M 55 -36.67 8.80 -38.72
N GLY M 56 -35.36 9.00 -38.77
CA GLY M 56 -34.81 10.21 -39.36
C GLY M 56 -34.57 9.97 -40.83
N THR M 57 -34.74 11.00 -41.65
CA THR M 57 -34.61 10.80 -43.08
C THR M 57 -33.77 11.87 -43.76
N SER M 58 -33.35 11.55 -44.97
CA SER M 58 -32.74 12.50 -45.88
C SER M 58 -33.10 12.13 -47.30
N TYR M 59 -33.41 13.12 -48.12
CA TYR M 59 -33.85 12.85 -49.48
C TYR M 59 -32.99 13.59 -50.50
N ALA M 60 -32.89 13.00 -51.68
CA ALA M 60 -32.28 13.70 -52.81
C ALA M 60 -33.16 14.87 -53.20
N GLN M 61 -32.55 15.97 -53.63
CA GLN M 61 -33.30 17.16 -54.02
C GLN M 61 -34.31 16.86 -55.12
N THR M 62 -34.05 15.80 -55.87
CA THR M 62 -34.92 15.38 -56.95
C THR M 62 -36.28 14.93 -56.45
N PHE M 63 -36.29 14.24 -55.30
CA PHE M 63 -37.52 13.64 -54.78
C PHE M 63 -38.04 14.38 -53.56
N GLN M 64 -37.20 15.24 -52.99
CA GLN M 64 -37.59 15.95 -51.78
C GLN M 64 -38.88 16.72 -52.03
N GLY M 65 -39.85 16.52 -51.15
CA GLY M 65 -41.16 17.17 -51.28
C GLY M 65 -42.20 16.23 -51.88
N ARG M 66 -41.74 15.12 -52.48
CA ARG M 66 -42.65 14.15 -53.05
C ARG M 66 -42.57 12.82 -52.32
N VAL M 67 -41.39 12.49 -51.79
CA VAL M 67 -41.21 11.20 -51.16
C VAL M 67 -41.12 11.31 -49.65
N THR M 68 -41.84 10.41 -48.98
CA THR M 68 -41.78 10.30 -47.53
C THR M 68 -41.39 8.88 -47.15
N MET M 69 -40.35 8.75 -46.34
CA MET M 69 -39.92 7.44 -45.89
C MET M 69 -40.27 7.22 -44.44
N THR M 70 -40.81 6.04 -44.15
CA THR M 70 -41.18 5.67 -42.80
C THR M 70 -40.70 4.26 -42.51
N SER M 71 -40.80 3.84 -41.26
CA SER M 71 -40.42 2.49 -40.90
C SER M 71 -41.13 2.03 -39.64
N ASP M 72 -41.16 0.72 -39.45
CA ASP M 72 -41.72 0.13 -38.25
C ASP M 72 -40.82 -0.99 -37.75
N THR M 73 -40.12 -0.72 -36.65
CA THR M 73 -39.10 -1.64 -36.16
C THR M 73 -39.69 -2.92 -35.61
N SER M 74 -40.97 -2.89 -35.23
CA SER M 74 -41.58 -4.06 -34.62
C SER M 74 -41.74 -5.19 -35.63
N ILE M 75 -41.74 -4.84 -36.91
CA ILE M 75 -41.82 -5.81 -37.99
C ILE M 75 -40.65 -5.65 -38.94
N THR M 76 -39.60 -4.99 -38.44
CA THR M 76 -38.40 -4.68 -39.22
C THR M 76 -38.71 -4.41 -40.68
N THR M 77 -39.60 -3.46 -40.93
CA THR M 77 -39.98 -3.11 -42.30
C THR M 77 -39.84 -1.62 -42.58
N ALA M 78 -39.25 -1.30 -43.71
CA ALA M 78 -39.14 0.07 -44.17
C ALA M 78 -40.13 0.35 -45.28
N TYR M 79 -40.58 1.60 -45.38
CA TYR M 79 -41.53 1.99 -46.41
C TYR M 79 -41.07 3.24 -47.15
N MET M 80 -41.34 3.28 -48.44
CA MET M 80 -41.11 4.47 -49.24
C MET M 80 -42.38 4.88 -49.97
N GLU M 81 -42.91 6.05 -49.63
CA GLU M 81 -44.13 6.54 -50.25
C GLU M 81 -43.85 7.69 -51.20
N LEU M 82 -44.09 7.47 -52.48
CA LEU M 82 -43.84 8.51 -53.48
C LEU M 82 -45.15 9.07 -54.00
N SER M 83 -45.41 10.34 -53.68
CA SER M 83 -46.66 10.98 -54.03
C SER M 83 -46.57 11.73 -55.34
N ARG M 84 -47.73 12.16 -55.85
CA ARG M 84 -47.80 12.93 -57.08
C ARG M 84 -47.06 12.24 -58.22
N LEU M 85 -47.34 10.94 -58.38
CA LEU M 85 -46.67 10.15 -59.39
C LEU M 85 -46.88 10.69 -60.79
N ARG M 86 -45.81 10.70 -61.57
CA ARG M 86 -45.85 11.12 -62.95
C ARG M 86 -45.45 9.96 -63.86
N SER M 87 -45.71 10.09 -65.15
CA SER M 87 -45.40 9.00 -66.07
C SER M 87 -43.91 8.67 -66.11
N ASP M 88 -43.08 9.65 -65.77
CA ASP M 88 -41.63 9.44 -65.79
C ASP M 88 -41.13 8.81 -64.50
N ASP M 89 -42.06 8.46 -63.62
CA ASP M 89 -41.71 7.74 -62.40
C ASP M 89 -41.82 6.24 -62.60
N THR M 90 -42.13 5.82 -63.82
CA THR M 90 -42.14 4.39 -64.09
C THR M 90 -40.74 3.86 -63.93
N ALA M 91 -40.56 2.97 -62.96
CA ALA M 91 -39.22 2.52 -62.61
C ALA M 91 -39.26 1.31 -61.70
N VAL M 92 -38.12 0.64 -61.60
CA VAL M 92 -37.94 -0.40 -60.60
C VAL M 92 -37.31 0.20 -59.35
N TYR M 93 -37.98 0.02 -58.22
CA TYR M 93 -37.50 0.59 -56.98
C TYR M 93 -36.83 -0.47 -56.12
N TYR M 94 -35.67 -0.13 -55.58
CA TYR M 94 -34.94 -1.05 -54.73
C TYR M 94 -34.79 -0.48 -53.34
N CYS M 95 -34.80 -1.35 -52.33
CA CYS M 95 -34.34 -0.99 -51.00
C CYS M 95 -32.93 -1.55 -50.84
N ALA M 96 -32.09 -0.82 -50.14
CA ALA M 96 -30.72 -1.28 -49.97
C ALA M 96 -30.19 -0.90 -48.60
N ARG M 97 -29.31 -1.73 -48.07
CA ARG M 97 -28.76 -1.52 -46.75
C ARG M 97 -27.39 -0.87 -46.82
N ALA M 98 -27.15 0.06 -45.92
CA ALA M 98 -25.83 0.68 -45.74
C ALA M 98 -25.60 1.00 -44.29
N ALA M 99 -24.34 1.08 -43.88
CA ALA M 99 -24.03 1.39 -42.49
C ALA M 99 -24.46 2.83 -42.21
N PRO M 100 -24.69 3.17 -40.94
CA PRO M 100 -24.98 4.50 -40.46
C PRO M 100 -23.76 5.39 -40.57
N PHE M 101 -23.96 6.69 -40.50
CA PHE M 101 -22.88 7.64 -40.69
C PHE M 101 -21.80 7.58 -39.63
N TYR M 102 -22.04 6.86 -38.55
CA TYR M 102 -21.04 6.76 -37.50
C TYR M 102 -20.11 5.59 -37.69
N ASP M 103 -20.27 4.87 -38.78
CA ASP M 103 -19.41 3.72 -39.06
C ASP M 103 -17.99 4.18 -39.35
N PHE M 104 -17.05 3.68 -38.56
CA PHE M 104 -15.66 4.10 -38.63
C PHE M 104 -15.06 3.88 -40.01
N TRP M 105 -15.36 2.73 -40.62
CA TRP M 105 -14.75 2.38 -41.90
C TRP M 105 -15.61 2.73 -43.09
N SER M 106 -16.42 3.78 -42.94
CA SER M 106 -17.19 4.35 -44.05
C SER M 106 -18.09 3.36 -44.76
N GLY M 107 -18.77 2.51 -44.00
CA GLY M 107 -19.69 1.53 -44.57
C GLY M 107 -20.97 2.19 -45.07
N TYR M 108 -21.09 3.49 -44.80
CA TYR M 108 -22.25 4.25 -45.21
C TYR M 108 -22.10 4.76 -46.63
N SER M 109 -20.88 4.67 -47.15
CA SER M 109 -20.58 5.24 -48.46
C SER M 109 -21.05 4.36 -49.59
N TYR M 110 -21.51 3.16 -49.26
CA TYR M 110 -21.95 2.20 -50.25
C TYR M 110 -23.08 1.32 -49.73
N PHE M 111 -23.75 0.63 -50.63
CA PHE M 111 -24.87 -0.24 -50.30
C PHE M 111 -24.46 -1.69 -50.45
N ASP M 112 -24.44 -2.44 -49.36
CA ASP M 112 -23.92 -3.80 -49.41
C ASP M 112 -24.99 -4.85 -49.67
N TYR M 113 -26.24 -4.53 -49.36
CA TYR M 113 -27.32 -5.47 -49.61
C TYR M 113 -28.49 -4.80 -50.32
N TRP M 114 -29.08 -5.53 -51.26
CA TRP M 114 -30.19 -5.03 -52.04
C TRP M 114 -31.36 -6.00 -52.01
N GLY M 115 -32.58 -5.48 -52.03
CA GLY M 115 -33.76 -6.32 -52.15
C GLY M 115 -34.08 -6.54 -53.62
N GLN M 116 -35.13 -7.30 -53.89
CA GLN M 116 -35.52 -7.52 -55.27
C GLN M 116 -36.23 -6.28 -55.76
N GLY M 117 -36.00 -5.90 -57.00
CA GLY M 117 -36.60 -4.68 -57.51
C GLY M 117 -38.12 -4.79 -57.56
N THR M 118 -38.78 -3.69 -57.22
CA THR M 118 -40.23 -3.62 -57.29
C THR M 118 -40.65 -2.65 -58.37
N LEU M 119 -41.33 -3.17 -59.39
CA LEU M 119 -41.71 -2.34 -60.51
C LEU M 119 -42.98 -1.56 -60.23
N VAL M 120 -42.91 -0.26 -60.45
CA VAL M 120 -44.07 0.61 -60.36
C VAL M 120 -44.31 1.28 -61.71
N THR M 121 -45.50 1.08 -62.26
CA THR M 121 -45.84 1.65 -63.56
C THR M 121 -46.82 2.81 -63.38
N VAL M 122 -46.56 3.93 -64.05
CA VAL M 122 -47.41 5.11 -63.97
C VAL M 122 -47.77 5.61 -65.36
N VAL N 1 -19.49 -80.02 44.31
CA VAL N 1 -19.72 -79.69 42.91
C VAL N 1 -20.43 -80.84 42.20
N GLN N 2 -21.63 -80.57 41.68
CA GLN N 2 -22.41 -81.55 40.92
C GLN N 2 -23.00 -80.93 39.66
N LEU N 3 -22.85 -81.63 38.55
CA LEU N 3 -23.40 -81.19 37.27
C LEU N 3 -24.37 -82.24 36.73
N VAL N 4 -25.61 -81.84 36.48
CA VAL N 4 -26.62 -82.80 36.05
C VAL N 4 -27.21 -82.46 34.68
N GLU N 5 -26.91 -83.29 33.68
CA GLU N 5 -27.43 -83.10 32.34
C GLU N 5 -28.86 -83.63 32.21
N SER N 6 -29.63 -83.01 31.32
CA SER N 6 -30.95 -83.49 30.96
C SER N 6 -31.34 -82.98 29.58
N GLY N 7 -32.44 -83.52 29.04
CA GLY N 7 -32.98 -83.03 27.76
C GLY N 7 -32.58 -83.90 26.57
N GLY N 8 -31.80 -84.95 26.84
CA GLY N 8 -31.38 -85.85 25.77
C GLY N 8 -32.55 -86.66 25.25
N GLY N 9 -32.45 -87.14 24.02
CA GLY N 9 -33.52 -87.93 23.42
C GLY N 9 -33.20 -88.30 21.98
N VAL N 10 -34.22 -88.79 21.26
CA VAL N 10 -34.05 -89.21 19.89
C VAL N 10 -34.84 -88.33 18.94
N VAL N 11 -34.14 -87.74 17.96
CA VAL N 11 -34.77 -86.85 16.99
C VAL N 11 -34.39 -87.22 15.57
N GLN N 12 -35.14 -86.71 14.60
CA GLN N 12 -34.80 -86.88 13.20
C GLN N 12 -33.85 -85.77 12.76
N PRO N 13 -33.04 -86.00 11.73
CA PRO N 13 -32.20 -85.02 11.08
C PRO N 13 -33.02 -83.80 10.67
N GLY N 14 -32.50 -82.62 10.98
CA GLY N 14 -33.16 -81.38 10.64
C GLY N 14 -33.95 -80.81 11.81
N ARG N 15 -34.20 -81.64 12.82
CA ARG N 15 -34.96 -81.19 13.98
C ARG N 15 -34.07 -80.60 15.06
N SER N 16 -34.69 -79.91 16.01
CA SER N 16 -33.99 -79.27 17.12
C SER N 16 -34.08 -80.07 18.41
N LEU N 17 -33.06 -79.95 19.24
CA LEU N 17 -33.08 -80.51 20.59
C LEU N 17 -32.32 -79.62 21.56
N ARG N 18 -32.91 -79.36 22.73
CA ARG N 18 -32.27 -78.51 23.72
C ARG N 18 -31.81 -79.31 24.94
N LEU N 19 -30.54 -79.17 25.29
CA LEU N 19 -29.99 -79.81 26.47
C LEU N 19 -29.87 -78.81 27.61
N SER N 20 -29.93 -79.31 28.82
CA SER N 20 -29.79 -78.49 30.02
C SER N 20 -28.91 -79.18 31.06
N CYS N 21 -28.01 -78.42 31.68
CA CYS N 21 -27.14 -78.91 32.75
C CYS N 21 -27.29 -78.04 34.00
N ALA N 22 -27.87 -78.63 35.03
CA ALA N 22 -28.08 -77.93 36.29
C ALA N 22 -26.84 -78.04 37.15
N ALA N 23 -26.39 -76.91 37.68
CA ALA N 23 -25.17 -76.89 38.48
C ALA N 23 -25.48 -76.60 39.94
N SER N 24 -24.77 -77.26 40.83
CA SER N 24 -24.89 -76.99 42.26
C SER N 24 -23.58 -77.26 42.99
N GLY N 25 -23.44 -76.68 44.17
CA GLY N 25 -22.27 -76.92 45.01
C GLY N 25 -21.19 -75.87 44.82
N PHE N 26 -21.40 -74.93 43.92
CA PHE N 26 -20.42 -73.88 43.67
C PHE N 26 -21.05 -72.63 43.09
N THR N 27 -20.27 -71.55 43.07
CA THR N 27 -20.75 -70.30 42.52
C THR N 27 -20.74 -70.35 41.00
N PHE N 28 -21.83 -70.86 40.44
CA PHE N 28 -21.97 -71.09 39.01
C PHE N 28 -21.56 -69.85 38.21
N SER N 29 -21.96 -68.68 38.68
CA SER N 29 -21.74 -67.43 37.95
C SER N 29 -20.26 -67.04 37.83
N SER N 30 -19.39 -67.75 38.55
CA SER N 30 -17.96 -67.45 38.52
C SER N 30 -17.18 -68.37 37.58
N TYR N 31 -17.84 -69.38 37.05
CA TYR N 31 -17.13 -70.36 36.24
C TYR N 31 -17.63 -70.41 34.81
N GLY N 32 -16.70 -70.61 33.88
CA GLY N 32 -17.05 -70.87 32.51
C GLY N 32 -17.50 -72.31 32.37
N MET N 33 -18.27 -72.60 31.33
CA MET N 33 -18.79 -73.95 31.15
C MET N 33 -18.56 -74.45 29.73
N HIS N 34 -18.37 -75.76 29.62
CA HIS N 34 -18.13 -76.40 28.33
C HIS N 34 -19.11 -77.51 28.05
N TRP N 35 -19.33 -77.77 26.76
CA TRP N 35 -19.96 -79.01 26.34
C TRP N 35 -18.96 -79.82 25.53
N VAL N 36 -18.90 -81.11 25.84
CA VAL N 36 -18.03 -82.06 25.14
C VAL N 36 -18.87 -83.26 24.76
N ARG N 37 -18.70 -83.75 23.53
CA ARG N 37 -19.51 -84.88 23.12
C ARG N 37 -18.66 -86.05 22.71
N GLN N 38 -19.18 -87.25 22.93
CA GLN N 38 -18.47 -88.45 22.57
C GLN N 38 -19.37 -89.46 21.88
N ALA N 39 -19.17 -89.63 20.57
CA ALA N 39 -19.91 -90.63 19.83
C ALA N 39 -19.45 -92.00 20.29
N PRO N 40 -20.33 -93.01 20.30
CA PRO N 40 -20.03 -94.38 20.62
C PRO N 40 -18.84 -94.88 19.80
N GLY N 41 -17.83 -95.40 20.49
CA GLY N 41 -16.65 -95.95 19.83
C GLY N 41 -15.64 -94.86 19.45
N LYS N 42 -15.95 -93.61 19.77
CA LYS N 42 -15.08 -92.50 19.41
C LYS N 42 -14.49 -91.82 20.63
N GLY N 43 -13.56 -90.90 20.39
CA GLY N 43 -12.92 -90.16 21.47
C GLY N 43 -13.71 -88.93 21.84
N LEU N 44 -13.11 -88.09 22.69
CA LEU N 44 -13.79 -86.89 23.17
C LEU N 44 -13.65 -85.75 22.17
N GLU N 45 -14.76 -85.10 21.85
CA GLU N 45 -14.72 -83.95 20.97
C GLU N 45 -15.32 -82.73 21.64
N TRP N 46 -14.54 -81.66 21.73
CA TRP N 46 -15.02 -80.43 22.33
C TRP N 46 -16.04 -79.76 21.42
N VAL N 47 -17.14 -79.29 22.00
CA VAL N 47 -18.20 -78.71 21.20
C VAL N 47 -18.27 -77.19 21.35
N THR N 48 -18.34 -76.72 22.58
CA THR N 48 -18.55 -75.29 22.81
C THR N 48 -18.22 -74.84 24.23
N VAL N 49 -17.87 -73.56 24.36
CA VAL N 49 -17.62 -72.94 25.65
C VAL N 49 -18.39 -71.64 25.80
N ILE N 50 -18.84 -71.37 27.01
CA ILE N 50 -19.43 -70.08 27.34
C ILE N 50 -18.74 -69.51 28.57
N TRP N 51 -18.44 -68.22 28.53
CA TRP N 51 -17.76 -67.56 29.64
C TRP N 51 -18.68 -67.36 30.83
N TYR N 52 -18.08 -67.21 31.99
CA TYR N 52 -18.80 -67.07 33.25
C TYR N 52 -19.96 -66.08 33.21
N ASP N 53 -19.78 -64.97 32.49
CA ASP N 53 -20.83 -63.95 32.43
C ASP N 53 -21.58 -63.98 31.11
N GLY N 54 -21.27 -64.96 30.27
CA GLY N 54 -21.93 -65.11 28.98
C GLY N 54 -21.41 -64.11 27.95
N SER N 55 -20.37 -63.35 28.30
CA SER N 55 -19.87 -62.30 27.42
C SER N 55 -19.27 -62.88 26.14
N ASN N 56 -18.69 -64.07 26.23
CA ASN N 56 -18.08 -64.70 25.07
C ASN N 56 -18.48 -66.16 24.96
N ARG N 57 -18.58 -66.64 23.74
CA ARG N 57 -18.84 -68.05 23.49
C ARG N 57 -18.18 -68.49 22.20
N TYR N 58 -17.61 -69.69 22.21
CA TYR N 58 -16.94 -70.22 21.04
C TYR N 58 -17.45 -71.62 20.70
N TYR N 59 -17.38 -71.97 19.43
CA TYR N 59 -17.87 -73.27 18.98
C TYR N 59 -16.84 -73.99 18.14
N ALA N 60 -16.89 -75.32 18.18
CA ALA N 60 -16.12 -76.12 17.27
C ALA N 60 -16.65 -75.90 15.85
N ASP N 61 -15.77 -75.96 14.86
CA ASP N 61 -16.19 -75.70 13.49
C ASP N 61 -17.32 -76.61 13.05
N SER N 62 -17.31 -77.85 13.51
CA SER N 62 -18.27 -78.85 13.08
C SER N 62 -19.70 -78.55 13.50
N VAL N 63 -19.87 -77.65 14.47
CA VAL N 63 -21.20 -77.30 14.96
C VAL N 63 -21.47 -75.81 14.82
N LYS N 64 -20.53 -75.11 14.19
CA LYS N 64 -20.59 -73.67 14.13
C LYS N 64 -21.73 -73.22 13.24
N GLY N 65 -22.57 -72.33 13.76
CA GLY N 65 -23.70 -71.81 13.01
C GLY N 65 -24.96 -72.63 13.25
N ARG N 66 -24.82 -73.75 13.93
CA ARG N 66 -25.97 -74.62 14.20
C ARG N 66 -26.29 -74.66 15.69
N PHE N 67 -25.26 -74.73 16.51
CA PHE N 67 -25.45 -74.82 17.95
C PHE N 67 -25.39 -73.44 18.60
N THR N 68 -26.21 -73.24 19.63
CA THR N 68 -26.15 -72.03 20.44
C THR N 68 -26.01 -72.36 21.92
N ILE N 69 -25.04 -71.75 22.57
CA ILE N 69 -24.83 -71.97 23.99
C ILE N 69 -25.25 -70.76 24.79
N SER N 70 -25.96 -71.00 25.87
CA SER N 70 -26.44 -69.92 26.73
C SER N 70 -26.50 -70.38 28.17
N ARG N 71 -26.62 -69.42 29.08
CA ARG N 71 -26.70 -69.77 30.50
C ARG N 71 -27.54 -68.77 31.27
N ASP N 72 -28.21 -69.26 32.30
CA ASP N 72 -28.95 -68.40 33.21
C ASP N 72 -28.35 -68.49 34.60
N ASN N 73 -27.62 -67.45 34.99
CA ASN N 73 -26.89 -67.47 36.24
C ASN N 73 -27.81 -67.31 37.45
N SER N 74 -29.07 -67.02 37.19
CA SER N 74 -30.05 -66.88 38.26
C SER N 74 -30.73 -68.21 38.54
N LYS N 75 -30.49 -69.19 37.69
CA LYS N 75 -31.08 -70.51 37.83
C LYS N 75 -29.98 -71.55 37.94
N ASN N 76 -28.73 -71.09 37.95
CA ASN N 76 -27.57 -71.96 37.98
C ASN N 76 -27.66 -73.03 36.90
N THR N 77 -28.14 -72.65 35.72
CA THR N 77 -28.38 -73.62 34.67
C THR N 77 -27.72 -73.27 33.35
N LEU N 78 -27.05 -74.25 32.78
CA LEU N 78 -26.40 -74.14 31.47
C LEU N 78 -27.28 -74.76 30.40
N TYR N 79 -27.41 -74.08 29.25
CA TYR N 79 -28.22 -74.60 28.17
C TYR N 79 -27.42 -74.78 26.88
N LEU N 80 -27.80 -75.78 26.09
CA LEU N 80 -27.28 -75.94 24.74
C LEU N 80 -28.40 -76.21 23.76
N GLN N 81 -28.59 -75.29 22.83
CA GLN N 81 -29.63 -75.42 21.83
C GLN N 81 -29.03 -75.93 20.53
N MET N 82 -29.42 -77.12 20.12
CA MET N 82 -28.87 -77.70 18.91
C MET N 82 -29.89 -77.72 17.79
N ASP N 83 -29.69 -76.89 16.78
CA ASP N 83 -30.62 -76.82 15.67
C ASP N 83 -30.06 -77.55 14.46
N SER N 84 -30.93 -77.95 13.55
CA SER N 84 -30.50 -78.61 12.33
C SER N 84 -29.53 -79.75 12.65
N LEU N 85 -29.95 -80.63 13.55
CA LEU N 85 -29.15 -81.80 13.91
C LEU N 85 -29.02 -82.78 12.76
N ARG N 86 -27.86 -83.41 12.66
CA ARG N 86 -27.60 -84.40 11.63
C ARG N 86 -27.20 -85.73 12.25
N ALA N 87 -27.23 -86.79 11.47
CA ALA N 87 -26.92 -88.13 11.97
C ALA N 87 -25.54 -88.16 12.63
N GLU N 88 -24.62 -87.37 12.10
CA GLU N 88 -23.25 -87.32 12.59
C GLU N 88 -23.15 -86.76 14.00
N ASP N 89 -24.23 -86.17 14.49
CA ASP N 89 -24.24 -85.53 15.81
C ASP N 89 -24.62 -86.50 16.91
N THR N 90 -24.83 -87.77 16.58
CA THR N 90 -25.16 -88.75 17.60
C THR N 90 -23.97 -88.92 18.54
N ALA N 91 -24.19 -88.62 19.81
CA ALA N 91 -23.12 -88.66 20.80
C ALA N 91 -23.66 -88.50 22.20
N VAL N 92 -22.84 -88.87 23.18
CA VAL N 92 -23.15 -88.54 24.56
C VAL N 92 -22.60 -87.17 24.89
N TYR N 93 -23.50 -86.27 25.29
CA TYR N 93 -23.12 -84.89 25.57
C TYR N 93 -22.90 -84.66 27.04
N TYR N 94 -21.70 -84.24 27.38
CA TYR N 94 -21.32 -83.94 28.75
C TYR N 94 -21.25 -82.43 28.94
N CYS N 95 -21.65 -81.96 30.11
CA CYS N 95 -21.33 -80.60 30.53
C CYS N 95 -20.15 -80.68 31.48
N ALA N 96 -19.28 -79.69 31.41
CA ALA N 96 -18.09 -79.69 32.25
C ALA N 96 -17.76 -78.28 32.69
N ARG N 97 -17.20 -78.16 33.88
CA ARG N 97 -16.83 -76.87 34.41
C ARG N 97 -15.40 -76.54 34.02
N ALA N 98 -15.18 -75.31 33.59
CA ALA N 98 -13.83 -74.85 33.33
C ALA N 98 -13.12 -74.65 34.65
N VAL N 99 -11.87 -75.06 34.73
CA VAL N 99 -11.09 -74.79 35.93
C VAL N 99 -10.73 -73.32 35.96
N ALA N 100 -10.85 -72.70 37.13
CA ALA N 100 -10.52 -71.29 37.23
C ALA N 100 -9.02 -71.09 37.06
N GLY N 101 -8.65 -70.19 36.15
CA GLY N 101 -7.26 -69.80 35.97
C GLY N 101 -6.47 -70.75 35.06
N GLU N 102 -7.14 -71.75 34.48
CA GLU N 102 -6.45 -72.71 33.62
C GLU N 102 -7.30 -73.21 32.47
N TRP N 103 -6.71 -74.07 31.65
CA TRP N 103 -7.33 -74.47 30.38
C TRP N 103 -7.90 -75.87 30.37
N TYR N 104 -7.98 -76.52 31.52
CA TYR N 104 -8.53 -77.87 31.54
C TYR N 104 -9.91 -77.91 32.19
N PHE N 105 -10.53 -79.09 32.16
CA PHE N 105 -11.87 -79.27 32.70
C PHE N 105 -11.80 -80.13 33.95
N ASP N 106 -12.09 -79.55 35.11
CA ASP N 106 -11.94 -80.27 36.36
C ASP N 106 -13.16 -81.12 36.70
N TYR N 107 -14.33 -80.52 36.70
CA TYR N 107 -15.55 -81.25 37.03
C TYR N 107 -16.39 -81.57 35.80
N TRP N 108 -16.88 -82.81 35.75
CA TRP N 108 -17.71 -83.28 34.67
C TRP N 108 -19.05 -83.78 35.17
N GLY N 109 -20.06 -83.70 34.33
CA GLY N 109 -21.35 -84.30 34.64
C GLY N 109 -21.35 -85.77 34.26
N GLN N 110 -22.53 -86.35 34.11
CA GLN N 110 -22.62 -87.78 33.80
C GLN N 110 -22.83 -88.00 32.31
N GLY N 111 -23.40 -87.00 31.66
CA GLY N 111 -23.62 -87.04 30.22
C GLY N 111 -25.02 -87.52 29.87
N THR N 112 -25.53 -87.04 28.75
CA THR N 112 -26.83 -87.48 28.25
C THR N 112 -26.73 -87.81 26.77
N LEU N 113 -27.32 -88.93 26.38
CA LEU N 113 -27.21 -89.40 25.00
C LEU N 113 -28.21 -88.74 24.07
N VAL N 114 -27.70 -88.20 22.98
CA VAL N 114 -28.53 -87.63 21.94
C VAL N 114 -28.36 -88.40 20.65
N THR N 115 -29.47 -88.90 20.11
CA THR N 115 -29.43 -89.70 18.89
C THR N 115 -30.20 -89.03 17.78
N VAL N 116 -29.59 -88.96 16.61
CA VAL N 116 -30.24 -88.33 15.46
C VAL N 116 -30.42 -89.35 14.34
N SER N 117 -31.68 -89.62 13.97
CA SER N 117 -32.02 -90.64 12.99
C SER N 117 -33.44 -90.45 12.45
N TYR O 1 -3.62 -77.02 15.43
CA TYR O 1 -3.75 -77.35 16.84
C TYR O 1 -4.28 -78.77 17.04
N GLU O 2 -3.86 -79.71 16.18
CA GLU O 2 -4.25 -81.12 16.26
C GLU O 2 -3.37 -81.88 17.24
N LEU O 3 -3.96 -82.88 17.90
CA LEU O 3 -3.23 -83.72 18.82
C LEU O 3 -3.24 -85.18 18.36
N THR O 4 -2.05 -85.74 18.20
CA THR O 4 -1.94 -87.11 17.71
C THR O 4 -1.40 -88.06 18.77
N GLN O 5 -2.12 -89.13 19.02
CA GLN O 5 -1.71 -90.16 19.96
C GLN O 5 -2.11 -91.52 19.39
N PRO O 6 -1.36 -92.59 19.70
CA PRO O 6 -1.57 -93.94 19.21
C PRO O 6 -2.91 -94.47 19.70
N PRO O 7 -3.55 -95.34 18.92
CA PRO O 7 -4.84 -95.93 19.19
C PRO O 7 -4.83 -96.85 20.39
N SER O 8 -3.67 -97.42 20.72
CA SER O 8 -3.59 -98.33 21.85
C SER O 8 -2.17 -98.56 22.34
N VAL O 9 -2.07 -98.95 23.61
CA VAL O 9 -0.83 -99.41 24.23
C VAL O 9 -1.06 -100.72 24.96
N SER O 10 -0.16 -101.68 24.76
CA SER O 10 -0.26 -102.97 25.43
C SER O 10 0.81 -103.12 26.50
N VAL O 11 0.38 -103.25 27.75
CA VAL O 11 1.28 -103.35 28.88
C VAL O 11 0.86 -104.49 29.81
N SER O 12 1.83 -105.23 30.33
CA SER O 12 1.52 -106.26 31.31
C SER O 12 1.45 -105.65 32.69
N PRO O 13 0.65 -106.19 33.60
CA PRO O 13 0.49 -105.73 34.96
C PRO O 13 1.84 -105.75 35.65
N GLY O 14 2.17 -104.65 36.31
CA GLY O 14 3.45 -104.51 36.98
C GLY O 14 4.46 -103.73 36.15
N GLN O 15 4.18 -103.57 34.86
CA GLN O 15 5.08 -102.83 33.98
C GLN O 15 4.71 -101.36 33.92
N THR O 16 5.54 -100.58 33.23
CA THR O 16 5.27 -99.15 33.07
C THR O 16 4.76 -98.84 31.68
N ALA O 17 3.61 -98.18 31.62
CA ALA O 17 3.02 -97.80 30.35
C ALA O 17 3.43 -96.39 29.98
N ARG O 18 3.72 -96.17 28.71
CA ARG O 18 4.08 -94.84 28.24
C ARG O 18 3.19 -94.42 27.08
N ILE O 19 2.23 -93.54 27.38
CA ILE O 19 1.27 -93.08 26.40
C ILE O 19 1.66 -91.70 25.90
N THR O 20 1.97 -91.59 24.63
CA THR O 20 2.46 -90.34 24.09
C THR O 20 1.40 -89.58 23.32
N CYS O 21 1.62 -88.27 23.16
CA CYS O 21 0.78 -87.39 22.36
C CYS O 21 1.65 -86.30 21.73
N SER O 22 1.43 -86.02 20.45
CA SER O 22 2.29 -85.08 19.75
C SER O 22 1.52 -84.06 18.93
N GLY O 23 2.15 -82.92 18.72
CA GLY O 23 1.60 -81.86 17.88
C GLY O 23 2.37 -80.57 18.11
N ASP O 24 2.36 -79.69 17.11
CA ASP O 24 3.13 -78.44 17.20
C ASP O 24 2.68 -77.60 18.38
N ALA O 25 1.39 -77.63 18.67
CA ALA O 25 0.81 -76.86 19.75
C ALA O 25 1.38 -77.26 21.09
N LEU O 26 1.84 -78.50 21.20
CA LEU O 26 2.29 -79.04 22.47
C LEU O 26 3.69 -78.56 22.81
N ALA O 27 4.35 -77.90 21.86
CA ALA O 27 5.65 -77.32 22.14
C ALA O 27 5.49 -75.92 22.71
N LYS O 28 4.26 -75.44 22.65
CA LYS O 28 3.96 -74.07 23.08
C LYS O 28 3.23 -74.09 24.41
N HIS O 29 2.15 -74.85 24.46
CA HIS O 29 1.24 -74.83 25.60
C HIS O 29 1.29 -76.13 26.39
N TYR O 30 0.70 -76.11 27.58
CA TYR O 30 0.66 -77.27 28.45
C TYR O 30 -0.33 -78.33 27.96
N ALA O 31 0.00 -79.58 28.22
CA ALA O 31 -0.90 -80.69 27.94
C ALA O 31 -1.64 -81.12 29.21
N TYR O 32 -2.82 -81.68 29.03
CA TYR O 32 -3.58 -82.23 30.14
C TYR O 32 -4.01 -83.65 29.79
N TRP O 33 -3.96 -84.55 30.76
CA TRP O 33 -4.32 -85.93 30.49
C TRP O 33 -5.57 -86.35 31.24
N TYR O 34 -6.45 -87.05 30.56
CA TYR O 34 -7.66 -87.59 31.17
C TYR O 34 -7.71 -89.10 31.08
N ARG O 35 -8.35 -89.71 32.07
CA ARG O 35 -8.61 -91.14 32.07
C ARG O 35 -10.09 -91.41 32.09
N GLN O 36 -10.58 -92.13 31.08
CA GLN O 36 -11.99 -92.43 31.01
C GLN O 36 -12.27 -93.93 31.01
N LYS O 37 -13.10 -94.35 31.95
CA LYS O 37 -13.55 -95.72 32.00
C LYS O 37 -14.95 -95.78 31.37
N PRO O 38 -15.33 -96.90 30.76
CA PRO O 38 -16.62 -97.13 30.14
C PRO O 38 -17.75 -96.77 31.10
N GLY O 39 -18.69 -95.98 30.60
CA GLY O 39 -19.86 -95.58 31.38
C GLY O 39 -19.58 -94.40 32.31
N GLN O 40 -18.36 -93.87 32.29
CA GLN O 40 -18.01 -92.77 33.18
C GLN O 40 -17.49 -91.56 32.42
N ALA O 41 -17.63 -90.39 33.04
CA ALA O 41 -17.06 -89.17 32.49
C ALA O 41 -15.54 -89.21 32.65
N PRO O 42 -14.79 -88.55 31.78
CA PRO O 42 -13.34 -88.36 31.85
C PRO O 42 -12.90 -87.76 33.18
N VAL O 43 -11.81 -88.29 33.72
CA VAL O 43 -11.25 -87.79 34.97
C VAL O 43 -9.83 -87.30 34.77
N LEU O 44 -9.57 -86.07 35.20
CA LEU O 44 -8.25 -85.49 35.03
C LEU O 44 -7.20 -86.26 35.82
N VAL O 45 -6.12 -86.64 35.15
CA VAL O 45 -5.04 -87.39 35.79
C VAL O 45 -3.80 -86.51 35.96
N ILE O 46 -3.43 -85.81 34.88
CA ILE O 46 -2.27 -84.93 34.89
C ILE O 46 -2.61 -83.58 34.30
N TYR O 47 -2.08 -82.51 34.88
CA TYR O 47 -2.22 -81.18 34.32
C TYR O 47 -0.89 -80.45 34.30
N LYS O 48 -0.77 -79.48 33.41
CA LYS O 48 0.49 -78.78 33.24
C LYS O 48 1.62 -79.76 33.00
N ASP O 49 1.37 -80.75 32.14
CA ASP O 49 2.33 -81.78 31.75
C ASP O 49 2.69 -82.78 32.85
N SER O 50 2.99 -82.31 34.05
CA SER O 50 3.56 -83.17 35.08
C SER O 50 2.85 -83.21 36.43
N GLU O 51 1.87 -82.33 36.66
CA GLU O 51 1.28 -82.21 37.99
C GLU O 51 0.05 -83.11 38.17
N ARG O 52 -0.12 -83.63 39.38
CA ARG O 52 -1.28 -84.44 39.71
C ARG O 52 -2.31 -83.67 40.55
N PRO O 53 -3.59 -83.99 40.38
CA PRO O 53 -4.68 -83.74 41.30
C PRO O 53 -4.49 -84.56 42.58
N SER O 54 -5.12 -84.12 43.66
CA SER O 54 -5.00 -84.81 44.95
C SER O 54 -5.65 -86.19 44.94
N GLY O 55 -6.48 -86.45 43.94
CA GLY O 55 -7.17 -87.74 43.84
C GLY O 55 -6.41 -88.74 42.99
N ILE O 56 -5.22 -88.36 42.53
CA ILE O 56 -4.43 -89.21 41.65
C ILE O 56 -3.13 -89.65 42.35
N PRO O 57 -2.87 -90.96 42.41
CA PRO O 57 -1.75 -91.60 43.08
C PRO O 57 -0.42 -91.34 42.37
N GLU O 58 0.67 -91.51 43.11
CA GLU O 58 2.03 -91.23 42.65
C GLU O 58 2.48 -92.11 41.50
N ARG O 59 1.69 -93.13 41.16
CA ARG O 59 2.02 -94.01 40.05
C ARG O 59 1.91 -93.27 38.73
N PHE O 60 1.20 -92.16 38.74
CA PHE O 60 1.04 -91.35 37.53
C PHE O 60 2.00 -90.18 37.52
N SER O 61 2.65 -89.98 36.39
CA SER O 61 3.55 -88.85 36.21
C SER O 61 3.57 -88.45 34.75
N GLY O 62 4.15 -87.29 34.46
CA GLY O 62 4.22 -86.86 33.07
C GLY O 62 5.47 -86.06 32.80
N SER O 63 5.80 -85.93 31.53
CA SER O 63 6.96 -85.19 31.08
C SER O 63 6.75 -84.71 29.64
N SER O 64 7.64 -83.83 29.18
CA SER O 64 7.53 -83.34 27.82
C SER O 64 8.89 -83.05 27.21
N SER O 65 8.95 -83.14 25.88
CA SER O 65 10.14 -82.80 25.12
C SER O 65 9.75 -82.41 23.70
N GLY O 66 10.09 -81.17 23.32
CA GLY O 66 9.74 -80.69 21.99
C GLY O 66 8.23 -80.64 21.79
N THR O 67 7.76 -81.35 20.77
CA THR O 67 6.34 -81.38 20.42
C THR O 67 5.63 -82.60 21.00
N THR O 68 6.34 -83.38 21.80
CA THR O 68 5.77 -84.59 22.34
C THR O 68 5.62 -84.53 23.86
N VAL O 69 4.46 -84.98 24.34
CA VAL O 69 4.22 -85.10 25.77
C VAL O 69 3.91 -86.55 26.09
N THR O 70 4.32 -87.02 27.26
CA THR O 70 4.11 -88.41 27.63
C THR O 70 3.48 -88.56 29.00
N LEU O 71 2.51 -89.46 29.07
CA LEU O 71 1.92 -89.89 30.34
C LEU O 71 2.55 -91.21 30.76
N THR O 72 3.19 -91.22 31.91
CA THR O 72 3.85 -92.42 32.39
C THR O 72 3.09 -93.04 33.55
N ILE O 73 2.77 -94.32 33.42
CA ILE O 73 2.04 -95.01 34.47
C ILE O 73 2.83 -96.21 34.95
N SER O 74 3.36 -96.13 36.16
CA SER O 74 4.18 -97.22 36.68
C SER O 74 3.32 -98.19 37.48
N GLY O 75 3.77 -99.44 37.58
CA GLY O 75 3.07 -100.40 38.40
C GLY O 75 1.65 -100.61 37.90
N VAL O 76 1.48 -100.66 36.57
CA VAL O 76 0.15 -100.73 35.98
C VAL O 76 -0.66 -101.89 36.50
N GLN O 77 -1.90 -101.61 36.91
CA GLN O 77 -2.81 -102.63 37.41
C GLN O 77 -4.03 -102.76 36.53
N ALA O 78 -4.90 -103.70 36.85
CA ALA O 78 -6.12 -103.92 36.08
C ALA O 78 -7.01 -102.68 36.08
N GLU O 79 -6.97 -101.93 37.17
CA GLU O 79 -7.79 -100.74 37.34
C GLU O 79 -7.40 -99.62 36.39
N ASP O 80 -6.25 -99.75 35.74
CA ASP O 80 -5.75 -98.72 34.84
C ASP O 80 -6.16 -98.98 33.40
N GLU O 81 -6.94 -100.04 33.18
CA GLU O 81 -7.36 -100.37 31.83
C GLU O 81 -8.46 -99.43 31.38
N ALA O 82 -8.05 -98.30 30.81
CA ALA O 82 -8.96 -97.21 30.47
C ALA O 82 -8.47 -96.47 29.24
N ASP O 83 -9.34 -95.63 28.68
CA ASP O 83 -8.99 -94.81 27.54
C ASP O 83 -8.40 -93.48 28.00
N TYR O 84 -7.16 -93.23 27.61
CA TYR O 84 -6.48 -92.02 28.04
C TYR O 84 -6.44 -90.99 26.91
N TYR O 85 -6.71 -89.75 27.26
CA TYR O 85 -6.75 -88.69 26.26
C TYR O 85 -5.78 -87.57 26.60
N CYS O 86 -5.16 -86.98 25.57
CA CYS O 86 -4.40 -85.74 25.74
C CYS O 86 -5.28 -84.57 25.32
N GLN O 87 -5.18 -83.50 26.09
CA GLN O 87 -6.00 -82.32 25.85
C GLN O 87 -5.15 -81.06 25.84
N SER O 88 -5.55 -80.10 25.02
CA SER O 88 -4.91 -78.80 24.98
C SER O 88 -5.88 -77.74 24.51
N ALA O 89 -5.35 -76.55 24.25
CA ALA O 89 -6.16 -75.43 23.79
C ALA O 89 -5.31 -74.51 22.91
N ASP O 90 -5.96 -73.68 22.11
CA ASP O 90 -5.21 -72.82 21.20
C ASP O 90 -4.63 -71.60 21.90
N SER O 91 -4.00 -70.72 21.13
CA SER O 91 -3.23 -69.62 21.70
C SER O 91 -4.09 -68.43 22.07
N ILE O 92 -5.34 -68.45 21.66
CA ILE O 92 -6.24 -67.33 21.89
C ILE O 92 -7.39 -67.71 22.82
N GLY O 93 -7.49 -69.00 23.14
CA GLY O 93 -8.50 -69.48 24.07
C GLY O 93 -9.88 -69.59 23.42
N SER O 94 -9.91 -69.84 22.12
CA SER O 94 -11.17 -69.92 21.40
C SER O 94 -11.53 -71.35 21.05
N SER O 95 -10.60 -72.27 21.25
CA SER O 95 -10.80 -73.66 20.86
C SER O 95 -10.06 -74.62 21.75
N TRP O 96 -10.72 -75.71 22.11
CA TRP O 96 -10.13 -76.78 22.88
C TRP O 96 -10.05 -78.04 22.03
N VAL O 97 -8.98 -78.81 22.24
CA VAL O 97 -8.74 -79.99 21.42
C VAL O 97 -8.36 -81.22 22.23
N PHE O 98 -8.93 -82.36 21.84
CA PHE O 98 -8.56 -83.64 22.40
C PHE O 98 -7.88 -84.50 21.35
N GLY O 99 -7.00 -85.39 21.77
CA GLY O 99 -6.42 -86.36 20.86
C GLY O 99 -7.42 -87.49 20.59
N GLY O 100 -7.06 -88.41 19.70
CA GLY O 100 -7.97 -89.50 19.35
C GLY O 100 -8.31 -90.36 20.55
N GLY O 101 -7.35 -90.55 21.43
CA GLY O 101 -7.54 -91.39 22.62
C GLY O 101 -6.78 -92.70 22.49
N THR O 102 -6.09 -93.08 23.56
CA THR O 102 -5.31 -94.29 23.58
C THR O 102 -5.94 -95.32 24.51
N LYS O 103 -6.24 -96.50 23.97
CA LYS O 103 -6.76 -97.56 24.82
C LYS O 103 -5.63 -98.34 25.44
N LEU O 104 -5.52 -98.30 26.76
CA LEU O 104 -4.45 -98.99 27.44
C LEU O 104 -4.91 -100.36 27.89
N THR O 105 -4.29 -101.40 27.33
CA THR O 105 -4.66 -102.78 27.65
C THR O 105 -3.65 -103.34 28.64
N VAL O 106 -4.16 -103.86 29.77
CA VAL O 106 -3.30 -104.34 30.85
C VAL O 106 -2.91 -105.80 30.62
#